data_2M2K
#
_entry.id   2M2K
#
_entity_poly.entity_id   1
_entity_poly.type   'polypeptide(L)'
_entity_poly.pdbx_seq_one_letter_code
;KVQEQSVGAPPPGRADKTAAPQTRLTPYAQAGEDNWRSRISGRLNRFKRYPKDALRLKRQGVGQVRFTLDRQGHVLAVTL
VSSAGLPSLDREIQALVKRASPLPTPPADAYVNGTVELTLPIDFSLRGAGF
;
_entity_poly.pdbx_strand_id   A
#
# COMPACT_ATOMS: atom_id res chain seq x y z
N LYS A 1 -7.31 13.70 -34.23
CA LYS A 1 -7.64 14.08 -35.62
C LYS A 1 -8.29 15.45 -35.65
N VAL A 2 -8.28 16.08 -36.80
CA VAL A 2 -8.86 17.42 -36.96
C VAL A 2 -9.79 17.46 -38.17
N GLN A 3 -10.16 16.29 -38.67
CA GLN A 3 -11.00 16.20 -39.85
C GLN A 3 -12.48 16.22 -39.45
N GLU A 4 -12.76 15.82 -38.23
CA GLU A 4 -14.13 15.73 -37.75
C GLU A 4 -14.51 17.01 -37.03
N GLN A 5 -13.51 17.69 -36.49
CA GLN A 5 -13.72 18.82 -35.58
C GLN A 5 -13.93 20.13 -36.34
N SER A 6 -14.69 20.07 -37.43
CA SER A 6 -14.96 21.25 -38.24
C SER A 6 -16.07 22.10 -37.63
N VAL A 7 -16.11 22.13 -36.31
CA VAL A 7 -17.08 22.95 -35.58
C VAL A 7 -16.35 24.16 -34.98
N GLY A 8 -15.04 24.21 -35.23
CA GLY A 8 -14.24 25.27 -34.66
C GLY A 8 -13.83 24.96 -33.24
N ALA A 9 -13.77 23.67 -32.92
CA ALA A 9 -13.42 23.23 -31.59
C ALA A 9 -12.59 21.95 -31.64
N PRO A 10 -11.29 22.05 -31.33
CA PRO A 10 -10.41 20.89 -31.25
C PRO A 10 -10.49 20.20 -29.89
N PRO A 11 -10.38 18.86 -29.87
CA PRO A 11 -10.43 18.08 -28.63
C PRO A 11 -9.28 18.43 -27.70
N PRO A 12 -9.59 18.98 -26.52
CA PRO A 12 -8.58 19.40 -25.55
C PRO A 12 -7.89 18.20 -24.88
N GLY A 13 -6.94 17.62 -25.58
CA GLY A 13 -6.17 16.51 -25.05
C GLY A 13 -4.71 16.66 -25.38
N ARG A 14 -3.88 16.69 -24.34
CA ARG A 14 -2.46 16.89 -24.54
C ARG A 14 -1.77 15.60 -24.96
N ALA A 15 -1.28 15.58 -26.19
CA ALA A 15 -0.49 14.47 -26.69
C ALA A 15 0.96 14.65 -26.22
N ASP A 16 1.29 14.01 -25.12
CA ASP A 16 2.60 14.20 -24.49
C ASP A 16 3.41 12.92 -24.52
N LYS A 17 4.74 13.05 -24.38
CA LYS A 17 5.62 11.89 -24.31
C LYS A 17 5.15 10.93 -23.22
N THR A 18 4.80 11.48 -22.07
CA THR A 18 4.33 10.69 -20.95
C THR A 18 2.85 10.38 -21.10
N ALA A 19 2.07 11.42 -21.39
CA ALA A 19 0.62 11.29 -21.45
C ALA A 19 0.14 11.11 -22.89
N ALA A 20 0.60 10.04 -23.53
CA ALA A 20 0.21 9.77 -24.91
C ALA A 20 -1.10 8.95 -24.98
N PRO A 21 -1.19 7.77 -24.34
CA PRO A 21 -2.37 6.93 -24.40
C PRO A 21 -3.39 7.24 -23.28
N GLN A 22 -3.22 6.56 -22.13
CA GLN A 22 -4.16 6.70 -21.02
C GLN A 22 -3.47 7.26 -19.78
N THR A 23 -2.17 7.47 -19.90
CA THR A 23 -1.34 7.88 -18.77
C THR A 23 -1.50 9.36 -18.44
N ARG A 24 -2.72 9.86 -18.51
CA ARG A 24 -3.02 11.23 -18.14
C ARG A 24 -4.32 11.30 -17.35
N LEU A 25 -4.92 10.13 -17.10
CA LEU A 25 -6.17 10.06 -16.35
C LEU A 25 -5.98 9.23 -15.10
N THR A 26 -4.84 8.59 -15.02
CA THR A 26 -4.57 7.62 -13.97
C THR A 26 -3.68 8.23 -12.88
N PRO A 27 -4.26 8.50 -11.69
CA PRO A 27 -3.51 9.05 -10.57
C PRO A 27 -2.79 7.97 -9.77
N TYR A 28 -1.91 7.23 -10.43
CA TYR A 28 -1.14 6.15 -9.81
C TYR A 28 -2.03 5.13 -9.11
N ALA A 29 -3.23 4.94 -9.65
CA ALA A 29 -4.20 3.98 -9.12
C ALA A 29 -4.55 4.24 -7.66
N GLN A 30 -4.50 5.50 -7.25
CA GLN A 30 -4.88 5.88 -5.90
C GLN A 30 -6.39 6.04 -5.80
N ALA A 31 -6.96 6.78 -6.76
CA ALA A 31 -8.42 6.97 -6.84
C ALA A 31 -8.99 7.45 -5.51
N GLY A 32 -8.51 8.58 -5.03
CA GLY A 32 -8.98 9.13 -3.78
C GLY A 32 -7.98 10.06 -3.16
N GLU A 33 -8.38 11.32 -2.98
CA GLU A 33 -7.51 12.31 -2.37
C GLU A 33 -7.62 12.25 -0.85
N ASP A 34 -7.17 11.14 -0.29
CA ASP A 34 -7.28 10.91 1.14
C ASP A 34 -6.05 10.14 1.64
N ASN A 35 -5.64 10.42 2.87
CA ASN A 35 -4.52 9.69 3.47
C ASN A 35 -4.94 8.24 3.74
N TRP A 36 -4.62 7.38 2.79
CA TRP A 36 -5.12 6.01 2.81
C TRP A 36 -4.40 5.12 3.83
N ARG A 37 -3.18 5.46 4.22
CA ARG A 37 -2.44 4.60 5.14
C ARG A 37 -3.06 4.60 6.53
N SER A 38 -3.61 5.74 6.94
CA SER A 38 -4.28 5.82 8.23
C SER A 38 -5.57 5.04 8.19
N ARG A 39 -6.22 5.03 7.03
CA ARG A 39 -7.43 4.28 6.83
C ARG A 39 -7.11 2.79 6.81
N ILE A 40 -6.03 2.44 6.12
CA ILE A 40 -5.53 1.07 6.08
C ILE A 40 -5.24 0.59 7.50
N SER A 41 -4.62 1.47 8.28
CA SER A 41 -4.33 1.18 9.68
C SER A 41 -5.62 0.81 10.46
N GLY A 42 -6.73 1.44 10.10
CA GLY A 42 -8.00 1.11 10.72
C GLY A 42 -8.47 -0.28 10.34
N ARG A 43 -8.21 -0.65 9.10
CA ARG A 43 -8.56 -1.95 8.59
C ARG A 43 -7.70 -3.02 9.25
N LEU A 44 -6.46 -2.64 9.53
CA LEU A 44 -5.50 -3.51 10.21
C LEU A 44 -5.93 -3.73 11.64
N ASN A 45 -6.69 -2.78 12.16
CA ASN A 45 -7.26 -2.87 13.50
C ASN A 45 -8.34 -3.94 13.52
N ARG A 46 -9.06 -4.04 12.40
CA ARG A 46 -10.00 -5.12 12.16
C ARG A 46 -9.27 -6.47 12.20
N PHE A 47 -7.98 -6.44 11.87
CA PHE A 47 -7.14 -7.63 11.93
C PHE A 47 -6.20 -7.57 13.12
N LYS A 48 -6.62 -6.83 14.16
CA LYS A 48 -5.83 -6.64 15.37
C LYS A 48 -4.69 -5.68 15.11
N ARG A 49 -4.85 -4.44 15.55
CA ARG A 49 -3.86 -3.42 15.30
C ARG A 49 -2.89 -3.33 16.44
N TYR A 50 -1.70 -3.85 16.22
CA TYR A 50 -0.62 -3.75 17.17
C TYR A 50 -0.15 -2.30 17.24
N PRO A 51 -0.31 -1.63 18.39
CA PRO A 51 0.06 -0.22 18.55
C PRO A 51 1.54 0.00 18.25
N LYS A 52 1.83 1.02 17.43
CA LYS A 52 3.18 1.23 16.89
C LYS A 52 4.21 1.43 18.00
N ASP A 53 3.75 1.88 19.15
CA ASP A 53 4.62 2.07 20.31
C ASP A 53 5.17 0.75 20.81
N ALA A 54 4.39 -0.31 20.66
CA ALA A 54 4.83 -1.64 21.06
C ALA A 54 5.85 -2.19 20.08
N LEU A 55 5.72 -1.81 18.81
CA LEU A 55 6.61 -2.28 17.77
C LEU A 55 7.96 -1.60 17.86
N ARG A 56 7.97 -0.30 18.10
CA ARG A 56 9.21 0.46 18.20
C ARG A 56 10.05 -0.01 19.40
N LEU A 57 9.41 -0.70 20.33
CA LEU A 57 10.10 -1.23 21.48
C LEU A 57 10.21 -2.75 21.39
N LYS A 58 9.77 -3.33 20.28
CA LYS A 58 9.77 -4.78 20.13
C LYS A 58 10.03 -5.19 18.68
N ARG A 59 9.04 -5.03 17.83
CA ARG A 59 9.16 -5.45 16.44
C ARG A 59 9.30 -4.25 15.53
N GLN A 60 10.52 -3.80 15.34
CA GLN A 60 10.79 -2.67 14.48
C GLN A 60 10.91 -3.17 13.05
N GLY A 61 10.68 -2.31 12.08
CA GLY A 61 10.85 -2.75 10.72
C GLY A 61 10.33 -1.77 9.70
N VAL A 62 11.24 -1.27 8.90
CA VAL A 62 10.87 -0.44 7.77
C VAL A 62 11.13 -1.20 6.49
N GLY A 63 10.10 -1.33 5.69
CA GLY A 63 10.24 -2.00 4.41
C GLY A 63 9.14 -1.60 3.46
N GLN A 64 9.31 -1.89 2.19
CA GLN A 64 8.29 -1.57 1.21
C GLN A 64 7.54 -2.83 0.84
N VAL A 65 6.23 -2.76 0.99
CA VAL A 65 5.36 -3.89 0.80
C VAL A 65 4.32 -3.58 -0.27
N ARG A 66 4.39 -4.27 -1.40
CA ARG A 66 3.46 -4.02 -2.49
C ARG A 66 2.49 -5.18 -2.59
N PHE A 67 1.23 -4.88 -2.87
CA PHE A 67 0.20 -5.90 -2.80
C PHE A 67 -1.01 -5.54 -3.65
N THR A 68 -1.76 -6.58 -4.01
CA THR A 68 -3.01 -6.45 -4.73
C THR A 68 -4.15 -6.63 -3.74
N LEU A 69 -5.09 -5.70 -3.77
CA LEU A 69 -6.10 -5.62 -2.73
C LEU A 69 -7.51 -5.74 -3.28
N ASP A 70 -8.34 -6.47 -2.55
CA ASP A 70 -9.75 -6.59 -2.87
C ASP A 70 -10.50 -5.38 -2.34
N ARG A 71 -11.64 -5.06 -2.94
CA ARG A 71 -12.39 -3.85 -2.58
C ARG A 71 -12.64 -3.73 -1.07
N GLN A 72 -12.98 -4.83 -0.41
CA GLN A 72 -13.30 -4.80 1.01
C GLN A 72 -12.03 -4.96 1.85
N GLY A 73 -10.89 -4.85 1.21
CA GLY A 73 -9.63 -4.98 1.91
C GLY A 73 -9.26 -6.42 2.15
N HIS A 74 -9.24 -7.20 1.10
CA HIS A 74 -8.84 -8.59 1.18
C HIS A 74 -7.53 -8.78 0.42
N VAL A 75 -6.48 -9.13 1.17
CA VAL A 75 -5.19 -9.48 0.60
C VAL A 75 -5.33 -10.48 -0.55
N LEU A 76 -4.87 -10.09 -1.73
CA LEU A 76 -4.93 -10.96 -2.89
C LEU A 76 -3.54 -11.42 -3.30
N ALA A 77 -2.60 -10.49 -3.23
CA ALA A 77 -1.21 -10.77 -3.59
C ALA A 77 -0.31 -9.84 -2.81
N VAL A 78 0.88 -10.30 -2.44
CA VAL A 78 1.84 -9.46 -1.75
C VAL A 78 3.25 -9.78 -2.22
N THR A 79 3.99 -8.75 -2.57
CA THR A 79 5.37 -8.89 -2.99
C THR A 79 6.26 -7.96 -2.18
N LEU A 80 7.32 -8.50 -1.60
CA LEU A 80 8.27 -7.67 -0.87
C LEU A 80 9.10 -6.89 -1.87
N VAL A 81 9.06 -5.58 -1.72
CA VAL A 81 9.65 -4.68 -2.71
C VAL A 81 11.03 -4.23 -2.26
N SER A 82 11.10 -3.71 -1.05
CA SER A 82 12.36 -3.26 -0.47
C SER A 82 12.40 -3.63 1.01
N SER A 83 13.54 -4.09 1.49
CA SER A 83 13.68 -4.43 2.89
C SER A 83 14.95 -3.81 3.47
N ALA A 84 14.82 -3.15 4.61
CA ALA A 84 15.95 -2.49 5.26
C ALA A 84 16.69 -3.44 6.18
N GLY A 85 16.33 -4.71 6.13
CA GLY A 85 17.00 -5.70 6.96
C GLY A 85 16.19 -6.11 8.17
N LEU A 86 15.10 -6.83 7.94
CA LEU A 86 14.24 -7.28 9.02
C LEU A 86 14.27 -8.81 9.10
N PRO A 87 15.20 -9.39 9.87
CA PRO A 87 15.30 -10.84 10.04
C PRO A 87 14.24 -11.37 11.02
N SER A 88 14.55 -11.32 12.30
CA SER A 88 13.64 -11.78 13.34
C SER A 88 12.39 -10.91 13.41
N LEU A 89 12.49 -9.72 12.83
CA LEU A 89 11.42 -8.74 12.86
C LEU A 89 10.31 -9.11 11.89
N ASP A 90 10.71 -9.50 10.69
CA ASP A 90 9.79 -9.70 9.56
C ASP A 90 8.67 -10.67 9.89
N ARG A 91 9.02 -11.75 10.59
CA ARG A 91 8.06 -12.81 10.88
C ARG A 91 6.81 -12.26 11.58
N GLU A 92 6.99 -11.46 12.63
CA GLU A 92 5.85 -10.95 13.38
C GLU A 92 5.19 -9.76 12.67
N ILE A 93 5.99 -8.80 12.23
CA ILE A 93 5.46 -7.58 11.62
C ILE A 93 4.69 -7.88 10.33
N GLN A 94 5.19 -8.82 9.54
CA GLN A 94 4.51 -9.16 8.30
C GLN A 94 3.32 -10.06 8.59
N ALA A 95 3.41 -10.90 9.60
CA ALA A 95 2.25 -11.72 9.95
C ALA A 95 1.04 -10.81 10.14
N LEU A 96 1.32 -9.66 10.75
CA LEU A 96 0.36 -8.64 10.98
C LEU A 96 -0.08 -7.98 9.66
N VAL A 97 0.88 -7.49 8.88
CA VAL A 97 0.58 -6.73 7.65
C VAL A 97 0.40 -7.61 6.41
N LYS A 98 1.29 -8.57 6.23
CA LYS A 98 1.25 -9.50 5.10
C LYS A 98 -0.09 -10.23 5.04
N ARG A 99 -0.62 -10.62 6.21
CA ARG A 99 -1.91 -11.29 6.23
C ARG A 99 -3.05 -10.28 6.23
N ALA A 100 -2.81 -9.12 6.81
CA ALA A 100 -3.84 -8.09 6.85
C ALA A 100 -3.51 -6.97 5.88
N SER A 101 -3.48 -7.29 4.60
CA SER A 101 -3.31 -6.29 3.56
C SER A 101 -4.68 -5.76 3.15
N PRO A 102 -5.05 -4.60 3.68
CA PRO A 102 -6.38 -4.04 3.54
C PRO A 102 -6.50 -2.90 2.53
N LEU A 103 -7.73 -2.56 2.20
CA LEU A 103 -8.05 -1.51 1.26
C LEU A 103 -9.31 -0.79 1.73
N PRO A 104 -9.15 0.35 2.43
CA PRO A 104 -10.28 1.09 2.98
C PRO A 104 -11.03 1.93 1.95
N THR A 105 -10.28 2.65 1.12
CA THR A 105 -10.87 3.47 0.08
C THR A 105 -10.97 2.68 -1.22
N PRO A 106 -12.18 2.28 -1.61
CA PRO A 106 -12.41 1.45 -2.80
C PRO A 106 -12.07 2.18 -4.10
N PRO A 107 -10.95 1.80 -4.73
CA PRO A 107 -10.47 2.41 -5.97
C PRO A 107 -11.03 1.71 -7.20
N ALA A 108 -12.35 1.83 -7.37
CA ALA A 108 -13.00 1.26 -8.54
C ALA A 108 -12.32 1.69 -9.83
N ASP A 109 -12.12 3.00 -9.96
CA ASP A 109 -11.55 3.57 -11.17
C ASP A 109 -10.03 3.41 -11.20
N ALA A 110 -9.50 2.64 -10.27
CA ALA A 110 -8.07 2.39 -10.23
C ALA A 110 -7.74 0.99 -10.70
N TYR A 111 -8.66 0.05 -10.49
CA TYR A 111 -8.39 -1.34 -10.83
C TYR A 111 -9.26 -1.86 -11.95
N VAL A 112 -9.89 -0.96 -12.65
CA VAL A 112 -10.57 -1.34 -13.88
C VAL A 112 -9.52 -1.62 -14.95
N ASN A 113 -9.09 -2.89 -14.96
CA ASN A 113 -7.91 -3.34 -15.70
C ASN A 113 -7.45 -4.65 -15.09
N GLY A 114 -7.87 -4.87 -13.85
CA GLY A 114 -7.51 -6.06 -13.12
C GLY A 114 -7.78 -5.89 -11.64
N THR A 115 -6.81 -5.33 -10.93
CA THR A 115 -6.92 -5.10 -9.49
C THR A 115 -5.89 -4.04 -9.11
N VAL A 116 -5.84 -3.63 -7.84
CA VAL A 116 -4.88 -2.60 -7.44
C VAL A 116 -3.69 -3.24 -6.77
N GLU A 117 -2.58 -3.21 -7.49
CA GLU A 117 -1.32 -3.65 -6.97
C GLU A 117 -0.41 -2.44 -6.88
N LEU A 118 -0.09 -2.05 -5.67
CA LEU A 118 0.66 -0.83 -5.44
C LEU A 118 1.63 -1.02 -4.30
N THR A 119 2.70 -0.23 -4.31
CA THR A 119 3.74 -0.36 -3.31
C THR A 119 3.49 0.59 -2.14
N LEU A 120 3.47 0.03 -0.94
CA LEU A 120 3.32 0.81 0.27
C LEU A 120 4.38 0.43 1.28
N PRO A 121 5.19 1.39 1.73
CA PRO A 121 6.17 1.14 2.76
C PRO A 121 5.49 1.02 4.12
N ILE A 122 5.65 -0.14 4.74
CA ILE A 122 5.12 -0.35 6.07
C ILE A 122 6.21 0.07 7.06
N ASP A 123 5.91 1.02 7.91
CA ASP A 123 6.92 1.49 8.84
C ASP A 123 6.61 1.12 10.27
N PHE A 124 7.55 0.41 10.84
CA PHE A 124 7.66 0.22 12.27
C PHE A 124 8.94 0.90 12.71
N SER A 125 8.88 1.71 13.76
CA SER A 125 10.00 2.57 14.13
C SER A 125 11.25 1.74 14.37
N LEU A 126 12.15 1.76 13.39
CA LEU A 126 13.31 0.89 13.36
C LEU A 126 14.54 1.60 13.90
N ARG A 127 14.98 1.20 15.08
CA ARG A 127 16.21 1.70 15.64
C ARG A 127 17.39 0.90 15.10
N GLY A 128 17.30 -0.41 15.24
CA GLY A 128 18.33 -1.29 14.74
C GLY A 128 18.20 -2.69 15.30
N ALA A 129 17.00 -3.25 15.21
CA ALA A 129 16.75 -4.58 15.74
C ALA A 129 16.98 -5.64 14.69
N GLY A 130 16.92 -6.90 15.10
CA GLY A 130 17.21 -7.99 14.19
C GLY A 130 18.69 -8.24 14.08
N PHE A 131 19.42 -7.85 15.11
CA PHE A 131 20.86 -7.96 15.14
C PHE A 131 21.28 -9.21 15.91
N LYS A 1 -21.43 10.23 19.12
CA LYS A 1 -20.37 10.40 18.10
C LYS A 1 -19.19 9.50 18.42
N VAL A 2 -19.29 8.23 18.04
CA VAL A 2 -18.24 7.27 18.29
C VAL A 2 -17.68 6.73 16.98
N GLN A 3 -18.55 6.16 16.17
CA GLN A 3 -18.14 5.56 14.91
C GLN A 3 -18.34 6.52 13.75
N GLU A 4 -17.31 7.29 13.47
CA GLU A 4 -17.30 8.17 12.31
C GLU A 4 -16.47 7.53 11.20
N GLN A 5 -17.18 7.00 10.20
CA GLN A 5 -16.57 6.18 9.16
C GLN A 5 -15.71 7.03 8.23
N SER A 6 -16.31 8.01 7.58
CA SER A 6 -15.59 8.85 6.65
C SER A 6 -15.38 10.24 7.24
N VAL A 7 -14.12 10.61 7.40
CA VAL A 7 -13.77 11.91 7.95
C VAL A 7 -13.58 12.91 6.81
N GLY A 8 -14.68 13.40 6.28
CA GLY A 8 -14.64 14.36 5.21
C GLY A 8 -15.99 14.93 4.92
N ALA A 9 -16.08 15.81 3.93
CA ALA A 9 -17.35 16.43 3.58
C ALA A 9 -17.77 16.03 2.16
N PRO A 10 -18.58 14.97 2.04
CA PRO A 10 -19.11 14.51 0.75
C PRO A 10 -20.16 15.47 0.19
N PRO A 11 -19.86 16.12 -0.93
CA PRO A 11 -20.78 17.06 -1.56
C PRO A 11 -21.92 16.36 -2.29
N PRO A 12 -23.07 17.05 -2.47
CA PRO A 12 -24.24 16.50 -3.17
C PRO A 12 -24.03 16.43 -4.69
N GLY A 13 -22.92 15.82 -5.08
CA GLY A 13 -22.61 15.66 -6.49
C GLY A 13 -21.54 14.61 -6.69
N ARG A 14 -21.95 13.44 -7.15
CA ARG A 14 -21.06 12.29 -7.24
C ARG A 14 -20.41 12.25 -8.62
N ALA A 15 -19.85 13.39 -9.03
CA ALA A 15 -19.30 13.54 -10.37
C ALA A 15 -20.39 13.31 -11.42
N ASP A 16 -21.63 13.62 -11.03
CA ASP A 16 -22.78 13.47 -11.90
C ASP A 16 -22.71 14.46 -13.04
N LYS A 17 -23.07 14.02 -14.24
CA LYS A 17 -22.99 14.84 -15.45
C LYS A 17 -21.58 15.41 -15.62
N THR A 18 -20.60 14.52 -15.57
CA THR A 18 -19.21 14.91 -15.77
C THR A 18 -18.54 13.96 -16.77
N ALA A 19 -19.32 13.05 -17.33
CA ALA A 19 -18.81 12.08 -18.28
C ALA A 19 -18.88 12.61 -19.70
N ALA A 20 -18.43 13.84 -19.88
CA ALA A 20 -18.45 14.50 -21.18
C ALA A 20 -17.33 13.99 -22.09
N PRO A 21 -16.05 14.05 -21.66
CA PRO A 21 -14.93 13.57 -22.48
C PRO A 21 -14.66 12.08 -22.27
N GLN A 22 -15.70 11.36 -21.84
CA GLN A 22 -15.62 9.93 -21.52
C GLN A 22 -14.73 9.70 -20.31
N THR A 23 -15.36 9.40 -19.18
CA THR A 23 -14.64 9.18 -17.94
C THR A 23 -13.81 7.89 -18.02
N ARG A 24 -14.16 7.02 -18.97
CA ARG A 24 -13.38 5.81 -19.23
C ARG A 24 -11.99 6.17 -19.76
N LEU A 25 -11.82 7.43 -20.14
CA LEU A 25 -10.54 7.93 -20.60
C LEU A 25 -9.95 8.91 -19.61
N THR A 26 -10.44 8.87 -18.38
CA THR A 26 -10.01 9.79 -17.35
C THR A 26 -9.85 9.09 -15.99
N PRO A 27 -8.75 8.36 -15.79
CA PRO A 27 -8.40 7.80 -14.48
C PRO A 27 -7.90 8.89 -13.55
N TYR A 28 -8.39 8.91 -12.32
CA TYR A 28 -8.08 10.00 -11.41
C TYR A 28 -7.53 9.49 -10.06
N ALA A 29 -7.36 8.18 -9.95
CA ALA A 29 -6.82 7.59 -8.73
C ALA A 29 -5.30 7.70 -8.70
N GLN A 30 -4.79 8.70 -7.97
CA GLN A 30 -3.36 8.87 -7.83
C GLN A 30 -2.83 7.96 -6.72
N ALA A 31 -1.55 7.61 -6.80
CA ALA A 31 -0.95 6.64 -5.89
C ALA A 31 -0.65 7.23 -4.51
N GLY A 32 -1.70 7.51 -3.75
CA GLY A 32 -1.54 7.87 -2.36
C GLY A 32 -1.78 9.34 -2.06
N GLU A 33 -1.30 9.76 -0.90
CA GLU A 33 -1.39 11.14 -0.44
C GLU A 33 -2.84 11.63 -0.38
N ASP A 34 -3.61 10.95 0.46
CA ASP A 34 -4.99 11.34 0.73
C ASP A 34 -5.37 10.80 2.10
N ASN A 35 -6.65 10.82 2.44
CA ASN A 35 -7.12 10.33 3.73
C ASN A 35 -7.29 8.82 3.68
N TRP A 36 -6.89 8.21 2.57
CA TRP A 36 -7.00 6.78 2.37
C TRP A 36 -6.19 6.03 3.44
N ARG A 37 -5.09 6.64 3.87
CA ARG A 37 -4.22 6.04 4.88
C ARG A 37 -4.91 6.00 6.24
N SER A 38 -5.81 6.95 6.47
CA SER A 38 -6.60 6.97 7.69
C SER A 38 -7.53 5.76 7.69
N ARG A 39 -8.02 5.42 6.50
CA ARG A 39 -8.86 4.26 6.32
C ARG A 39 -8.02 3.00 6.44
N ILE A 40 -6.85 3.02 5.79
CA ILE A 40 -5.91 1.91 5.80
C ILE A 40 -5.51 1.57 7.24
N SER A 41 -5.36 2.59 8.07
CA SER A 41 -5.08 2.35 9.48
C SER A 41 -6.21 1.57 10.12
N GLY A 42 -7.45 1.98 9.81
CA GLY A 42 -8.61 1.28 10.31
C GLY A 42 -8.72 -0.14 9.77
N ARG A 43 -8.37 -0.31 8.49
CA ARG A 43 -8.41 -1.63 7.85
C ARG A 43 -7.53 -2.62 8.62
N LEU A 44 -6.44 -2.11 9.18
CA LEU A 44 -5.48 -2.95 9.85
C LEU A 44 -5.96 -3.32 11.25
N ASN A 45 -6.70 -2.41 11.85
CA ASN A 45 -7.24 -2.62 13.19
C ASN A 45 -8.32 -3.66 13.13
N ARG A 46 -8.95 -3.70 11.97
CA ARG A 46 -9.93 -4.69 11.61
C ARG A 46 -9.33 -6.10 11.67
N PHE A 47 -8.00 -6.21 11.65
CA PHE A 47 -7.35 -7.50 11.78
C PHE A 47 -6.32 -7.52 12.91
N LYS A 48 -5.33 -6.64 12.83
CA LYS A 48 -4.24 -6.56 13.80
C LYS A 48 -3.60 -5.17 13.75
N ARG A 49 -3.92 -4.32 14.72
CA ARG A 49 -3.29 -3.02 14.76
C ARG A 49 -2.72 -2.76 16.14
N TYR A 50 -1.42 -2.90 16.24
CA TYR A 50 -0.72 -2.77 17.50
C TYR A 50 0.05 -1.45 17.54
N PRO A 51 -0.12 -0.67 18.61
CA PRO A 51 0.63 0.59 18.81
C PRO A 51 2.14 0.38 18.70
N LYS A 52 2.79 1.26 17.96
CA LYS A 52 4.22 1.14 17.66
C LYS A 52 5.06 1.15 18.93
N ASP A 53 4.50 1.66 20.01
CA ASP A 53 5.18 1.71 21.31
C ASP A 53 5.69 0.33 21.68
N ALA A 54 4.90 -0.69 21.38
CA ALA A 54 5.28 -2.07 21.66
C ALA A 54 6.32 -2.57 20.67
N LEU A 55 6.12 -2.25 19.40
CA LEU A 55 6.97 -2.73 18.32
C LEU A 55 8.38 -2.22 18.47
N ARG A 56 8.51 -0.99 18.96
CA ARG A 56 9.82 -0.36 19.14
C ARG A 56 10.67 -1.13 20.15
N LEU A 57 10.04 -2.02 20.92
CA LEU A 57 10.76 -2.83 21.91
C LEU A 57 10.62 -4.32 21.61
N LYS A 58 10.17 -4.64 20.41
CA LYS A 58 9.94 -6.03 20.04
C LYS A 58 10.33 -6.28 18.59
N ARG A 59 9.49 -5.85 17.66
CA ARG A 59 9.73 -6.05 16.25
C ARG A 59 9.54 -4.74 15.50
N GLN A 60 10.65 -4.11 15.19
CA GLN A 60 10.63 -2.85 14.46
C GLN A 60 11.35 -3.02 13.13
N GLY A 61 11.20 -2.06 12.24
CA GLY A 61 11.79 -2.20 10.93
C GLY A 61 11.06 -1.42 9.87
N VAL A 62 11.81 -0.89 8.91
CA VAL A 62 11.23 -0.19 7.78
C VAL A 62 11.44 -1.01 6.51
N GLY A 63 10.36 -1.25 5.78
CA GLY A 63 10.46 -2.02 4.57
C GLY A 63 9.43 -1.59 3.55
N GLN A 64 9.63 -2.01 2.32
CA GLN A 64 8.70 -1.67 1.25
C GLN A 64 7.82 -2.86 0.93
N VAL A 65 6.52 -2.66 0.98
CA VAL A 65 5.55 -3.75 0.87
C VAL A 65 4.52 -3.45 -0.22
N ARG A 66 4.52 -4.24 -1.29
CA ARG A 66 3.58 -4.05 -2.38
C ARG A 66 2.63 -5.23 -2.46
N PHE A 67 1.37 -4.98 -2.80
CA PHE A 67 0.37 -6.03 -2.81
C PHE A 67 -0.84 -5.67 -3.68
N THR A 68 -1.63 -6.69 -4.00
CA THR A 68 -2.88 -6.52 -4.73
C THR A 68 -4.05 -6.76 -3.81
N LEU A 69 -5.01 -5.86 -3.84
CA LEU A 69 -6.11 -5.87 -2.90
C LEU A 69 -7.44 -6.03 -3.60
N ASP A 70 -8.30 -6.87 -3.02
CA ASP A 70 -9.65 -7.06 -3.51
C ASP A 70 -10.55 -5.93 -3.02
N ARG A 71 -11.66 -5.70 -3.70
CA ARG A 71 -12.59 -4.65 -3.31
C ARG A 71 -13.06 -4.85 -1.87
N GLN A 72 -13.25 -6.11 -1.47
CA GLN A 72 -13.72 -6.43 -0.12
C GLN A 72 -12.58 -6.41 0.88
N GLY A 73 -11.39 -6.05 0.41
CA GLY A 73 -10.25 -5.97 1.28
C GLY A 73 -9.62 -7.32 1.52
N HIS A 74 -9.63 -8.15 0.48
CA HIS A 74 -9.01 -9.45 0.55
C HIS A 74 -7.65 -9.40 -0.13
N VAL A 75 -6.60 -9.52 0.66
CA VAL A 75 -5.24 -9.63 0.14
C VAL A 75 -5.16 -10.69 -0.97
N LEU A 76 -4.93 -10.24 -2.18
CA LEU A 76 -4.88 -11.11 -3.34
C LEU A 76 -3.44 -11.44 -3.70
N ALA A 77 -2.54 -10.57 -3.30
CA ALA A 77 -1.11 -10.73 -3.55
C ALA A 77 -0.35 -9.95 -2.51
N VAL A 78 0.90 -10.31 -2.29
CA VAL A 78 1.76 -9.56 -1.40
C VAL A 78 3.22 -9.87 -1.70
N THR A 79 4.05 -8.85 -1.80
CA THR A 79 5.45 -9.03 -2.12
C THR A 79 6.31 -8.02 -1.37
N LEU A 80 7.35 -8.52 -0.71
CA LEU A 80 8.33 -7.65 -0.10
C LEU A 80 9.22 -7.05 -1.19
N VAL A 81 9.06 -5.78 -1.41
CA VAL A 81 9.69 -5.10 -2.53
C VAL A 81 11.10 -4.69 -2.16
N SER A 82 11.26 -4.24 -0.93
CA SER A 82 12.57 -3.87 -0.40
C SER A 82 12.60 -4.09 1.10
N SER A 83 13.78 -4.38 1.63
CA SER A 83 13.92 -4.64 3.05
C SER A 83 15.20 -4.01 3.60
N ALA A 84 15.12 -3.49 4.82
CA ALA A 84 16.25 -2.83 5.45
C ALA A 84 16.91 -3.73 6.48
N GLY A 85 16.65 -5.03 6.38
CA GLY A 85 17.23 -5.97 7.30
C GLY A 85 16.29 -6.37 8.42
N LEU A 86 15.19 -7.01 8.06
CA LEU A 86 14.21 -7.44 9.05
C LEU A 86 14.05 -8.96 9.01
N PRO A 87 14.94 -9.70 9.70
CA PRO A 87 14.89 -11.16 9.72
C PRO A 87 13.80 -11.67 10.66
N SER A 88 14.12 -11.75 11.94
CA SER A 88 13.15 -12.16 12.95
C SER A 88 12.07 -11.11 13.10
N LEU A 89 12.37 -9.91 12.64
CA LEU A 89 11.44 -8.80 12.71
C LEU A 89 10.26 -9.01 11.75
N ASP A 90 10.55 -9.65 10.62
CA ASP A 90 9.56 -9.87 9.57
C ASP A 90 8.31 -10.55 10.09
N ARG A 91 8.52 -11.58 10.91
CA ARG A 91 7.43 -12.44 11.33
C ARG A 91 6.25 -11.67 11.96
N GLU A 92 6.53 -10.76 12.90
CA GLU A 92 5.46 -10.01 13.55
C GLU A 92 4.94 -8.87 12.67
N ILE A 93 5.84 -8.02 12.19
CA ILE A 93 5.45 -6.82 11.46
C ILE A 93 4.76 -7.14 10.14
N GLN A 94 5.20 -8.19 9.47
CA GLN A 94 4.60 -8.58 8.23
C GLN A 94 3.36 -9.41 8.48
N ALA A 95 3.31 -10.12 9.59
CA ALA A 95 2.05 -10.74 9.98
C ALA A 95 1.00 -9.65 10.09
N LEU A 96 1.41 -8.54 10.70
CA LEU A 96 0.56 -7.41 10.89
C LEU A 96 0.13 -6.78 9.56
N VAL A 97 1.10 -6.36 8.75
CA VAL A 97 0.80 -5.69 7.48
C VAL A 97 0.67 -6.67 6.31
N LYS A 98 1.65 -7.55 6.15
CA LYS A 98 1.72 -8.46 5.01
C LYS A 98 0.58 -9.49 5.03
N ARG A 99 0.10 -9.86 6.22
CA ARG A 99 -1.01 -10.78 6.30
C ARG A 99 -2.32 -10.00 6.28
N ALA A 100 -2.39 -8.95 7.10
CA ALA A 100 -3.58 -8.12 7.14
C ALA A 100 -3.54 -7.04 6.07
N SER A 101 -3.74 -7.43 4.82
CA SER A 101 -3.90 -6.44 3.78
C SER A 101 -5.35 -6.42 3.28
N PRO A 102 -6.14 -5.53 3.90
CA PRO A 102 -7.49 -5.18 3.50
C PRO A 102 -7.51 -3.91 2.64
N LEU A 103 -8.70 -3.53 2.20
CA LEU A 103 -8.87 -2.35 1.39
C LEU A 103 -10.05 -1.55 1.90
N PRO A 104 -9.82 -0.48 2.70
CA PRO A 104 -10.92 0.24 3.34
C PRO A 104 -11.66 1.17 2.39
N THR A 105 -10.94 1.65 1.39
CA THR A 105 -11.49 2.55 0.40
C THR A 105 -11.33 1.95 -0.99
N PRO A 106 -12.44 1.47 -1.59
CA PRO A 106 -12.42 0.82 -2.90
C PRO A 106 -12.02 1.76 -4.03
N PRO A 107 -10.81 1.58 -4.57
CA PRO A 107 -10.32 2.36 -5.70
C PRO A 107 -10.74 1.76 -7.02
N ALA A 108 -12.05 1.79 -7.27
CA ALA A 108 -12.61 1.30 -8.52
C ALA A 108 -11.88 1.90 -9.72
N ASP A 109 -11.65 3.20 -9.66
CA ASP A 109 -10.95 3.93 -10.73
C ASP A 109 -9.56 3.36 -10.97
N ALA A 110 -8.94 2.86 -9.90
CA ALA A 110 -7.57 2.39 -9.97
C ALA A 110 -7.48 0.98 -10.53
N TYR A 111 -8.50 0.15 -10.30
CA TYR A 111 -8.42 -1.24 -10.69
C TYR A 111 -9.43 -1.65 -11.73
N VAL A 112 -9.98 -0.67 -12.42
CA VAL A 112 -10.76 -0.99 -13.61
C VAL A 112 -9.80 -1.44 -14.70
N ASN A 113 -9.55 -2.76 -14.69
CA ASN A 113 -8.50 -3.40 -15.46
C ASN A 113 -8.20 -4.74 -14.83
N GLY A 114 -8.53 -4.85 -13.54
CA GLY A 114 -8.30 -6.07 -12.79
C GLY A 114 -8.40 -5.83 -11.29
N THR A 115 -7.31 -5.39 -10.68
CA THR A 115 -7.23 -5.18 -9.24
C THR A 115 -6.08 -4.21 -8.93
N VAL A 116 -5.90 -3.84 -7.66
CA VAL A 116 -4.91 -2.82 -7.32
C VAL A 116 -3.67 -3.45 -6.73
N GLU A 117 -2.61 -3.46 -7.51
CA GLU A 117 -1.30 -3.82 -7.03
C GLU A 117 -0.53 -2.54 -6.85
N LEU A 118 -0.23 -2.18 -5.61
CA LEU A 118 0.38 -0.90 -5.33
C LEU A 118 1.41 -1.04 -4.22
N THR A 119 2.43 -0.20 -4.28
CA THR A 119 3.50 -0.21 -3.31
C THR A 119 3.18 0.68 -2.11
N LEU A 120 3.23 0.09 -0.93
CA LEU A 120 3.06 0.84 0.30
C LEU A 120 4.27 0.64 1.22
N PRO A 121 4.94 1.72 1.58
CA PRO A 121 6.05 1.67 2.52
C PRO A 121 5.54 1.49 3.95
N ILE A 122 5.97 0.40 4.59
CA ILE A 122 5.60 0.15 5.97
C ILE A 122 6.80 0.46 6.85
N ASP A 123 6.64 1.36 7.81
CA ASP A 123 7.77 1.71 8.65
C ASP A 123 7.45 1.55 10.12
N PHE A 124 8.27 0.76 10.78
CA PHE A 124 8.30 0.66 12.22
C PHE A 124 9.62 1.22 12.67
N SER A 125 9.64 1.99 13.75
CA SER A 125 10.85 2.70 14.16
C SER A 125 12.01 1.73 14.40
N LEU A 126 12.92 1.65 13.43
CA LEU A 126 14.01 0.70 13.47
C LEU A 126 15.26 1.32 14.05
N ARG A 127 15.58 0.95 15.28
CA ARG A 127 16.79 1.44 15.93
C ARG A 127 17.55 0.27 16.56
N GLY A 128 17.26 -0.94 16.10
CA GLY A 128 17.84 -2.12 16.72
C GLY A 128 18.51 -3.05 15.72
N ALA A 129 17.90 -4.21 15.51
CA ALA A 129 18.52 -5.28 14.71
C ALA A 129 18.31 -5.07 13.22
N GLY A 130 18.53 -3.85 12.76
CA GLY A 130 18.36 -3.53 11.36
C GLY A 130 18.90 -2.16 11.02
N PHE A 131 20.09 -2.13 10.42
CA PHE A 131 20.71 -0.88 10.03
C PHE A 131 21.40 -1.03 8.67
N LYS A 1 -0.34 32.17 -18.52
CA LYS A 1 0.75 33.09 -18.13
C LYS A 1 2.07 32.56 -18.66
N VAL A 2 3.09 33.41 -18.69
CA VAL A 2 4.42 32.96 -19.09
C VAL A 2 5.05 32.12 -17.96
N GLN A 3 4.65 32.42 -16.73
CA GLN A 3 5.16 31.71 -15.58
C GLN A 3 4.17 30.64 -15.12
N GLU A 4 4.12 29.55 -15.85
CA GLU A 4 3.30 28.39 -15.45
C GLU A 4 4.12 27.49 -14.53
N GLN A 5 4.85 28.13 -13.62
CA GLN A 5 5.78 27.43 -12.75
C GLN A 5 5.07 26.86 -11.53
N SER A 6 4.37 27.72 -10.81
CA SER A 6 3.64 27.30 -9.62
C SER A 6 2.27 26.76 -10.02
N VAL A 7 2.22 25.49 -10.38
CA VAL A 7 0.97 24.83 -10.72
C VAL A 7 0.51 23.94 -9.57
N GLY A 8 1.42 23.10 -9.08
CA GLY A 8 1.08 22.22 -7.99
C GLY A 8 2.18 21.21 -7.70
N ALA A 9 1.78 20.09 -7.10
CA ALA A 9 2.70 19.01 -6.73
C ALA A 9 3.65 19.45 -5.61
N PRO A 10 3.13 19.54 -4.38
CA PRO A 10 3.92 19.94 -3.22
C PRO A 10 4.83 18.83 -2.73
N PRO A 11 6.12 19.13 -2.51
CA PRO A 11 7.11 18.17 -2.04
C PRO A 11 7.25 18.18 -0.50
N PRO A 12 6.60 17.23 0.19
CA PRO A 12 6.64 17.14 1.64
C PRO A 12 7.94 16.48 2.12
N GLY A 13 9.03 17.23 2.07
CA GLY A 13 10.30 16.72 2.53
C GLY A 13 11.04 15.96 1.44
N ARG A 14 10.36 15.00 0.82
CA ARG A 14 10.96 14.20 -0.23
C ARG A 14 10.18 14.32 -1.53
N ALA A 15 9.07 13.58 -1.63
CA ALA A 15 8.24 13.53 -2.83
C ALA A 15 9.03 12.98 -4.03
N ASP A 16 8.88 11.69 -4.27
CA ASP A 16 9.55 11.04 -5.40
C ASP A 16 8.82 11.39 -6.69
N LYS A 17 7.49 11.37 -6.62
CA LYS A 17 6.62 11.78 -7.73
C LYS A 17 6.98 11.05 -9.01
N THR A 18 6.50 9.82 -9.13
CA THR A 18 6.85 8.96 -10.27
C THR A 18 6.01 9.28 -11.51
N ALA A 19 6.14 10.52 -11.99
CA ALA A 19 5.46 10.93 -13.21
C ALA A 19 6.31 10.60 -14.43
N ALA A 20 6.13 9.39 -14.93
CA ALA A 20 6.83 8.93 -16.12
C ALA A 20 6.03 9.27 -17.36
N PRO A 21 6.61 9.14 -18.57
CA PRO A 21 5.88 9.37 -19.82
C PRO A 21 4.59 8.55 -19.91
N GLN A 22 4.51 7.48 -19.12
CA GLN A 22 3.35 6.59 -19.16
C GLN A 22 2.19 7.13 -18.33
N THR A 23 2.44 8.11 -17.46
CA THR A 23 1.37 8.64 -16.61
C THR A 23 0.64 9.79 -17.30
N ARG A 24 0.45 9.66 -18.61
CA ARG A 24 -0.26 10.68 -19.38
C ARG A 24 -1.54 10.12 -19.96
N LEU A 25 -1.42 9.01 -20.68
CA LEU A 25 -2.57 8.37 -21.32
C LEU A 25 -3.02 7.14 -20.54
N THR A 26 -2.79 7.14 -19.24
CA THR A 26 -3.24 6.05 -18.40
C THR A 26 -4.35 6.49 -17.44
N PRO A 27 -5.61 6.32 -17.84
CA PRO A 27 -6.76 6.69 -17.02
C PRO A 27 -7.04 5.67 -15.93
N TYR A 28 -6.06 5.44 -15.07
CA TYR A 28 -6.19 4.44 -14.01
C TYR A 28 -5.84 5.05 -12.66
N ALA A 29 -6.62 4.67 -11.65
CA ALA A 29 -6.34 5.05 -10.26
C ALA A 29 -6.42 6.56 -10.03
N GLN A 30 -7.63 7.09 -10.02
CA GLN A 30 -7.84 8.51 -9.73
C GLN A 30 -7.84 8.75 -8.21
N ALA A 31 -6.81 8.24 -7.56
CA ALA A 31 -6.64 8.42 -6.12
C ALA A 31 -5.27 9.02 -5.86
N GLY A 32 -5.03 9.49 -4.65
CA GLY A 32 -3.75 10.12 -4.38
C GLY A 32 -3.55 10.46 -2.92
N GLU A 33 -2.85 11.56 -2.70
CA GLU A 33 -2.43 11.96 -1.37
C GLU A 33 -3.57 12.54 -0.54
N ASP A 34 -3.80 11.95 0.62
CA ASP A 34 -4.69 12.52 1.62
C ASP A 34 -4.36 11.92 2.99
N ASN A 35 -4.74 10.65 3.18
CA ASN A 35 -4.38 9.90 4.38
C ASN A 35 -4.93 8.48 4.25
N TRP A 36 -4.86 7.94 3.03
CA TRP A 36 -5.44 6.64 2.74
C TRP A 36 -4.75 5.53 3.52
N ARG A 37 -3.47 5.69 3.83
CA ARG A 37 -2.75 4.70 4.63
C ARG A 37 -3.28 4.72 6.07
N SER A 38 -3.70 5.89 6.51
CA SER A 38 -4.27 6.04 7.83
C SER A 38 -5.64 5.39 7.87
N ARG A 39 -6.35 5.45 6.76
CA ARG A 39 -7.61 4.77 6.63
C ARG A 39 -7.37 3.26 6.68
N ILE A 40 -6.35 2.82 5.95
CA ILE A 40 -5.94 1.42 5.94
C ILE A 40 -5.57 0.97 7.35
N SER A 41 -4.91 1.84 8.09
CA SER A 41 -4.56 1.56 9.49
C SER A 41 -5.81 1.19 10.30
N GLY A 42 -6.95 1.80 9.94
CA GLY A 42 -8.21 1.45 10.58
C GLY A 42 -8.64 0.04 10.23
N ARG A 43 -8.50 -0.31 8.96
CA ARG A 43 -8.85 -1.63 8.48
C ARG A 43 -7.89 -2.68 9.03
N LEU A 44 -6.65 -2.28 9.22
CA LEU A 44 -5.63 -3.15 9.77
C LEU A 44 -5.99 -3.55 11.19
N ASN A 45 -6.67 -2.64 11.88
CA ASN A 45 -7.14 -2.87 13.25
C ASN A 45 -8.28 -3.87 13.25
N ARG A 46 -9.05 -3.85 12.17
CA ARG A 46 -10.08 -4.85 11.94
C ARG A 46 -9.48 -6.25 12.05
N PHE A 47 -8.20 -6.37 11.73
CA PHE A 47 -7.52 -7.64 11.87
C PHE A 47 -6.68 -7.70 13.15
N LYS A 48 -5.75 -6.76 13.30
CA LYS A 48 -4.87 -6.71 14.46
C LYS A 48 -4.04 -5.43 14.40
N ARG A 49 -4.22 -4.57 15.38
CA ARG A 49 -3.42 -3.34 15.43
C ARG A 49 -2.88 -3.13 16.83
N TYR A 50 -1.61 -3.41 16.99
CA TYR A 50 -0.93 -3.23 18.26
C TYR A 50 -0.16 -1.91 18.23
N PRO A 51 -0.11 -1.18 19.35
CA PRO A 51 0.63 0.10 19.44
C PRO A 51 2.08 -0.05 19.00
N LYS A 52 2.54 0.86 18.16
CA LYS A 52 3.85 0.74 17.51
C LYS A 52 4.99 0.74 18.52
N ASP A 53 4.77 1.31 19.69
CA ASP A 53 5.79 1.32 20.74
C ASP A 53 6.09 -0.08 21.22
N ALA A 54 5.07 -0.93 21.23
CA ALA A 54 5.26 -2.33 21.59
C ALA A 54 6.07 -3.04 20.51
N LEU A 55 5.90 -2.59 19.28
CA LEU A 55 6.66 -3.13 18.16
C LEU A 55 8.09 -2.62 18.22
N ARG A 56 8.24 -1.35 18.58
CA ARG A 56 9.56 -0.75 18.79
C ARG A 56 10.36 -1.55 19.82
N LEU A 57 9.66 -2.16 20.76
CA LEU A 57 10.31 -2.92 21.82
C LEU A 57 10.28 -4.41 21.51
N LYS A 58 9.97 -4.77 20.26
CA LYS A 58 9.86 -6.17 19.88
C LYS A 58 10.34 -6.38 18.45
N ARG A 59 9.53 -5.97 17.47
CA ARG A 59 9.89 -6.09 16.08
C ARG A 59 9.74 -4.76 15.37
N GLN A 60 10.78 -3.94 15.48
CA GLN A 60 10.80 -2.66 14.83
C GLN A 60 11.47 -2.76 13.47
N GLY A 61 10.73 -2.52 12.41
CA GLY A 61 11.29 -2.62 11.08
C GLY A 61 10.58 -1.78 10.05
N VAL A 62 11.34 -1.00 9.30
CA VAL A 62 10.79 -0.18 8.24
C VAL A 62 11.08 -0.82 6.88
N GLY A 63 10.06 -0.89 6.04
CA GLY A 63 10.21 -1.54 4.76
C GLY A 63 9.10 -1.18 3.81
N GLN A 64 9.26 -1.53 2.56
CA GLN A 64 8.25 -1.26 1.55
C GLN A 64 7.44 -2.52 1.30
N VAL A 65 6.14 -2.38 1.19
CA VAL A 65 5.26 -3.52 1.03
C VAL A 65 4.34 -3.32 -0.17
N ARG A 66 4.52 -4.15 -1.18
CA ARG A 66 3.75 -4.06 -2.41
C ARG A 66 2.69 -5.17 -2.42
N PHE A 67 1.43 -4.80 -2.58
CA PHE A 67 0.37 -5.78 -2.48
C PHE A 67 -0.77 -5.51 -3.46
N THR A 68 -1.49 -6.57 -3.75
CA THR A 68 -2.70 -6.51 -4.54
C THR A 68 -3.89 -6.69 -3.63
N LEU A 69 -4.80 -5.74 -3.66
CA LEU A 69 -5.87 -5.68 -2.68
C LEU A 69 -7.24 -5.84 -3.31
N ASP A 70 -8.14 -6.46 -2.56
CA ASP A 70 -9.49 -6.72 -3.01
C ASP A 70 -10.42 -5.55 -2.72
N ARG A 71 -11.55 -5.54 -3.41
CA ARG A 71 -12.63 -4.56 -3.18
C ARG A 71 -12.97 -4.45 -1.69
N GLN A 72 -13.01 -5.59 -1.01
CA GLN A 72 -13.40 -5.64 0.40
C GLN A 72 -12.20 -5.44 1.30
N GLY A 73 -11.06 -5.11 0.71
CA GLY A 73 -9.85 -4.93 1.46
C GLY A 73 -9.23 -6.25 1.87
N HIS A 74 -9.26 -7.21 0.97
CA HIS A 74 -8.69 -8.52 1.24
C HIS A 74 -7.35 -8.65 0.54
N VAL A 75 -6.33 -8.96 1.32
CA VAL A 75 -4.99 -9.23 0.78
C VAL A 75 -5.03 -10.34 -0.28
N LEU A 76 -4.62 -9.99 -1.49
CA LEU A 76 -4.61 -10.95 -2.58
C LEU A 76 -3.17 -11.36 -2.89
N ALA A 77 -2.33 -10.37 -3.11
CA ALA A 77 -0.93 -10.60 -3.44
C ALA A 77 -0.05 -9.74 -2.56
N VAL A 78 1.15 -10.21 -2.25
CA VAL A 78 2.09 -9.47 -1.43
C VAL A 78 3.52 -9.73 -1.88
N THR A 79 4.22 -8.66 -2.17
CA THR A 79 5.62 -8.71 -2.55
C THR A 79 6.43 -7.83 -1.63
N LEU A 80 7.43 -8.39 -0.98
CA LEU A 80 8.26 -7.61 -0.09
C LEU A 80 9.26 -6.80 -0.90
N VAL A 81 9.02 -5.51 -0.97
CA VAL A 81 9.90 -4.60 -1.68
C VAL A 81 11.00 -4.13 -0.73
N SER A 82 10.59 -3.85 0.50
CA SER A 82 11.51 -3.64 1.61
C SER A 82 12.33 -2.36 1.47
N SER A 83 13.22 -2.12 2.42
CA SER A 83 14.01 -0.91 2.47
C SER A 83 15.33 -1.13 3.20
N ALA A 84 15.26 -1.60 4.44
CA ALA A 84 16.46 -1.77 5.26
C ALA A 84 16.84 -3.24 5.41
N GLY A 85 16.14 -3.96 6.28
CA GLY A 85 16.46 -5.33 6.55
C GLY A 85 15.64 -5.90 7.68
N LEU A 86 14.58 -6.63 7.33
CA LEU A 86 13.68 -7.18 8.33
C LEU A 86 13.68 -8.71 8.28
N PRO A 87 14.60 -9.37 9.00
CA PRO A 87 14.66 -10.84 9.05
C PRO A 87 13.64 -11.40 10.05
N SER A 88 14.00 -11.40 11.32
CA SER A 88 13.10 -11.84 12.39
C SER A 88 11.91 -10.91 12.50
N LEU A 89 12.05 -9.72 11.94
CA LEU A 89 11.04 -8.69 12.02
C LEU A 89 9.86 -9.01 11.11
N ASP A 90 10.16 -9.60 9.95
CA ASP A 90 9.16 -9.84 8.91
C ASP A 90 7.95 -10.59 9.45
N ARG A 91 8.21 -11.70 10.11
CA ARG A 91 7.15 -12.60 10.55
C ARG A 91 6.10 -11.88 11.40
N GLU A 92 6.55 -11.03 12.32
CA GLU A 92 5.65 -10.34 13.23
C GLU A 92 4.93 -9.18 12.55
N ILE A 93 5.71 -8.28 11.96
CA ILE A 93 5.16 -7.04 11.40
C ILE A 93 4.39 -7.29 10.12
N GLN A 94 4.84 -8.26 9.34
CA GLN A 94 4.17 -8.58 8.10
C GLN A 94 2.98 -9.48 8.35
N ALA A 95 2.99 -10.22 9.44
CA ALA A 95 1.78 -10.88 9.87
C ALA A 95 0.70 -9.82 10.02
N LEU A 96 1.08 -8.76 10.70
CA LEU A 96 0.22 -7.66 10.98
C LEU A 96 -0.19 -6.93 9.69
N VAL A 97 0.79 -6.48 8.91
CA VAL A 97 0.50 -5.70 7.70
C VAL A 97 0.32 -6.58 6.45
N LYS A 98 1.27 -7.48 6.22
CA LYS A 98 1.29 -8.27 4.99
C LYS A 98 0.13 -9.27 4.94
N ARG A 99 -0.32 -9.74 6.10
CA ARG A 99 -1.46 -10.63 6.14
C ARG A 99 -2.75 -9.81 6.20
N ALA A 100 -2.72 -8.74 6.96
CA ALA A 100 -3.86 -7.85 7.06
C ALA A 100 -3.68 -6.65 6.13
N SER A 101 -3.63 -6.92 4.83
CA SER A 101 -3.54 -5.85 3.84
C SER A 101 -4.94 -5.49 3.33
N PRO A 102 -5.52 -4.42 3.88
CA PRO A 102 -6.87 -3.97 3.56
C PRO A 102 -6.93 -2.69 2.74
N LEU A 103 -8.14 -2.35 2.31
CA LEU A 103 -8.42 -1.09 1.65
C LEU A 103 -9.81 -0.60 2.05
N PRO A 104 -9.87 0.59 2.65
CA PRO A 104 -11.14 1.21 3.06
C PRO A 104 -11.91 1.73 1.86
N THR A 105 -11.25 2.55 1.08
CA THR A 105 -11.85 3.12 -0.12
C THR A 105 -11.62 2.20 -1.31
N PRO A 106 -12.71 1.66 -1.88
CA PRO A 106 -12.65 0.76 -3.03
C PRO A 106 -12.11 1.46 -4.28
N PRO A 107 -10.87 1.14 -4.68
CA PRO A 107 -10.24 1.75 -5.85
C PRO A 107 -10.66 1.05 -7.14
N ALA A 108 -11.95 1.12 -7.44
CA ALA A 108 -12.49 0.49 -8.65
C ALA A 108 -11.82 1.08 -9.88
N ASP A 109 -11.64 2.39 -9.86
CA ASP A 109 -11.06 3.11 -10.98
C ASP A 109 -9.58 2.79 -11.11
N ALA A 110 -9.05 2.08 -10.12
CA ALA A 110 -7.64 1.73 -10.11
C ALA A 110 -7.43 0.30 -10.60
N TYR A 111 -8.38 -0.58 -10.33
CA TYR A 111 -8.20 -1.99 -10.69
C TYR A 111 -9.09 -2.44 -11.84
N VAL A 112 -9.61 -1.49 -12.57
CA VAL A 112 -10.27 -1.82 -13.82
C VAL A 112 -9.21 -2.26 -14.82
N ASN A 113 -8.93 -3.56 -14.76
CA ASN A 113 -7.82 -4.19 -15.46
C ASN A 113 -7.56 -5.54 -14.80
N GLY A 114 -7.91 -5.62 -13.53
CA GLY A 114 -7.73 -6.85 -12.76
C GLY A 114 -7.85 -6.60 -11.27
N THR A 115 -6.81 -6.02 -10.69
CA THR A 115 -6.75 -5.72 -9.27
C THR A 115 -5.68 -4.65 -9.01
N VAL A 116 -5.56 -4.16 -7.78
CA VAL A 116 -4.62 -3.08 -7.51
C VAL A 116 -3.38 -3.60 -6.82
N GLU A 117 -2.29 -3.59 -7.55
CA GLU A 117 -1.00 -3.92 -7.00
C GLU A 117 -0.21 -2.63 -6.84
N LEU A 118 0.03 -2.22 -5.61
CA LEU A 118 0.70 -0.95 -5.37
C LEU A 118 1.64 -1.07 -4.19
N THR A 119 2.73 -0.34 -4.25
CA THR A 119 3.74 -0.34 -3.21
C THR A 119 3.40 0.68 -2.13
N LEU A 120 3.28 0.20 -0.90
CA LEU A 120 3.13 1.07 0.24
C LEU A 120 4.20 0.77 1.27
N PRO A 121 5.00 1.76 1.64
CA PRO A 121 6.02 1.59 2.65
C PRO A 121 5.38 1.53 4.04
N ILE A 122 5.59 0.42 4.72
CA ILE A 122 5.07 0.27 6.06
C ILE A 122 6.19 0.65 7.03
N ASP A 123 6.13 1.86 7.54
CA ASP A 123 7.21 2.31 8.39
C ASP A 123 6.95 1.98 9.85
N PHE A 124 7.87 1.22 10.40
CA PHE A 124 8.03 1.08 11.82
C PHE A 124 9.34 1.72 12.19
N SER A 125 9.41 2.40 13.31
CA SER A 125 10.64 3.06 13.71
C SER A 125 11.71 2.01 13.97
N LEU A 126 12.62 1.84 13.01
CA LEU A 126 13.63 0.80 13.07
C LEU A 126 14.89 1.33 13.77
N ARG A 127 14.88 1.29 15.08
CA ARG A 127 16.03 1.72 15.86
C ARG A 127 17.12 0.66 15.84
N GLY A 128 16.74 -0.57 15.52
CA GLY A 128 17.71 -1.65 15.43
C GLY A 128 17.17 -2.95 15.98
N ALA A 129 16.84 -3.88 15.09
CA ALA A 129 16.34 -5.19 15.48
C ALA A 129 16.57 -6.20 14.37
N GLY A 130 16.64 -7.48 14.74
CA GLY A 130 16.92 -8.50 13.75
C GLY A 130 18.41 -8.67 13.54
N PHE A 131 19.17 -8.44 14.60
CA PHE A 131 20.62 -8.53 14.55
C PHE A 131 21.10 -9.83 15.17
N LYS A 1 20.80 -1.72 -32.21
CA LYS A 1 20.69 -2.59 -31.02
C LYS A 1 21.68 -2.19 -29.94
N VAL A 2 21.93 -0.89 -29.82
CA VAL A 2 22.78 -0.38 -28.76
C VAL A 2 21.97 0.57 -27.87
N GLN A 3 21.00 1.23 -28.48
CA GLN A 3 20.09 2.13 -27.77
C GLN A 3 18.67 1.91 -28.27
N GLU A 4 18.58 1.48 -29.52
CA GLU A 4 17.31 1.27 -30.19
C GLU A 4 16.75 -0.11 -29.86
N GLN A 5 16.47 -0.34 -28.59
CA GLN A 5 15.93 -1.62 -28.14
C GLN A 5 14.40 -1.62 -28.31
N SER A 6 13.96 -1.30 -29.51
CA SER A 6 12.54 -1.20 -29.80
C SER A 6 12.06 -2.51 -30.41
N VAL A 7 11.39 -3.32 -29.61
CA VAL A 7 10.83 -4.57 -30.09
C VAL A 7 9.32 -4.44 -30.30
N GLY A 8 8.93 -4.23 -31.55
CA GLY A 8 7.53 -4.10 -31.88
C GLY A 8 7.31 -3.13 -33.02
N ALA A 9 6.93 -3.66 -34.17
CA ALA A 9 6.61 -2.85 -35.33
C ALA A 9 5.22 -3.20 -35.85
N PRO A 10 4.17 -2.66 -35.21
CA PRO A 10 2.80 -2.99 -35.55
C PRO A 10 2.27 -2.19 -36.75
N PRO A 11 1.68 -2.89 -37.73
CA PRO A 11 0.99 -2.26 -38.85
C PRO A 11 -0.40 -1.78 -38.41
N PRO A 12 -0.56 -0.46 -38.21
CA PRO A 12 -1.80 0.10 -37.67
C PRO A 12 -2.96 0.01 -38.64
N GLY A 13 -4.02 -0.68 -38.25
CA GLY A 13 -5.21 -0.74 -39.07
C GLY A 13 -5.90 0.60 -39.11
N ARG A 14 -5.83 1.31 -37.99
CA ARG A 14 -6.34 2.67 -37.91
C ARG A 14 -5.49 3.47 -36.92
N ALA A 15 -5.56 3.10 -35.64
CA ALA A 15 -4.85 3.83 -34.60
C ALA A 15 -3.94 2.91 -33.80
N ASP A 16 -2.67 3.27 -33.75
CA ASP A 16 -1.67 2.57 -32.94
C ASP A 16 -0.47 3.51 -32.76
N LYS A 17 0.70 2.94 -32.46
CA LYS A 17 1.92 3.73 -32.28
C LYS A 17 1.70 4.79 -31.20
N THR A 18 1.02 4.41 -30.14
CA THR A 18 0.66 5.34 -29.09
C THR A 18 1.62 5.23 -27.91
N ALA A 19 1.92 4.02 -27.50
CA ALA A 19 2.82 3.80 -26.37
C ALA A 19 3.47 2.44 -26.44
N ALA A 20 4.79 2.42 -26.53
CA ALA A 20 5.54 1.17 -26.47
C ALA A 20 6.63 1.25 -25.37
N PRO A 21 7.62 2.16 -25.50
CA PRO A 21 8.57 2.41 -24.42
C PRO A 21 8.04 3.43 -23.41
N GLN A 22 6.93 4.08 -23.77
CA GLN A 22 6.32 5.10 -22.92
C GLN A 22 5.42 4.46 -21.87
N THR A 23 5.21 3.16 -22.02
CA THR A 23 4.32 2.40 -21.14
C THR A 23 4.85 2.34 -19.70
N ARG A 24 6.06 2.83 -19.48
CA ARG A 24 6.65 2.81 -18.15
C ARG A 24 6.04 3.90 -17.27
N LEU A 25 5.36 4.86 -17.88
CA LEU A 25 4.72 5.93 -17.15
C LEU A 25 3.21 5.89 -17.29
N THR A 26 2.71 4.74 -17.73
CA THR A 26 1.27 4.56 -17.90
C THR A 26 0.78 3.37 -17.07
N PRO A 27 0.46 3.61 -15.79
CA PRO A 27 -0.08 2.57 -14.92
C PRO A 27 -1.58 2.39 -15.14
N TYR A 28 -2.06 1.16 -15.00
CA TYR A 28 -3.49 0.90 -15.19
C TYR A 28 -4.28 1.28 -13.93
N ALA A 29 -3.55 1.57 -12.87
CA ALA A 29 -4.14 2.05 -11.62
C ALA A 29 -3.41 3.31 -11.18
N GLN A 30 -4.14 4.41 -11.06
CA GLN A 30 -3.53 5.70 -10.77
C GLN A 30 -3.35 5.87 -9.27
N ALA A 31 -4.38 5.47 -8.52
CA ALA A 31 -4.36 5.57 -7.05
C ALA A 31 -4.20 7.01 -6.61
N GLY A 32 -3.71 7.21 -5.38
CA GLY A 32 -3.49 8.56 -4.90
C GLY A 32 -3.47 8.63 -3.39
N GLU A 33 -2.27 8.74 -2.81
CA GLU A 33 -2.14 8.94 -1.38
C GLU A 33 -2.35 10.40 -1.04
N ASP A 34 -3.06 10.63 0.05
CA ASP A 34 -3.41 11.96 0.51
C ASP A 34 -4.11 11.85 1.85
N ASN A 35 -4.98 10.87 1.94
CA ASN A 35 -5.70 10.58 3.17
C ASN A 35 -6.12 9.11 3.19
N TRP A 36 -5.32 8.27 2.56
CA TRP A 36 -5.66 6.86 2.40
C TRP A 36 -5.14 6.06 3.59
N ARG A 37 -3.96 6.43 4.08
CA ARG A 37 -3.28 5.68 5.13
C ARG A 37 -4.00 5.77 6.46
N SER A 38 -4.68 6.87 6.69
CA SER A 38 -5.47 7.03 7.90
C SER A 38 -6.61 6.01 7.88
N ARG A 39 -7.18 5.79 6.69
CA ARG A 39 -8.21 4.82 6.51
C ARG A 39 -7.58 3.43 6.54
N ILE A 40 -6.39 3.34 5.95
CA ILE A 40 -5.60 2.12 5.93
C ILE A 40 -5.31 1.64 7.34
N SER A 41 -5.06 2.57 8.25
CA SER A 41 -4.89 2.24 9.65
C SER A 41 -6.16 1.57 10.19
N GLY A 42 -7.31 2.16 9.87
CA GLY A 42 -8.58 1.61 10.32
C GLY A 42 -8.83 0.19 9.84
N ARG A 43 -8.67 -0.06 8.54
CA ARG A 43 -8.94 -1.38 7.98
C ARG A 43 -7.92 -2.41 8.46
N LEU A 44 -6.71 -1.97 8.76
CA LEU A 44 -5.69 -2.86 9.28
C LEU A 44 -6.10 -3.37 10.66
N ASN A 45 -6.85 -2.53 11.37
CA ASN A 45 -7.35 -2.83 12.70
C ASN A 45 -8.43 -3.88 12.62
N ARG A 46 -9.13 -3.87 11.49
CA ARG A 46 -10.11 -4.91 11.16
C ARG A 46 -9.48 -6.29 11.28
N PHE A 47 -8.15 -6.36 11.13
CA PHE A 47 -7.46 -7.61 11.31
C PHE A 47 -6.54 -7.61 12.53
N LYS A 48 -5.58 -6.69 12.55
CA LYS A 48 -4.57 -6.64 13.60
C LYS A 48 -3.84 -5.31 13.59
N ARG A 49 -4.18 -4.43 14.52
CA ARG A 49 -3.49 -3.16 14.62
C ARG A 49 -3.10 -2.85 16.06
N TYR A 50 -1.80 -2.98 16.31
CA TYR A 50 -1.25 -2.68 17.62
C TYR A 50 -0.50 -1.35 17.56
N PRO A 51 -0.56 -0.53 18.63
CA PRO A 51 0.16 0.76 18.69
C PRO A 51 1.66 0.59 18.44
N LYS A 52 2.21 1.44 17.56
CA LYS A 52 3.58 1.28 17.07
C LYS A 52 4.61 1.37 18.18
N ASP A 53 4.26 2.04 19.27
CA ASP A 53 5.17 2.19 20.41
C ASP A 53 5.63 0.83 20.92
N ALA A 54 4.69 -0.12 20.98
CA ALA A 54 4.99 -1.46 21.43
C ALA A 54 5.85 -2.20 20.41
N LEU A 55 5.67 -1.85 19.13
CA LEU A 55 6.43 -2.47 18.06
C LEU A 55 7.87 -1.94 18.05
N ARG A 56 8.02 -0.64 18.25
CA ARG A 56 9.36 -0.05 18.32
C ARG A 56 10.14 -0.65 19.48
N LEU A 57 9.40 -1.15 20.46
CA LEU A 57 9.99 -1.76 21.65
C LEU A 57 10.15 -3.27 21.45
N LYS A 58 9.52 -3.81 20.41
CA LYS A 58 9.46 -5.25 20.21
C LYS A 58 9.84 -5.64 18.78
N ARG A 59 8.93 -5.36 17.84
CA ARG A 59 9.13 -5.74 16.45
C ARG A 59 9.38 -4.51 15.59
N GLN A 60 10.64 -4.17 15.43
CA GLN A 60 11.02 -3.04 14.59
C GLN A 60 11.16 -3.52 13.15
N GLY A 61 11.29 -2.61 12.21
CA GLY A 61 11.49 -3.02 10.84
C GLY A 61 10.99 -2.03 9.82
N VAL A 62 11.90 -1.53 9.00
CA VAL A 62 11.53 -0.64 7.92
C VAL A 62 11.70 -1.35 6.59
N GLY A 63 10.63 -1.40 5.82
CA GLY A 63 10.69 -2.00 4.50
C GLY A 63 9.51 -1.58 3.67
N GLN A 64 9.57 -1.80 2.38
CA GLN A 64 8.47 -1.43 1.50
C GLN A 64 7.68 -2.67 1.13
N VAL A 65 6.37 -2.58 1.28
CA VAL A 65 5.49 -3.71 1.15
C VAL A 65 4.49 -3.47 0.03
N ARG A 66 4.60 -4.27 -1.02
CA ARG A 66 3.74 -4.14 -2.18
C ARG A 66 2.74 -5.28 -2.23
N PHE A 67 1.51 -4.98 -2.54
CA PHE A 67 0.47 -5.99 -2.60
C PHE A 67 -0.63 -5.63 -3.57
N THR A 68 -1.28 -6.66 -4.08
CA THR A 68 -2.48 -6.49 -4.88
C THR A 68 -3.68 -6.76 -3.99
N LEU A 69 -4.67 -5.88 -4.07
CA LEU A 69 -5.76 -5.91 -3.11
C LEU A 69 -7.11 -6.08 -3.79
N ASP A 70 -7.96 -6.89 -3.16
CA ASP A 70 -9.29 -7.14 -3.66
C ASP A 70 -10.25 -6.04 -3.21
N ARG A 71 -11.37 -5.91 -3.89
CA ARG A 71 -12.37 -4.90 -3.57
C ARG A 71 -12.79 -4.99 -2.10
N GLN A 72 -12.95 -6.21 -1.60
CA GLN A 72 -13.38 -6.43 -0.23
C GLN A 72 -12.19 -6.50 0.71
N GLY A 73 -11.04 -6.04 0.24
CA GLY A 73 -9.85 -6.01 1.06
C GLY A 73 -9.26 -7.39 1.27
N HIS A 74 -9.17 -8.15 0.22
CA HIS A 74 -8.57 -9.47 0.28
C HIS A 74 -7.17 -9.43 -0.34
N VAL A 75 -6.15 -9.65 0.49
CA VAL A 75 -4.78 -9.77 0.01
C VAL A 75 -4.69 -10.75 -1.16
N LEU A 76 -4.17 -10.27 -2.28
CA LEU A 76 -4.05 -11.09 -3.48
C LEU A 76 -2.59 -11.43 -3.76
N ALA A 77 -1.74 -10.42 -3.67
CA ALA A 77 -0.32 -10.58 -3.94
C ALA A 77 0.49 -9.96 -2.82
N VAL A 78 1.65 -10.51 -2.55
CA VAL A 78 2.55 -9.97 -1.53
C VAL A 78 3.98 -9.97 -2.05
N THR A 79 4.60 -8.81 -2.04
CA THR A 79 5.96 -8.68 -2.51
C THR A 79 6.72 -7.67 -1.67
N LEU A 80 7.81 -8.09 -1.06
CA LEU A 80 8.69 -7.18 -0.35
C LEU A 80 9.51 -6.40 -1.36
N VAL A 81 9.23 -5.12 -1.46
CA VAL A 81 9.79 -4.29 -2.51
C VAL A 81 11.17 -3.78 -2.12
N SER A 82 11.32 -3.44 -0.85
CA SER A 82 12.58 -2.96 -0.33
C SER A 82 12.71 -3.39 1.12
N SER A 83 13.94 -3.62 1.57
CA SER A 83 14.17 -4.15 2.91
C SER A 83 15.48 -3.65 3.49
N ALA A 84 15.51 -3.51 4.81
CA ALA A 84 16.72 -3.13 5.52
C ALA A 84 17.35 -4.34 6.18
N GLY A 85 16.57 -5.39 6.35
CA GLY A 85 17.05 -6.58 7.04
C GLY A 85 16.22 -6.91 8.26
N LEU A 86 15.06 -7.54 8.05
CA LEU A 86 14.17 -7.86 9.16
C LEU A 86 14.01 -9.37 9.29
N PRO A 87 14.86 -10.02 10.11
CA PRO A 87 14.83 -11.48 10.29
C PRO A 87 13.72 -11.94 11.22
N SER A 88 13.95 -11.81 12.53
CA SER A 88 12.94 -12.18 13.53
C SER A 88 11.78 -11.18 13.50
N LEU A 89 12.05 -10.03 12.92
CA LEU A 89 11.09 -8.94 12.89
C LEU A 89 9.97 -9.22 11.89
N ASP A 90 10.36 -9.78 10.75
CA ASP A 90 9.46 -9.95 9.60
C ASP A 90 8.18 -10.68 9.98
N ARG A 91 8.32 -11.73 10.77
CA ARG A 91 7.18 -12.60 11.08
C ARG A 91 5.98 -11.84 11.64
N GLU A 92 6.20 -11.03 12.68
CA GLU A 92 5.08 -10.33 13.32
C GLU A 92 4.63 -9.11 12.52
N ILE A 93 5.58 -8.28 12.10
CA ILE A 93 5.25 -7.04 11.40
C ILE A 93 4.55 -7.32 10.07
N GLN A 94 4.97 -8.38 9.39
CA GLN A 94 4.33 -8.76 8.15
C GLN A 94 3.08 -9.58 8.42
N ALA A 95 3.02 -10.25 9.55
CA ALA A 95 1.76 -10.83 9.97
C ALA A 95 0.72 -9.73 10.05
N LEU A 96 1.13 -8.63 10.66
CA LEU A 96 0.31 -7.48 10.84
C LEU A 96 -0.06 -6.83 9.50
N VAL A 97 0.93 -6.44 8.72
CA VAL A 97 0.68 -5.77 7.44
C VAL A 97 0.51 -6.74 6.26
N LYS A 98 1.45 -7.66 6.11
CA LYS A 98 1.49 -8.55 4.94
C LYS A 98 0.34 -9.56 4.97
N ARG A 99 -0.14 -9.91 6.16
CA ARG A 99 -1.29 -10.80 6.25
C ARG A 99 -2.58 -9.99 6.21
N ALA A 100 -2.60 -8.87 6.91
CA ALA A 100 -3.77 -8.01 6.91
C ALA A 100 -3.67 -6.96 5.82
N SER A 101 -3.94 -7.35 4.58
CA SER A 101 -4.03 -6.35 3.54
C SER A 101 -5.47 -6.23 3.04
N PRO A 102 -6.23 -5.32 3.70
CA PRO A 102 -7.57 -4.90 3.31
C PRO A 102 -7.55 -3.50 2.68
N LEU A 103 -8.71 -3.01 2.29
CA LEU A 103 -8.84 -1.62 1.89
C LEU A 103 -10.10 -1.02 2.50
N PRO A 104 -9.96 0.12 3.17
CA PRO A 104 -11.07 0.76 3.89
C PRO A 104 -12.04 1.43 2.93
N THR A 105 -11.53 1.78 1.76
CA THR A 105 -12.33 2.31 0.70
C THR A 105 -11.98 1.60 -0.60
N PRO A 106 -12.95 0.87 -1.17
CA PRO A 106 -12.76 0.14 -2.43
C PRO A 106 -12.33 1.07 -3.56
N PRO A 107 -11.06 0.98 -4.00
CA PRO A 107 -10.54 1.79 -5.09
C PRO A 107 -11.03 1.31 -6.44
N ALA A 108 -12.34 1.41 -6.65
CA ALA A 108 -12.95 0.99 -7.90
C ALA A 108 -12.32 1.74 -9.05
N ASP A 109 -12.10 3.03 -8.84
CA ASP A 109 -11.56 3.91 -9.87
C ASP A 109 -10.08 3.61 -10.16
N ALA A 110 -9.56 2.59 -9.48
CA ALA A 110 -8.18 2.17 -9.69
C ALA A 110 -8.11 0.78 -10.32
N TYR A 111 -9.04 -0.10 -9.97
CA TYR A 111 -8.94 -1.48 -10.42
C TYR A 111 -10.07 -1.89 -11.35
N VAL A 112 -10.77 -0.92 -11.88
CA VAL A 112 -11.71 -1.22 -12.95
C VAL A 112 -10.91 -1.56 -14.21
N ASN A 113 -10.59 -2.84 -14.29
CA ASN A 113 -9.63 -3.38 -15.26
C ASN A 113 -9.18 -4.74 -14.74
N GLY A 114 -9.17 -4.85 -13.41
CA GLY A 114 -8.72 -6.05 -12.77
C GLY A 114 -8.48 -5.85 -11.28
N THR A 115 -7.30 -5.35 -10.92
CA THR A 115 -6.88 -5.29 -9.52
C THR A 115 -5.94 -4.10 -9.27
N VAL A 116 -5.70 -3.79 -7.99
CA VAL A 116 -4.75 -2.74 -7.62
C VAL A 116 -3.48 -3.35 -7.02
N GLU A 117 -2.36 -3.04 -7.63
CA GLU A 117 -1.06 -3.38 -7.06
C GLU A 117 -0.34 -2.12 -6.66
N LEU A 118 -0.03 -1.98 -5.39
CA LEU A 118 0.58 -0.76 -4.88
C LEU A 118 1.67 -1.05 -3.86
N THR A 119 2.71 -0.24 -3.91
CA THR A 119 3.82 -0.34 -2.97
C THR A 119 3.64 0.64 -1.81
N LEU A 120 3.49 0.10 -0.61
CA LEU A 120 3.41 0.94 0.59
C LEU A 120 4.55 0.62 1.53
N PRO A 121 5.35 1.63 1.89
CA PRO A 121 6.43 1.44 2.84
C PRO A 121 5.90 1.30 4.27
N ILE A 122 6.21 0.17 4.89
CA ILE A 122 5.83 -0.05 6.27
C ILE A 122 7.05 0.17 7.16
N ASP A 123 7.00 1.15 8.04
CA ASP A 123 8.17 1.46 8.85
C ASP A 123 7.92 1.30 10.34
N PHE A 124 8.75 0.47 10.93
CA PHE A 124 8.88 0.38 12.37
C PHE A 124 10.30 0.82 12.73
N SER A 125 10.42 1.68 13.73
CA SER A 125 11.71 2.31 14.04
C SER A 125 12.81 1.27 14.33
N LEU A 126 13.68 1.08 13.34
CA LEU A 126 14.79 0.14 13.46
C LEU A 126 15.98 0.79 14.16
N ARG A 127 16.18 0.44 15.42
CA ARG A 127 17.34 0.91 16.17
C ARG A 127 17.75 -0.12 17.21
N GLY A 128 17.48 -1.39 16.90
CA GLY A 128 17.81 -2.46 17.81
C GLY A 128 18.14 -3.75 17.10
N ALA A 129 17.11 -4.45 16.63
CA ALA A 129 17.30 -5.75 15.99
C ALA A 129 17.29 -5.62 14.47
N GLY A 130 17.85 -4.52 14.00
CA GLY A 130 17.89 -4.28 12.57
C GLY A 130 18.53 -2.94 12.27
N PHE A 131 19.72 -2.97 11.71
CA PHE A 131 20.42 -1.78 11.34
C PHE A 131 20.66 -1.76 9.84
N LYS A 1 35.66 25.55 -4.43
CA LYS A 1 34.52 25.10 -5.26
C LYS A 1 34.97 24.14 -6.34
N VAL A 2 34.20 23.07 -6.52
CA VAL A 2 34.41 22.15 -7.62
C VAL A 2 33.18 22.17 -8.52
N GLN A 3 32.01 22.24 -7.88
CA GLN A 3 30.74 22.33 -8.59
C GLN A 3 30.06 23.66 -8.29
N GLU A 4 30.25 24.63 -9.16
CA GLU A 4 29.55 25.90 -9.05
C GLU A 4 28.14 25.74 -9.65
N GLN A 5 27.27 25.11 -8.88
CA GLN A 5 25.94 24.77 -9.34
C GLN A 5 24.94 25.83 -8.89
N SER A 6 25.27 27.09 -9.16
CA SER A 6 24.38 28.20 -8.85
C SER A 6 23.21 28.22 -9.83
N VAL A 7 23.48 27.79 -11.05
CA VAL A 7 22.45 27.67 -12.07
C VAL A 7 22.07 26.20 -12.25
N GLY A 8 20.86 25.96 -12.76
CA GLY A 8 20.41 24.60 -12.97
C GLY A 8 18.91 24.48 -12.89
N ALA A 9 18.24 24.76 -13.99
CA ALA A 9 16.79 24.72 -14.01
C ALA A 9 16.28 23.98 -15.25
N PRO A 10 15.87 22.72 -15.08
CA PRO A 10 15.23 21.94 -16.15
C PRO A 10 13.88 22.53 -16.52
N PRO A 11 13.52 22.51 -17.82
CA PRO A 11 12.27 23.08 -18.31
C PRO A 11 11.05 22.48 -17.62
N PRO A 12 10.37 23.29 -16.78
CA PRO A 12 9.26 22.83 -15.95
C PRO A 12 8.07 22.34 -16.78
N GLY A 13 7.68 21.10 -16.53
CA GLY A 13 6.52 20.54 -17.19
C GLY A 13 5.31 20.51 -16.28
N ARG A 14 4.24 19.86 -16.72
CA ARG A 14 3.02 19.76 -15.93
C ARG A 14 2.90 18.37 -15.31
N ALA A 15 2.21 18.28 -14.19
CA ALA A 15 2.02 17.02 -13.50
C ALA A 15 0.79 16.28 -14.05
N ASP A 16 0.72 16.16 -15.36
CA ASP A 16 -0.40 15.49 -16.00
C ASP A 16 -0.03 14.06 -16.36
N LYS A 17 -0.95 13.14 -16.06
CA LYS A 17 -0.77 11.70 -16.30
C LYS A 17 0.25 11.10 -15.33
N THR A 18 1.43 11.70 -15.27
CA THR A 18 2.50 11.23 -14.40
C THR A 18 2.91 9.81 -14.79
N ALA A 19 3.57 9.69 -15.93
CA ALA A 19 4.03 8.41 -16.43
C ALA A 19 5.34 8.59 -17.19
N ALA A 20 6.43 8.59 -16.44
CA ALA A 20 7.75 8.74 -17.02
C ALA A 20 8.23 7.40 -17.58
N PRO A 21 9.30 7.38 -18.40
CA PRO A 21 9.81 6.14 -18.99
C PRO A 21 10.00 5.01 -17.97
N GLN A 22 10.33 5.37 -16.74
CA GLN A 22 10.56 4.40 -15.68
C GLN A 22 9.26 3.71 -15.27
N THR A 23 8.18 4.46 -15.20
CA THR A 23 6.89 3.92 -14.79
C THR A 23 6.15 3.31 -15.98
N ARG A 24 6.91 2.80 -16.94
CA ARG A 24 6.32 2.21 -18.14
C ARG A 24 5.67 0.87 -17.85
N LEU A 25 6.14 0.20 -16.80
CA LEU A 25 5.63 -1.12 -16.45
C LEU A 25 5.25 -1.18 -14.96
N THR A 26 4.81 -0.06 -14.43
CA THR A 26 4.43 0.02 -13.04
C THR A 26 3.28 1.01 -12.86
N PRO A 27 2.06 0.49 -12.67
CA PRO A 27 0.88 1.33 -12.48
C PRO A 27 0.70 1.78 -11.02
N TYR A 28 0.59 3.08 -10.82
CA TYR A 28 0.36 3.63 -9.49
C TYR A 28 -1.08 4.10 -9.36
N ALA A 29 -1.80 3.49 -8.43
CA ALA A 29 -3.20 3.83 -8.19
C ALA A 29 -3.34 4.87 -7.08
N GLN A 30 -3.57 6.11 -7.49
CA GLN A 30 -3.73 7.19 -6.52
C GLN A 30 -5.19 7.29 -6.09
N ALA A 31 -5.56 6.48 -5.11
CA ALA A 31 -6.92 6.51 -4.58
C ALA A 31 -7.07 7.63 -3.54
N GLY A 32 -6.00 7.88 -2.81
CA GLY A 32 -6.00 8.93 -1.82
C GLY A 32 -4.59 9.41 -1.52
N GLU A 33 -4.42 10.73 -1.46
CA GLU A 33 -3.09 11.31 -1.30
C GLU A 33 -2.61 11.17 0.14
N ASP A 34 -2.24 9.93 0.49
CA ASP A 34 -1.64 9.57 1.78
C ASP A 34 -2.67 9.61 2.92
N ASN A 35 -3.88 10.06 2.63
CA ASN A 35 -4.96 10.10 3.61
C ASN A 35 -5.53 8.71 3.85
N TRP A 36 -5.09 7.77 3.02
CA TRP A 36 -5.62 6.42 3.05
C TRP A 36 -5.01 5.58 4.17
N ARG A 37 -3.89 6.04 4.74
CA ARG A 37 -3.15 5.22 5.68
C ARG A 37 -3.91 5.02 6.98
N SER A 38 -4.54 6.08 7.47
CA SER A 38 -5.30 6.00 8.70
C SER A 38 -6.49 5.07 8.53
N ARG A 39 -7.08 5.10 7.34
CA ARG A 39 -8.21 4.29 7.04
C ARG A 39 -7.79 2.84 6.86
N ILE A 40 -6.68 2.63 6.15
CA ILE A 40 -6.11 1.30 5.99
C ILE A 40 -5.81 0.71 7.37
N SER A 41 -5.25 1.54 8.24
CA SER A 41 -4.94 1.14 9.60
C SER A 41 -6.19 0.71 10.38
N GLY A 42 -7.33 1.29 10.06
CA GLY A 42 -8.55 0.95 10.77
C GLY A 42 -8.98 -0.49 10.52
N ARG A 43 -9.09 -0.86 9.26
CA ARG A 43 -9.39 -2.23 8.88
C ARG A 43 -8.22 -3.17 9.19
N LEU A 44 -7.00 -2.66 9.17
CA LEU A 44 -5.85 -3.46 9.59
C LEU A 44 -6.10 -4.00 11.00
N ASN A 45 -6.78 -3.20 11.81
CA ASN A 45 -7.16 -3.59 13.17
C ASN A 45 -8.25 -4.63 13.13
N ARG A 46 -9.12 -4.51 12.13
CA ARG A 46 -10.15 -5.49 11.86
C ARG A 46 -9.53 -6.88 11.75
N PHE A 47 -8.27 -6.94 11.32
CA PHE A 47 -7.57 -8.20 11.28
C PHE A 47 -6.74 -8.41 12.56
N LYS A 48 -5.81 -7.47 12.79
CA LYS A 48 -4.91 -7.49 13.96
C LYS A 48 -4.03 -6.25 13.92
N ARG A 49 -4.18 -5.35 14.87
CA ARG A 49 -3.39 -4.12 14.87
C ARG A 49 -2.73 -3.89 16.21
N TYR A 50 -1.43 -4.13 16.28
CA TYR A 50 -0.67 -3.91 17.48
C TYR A 50 -0.11 -2.48 17.49
N PRO A 51 -0.22 -1.78 18.64
CA PRO A 51 0.25 -0.40 18.79
C PRO A 51 1.75 -0.25 18.54
N LYS A 52 2.12 0.74 17.73
CA LYS A 52 3.49 0.89 17.24
C LYS A 52 4.50 1.05 18.37
N ASP A 53 4.04 1.57 19.50
CA ASP A 53 4.90 1.77 20.66
C ASP A 53 5.54 0.46 21.08
N ALA A 54 4.76 -0.61 21.03
CA ALA A 54 5.24 -1.92 21.42
C ALA A 54 6.16 -2.51 20.36
N LEU A 55 5.92 -2.16 19.10
CA LEU A 55 6.75 -2.65 18.00
C LEU A 55 8.15 -2.08 18.12
N ARG A 56 8.23 -0.81 18.53
CA ARG A 56 9.52 -0.15 18.72
C ARG A 56 10.36 -0.85 19.80
N LEU A 57 9.71 -1.68 20.62
CA LEU A 57 10.40 -2.39 21.69
C LEU A 57 10.43 -3.89 21.41
N LYS A 58 9.84 -4.31 20.29
CA LYS A 58 9.74 -5.73 19.97
C LYS A 58 10.25 -6.01 18.56
N ARG A 59 9.51 -5.56 17.55
CA ARG A 59 9.90 -5.75 16.17
C ARG A 59 9.67 -4.47 15.38
N GLN A 60 10.74 -3.76 15.14
CA GLN A 60 10.69 -2.50 14.41
C GLN A 60 11.41 -2.65 13.08
N GLY A 61 11.14 -1.77 12.13
CA GLY A 61 11.75 -1.91 10.83
C GLY A 61 10.92 -1.29 9.72
N VAL A 62 11.60 -0.70 8.75
CA VAL A 62 10.93 -0.12 7.61
C VAL A 62 11.16 -0.98 6.38
N GLY A 63 10.08 -1.38 5.74
CA GLY A 63 10.18 -2.15 4.54
C GLY A 63 9.15 -1.73 3.51
N GLN A 64 9.34 -2.13 2.28
CA GLN A 64 8.36 -1.82 1.25
C GLN A 64 7.54 -3.05 0.92
N VAL A 65 6.24 -2.87 0.93
CA VAL A 65 5.30 -3.97 0.76
C VAL A 65 4.30 -3.64 -0.34
N ARG A 66 4.30 -4.45 -1.40
CA ARG A 66 3.39 -4.23 -2.51
C ARG A 66 2.39 -5.39 -2.57
N PHE A 67 1.16 -5.07 -2.93
CA PHE A 67 0.08 -6.02 -2.77
C PHE A 67 -1.11 -5.70 -3.66
N THR A 68 -1.86 -6.73 -4.02
CA THR A 68 -3.13 -6.59 -4.70
C THR A 68 -4.24 -6.62 -3.67
N LEU A 69 -5.09 -5.61 -3.70
CA LEU A 69 -6.07 -5.43 -2.64
C LEU A 69 -7.48 -5.53 -3.16
N ASP A 70 -8.36 -6.11 -2.34
CA ASP A 70 -9.75 -6.30 -2.68
C ASP A 70 -10.57 -5.07 -2.34
N ARG A 71 -11.68 -4.93 -3.06
CA ARG A 71 -12.64 -3.84 -2.91
C ARG A 71 -13.11 -3.67 -1.46
N GLN A 72 -13.25 -4.78 -0.74
CA GLN A 72 -13.69 -4.76 0.64
C GLN A 72 -12.51 -4.87 1.60
N GLY A 73 -11.31 -4.70 1.07
CA GLY A 73 -10.12 -4.68 1.89
C GLY A 73 -9.63 -6.07 2.26
N HIS A 74 -9.69 -6.99 1.32
CA HIS A 74 -9.15 -8.31 1.53
C HIS A 74 -7.81 -8.45 0.82
N VAL A 75 -6.76 -8.69 1.59
CA VAL A 75 -5.43 -8.95 1.02
C VAL A 75 -5.49 -10.08 -0.02
N LEU A 76 -5.25 -9.73 -1.28
CA LEU A 76 -5.31 -10.70 -2.35
C LEU A 76 -3.91 -11.19 -2.70
N ALA A 77 -2.99 -10.27 -2.87
CA ALA A 77 -1.61 -10.61 -3.17
C ALA A 77 -0.69 -9.86 -2.24
N VAL A 78 0.50 -10.37 -2.03
CA VAL A 78 1.50 -9.71 -1.19
C VAL A 78 2.90 -10.07 -1.68
N THR A 79 3.72 -9.06 -1.88
CA THR A 79 5.09 -9.27 -2.31
C THR A 79 6.02 -8.28 -1.63
N LEU A 80 7.05 -8.79 -0.97
CA LEU A 80 8.04 -7.94 -0.33
C LEU A 80 8.87 -7.24 -1.41
N VAL A 81 8.88 -5.93 -1.37
CA VAL A 81 9.53 -5.15 -2.41
C VAL A 81 10.93 -4.74 -1.95
N SER A 82 11.03 -4.33 -0.69
CA SER A 82 12.30 -3.89 -0.14
C SER A 82 12.39 -4.20 1.36
N SER A 83 13.49 -4.81 1.77
CA SER A 83 13.73 -5.08 3.18
C SER A 83 15.20 -4.80 3.51
N ALA A 84 15.42 -3.75 4.29
CA ALA A 84 16.76 -3.30 4.64
C ALA A 84 17.50 -4.29 5.55
N GLY A 85 16.96 -4.50 6.75
CA GLY A 85 17.60 -5.37 7.70
C GLY A 85 16.62 -5.91 8.72
N LEU A 86 15.64 -6.67 8.25
CA LEU A 86 14.63 -7.24 9.11
C LEU A 86 14.74 -8.77 9.12
N PRO A 87 15.60 -9.34 9.98
CA PRO A 87 15.76 -10.79 10.08
C PRO A 87 14.61 -11.43 10.83
N SER A 88 14.65 -11.35 12.16
CA SER A 88 13.57 -11.83 13.00
C SER A 88 12.39 -10.88 12.94
N LEU A 89 12.66 -9.67 12.49
CA LEU A 89 11.65 -8.62 12.41
C LEU A 89 10.63 -8.91 11.32
N ASP A 90 11.12 -9.44 10.20
CA ASP A 90 10.30 -9.65 9.01
C ASP A 90 9.06 -10.46 9.31
N ARG A 91 9.25 -11.59 9.98
CA ARG A 91 8.17 -12.51 10.29
C ARG A 91 7.05 -11.80 11.05
N GLU A 92 7.43 -10.93 11.99
CA GLU A 92 6.48 -10.28 12.88
C GLU A 92 5.76 -9.13 12.18
N ILE A 93 6.53 -8.20 11.60
CA ILE A 93 5.95 -7.02 10.98
C ILE A 93 5.09 -7.37 9.77
N GLN A 94 5.49 -8.40 9.02
CA GLN A 94 4.73 -8.81 7.86
C GLN A 94 3.54 -9.65 8.28
N ALA A 95 3.65 -10.32 9.40
CA ALA A 95 2.50 -11.04 9.93
C ALA A 95 1.35 -10.06 10.09
N LEU A 96 1.66 -8.91 10.66
CA LEU A 96 0.71 -7.88 10.91
C LEU A 96 0.20 -7.25 9.61
N VAL A 97 1.10 -6.77 8.77
CA VAL A 97 0.72 -6.05 7.55
C VAL A 97 0.50 -6.99 6.36
N LYS A 98 1.45 -7.88 6.13
CA LYS A 98 1.40 -8.77 4.96
C LYS A 98 0.21 -9.73 5.05
N ARG A 99 -0.30 -9.99 6.26
CA ARG A 99 -1.52 -10.77 6.39
C ARG A 99 -2.76 -9.86 6.45
N ALA A 100 -2.59 -8.64 6.93
CA ALA A 100 -3.71 -7.71 7.02
C ALA A 100 -3.52 -6.52 6.09
N SER A 101 -3.71 -6.73 4.80
CA SER A 101 -3.64 -5.64 3.85
C SER A 101 -5.05 -5.31 3.32
N PRO A 102 -5.70 -4.31 3.95
CA PRO A 102 -7.03 -3.86 3.61
C PRO A 102 -7.09 -2.43 3.04
N LEU A 103 -7.64 -2.29 1.84
CA LEU A 103 -7.91 -0.97 1.27
C LEU A 103 -9.33 -0.54 1.62
N PRO A 104 -9.47 0.64 2.26
CA PRO A 104 -10.78 1.19 2.60
C PRO A 104 -11.47 1.82 1.40
N THR A 105 -10.81 2.82 0.82
CA THR A 105 -11.31 3.50 -0.35
C THR A 105 -11.34 2.53 -1.54
N PRO A 106 -12.49 2.44 -2.22
CA PRO A 106 -12.65 1.56 -3.38
C PRO A 106 -12.09 2.18 -4.66
N PRO A 107 -10.91 1.71 -5.09
CA PRO A 107 -10.25 2.24 -6.27
C PRO A 107 -10.74 1.55 -7.54
N ALA A 108 -12.05 1.60 -7.74
CA ALA A 108 -12.67 1.00 -8.91
C ALA A 108 -12.03 1.51 -10.18
N ASP A 109 -11.84 2.82 -10.24
CA ASP A 109 -11.30 3.46 -11.43
C ASP A 109 -9.80 3.22 -11.55
N ALA A 110 -9.23 2.61 -10.52
CA ALA A 110 -7.80 2.37 -10.46
C ALA A 110 -7.46 0.94 -10.88
N TYR A 111 -8.44 0.04 -10.81
CA TYR A 111 -8.17 -1.36 -11.12
C TYR A 111 -9.08 -1.91 -12.18
N VAL A 112 -9.69 -1.04 -12.93
CA VAL A 112 -10.49 -1.47 -14.08
C VAL A 112 -9.54 -1.96 -15.17
N ASN A 113 -9.27 -3.26 -15.07
CA ASN A 113 -8.28 -3.99 -15.88
C ASN A 113 -7.88 -5.25 -15.12
N GLY A 114 -8.25 -5.27 -13.83
CA GLY A 114 -7.94 -6.40 -12.99
C GLY A 114 -8.14 -6.07 -11.52
N THR A 115 -7.08 -5.60 -10.87
CA THR A 115 -7.10 -5.28 -9.45
C THR A 115 -5.92 -4.34 -9.17
N VAL A 116 -5.81 -3.82 -7.94
CA VAL A 116 -4.77 -2.84 -7.65
C VAL A 116 -3.61 -3.48 -6.92
N GLU A 117 -2.47 -3.49 -7.59
CA GLU A 117 -1.22 -3.92 -7.00
C GLU A 117 -0.29 -2.72 -6.97
N LEU A 118 0.01 -2.24 -5.77
CA LEU A 118 0.82 -1.05 -5.63
C LEU A 118 1.72 -1.17 -4.41
N THR A 119 2.85 -0.48 -4.46
CA THR A 119 3.84 -0.57 -3.40
C THR A 119 3.60 0.49 -2.32
N LEU A 120 3.47 0.01 -1.08
CA LEU A 120 3.32 0.88 0.07
C LEU A 120 4.37 0.54 1.11
N PRO A 121 5.18 1.51 1.52
CA PRO A 121 6.18 1.29 2.55
C PRO A 121 5.54 1.13 3.92
N ILE A 122 5.76 -0.01 4.54
CA ILE A 122 5.26 -0.26 5.87
C ILE A 122 6.35 0.10 6.88
N ASP A 123 6.25 1.29 7.45
CA ASP A 123 7.33 1.75 8.31
C ASP A 123 7.03 1.54 9.78
N PHE A 124 7.93 0.82 10.41
CA PHE A 124 8.04 0.79 11.85
C PHE A 124 9.39 1.41 12.19
N SER A 125 9.43 2.43 13.03
CA SER A 125 10.67 3.17 13.27
C SER A 125 11.79 2.24 13.75
N LEU A 126 12.72 1.94 12.85
CA LEU A 126 13.78 0.98 13.11
C LEU A 126 14.92 1.62 13.86
N ARG A 127 14.95 1.41 15.17
CA ARG A 127 16.05 1.87 15.99
C ARG A 127 17.23 0.90 15.91
N GLY A 128 16.94 -0.38 16.06
CA GLY A 128 17.98 -1.39 15.89
C GLY A 128 17.63 -2.71 16.54
N ALA A 129 16.63 -3.39 16.00
CA ALA A 129 16.22 -4.69 16.53
C ALA A 129 16.67 -5.81 15.59
N GLY A 130 17.42 -5.44 14.57
CA GLY A 130 17.89 -6.42 13.60
C GLY A 130 19.30 -6.85 13.90
N PHE A 131 19.50 -7.47 15.06
CA PHE A 131 20.82 -7.90 15.48
C PHE A 131 20.73 -9.29 16.10
N LYS A 1 32.37 16.55 -4.17
CA LYS A 1 33.10 17.69 -4.76
C LYS A 1 33.33 17.45 -6.25
N VAL A 2 33.02 18.47 -7.06
CA VAL A 2 33.25 18.42 -8.51
C VAL A 2 32.55 17.21 -9.16
N GLN A 3 31.24 17.26 -9.17
CA GLN A 3 30.45 16.19 -9.79
C GLN A 3 29.14 16.75 -10.34
N GLU A 4 28.54 16.02 -11.27
CA GLU A 4 27.33 16.47 -11.93
C GLU A 4 26.17 15.55 -11.56
N GLN A 5 25.08 16.13 -11.07
CA GLN A 5 23.97 15.36 -10.53
C GLN A 5 22.77 15.33 -11.48
N SER A 6 23.01 15.75 -12.72
CA SER A 6 21.98 15.79 -13.76
C SER A 6 20.89 16.82 -13.44
N VAL A 7 19.96 16.44 -12.58
CA VAL A 7 18.85 17.30 -12.20
C VAL A 7 18.87 17.59 -10.71
N GLY A 8 19.41 16.66 -9.94
CA GLY A 8 19.42 16.80 -8.49
C GLY A 8 18.31 15.99 -7.85
N ALA A 9 17.67 15.15 -8.65
CA ALA A 9 16.58 14.31 -8.17
C ALA A 9 17.08 12.88 -7.96
N PRO A 10 16.85 12.32 -6.76
CA PRO A 10 17.30 10.97 -6.42
C PRO A 10 16.39 9.88 -6.98
N PRO A 11 16.95 8.93 -7.73
CA PRO A 11 16.22 7.79 -8.26
C PRO A 11 15.92 6.77 -7.18
N PRO A 12 14.63 6.57 -6.85
CA PRO A 12 14.20 5.66 -5.77
C PRO A 12 14.29 4.18 -6.17
N GLY A 13 15.53 3.72 -6.37
CA GLY A 13 15.76 2.30 -6.65
C GLY A 13 15.09 1.83 -7.92
N ARG A 14 15.61 2.27 -9.06
CA ARG A 14 15.08 1.85 -10.36
C ARG A 14 16.14 1.95 -11.45
N ALA A 15 16.28 0.90 -12.22
CA ALA A 15 17.23 0.86 -13.32
C ALA A 15 16.51 0.86 -14.65
N ASP A 16 17.12 1.47 -15.65
CA ASP A 16 16.51 1.59 -16.97
C ASP A 16 16.79 0.35 -17.82
N LYS A 17 17.13 -0.74 -17.15
CA LYS A 17 17.39 -2.00 -17.82
C LYS A 17 16.41 -3.07 -17.38
N THR A 18 15.74 -2.84 -16.26
CA THR A 18 14.78 -3.79 -15.74
C THR A 18 13.42 -3.14 -15.51
N ALA A 19 13.34 -2.31 -14.47
CA ALA A 19 12.10 -1.62 -14.14
C ALA A 19 11.99 -0.31 -14.91
N ALA A 20 12.33 -0.37 -16.19
CA ALA A 20 12.28 0.78 -17.06
C ALA A 20 10.85 1.11 -17.48
N PRO A 21 10.04 0.12 -17.94
CA PRO A 21 8.65 0.35 -18.33
C PRO A 21 7.70 0.52 -17.14
N GLN A 22 8.18 1.24 -16.13
CA GLN A 22 7.39 1.53 -14.93
C GLN A 22 6.93 0.24 -14.25
N THR A 23 7.83 -0.74 -14.18
CA THR A 23 7.54 -2.01 -13.54
C THR A 23 7.32 -1.83 -12.04
N ARG A 24 7.80 -0.71 -11.51
CA ARG A 24 7.68 -0.41 -10.08
C ARG A 24 6.23 -0.07 -9.72
N LEU A 25 5.45 0.31 -10.71
CA LEU A 25 4.05 0.65 -10.51
C LEU A 25 3.36 0.72 -11.87
N THR A 26 3.19 -0.43 -12.48
CA THR A 26 2.58 -0.52 -13.80
C THR A 26 1.12 -0.03 -13.77
N PRO A 27 0.26 -0.58 -12.90
CA PRO A 27 -1.08 -0.03 -12.68
C PRO A 27 -1.02 1.18 -11.75
N TYR A 28 -1.18 2.38 -12.30
CA TYR A 28 -1.05 3.59 -11.52
C TYR A 28 -2.27 3.79 -10.63
N ALA A 29 -2.26 3.13 -9.48
CA ALA A 29 -3.35 3.22 -8.53
C ALA A 29 -3.22 4.46 -7.65
N GLN A 30 -3.48 5.62 -8.24
CA GLN A 30 -3.41 6.88 -7.51
C GLN A 30 -4.74 7.17 -6.80
N ALA A 31 -5.06 6.35 -5.82
CA ALA A 31 -6.29 6.53 -5.05
C ALA A 31 -6.01 7.29 -3.77
N GLY A 32 -4.91 6.96 -3.12
CA GLY A 32 -4.52 7.62 -1.90
C GLY A 32 -3.06 7.97 -1.90
N GLU A 33 -2.75 9.15 -2.39
CA GLU A 33 -1.36 9.58 -2.54
C GLU A 33 -0.90 10.35 -1.32
N ASP A 34 -1.85 10.70 -0.46
CA ASP A 34 -1.58 11.53 0.71
C ASP A 34 -1.91 10.80 2.00
N ASN A 35 -3.19 10.67 2.28
CA ASN A 35 -3.64 10.11 3.56
C ASN A 35 -4.36 8.79 3.33
N TRP A 36 -3.59 7.73 3.10
CA TRP A 36 -4.18 6.43 2.81
C TRP A 36 -3.75 5.41 3.85
N ARG A 37 -2.49 5.49 4.30
CA ARG A 37 -1.93 4.49 5.20
C ARG A 37 -2.61 4.56 6.56
N SER A 38 -3.05 5.75 6.92
CA SER A 38 -3.79 5.96 8.16
C SER A 38 -5.14 5.25 8.09
N ARG A 39 -5.74 5.25 6.90
CA ARG A 39 -7.00 4.60 6.69
C ARG A 39 -6.80 3.08 6.67
N ILE A 40 -5.72 2.67 6.02
CA ILE A 40 -5.36 1.26 5.95
C ILE A 40 -5.08 0.72 7.36
N SER A 41 -4.38 1.53 8.15
CA SER A 41 -4.07 1.17 9.54
C SER A 41 -5.35 0.86 10.32
N GLY A 42 -6.41 1.64 10.08
CA GLY A 42 -7.68 1.38 10.71
C GLY A 42 -8.27 0.04 10.30
N ARG A 43 -8.15 -0.27 9.02
CA ARG A 43 -8.63 -1.53 8.48
C ARG A 43 -7.79 -2.69 9.00
N LEU A 44 -6.50 -2.46 9.17
CA LEU A 44 -5.58 -3.46 9.68
C LEU A 44 -5.95 -3.81 11.12
N ASN A 45 -6.55 -2.84 11.78
CA ASN A 45 -6.97 -2.97 13.17
C ASN A 45 -8.17 -3.89 13.26
N ARG A 46 -9.05 -3.78 12.27
CA ARG A 46 -10.20 -4.64 12.13
C ARG A 46 -9.78 -6.10 12.09
N PHE A 47 -8.56 -6.35 11.60
CA PHE A 47 -8.03 -7.69 11.60
C PHE A 47 -7.31 -7.95 12.92
N LYS A 48 -6.32 -7.09 13.20
CA LYS A 48 -5.59 -7.09 14.46
C LYS A 48 -4.44 -6.11 14.36
N ARG A 49 -4.60 -4.95 14.97
CA ARG A 49 -3.52 -3.99 14.99
C ARG A 49 -2.95 -3.91 16.39
N TYR A 50 -1.80 -4.54 16.58
CA TYR A 50 -1.13 -4.52 17.86
C TYR A 50 -0.55 -3.14 18.11
N PRO A 51 -0.79 -2.57 19.30
CA PRO A 51 -0.30 -1.23 19.65
C PRO A 51 1.19 -1.08 19.37
N LYS A 52 1.54 0.02 18.69
CA LYS A 52 2.91 0.25 18.22
C LYS A 52 3.89 0.32 19.39
N ASP A 53 3.38 0.60 20.57
CA ASP A 53 4.19 0.70 21.77
C ASP A 53 5.04 -0.56 21.95
N ALA A 54 4.47 -1.70 21.64
CA ALA A 54 5.19 -2.96 21.73
C ALA A 54 6.17 -3.13 20.58
N LEU A 55 5.71 -2.79 19.38
CA LEU A 55 6.50 -2.97 18.16
C LEU A 55 7.75 -2.11 18.17
N ARG A 56 7.62 -0.87 18.64
CA ARG A 56 8.74 0.08 18.66
C ARG A 56 9.88 -0.43 19.54
N LEU A 57 9.56 -1.36 20.43
CA LEU A 57 10.55 -1.91 21.34
C LEU A 57 10.76 -3.40 21.06
N LYS A 58 10.27 -3.87 19.93
CA LYS A 58 10.36 -5.28 19.60
C LYS A 58 10.43 -5.52 18.10
N ARG A 59 9.30 -5.35 17.42
CA ARG A 59 9.24 -5.62 15.99
C ARG A 59 9.03 -4.32 15.22
N GLN A 60 10.12 -3.65 14.96
CA GLN A 60 10.11 -2.38 14.26
C GLN A 60 10.73 -2.57 12.89
N GLY A 61 10.56 -1.60 12.00
CA GLY A 61 11.13 -1.74 10.69
C GLY A 61 10.39 -0.98 9.61
N VAL A 62 11.14 -0.51 8.62
CA VAL A 62 10.55 0.14 7.45
C VAL A 62 10.85 -0.69 6.22
N GLY A 63 9.81 -1.06 5.49
CA GLY A 63 9.98 -1.86 4.31
C GLY A 63 8.88 -1.61 3.31
N GLN A 64 9.06 -2.06 2.09
CA GLN A 64 8.07 -1.86 1.05
C GLN A 64 7.29 -3.15 0.86
N VAL A 65 5.98 -3.02 0.81
CA VAL A 65 5.11 -4.16 0.71
C VAL A 65 4.20 -3.97 -0.51
N ARG A 66 4.37 -4.82 -1.51
CA ARG A 66 3.61 -4.71 -2.75
C ARG A 66 2.52 -5.78 -2.76
N PHE A 67 1.29 -5.34 -2.88
CA PHE A 67 0.16 -6.23 -2.74
C PHE A 67 -0.96 -5.91 -3.70
N THR A 68 -1.89 -6.84 -3.82
CA THR A 68 -3.13 -6.65 -4.56
C THR A 68 -4.27 -6.73 -3.56
N LEU A 69 -5.13 -5.73 -3.57
CA LEU A 69 -6.12 -5.59 -2.54
C LEU A 69 -7.53 -5.72 -3.09
N ASP A 70 -8.33 -6.53 -2.41
CA ASP A 70 -9.71 -6.74 -2.79
C ASP A 70 -10.55 -5.51 -2.48
N ARG A 71 -11.64 -5.38 -3.20
CA ARG A 71 -12.53 -4.21 -3.12
C ARG A 71 -13.10 -4.02 -1.71
N GLN A 72 -13.06 -5.07 -0.89
CA GLN A 72 -13.51 -4.97 0.49
C GLN A 72 -12.34 -4.99 1.47
N GLY A 73 -11.15 -4.79 0.94
CA GLY A 73 -9.95 -4.76 1.76
C GLY A 73 -9.50 -6.14 2.18
N HIS A 74 -9.40 -7.03 1.21
CA HIS A 74 -8.96 -8.39 1.46
C HIS A 74 -7.63 -8.65 0.77
N VAL A 75 -6.65 -9.11 1.53
CA VAL A 75 -5.34 -9.47 0.98
C VAL A 75 -5.48 -10.49 -0.16
N LEU A 76 -4.97 -10.12 -1.33
CA LEU A 76 -5.02 -11.01 -2.49
C LEU A 76 -3.61 -11.48 -2.86
N ALA A 77 -2.70 -10.52 -2.92
CA ALA A 77 -1.31 -10.81 -3.27
C ALA A 77 -0.39 -10.10 -2.31
N VAL A 78 0.78 -10.67 -2.07
CA VAL A 78 1.78 -10.06 -1.20
C VAL A 78 3.18 -10.39 -1.70
N THR A 79 3.90 -9.35 -2.10
CA THR A 79 5.26 -9.51 -2.57
C THR A 79 6.19 -8.58 -1.80
N LEU A 80 7.25 -9.14 -1.25
CA LEU A 80 8.20 -8.34 -0.49
C LEU A 80 9.10 -7.56 -1.42
N VAL A 81 8.93 -6.25 -1.39
CA VAL A 81 9.76 -5.34 -2.16
C VAL A 81 10.87 -4.83 -1.25
N SER A 82 10.47 -4.47 -0.02
CA SER A 82 11.39 -4.17 1.06
C SER A 82 12.23 -2.90 0.81
N SER A 83 12.98 -2.50 1.83
CA SER A 83 13.74 -1.26 1.77
C SER A 83 15.04 -1.38 2.56
N ALA A 84 14.95 -1.51 3.88
CA ALA A 84 16.13 -1.51 4.72
C ALA A 84 16.62 -2.92 5.04
N GLY A 85 16.06 -3.52 6.09
CA GLY A 85 16.54 -4.81 6.55
C GLY A 85 15.78 -5.30 7.76
N LEU A 86 14.79 -6.14 7.53
CA LEU A 86 13.98 -6.66 8.62
C LEU A 86 14.09 -8.18 8.67
N PRO A 87 15.13 -8.73 9.32
CA PRO A 87 15.32 -10.18 9.43
C PRO A 87 14.36 -10.81 10.43
N SER A 88 14.66 -10.65 11.73
CA SER A 88 13.79 -11.14 12.78
C SER A 88 12.50 -10.30 12.83
N LEU A 89 12.57 -9.13 12.23
CA LEU A 89 11.47 -8.17 12.27
C LEU A 89 10.35 -8.58 11.34
N ASP A 90 10.72 -9.15 10.19
CA ASP A 90 9.77 -9.46 9.11
C ASP A 90 8.62 -10.32 9.61
N ARG A 91 8.94 -11.37 10.34
CA ARG A 91 7.96 -12.39 10.72
C ARG A 91 6.72 -11.80 11.38
N GLU A 92 6.89 -10.98 12.40
CA GLU A 92 5.75 -10.45 13.14
C GLU A 92 5.06 -9.31 12.39
N ILE A 93 5.84 -8.34 11.91
CA ILE A 93 5.27 -7.17 11.25
C ILE A 93 4.53 -7.56 9.98
N GLN A 94 5.04 -8.56 9.27
CA GLN A 94 4.38 -9.03 8.08
C GLN A 94 3.26 -10.00 8.42
N ALA A 95 3.39 -10.70 9.54
CA ALA A 95 2.26 -11.48 10.02
C ALA A 95 1.07 -10.54 10.19
N LEU A 96 1.35 -9.41 10.80
CA LEU A 96 0.38 -8.40 11.05
C LEU A 96 -0.11 -7.74 9.75
N VAL A 97 0.83 -7.22 8.96
CA VAL A 97 0.49 -6.45 7.75
C VAL A 97 0.33 -7.35 6.52
N LYS A 98 1.31 -8.22 6.30
CA LYS A 98 1.33 -9.07 5.10
C LYS A 98 0.17 -10.07 5.13
N ARG A 99 -0.40 -10.33 6.32
CA ARG A 99 -1.64 -11.10 6.39
C ARG A 99 -2.85 -10.17 6.35
N ALA A 100 -2.87 -9.13 7.18
CA ALA A 100 -3.98 -8.19 7.20
C ALA A 100 -3.73 -7.04 6.24
N SER A 101 -3.67 -7.35 4.95
CA SER A 101 -3.52 -6.33 3.92
C SER A 101 -4.89 -5.85 3.46
N PRO A 102 -5.32 -4.69 3.98
CA PRO A 102 -6.64 -4.15 3.74
C PRO A 102 -6.67 -3.00 2.72
N LEU A 103 -7.89 -2.57 2.42
CA LEU A 103 -8.13 -1.51 1.45
C LEU A 103 -9.33 -0.69 1.93
N PRO A 104 -9.10 0.50 2.51
CA PRO A 104 -10.17 1.34 3.03
C PRO A 104 -11.06 1.92 1.93
N THR A 105 -10.55 2.95 1.28
CA THR A 105 -11.29 3.61 0.22
C THR A 105 -11.17 2.83 -1.09
N PRO A 106 -12.30 2.36 -1.63
CA PRO A 106 -12.34 1.54 -2.84
C PRO A 106 -11.81 2.28 -4.07
N PRO A 107 -10.61 1.88 -4.54
CA PRO A 107 -9.99 2.47 -5.72
C PRO A 107 -10.53 1.84 -7.00
N ALA A 108 -11.83 2.01 -7.23
CA ALA A 108 -12.47 1.50 -8.44
C ALA A 108 -11.72 1.99 -9.68
N ASP A 109 -11.38 3.27 -9.67
CA ASP A 109 -10.73 3.92 -10.81
C ASP A 109 -9.28 3.45 -10.95
N ALA A 110 -8.81 2.73 -9.95
CA ALA A 110 -7.42 2.29 -9.92
C ALA A 110 -7.29 0.83 -10.36
N TYR A 111 -8.36 0.04 -10.24
CA TYR A 111 -8.27 -1.36 -10.63
C TYR A 111 -9.18 -1.72 -11.77
N VAL A 112 -9.63 -0.72 -12.49
CA VAL A 112 -10.30 -0.97 -13.75
C VAL A 112 -9.26 -1.43 -14.76
N ASN A 113 -9.04 -2.74 -14.76
CA ASN A 113 -7.93 -3.41 -15.45
C ASN A 113 -7.70 -4.76 -14.78
N GLY A 114 -8.26 -4.90 -13.59
CA GLY A 114 -8.14 -6.12 -12.84
C GLY A 114 -8.31 -5.87 -11.36
N THR A 115 -7.23 -5.51 -10.70
CA THR A 115 -7.21 -5.28 -9.27
C THR A 115 -6.06 -4.30 -8.97
N VAL A 116 -5.90 -3.89 -7.72
CA VAL A 116 -4.88 -2.90 -7.41
C VAL A 116 -3.65 -3.57 -6.85
N GLU A 117 -2.62 -3.60 -7.67
CA GLU A 117 -1.34 -4.11 -7.28
C GLU A 117 -0.39 -2.93 -7.13
N LEU A 118 0.01 -2.65 -5.92
CA LEU A 118 0.79 -1.46 -5.67
C LEU A 118 1.77 -1.67 -4.52
N THR A 119 2.84 -0.89 -4.54
CA THR A 119 3.85 -0.97 -3.52
C THR A 119 3.64 0.11 -2.46
N LEU A 120 3.42 -0.31 -1.23
CA LEU A 120 3.31 0.62 -0.13
C LEU A 120 4.29 0.28 0.96
N PRO A 121 5.10 1.25 1.40
CA PRO A 121 6.02 1.06 2.49
C PRO A 121 5.28 0.97 3.82
N ILE A 122 5.42 -0.16 4.48
CA ILE A 122 4.84 -0.32 5.81
C ILE A 122 5.89 0.12 6.82
N ASP A 123 5.71 1.31 7.37
CA ASP A 123 6.74 1.86 8.20
C ASP A 123 6.43 1.71 9.69
N PHE A 124 7.35 1.08 10.38
CA PHE A 124 7.40 1.06 11.81
C PHE A 124 8.65 1.80 12.23
N SER A 125 8.64 2.43 13.39
CA SER A 125 9.79 3.20 13.84
C SER A 125 11.00 2.29 14.04
N LEU A 126 11.93 2.30 13.07
CA LEU A 126 13.07 1.41 13.08
C LEU A 126 14.24 2.03 13.83
N ARG A 127 14.44 1.58 15.07
CA ARG A 127 15.53 2.06 15.90
C ARG A 127 16.71 1.08 15.85
N GLY A 128 16.44 -0.16 16.24
CA GLY A 128 17.48 -1.18 16.25
C GLY A 128 17.04 -2.45 15.58
N ALA A 129 17.68 -3.56 15.94
CA ALA A 129 17.38 -4.88 15.38
C ALA A 129 17.81 -5.00 13.92
N GLY A 130 17.31 -4.10 13.08
CA GLY A 130 17.67 -4.10 11.68
C GLY A 130 19.13 -3.76 11.47
N PHE A 131 19.66 -2.93 12.35
CA PHE A 131 21.06 -2.57 12.34
C PHE A 131 21.86 -3.56 13.18
N LYS A 1 18.32 2.48 -37.50
CA LYS A 1 16.91 2.41 -37.97
C LYS A 1 16.76 3.04 -39.35
N VAL A 2 17.55 2.57 -40.31
CA VAL A 2 17.48 3.14 -41.65
C VAL A 2 16.44 2.39 -42.50
N GLN A 3 16.78 1.16 -42.92
CA GLN A 3 15.91 0.32 -43.76
C GLN A 3 16.75 -0.75 -44.46
N GLU A 4 17.45 -1.56 -43.68
CA GLU A 4 18.31 -2.59 -44.23
C GLU A 4 18.71 -3.60 -43.16
N GLN A 5 18.27 -4.84 -43.33
CA GLN A 5 18.59 -5.89 -42.37
C GLN A 5 19.16 -7.11 -43.06
N SER A 6 19.34 -7.02 -44.37
CA SER A 6 19.92 -8.11 -45.14
C SER A 6 21.42 -8.18 -44.90
N VAL A 7 22.03 -7.00 -44.72
CA VAL A 7 23.45 -6.92 -44.43
C VAL A 7 23.66 -6.44 -43.00
N GLY A 8 22.55 -6.32 -42.26
CA GLY A 8 22.61 -5.86 -40.89
C GLY A 8 22.59 -7.02 -39.91
N ALA A 9 22.36 -6.71 -38.65
CA ALA A 9 22.34 -7.74 -37.61
C ALA A 9 21.06 -7.65 -36.79
N PRO A 10 20.18 -8.66 -36.91
CA PRO A 10 18.92 -8.70 -36.15
C PRO A 10 19.17 -8.79 -34.65
N PRO A 11 18.38 -8.04 -33.86
CA PRO A 11 18.51 -8.00 -32.40
C PRO A 11 18.28 -9.37 -31.77
N PRO A 12 19.28 -9.91 -31.06
CA PRO A 12 19.20 -11.22 -30.44
C PRO A 12 18.42 -11.21 -29.13
N GLY A 13 17.18 -10.75 -29.17
CA GLY A 13 16.36 -10.71 -28.00
C GLY A 13 15.01 -10.06 -28.25
N ARG A 14 14.06 -10.30 -27.37
CA ARG A 14 12.72 -9.75 -27.50
C ARG A 14 12.18 -9.37 -26.13
N ALA A 15 11.54 -8.21 -26.03
CA ALA A 15 10.97 -7.77 -24.78
C ALA A 15 9.45 -7.90 -24.81
N ASP A 16 8.98 -8.83 -25.64
CA ASP A 16 7.56 -9.01 -25.85
C ASP A 16 7.15 -10.45 -25.56
N LYS A 17 7.07 -10.79 -24.28
CA LYS A 17 6.56 -12.08 -23.87
C LYS A 17 5.16 -11.92 -23.29
N THR A 18 5.08 -11.46 -22.06
CA THR A 18 3.82 -11.14 -21.43
C THR A 18 3.37 -9.74 -21.80
N ALA A 19 3.25 -9.49 -23.10
CA ALA A 19 2.91 -8.18 -23.60
C ALA A 19 1.94 -8.27 -24.77
N ALA A 20 0.70 -8.64 -24.48
CA ALA A 20 -0.30 -8.83 -25.53
C ALA A 20 -1.39 -7.74 -25.51
N PRO A 21 -2.25 -7.68 -24.46
CA PRO A 21 -3.38 -6.76 -24.42
C PRO A 21 -3.01 -5.35 -23.96
N GLN A 22 -2.95 -5.16 -22.64
CA GLN A 22 -2.72 -3.82 -22.09
C GLN A 22 -1.27 -3.64 -21.64
N THR A 23 -0.37 -4.42 -22.22
CA THR A 23 1.05 -4.27 -21.92
C THR A 23 1.73 -3.41 -22.98
N ARG A 24 0.91 -2.64 -23.69
CA ARG A 24 1.40 -1.62 -24.61
C ARG A 24 1.18 -0.27 -23.96
N LEU A 25 -0.06 -0.06 -23.52
CA LEU A 25 -0.43 1.12 -22.75
C LEU A 25 -1.37 0.73 -21.63
N THR A 26 -0.79 0.26 -20.54
CA THR A 26 -1.54 -0.12 -19.36
C THR A 26 -2.14 1.12 -18.70
N PRO A 27 -3.43 1.06 -18.32
CA PRO A 27 -4.12 2.17 -17.65
C PRO A 27 -3.42 2.57 -16.35
N TYR A 28 -2.76 3.72 -16.38
CA TYR A 28 -1.99 4.20 -15.24
C TYR A 28 -2.91 4.84 -14.21
N ALA A 29 -3.58 4.00 -13.42
CA ALA A 29 -4.48 4.47 -12.37
C ALA A 29 -3.73 5.31 -11.34
N GLN A 30 -4.36 6.37 -10.86
CA GLN A 30 -3.74 7.26 -9.91
C GLN A 30 -4.70 7.62 -8.78
N ALA A 31 -4.19 7.63 -7.56
CA ALA A 31 -4.98 8.02 -6.39
C ALA A 31 -4.11 8.86 -5.46
N GLY A 32 -4.49 10.12 -5.28
CA GLY A 32 -3.69 11.03 -4.51
C GLY A 32 -4.33 11.45 -3.20
N GLU A 33 -4.24 10.59 -2.21
CA GLU A 33 -4.66 10.93 -0.86
C GLU A 33 -3.53 10.60 0.12
N ASP A 34 -3.45 11.37 1.18
CA ASP A 34 -2.38 11.19 2.17
C ASP A 34 -2.89 10.45 3.40
N ASN A 35 -4.18 10.56 3.67
CA ASN A 35 -4.75 9.98 4.87
C ASN A 35 -5.26 8.56 4.63
N TRP A 36 -5.15 8.09 3.39
CA TRP A 36 -5.66 6.76 3.03
C TRP A 36 -4.98 5.66 3.85
N ARG A 37 -3.71 5.88 4.18
CA ARG A 37 -2.92 4.89 4.91
C ARG A 37 -3.42 4.73 6.34
N SER A 38 -3.81 5.83 6.94
CA SER A 38 -4.31 5.80 8.30
C SER A 38 -5.69 5.16 8.34
N ARG A 39 -6.45 5.30 7.25
CA ARG A 39 -7.69 4.61 7.11
C ARG A 39 -7.42 3.11 6.95
N ILE A 40 -6.39 2.79 6.17
CA ILE A 40 -5.95 1.41 5.98
C ILE A 40 -5.56 0.81 7.32
N SER A 41 -4.79 1.57 8.09
CA SER A 41 -4.39 1.15 9.44
C SER A 41 -5.62 0.85 10.30
N GLY A 42 -6.74 1.53 10.02
CA GLY A 42 -7.97 1.27 10.73
C GLY A 42 -8.55 -0.08 10.35
N ARG A 43 -8.52 -0.39 9.06
CA ARG A 43 -9.00 -1.66 8.56
C ARG A 43 -8.07 -2.79 8.99
N LEU A 44 -6.78 -2.47 9.06
CA LEU A 44 -5.76 -3.42 9.48
C LEU A 44 -6.03 -3.89 10.91
N ASN A 45 -6.58 -2.98 11.69
CA ASN A 45 -6.91 -3.24 13.10
C ASN A 45 -8.09 -4.19 13.18
N ARG A 46 -9.02 -3.99 12.26
CA ARG A 46 -10.16 -4.86 12.11
C ARG A 46 -9.74 -6.32 11.95
N PHE A 47 -8.53 -6.54 11.41
CA PHE A 47 -8.03 -7.88 11.31
C PHE A 47 -7.04 -8.19 12.43
N LYS A 48 -5.94 -7.45 12.47
CA LYS A 48 -4.86 -7.67 13.45
C LYS A 48 -3.97 -6.44 13.48
N ARG A 49 -4.10 -5.59 14.48
CA ARG A 49 -3.19 -4.47 14.58
C ARG A 49 -2.39 -4.55 15.86
N TYR A 50 -1.14 -4.95 15.70
CA TYR A 50 -0.18 -4.94 16.79
C TYR A 50 0.29 -3.51 16.99
N PRO A 51 -0.06 -2.90 18.14
CA PRO A 51 0.25 -1.49 18.41
C PRO A 51 1.75 -1.21 18.32
N LYS A 52 2.09 -0.14 17.59
CA LYS A 52 3.49 0.19 17.30
C LYS A 52 4.29 0.41 18.58
N ASP A 53 3.59 0.73 19.66
CA ASP A 53 4.24 0.90 20.95
C ASP A 53 5.03 -0.35 21.34
N ALA A 54 4.47 -1.52 21.03
CA ALA A 54 5.14 -2.78 21.31
C ALA A 54 6.27 -3.01 20.32
N LEU A 55 6.04 -2.60 19.08
CA LEU A 55 7.03 -2.73 18.02
C LEU A 55 8.24 -1.84 18.28
N ARG A 56 8.00 -0.66 18.85
CA ARG A 56 9.06 0.30 19.14
C ARG A 56 10.18 -0.33 19.99
N LEU A 57 9.80 -1.16 20.94
CA LEU A 57 10.76 -1.78 21.82
C LEU A 57 11.17 -3.16 21.32
N LYS A 58 10.31 -3.77 20.52
CA LYS A 58 10.56 -5.14 20.07
C LYS A 58 10.82 -5.20 18.56
N ARG A 59 9.76 -5.20 17.76
CA ARG A 59 9.91 -5.39 16.32
C ARG A 59 9.78 -4.08 15.57
N GLN A 60 10.86 -3.34 15.52
CA GLN A 60 10.90 -2.14 14.73
C GLN A 60 11.73 -2.38 13.48
N GLY A 61 11.31 -1.78 12.39
CA GLY A 61 11.88 -2.08 11.09
C GLY A 61 10.97 -1.61 9.97
N VAL A 62 11.55 -0.93 8.99
CA VAL A 62 10.76 -0.39 7.90
C VAL A 62 10.95 -1.23 6.64
N GLY A 63 9.83 -1.68 6.09
CA GLY A 63 9.85 -2.38 4.83
C GLY A 63 8.78 -1.86 3.91
N GLN A 64 8.89 -2.19 2.63
CA GLN A 64 7.86 -1.80 1.67
C GLN A 64 7.20 -3.05 1.14
N VAL A 65 5.88 -3.10 1.21
CA VAL A 65 5.14 -4.28 0.83
C VAL A 65 4.20 -3.97 -0.35
N ARG A 66 4.13 -4.91 -1.27
CA ARG A 66 3.28 -4.78 -2.44
C ARG A 66 2.17 -5.81 -2.36
N PHE A 67 0.96 -5.42 -2.71
CA PHE A 67 -0.17 -6.32 -2.61
C PHE A 67 -1.28 -5.94 -3.57
N THR A 68 -2.00 -6.96 -4.02
CA THR A 68 -3.22 -6.77 -4.77
C THR A 68 -4.38 -6.81 -3.79
N LEU A 69 -5.25 -5.82 -3.86
CA LEU A 69 -6.27 -5.65 -2.85
C LEU A 69 -7.67 -5.70 -3.44
N ASP A 70 -8.55 -6.40 -2.75
CA ASP A 70 -9.96 -6.46 -3.14
C ASP A 70 -10.69 -5.26 -2.58
N ARG A 71 -11.86 -4.95 -3.14
CA ARG A 71 -12.63 -3.78 -2.71
C ARG A 71 -12.88 -3.78 -1.20
N GLN A 72 -13.10 -4.97 -0.64
CA GLN A 72 -13.42 -5.10 0.79
C GLN A 72 -12.16 -5.18 1.63
N GLY A 73 -11.02 -4.89 1.02
CA GLY A 73 -9.76 -4.98 1.72
C GLY A 73 -9.31 -6.41 1.89
N HIS A 74 -9.62 -7.23 0.90
CA HIS A 74 -9.20 -8.61 0.92
C HIS A 74 -7.87 -8.75 0.18
N VAL A 75 -6.81 -8.93 0.95
CA VAL A 75 -5.49 -9.23 0.40
C VAL A 75 -5.56 -10.36 -0.63
N LEU A 76 -5.10 -10.07 -1.84
CA LEU A 76 -5.13 -11.03 -2.93
C LEU A 76 -3.72 -11.53 -3.23
N ALA A 77 -2.77 -10.61 -3.25
CA ALA A 77 -1.37 -10.94 -3.50
C ALA A 77 -0.48 -10.25 -2.48
N VAL A 78 0.69 -10.82 -2.21
CA VAL A 78 1.63 -10.23 -1.26
C VAL A 78 3.06 -10.38 -1.77
N THR A 79 3.79 -9.28 -1.77
CA THR A 79 5.19 -9.29 -2.14
C THR A 79 5.96 -8.26 -1.32
N LEU A 80 6.95 -8.69 -0.55
CA LEU A 80 7.80 -7.73 0.13
C LEU A 80 8.71 -7.08 -0.90
N VAL A 81 8.45 -5.82 -1.19
CA VAL A 81 9.14 -5.13 -2.27
C VAL A 81 10.51 -4.65 -1.82
N SER A 82 10.57 -4.12 -0.61
CA SER A 82 11.80 -3.56 -0.09
C SER A 82 11.96 -3.90 1.37
N SER A 83 13.20 -4.08 1.80
CA SER A 83 13.49 -4.41 3.19
C SER A 83 14.77 -3.70 3.62
N ALA A 84 14.72 -3.05 4.78
CA ALA A 84 15.88 -2.35 5.32
C ALA A 84 16.70 -3.29 6.19
N GLY A 85 16.49 -4.59 6.05
CA GLY A 85 17.22 -5.54 6.83
C GLY A 85 16.47 -5.96 8.07
N LEU A 86 15.34 -6.63 7.89
CA LEU A 86 14.54 -7.05 9.04
C LEU A 86 14.58 -8.58 9.16
N PRO A 87 15.56 -9.12 9.91
CA PRO A 87 15.70 -10.57 10.07
C PRO A 87 14.64 -11.14 11.00
N SER A 88 14.79 -10.90 12.30
CA SER A 88 13.84 -11.35 13.29
C SER A 88 12.57 -10.49 13.24
N LEU A 89 12.71 -9.32 12.65
CA LEU A 89 11.66 -8.32 12.65
C LEU A 89 10.55 -8.65 11.65
N ASP A 90 10.94 -9.11 10.47
CA ASP A 90 10.02 -9.29 9.34
C ASP A 90 8.83 -10.18 9.70
N ARG A 91 9.11 -11.33 10.27
CA ARG A 91 8.08 -12.33 10.56
C ARG A 91 6.91 -11.76 11.36
N GLU A 92 7.21 -10.97 12.38
CA GLU A 92 6.19 -10.40 13.23
C GLU A 92 5.50 -9.21 12.56
N ILE A 93 6.31 -8.25 12.10
CA ILE A 93 5.76 -7.03 11.51
C ILE A 93 4.92 -7.33 10.28
N GLN A 94 5.30 -8.32 9.49
CA GLN A 94 4.51 -8.69 8.34
C GLN A 94 3.37 -9.60 8.75
N ALA A 95 3.48 -10.27 9.86
CA ALA A 95 2.43 -11.18 10.29
C ALA A 95 1.08 -10.45 10.32
N LEU A 96 1.04 -9.33 11.04
CA LEU A 96 -0.19 -8.56 11.09
C LEU A 96 -0.41 -7.77 9.80
N VAL A 97 0.63 -7.09 9.31
CA VAL A 97 0.55 -6.30 8.08
C VAL A 97 0.22 -7.14 6.83
N LYS A 98 0.95 -8.23 6.64
CA LYS A 98 0.89 -9.00 5.40
C LYS A 98 -0.44 -9.72 5.25
N ARG A 99 -0.99 -10.20 6.36
CA ARG A 99 -2.26 -10.90 6.27
C ARG A 99 -3.42 -9.91 6.22
N ALA A 100 -3.29 -8.80 6.91
CA ALA A 100 -4.35 -7.79 6.92
C ALA A 100 -4.02 -6.64 5.99
N SER A 101 -4.01 -6.91 4.69
CA SER A 101 -3.83 -5.87 3.71
C SER A 101 -5.19 -5.42 3.17
N PRO A 102 -5.71 -4.32 3.72
CA PRO A 102 -7.05 -3.82 3.43
C PRO A 102 -7.07 -2.54 2.59
N LEU A 103 -8.27 -2.14 2.21
CA LEU A 103 -8.51 -0.85 1.56
C LEU A 103 -9.80 -0.25 2.08
N PRO A 104 -9.72 0.96 2.65
CA PRO A 104 -10.89 1.71 3.07
C PRO A 104 -11.55 2.44 1.92
N THR A 105 -10.71 3.00 1.06
CA THR A 105 -11.16 3.69 -0.13
C THR A 105 -11.14 2.73 -1.31
N PRO A 106 -12.32 2.22 -1.72
CA PRO A 106 -12.43 1.25 -2.81
C PRO A 106 -12.07 1.86 -4.17
N PRO A 107 -10.89 1.51 -4.70
CA PRO A 107 -10.40 2.06 -5.96
C PRO A 107 -10.98 1.34 -7.16
N ALA A 108 -12.30 1.33 -7.26
CA ALA A 108 -12.99 0.70 -8.38
C ALA A 108 -12.48 1.29 -9.68
N ASP A 109 -12.40 2.61 -9.71
CA ASP A 109 -11.94 3.34 -10.89
C ASP A 109 -10.49 2.97 -11.24
N ALA A 110 -9.76 2.48 -10.26
CA ALA A 110 -8.35 2.18 -10.44
C ALA A 110 -8.14 0.77 -10.99
N TYR A 111 -8.97 -0.19 -10.57
CA TYR A 111 -8.73 -1.57 -10.96
C TYR A 111 -9.68 -2.07 -12.02
N VAL A 112 -10.36 -1.15 -12.67
CA VAL A 112 -11.12 -1.50 -13.85
C VAL A 112 -10.12 -1.78 -14.98
N ASN A 113 -9.74 -3.05 -15.04
CA ASN A 113 -8.63 -3.54 -15.85
C ASN A 113 -8.21 -4.89 -15.27
N GLY A 114 -8.53 -5.07 -13.99
CA GLY A 114 -8.17 -6.28 -13.28
C GLY A 114 -8.25 -6.09 -11.77
N THR A 115 -7.20 -5.57 -11.18
CA THR A 115 -7.11 -5.37 -9.74
C THR A 115 -6.05 -4.33 -9.41
N VAL A 116 -5.95 -3.94 -8.14
CA VAL A 116 -4.94 -2.96 -7.73
C VAL A 116 -3.80 -3.65 -6.99
N GLU A 117 -2.65 -3.69 -7.63
CA GLU A 117 -1.45 -4.12 -6.96
C GLU A 117 -0.58 -2.89 -6.75
N LEU A 118 -0.43 -2.48 -5.50
CA LEU A 118 0.28 -1.25 -5.21
C LEU A 118 1.24 -1.46 -4.04
N THR A 119 2.27 -0.64 -3.98
CA THR A 119 3.29 -0.76 -2.96
C THR A 119 3.08 0.26 -1.85
N LEU A 120 3.08 -0.22 -0.61
CA LEU A 120 2.93 0.66 0.54
C LEU A 120 4.03 0.41 1.56
N PRO A 121 4.69 1.47 2.01
CA PRO A 121 5.72 1.39 3.04
C PRO A 121 5.13 1.19 4.42
N ILE A 122 5.52 0.10 5.07
CA ILE A 122 5.07 -0.18 6.41
C ILE A 122 6.14 0.26 7.39
N ASP A 123 5.96 1.43 7.99
CA ASP A 123 7.02 1.97 8.82
C ASP A 123 6.87 1.50 10.26
N PHE A 124 7.88 0.80 10.72
CA PHE A 124 8.11 0.58 12.13
C PHE A 124 9.43 1.25 12.48
N SER A 125 9.41 2.21 13.40
CA SER A 125 10.56 3.07 13.64
C SER A 125 11.81 2.27 14.03
N LEU A 126 12.73 2.10 13.08
CA LEU A 126 13.97 1.36 13.33
C LEU A 126 14.91 2.20 14.18
N ARG A 127 15.17 1.72 15.39
CA ARG A 127 15.98 2.46 16.34
C ARG A 127 17.04 1.58 17.00
N GLY A 128 17.42 0.51 16.32
CA GLY A 128 18.44 -0.37 16.84
C GLY A 128 18.22 -1.82 16.49
N ALA A 129 18.20 -2.12 15.20
CA ALA A 129 18.04 -3.49 14.72
C ALA A 129 18.33 -3.56 13.24
N GLY A 130 18.53 -4.77 12.74
CA GLY A 130 18.77 -4.94 11.32
C GLY A 130 20.23 -4.86 10.96
N PHE A 131 21.05 -4.51 11.94
CA PHE A 131 22.48 -4.39 11.74
C PHE A 131 23.11 -5.79 11.72
N LYS A 1 -39.75 20.10 22.24
CA LYS A 1 -39.82 20.69 20.88
C LYS A 1 -41.28 20.79 20.43
N VAL A 2 -41.63 21.93 19.85
CA VAL A 2 -43.01 22.17 19.40
C VAL A 2 -43.02 22.59 17.94
N GLN A 3 -42.03 22.12 17.20
CA GLN A 3 -41.89 22.47 15.79
C GLN A 3 -41.65 21.20 14.98
N GLU A 4 -42.52 20.22 15.21
CA GLU A 4 -42.33 18.88 14.68
C GLU A 4 -42.95 18.73 13.30
N GLN A 5 -42.26 19.23 12.29
CA GLN A 5 -42.71 19.09 10.92
C GLN A 5 -42.12 17.84 10.29
N SER A 6 -40.79 17.80 10.22
CA SER A 6 -40.09 16.69 9.60
C SER A 6 -39.70 15.66 10.65
N VAL A 7 -40.23 14.45 10.51
CA VAL A 7 -39.93 13.37 11.44
C VAL A 7 -39.12 12.28 10.74
N GLY A 8 -39.68 11.74 9.67
CA GLY A 8 -39.07 10.62 8.99
C GLY A 8 -38.11 11.02 7.90
N ALA A 9 -37.57 12.21 8.00
CA ALA A 9 -36.55 12.65 7.07
C ALA A 9 -35.22 12.84 7.79
N PRO A 10 -34.24 11.99 7.49
CA PRO A 10 -32.91 12.06 8.08
C PRO A 10 -32.18 13.33 7.67
N PRO A 11 -31.78 14.16 8.65
CA PRO A 11 -31.03 15.39 8.40
C PRO A 11 -29.62 15.09 7.88
N PRO A 12 -29.28 15.62 6.69
CA PRO A 12 -27.97 15.40 6.08
C PRO A 12 -26.84 15.97 6.94
N GLY A 13 -26.03 15.09 7.50
CA GLY A 13 -24.91 15.51 8.32
C GLY A 13 -23.64 15.63 7.51
N ARG A 14 -23.29 14.55 6.82
CA ARG A 14 -22.09 14.52 6.01
C ARG A 14 -22.38 14.07 4.59
N ALA A 15 -22.27 14.99 3.65
CA ALA A 15 -22.28 14.64 2.24
C ALA A 15 -20.88 14.25 1.82
N ASP A 16 -19.96 15.18 2.08
CA ASP A 16 -18.52 14.96 1.97
C ASP A 16 -18.12 14.25 0.67
N LYS A 17 -18.19 14.99 -0.44
CA LYS A 17 -17.80 14.44 -1.72
C LYS A 17 -16.99 15.46 -2.51
N THR A 18 -15.94 14.98 -3.16
CA THR A 18 -15.08 15.83 -3.98
C THR A 18 -15.62 15.91 -5.41
N ALA A 19 -16.47 14.95 -5.76
CA ALA A 19 -17.05 14.90 -7.10
C ALA A 19 -18.25 15.81 -7.21
N ALA A 20 -18.03 17.10 -7.02
CA ALA A 20 -19.11 18.08 -7.09
C ALA A 20 -18.88 19.11 -8.20
N PRO A 21 -17.76 19.88 -8.16
CA PRO A 21 -17.52 20.95 -9.14
C PRO A 21 -17.08 20.41 -10.50
N GLN A 22 -15.78 20.20 -10.68
CA GLN A 22 -15.27 19.77 -11.97
C GLN A 22 -14.75 18.34 -11.91
N THR A 23 -14.31 17.91 -10.74
CA THR A 23 -13.80 16.56 -10.56
C THR A 23 -14.92 15.54 -10.46
N ARG A 24 -15.91 15.66 -11.34
CA ARG A 24 -17.02 14.73 -11.39
C ARG A 24 -16.82 13.72 -12.51
N LEU A 25 -15.94 14.07 -13.46
CA LEU A 25 -15.70 13.22 -14.62
C LEU A 25 -14.25 12.75 -14.63
N THR A 26 -13.58 12.98 -13.52
CA THR A 26 -12.16 12.69 -13.43
C THR A 26 -11.90 11.26 -12.96
N PRO A 27 -11.18 10.47 -13.76
CA PRO A 27 -10.73 9.15 -13.36
C PRO A 27 -9.66 9.26 -12.28
N TYR A 28 -10.04 9.00 -11.04
CA TYR A 28 -9.13 9.21 -9.93
C TYR A 28 -8.31 7.96 -9.65
N ALA A 29 -7.81 7.36 -10.72
CA ALA A 29 -6.85 6.28 -10.60
C ALA A 29 -5.44 6.84 -10.59
N GLN A 30 -5.36 8.12 -10.89
CA GLN A 30 -4.10 8.86 -10.90
C GLN A 30 -3.73 9.32 -9.48
N ALA A 31 -3.56 8.36 -8.59
CA ALA A 31 -3.23 8.65 -7.21
C ALA A 31 -1.76 9.03 -7.08
N GLY A 32 -1.51 10.13 -6.39
CA GLY A 32 -0.14 10.59 -6.18
C GLY A 32 -0.05 11.59 -5.05
N GLU A 33 -1.05 11.56 -4.18
CA GLU A 33 -1.16 12.51 -3.08
C GLU A 33 -1.07 11.77 -1.75
N ASP A 34 -1.72 10.62 -1.72
CA ASP A 34 -1.74 9.74 -0.55
C ASP A 34 -2.48 10.36 0.64
N ASN A 35 -3.25 9.50 1.30
CA ASN A 35 -4.11 9.89 2.42
C ASN A 35 -4.85 8.65 2.88
N TRP A 36 -5.05 7.75 1.93
CA TRP A 36 -5.77 6.52 2.16
C TRP A 36 -4.95 5.50 2.95
N ARG A 37 -3.68 5.79 3.18
CA ARG A 37 -2.84 4.90 4.00
C ARG A 37 -3.38 4.85 5.42
N SER A 38 -3.80 6.01 5.91
CA SER A 38 -4.31 6.13 7.26
C SER A 38 -5.63 5.37 7.38
N ARG A 39 -6.36 5.32 6.28
CA ARG A 39 -7.59 4.56 6.22
C ARG A 39 -7.27 3.08 6.24
N ILE A 40 -6.26 2.69 5.46
CA ILE A 40 -5.80 1.31 5.43
C ILE A 40 -5.33 0.88 6.82
N SER A 41 -4.50 1.71 7.44
CA SER A 41 -4.01 1.45 8.79
C SER A 41 -5.18 1.27 9.77
N GLY A 42 -6.29 1.96 9.49
CA GLY A 42 -7.48 1.80 10.30
C GLY A 42 -8.10 0.42 10.14
N ARG A 43 -8.20 -0.04 8.90
CA ARG A 43 -8.73 -1.36 8.61
C ARG A 43 -7.75 -2.43 9.08
N LEU A 44 -6.47 -2.13 8.98
CA LEU A 44 -5.42 -3.02 9.47
C LEU A 44 -5.61 -3.23 10.97
N ASN A 45 -6.12 -2.19 11.61
CA ASN A 45 -6.38 -2.18 13.04
C ASN A 45 -7.55 -3.08 13.37
N ARG A 46 -8.58 -2.99 12.53
CA ARG A 46 -9.76 -3.81 12.66
C ARG A 46 -9.42 -5.30 12.53
N PHE A 47 -8.26 -5.60 11.97
CA PHE A 47 -7.83 -6.98 11.89
C PHE A 47 -6.81 -7.29 12.98
N LYS A 48 -5.70 -6.56 12.98
CA LYS A 48 -4.63 -6.75 13.96
C LYS A 48 -3.73 -5.52 13.98
N ARG A 49 -3.88 -4.68 15.00
CA ARG A 49 -3.01 -3.54 15.15
C ARG A 49 -2.54 -3.44 16.59
N TYR A 50 -1.31 -3.86 16.82
CA TYR A 50 -0.71 -3.82 18.15
C TYR A 50 -0.04 -2.48 18.36
N PRO A 51 -0.18 -1.88 19.55
CA PRO A 51 0.42 -0.57 19.87
C PRO A 51 1.92 -0.55 19.58
N LYS A 52 2.36 0.49 18.87
CA LYS A 52 3.74 0.58 18.40
C LYS A 52 4.72 0.58 19.56
N ASP A 53 4.26 1.01 20.73
CA ASP A 53 5.07 0.99 21.94
C ASP A 53 5.61 -0.40 22.21
N ALA A 54 4.77 -1.41 22.00
CA ALA A 54 5.17 -2.79 22.19
C ALA A 54 6.15 -3.22 21.12
N LEU A 55 5.93 -2.77 19.90
CA LEU A 55 6.80 -3.10 18.78
C LEU A 55 8.18 -2.48 18.96
N ARG A 56 8.22 -1.27 19.49
CA ARG A 56 9.47 -0.59 19.77
C ARG A 56 10.24 -1.30 20.88
N LEU A 57 9.58 -2.20 21.58
CA LEU A 57 10.21 -2.99 22.63
C LEU A 57 10.32 -4.46 22.21
N LYS A 58 9.89 -4.76 20.99
CA LYS A 58 9.82 -6.14 20.54
C LYS A 58 10.30 -6.29 19.10
N ARG A 59 9.49 -5.86 18.15
CA ARG A 59 9.80 -6.02 16.74
C ARG A 59 9.72 -4.69 16.02
N GLN A 60 10.87 -4.14 15.69
CA GLN A 60 10.95 -2.89 14.97
C GLN A 60 11.62 -3.11 13.63
N GLY A 61 11.38 -2.21 12.70
CA GLY A 61 11.93 -2.39 11.38
C GLY A 61 11.13 -1.73 10.29
N VAL A 62 11.82 -1.22 9.30
CA VAL A 62 11.17 -0.64 8.15
C VAL A 62 11.24 -1.59 6.97
N GLY A 63 10.09 -1.94 6.44
CA GLY A 63 10.03 -2.75 5.26
C GLY A 63 8.97 -2.24 4.32
N GLN A 64 9.15 -2.45 3.04
CA GLN A 64 8.17 -1.97 2.09
C GLN A 64 7.38 -3.17 1.59
N VAL A 65 6.07 -3.04 1.50
CA VAL A 65 5.25 -4.16 1.09
C VAL A 65 4.35 -3.76 -0.09
N ARG A 66 4.32 -4.58 -1.11
CA ARG A 66 3.43 -4.35 -2.23
C ARG A 66 2.42 -5.49 -2.29
N PHE A 67 1.17 -5.16 -2.59
CA PHE A 67 0.12 -6.15 -2.58
C PHE A 67 -1.05 -5.74 -3.46
N THR A 68 -1.77 -6.74 -3.93
CA THR A 68 -2.99 -6.53 -4.68
C THR A 68 -4.17 -6.68 -3.74
N LEU A 69 -5.07 -5.72 -3.75
CA LEU A 69 -6.15 -5.67 -2.80
C LEU A 69 -7.51 -5.77 -3.48
N ASP A 70 -8.36 -6.62 -2.93
CA ASP A 70 -9.71 -6.81 -3.44
C ASP A 70 -10.60 -5.65 -3.00
N ARG A 71 -11.67 -5.39 -3.75
CA ARG A 71 -12.64 -4.38 -3.36
C ARG A 71 -13.18 -4.67 -1.95
N GLN A 72 -13.29 -5.94 -1.62
CA GLN A 72 -13.78 -6.36 -0.31
C GLN A 72 -12.71 -6.18 0.76
N GLY A 73 -11.59 -5.59 0.38
CA GLY A 73 -10.51 -5.34 1.32
C GLY A 73 -9.79 -6.61 1.72
N HIS A 74 -9.65 -7.51 0.77
CA HIS A 74 -9.01 -8.78 1.02
C HIS A 74 -7.69 -8.86 0.25
N VAL A 75 -6.61 -9.08 0.98
CA VAL A 75 -5.30 -9.33 0.40
C VAL A 75 -5.37 -10.41 -0.69
N LEU A 76 -4.84 -10.10 -1.85
CA LEU A 76 -4.85 -11.02 -2.98
C LEU A 76 -3.43 -11.46 -3.32
N ALA A 77 -2.52 -10.50 -3.34
CA ALA A 77 -1.13 -10.75 -3.63
C ALA A 77 -0.27 -10.08 -2.58
N VAL A 78 0.93 -10.60 -2.35
CA VAL A 78 1.84 -10.01 -1.37
C VAL A 78 3.28 -10.20 -1.81
N THR A 79 4.03 -9.11 -1.85
CA THR A 79 5.45 -9.17 -2.14
C THR A 79 6.18 -8.10 -1.33
N LEU A 80 7.20 -8.51 -0.60
CA LEU A 80 7.98 -7.56 0.18
C LEU A 80 8.90 -6.77 -0.72
N VAL A 81 8.58 -5.50 -0.91
CA VAL A 81 9.40 -4.62 -1.73
C VAL A 81 10.67 -4.26 -0.95
N SER A 82 10.49 -4.14 0.36
CA SER A 82 11.58 -4.02 1.33
C SER A 82 12.20 -2.62 1.33
N SER A 83 13.07 -2.38 2.30
CA SER A 83 13.68 -1.08 2.50
C SER A 83 15.04 -1.22 3.19
N ALA A 84 15.06 -1.92 4.32
CA ALA A 84 16.30 -2.08 5.08
C ALA A 84 16.68 -3.55 5.25
N GLY A 85 16.05 -4.24 6.19
CA GLY A 85 16.40 -5.62 6.46
C GLY A 85 15.77 -6.13 7.74
N LEU A 86 14.74 -6.95 7.58
CA LEU A 86 14.06 -7.55 8.72
C LEU A 86 14.16 -9.07 8.63
N PRO A 87 15.03 -9.71 9.43
CA PRO A 87 15.15 -11.16 9.43
C PRO A 87 14.12 -11.82 10.34
N SER A 88 14.41 -11.85 11.63
CA SER A 88 13.49 -12.41 12.63
C SER A 88 12.29 -11.50 12.80
N LEU A 89 12.43 -10.26 12.38
CA LEU A 89 11.38 -9.26 12.51
C LEU A 89 10.28 -9.49 11.49
N ASP A 90 10.67 -10.00 10.33
CA ASP A 90 9.79 -10.12 9.17
C ASP A 90 8.51 -10.88 9.50
N ARG A 91 8.67 -12.04 10.12
CA ARG A 91 7.54 -12.91 10.41
C ARG A 91 6.44 -12.17 11.18
N GLU A 92 6.83 -11.42 12.20
CA GLU A 92 5.90 -10.76 13.08
C GLU A 92 5.33 -9.48 12.48
N ILE A 93 6.19 -8.56 12.06
CA ILE A 93 5.73 -7.28 11.52
C ILE A 93 4.88 -7.45 10.27
N GLN A 94 5.19 -8.46 9.44
CA GLN A 94 4.40 -8.71 8.28
C GLN A 94 3.16 -9.51 8.63
N ALA A 95 3.23 -10.33 9.65
CA ALA A 95 2.03 -11.03 10.11
C ALA A 95 0.93 -10.01 10.39
N LEU A 96 1.34 -8.90 10.99
CA LEU A 96 0.48 -7.80 11.29
C LEU A 96 -0.06 -7.15 10.01
N VAL A 97 0.84 -6.76 9.12
CA VAL A 97 0.48 -6.00 7.92
C VAL A 97 0.05 -6.91 6.76
N LYS A 98 0.85 -7.94 6.49
CA LYS A 98 0.65 -8.82 5.34
C LYS A 98 -0.66 -9.58 5.46
N ARG A 99 -1.05 -9.92 6.69
CA ARG A 99 -2.32 -10.60 6.92
C ARG A 99 -3.46 -9.61 6.80
N ALA A 100 -3.32 -8.48 7.47
CA ALA A 100 -4.35 -7.46 7.48
C ALA A 100 -4.09 -6.41 6.40
N SER A 101 -4.04 -6.85 5.14
CA SER A 101 -3.92 -5.92 4.02
C SER A 101 -5.31 -5.63 3.44
N PRO A 102 -5.88 -4.49 3.84
CA PRO A 102 -7.22 -4.07 3.46
C PRO A 102 -7.25 -3.00 2.39
N LEU A 103 -8.44 -2.63 1.95
CA LEU A 103 -8.63 -1.61 0.93
C LEU A 103 -9.87 -0.78 1.28
N PRO A 104 -9.68 0.32 2.03
CA PRO A 104 -10.80 1.12 2.53
C PRO A 104 -11.51 1.90 1.42
N THR A 105 -10.74 2.66 0.66
CA THR A 105 -11.28 3.40 -0.47
C THR A 105 -11.18 2.57 -1.74
N PRO A 106 -12.32 2.04 -2.22
CA PRO A 106 -12.35 1.16 -3.40
C PRO A 106 -12.00 1.90 -4.68
N PRO A 107 -10.79 1.67 -5.21
CA PRO A 107 -10.32 2.29 -6.43
C PRO A 107 -10.75 1.51 -7.66
N ALA A 108 -12.06 1.40 -7.84
CA ALA A 108 -12.62 0.66 -8.97
C ALA A 108 -12.12 1.24 -10.27
N ASP A 109 -12.07 2.56 -10.32
CA ASP A 109 -11.61 3.29 -11.49
C ASP A 109 -10.16 2.94 -11.83
N ALA A 110 -9.41 2.53 -10.82
CA ALA A 110 -7.98 2.27 -10.96
C ALA A 110 -7.70 0.85 -11.43
N TYR A 111 -8.56 -0.10 -11.08
CA TYR A 111 -8.26 -1.49 -11.36
C TYR A 111 -9.24 -2.12 -12.33
N VAL A 112 -9.97 -1.31 -13.04
CA VAL A 112 -10.80 -1.81 -14.12
C VAL A 112 -9.89 -2.24 -15.26
N ASN A 113 -9.47 -3.50 -15.17
CA ASN A 113 -8.40 -4.09 -15.98
C ASN A 113 -7.80 -5.27 -15.21
N GLY A 114 -8.11 -5.31 -13.92
CA GLY A 114 -7.58 -6.33 -13.04
C GLY A 114 -7.84 -6.03 -11.58
N THR A 115 -6.83 -5.51 -10.90
CA THR A 115 -6.90 -5.20 -9.47
C THR A 115 -5.79 -4.21 -9.12
N VAL A 116 -5.72 -3.75 -7.87
CA VAL A 116 -4.71 -2.77 -7.51
C VAL A 116 -3.56 -3.43 -6.78
N GLU A 117 -2.44 -3.50 -7.47
CA GLU A 117 -1.19 -3.89 -6.85
C GLU A 117 -0.42 -2.64 -6.54
N LEU A 118 -0.27 -2.33 -5.27
CA LEU A 118 0.33 -1.08 -4.89
C LEU A 118 1.35 -1.29 -3.78
N THR A 119 2.33 -0.41 -3.74
CA THR A 119 3.41 -0.51 -2.78
C THR A 119 3.23 0.48 -1.63
N LEU A 120 3.31 -0.05 -0.41
CA LEU A 120 3.22 0.76 0.79
C LEU A 120 4.33 0.38 1.75
N PRO A 121 5.14 1.34 2.19
CA PRO A 121 6.21 1.07 3.14
C PRO A 121 5.67 0.99 4.57
N ILE A 122 5.87 -0.15 5.20
CA ILE A 122 5.49 -0.33 6.58
C ILE A 122 6.72 -0.10 7.47
N ASP A 123 6.83 1.08 8.03
CA ASP A 123 8.01 1.38 8.81
C ASP A 123 7.70 1.41 10.29
N PHE A 124 8.46 0.60 11.01
CA PHE A 124 8.56 0.67 12.45
C PHE A 124 9.97 1.16 12.75
N SER A 125 10.14 2.00 13.75
CA SER A 125 11.43 2.64 13.98
C SER A 125 12.54 1.61 14.19
N LEU A 126 13.34 1.40 13.16
CA LEU A 126 14.38 0.38 13.16
C LEU A 126 15.66 0.92 13.79
N ARG A 127 15.61 1.16 15.09
CA ARG A 127 16.77 1.62 15.83
C ARG A 127 17.45 0.45 16.52
N GLY A 128 17.27 -0.74 15.96
CA GLY A 128 17.86 -1.93 16.51
C GLY A 128 17.19 -3.18 16.00
N ALA A 129 17.66 -4.34 16.43
CA ALA A 129 17.09 -5.65 16.10
C ALA A 129 17.39 -6.07 14.66
N GLY A 130 17.15 -5.18 13.70
CA GLY A 130 17.42 -5.48 12.31
C GLY A 130 18.91 -5.53 12.01
N PHE A 131 19.70 -4.83 12.81
CA PHE A 131 21.13 -4.82 12.67
C PHE A 131 21.78 -5.00 14.04
N LYS A 1 -39.55 13.99 -11.94
CA LYS A 1 -40.07 13.48 -13.22
C LYS A 1 -38.92 13.21 -14.19
N VAL A 2 -38.90 11.98 -14.72
CA VAL A 2 -37.92 11.56 -15.74
C VAL A 2 -36.52 11.38 -15.16
N GLN A 3 -36.05 12.38 -14.41
CA GLN A 3 -34.67 12.43 -13.92
C GLN A 3 -34.33 11.23 -13.02
N GLU A 4 -35.35 10.64 -12.39
CA GLU A 4 -35.14 9.51 -11.49
C GLU A 4 -34.61 8.31 -12.28
N GLN A 5 -35.09 8.18 -13.51
CA GLN A 5 -34.71 7.07 -14.35
C GLN A 5 -33.37 7.36 -15.02
N SER A 6 -33.03 8.64 -15.12
CA SER A 6 -31.77 9.06 -15.73
C SER A 6 -30.64 9.02 -14.69
N VAL A 7 -30.29 7.82 -14.27
CA VAL A 7 -29.24 7.63 -13.27
C VAL A 7 -27.87 7.97 -13.85
N GLY A 8 -27.56 7.38 -14.99
CA GLY A 8 -26.28 7.64 -15.62
C GLY A 8 -26.31 7.31 -17.10
N ALA A 9 -25.33 7.81 -17.84
CA ALA A 9 -25.27 7.57 -19.27
C ALA A 9 -23.87 7.14 -19.69
N PRO A 10 -23.71 5.85 -20.02
CA PRO A 10 -22.43 5.32 -20.50
C PRO A 10 -21.99 5.97 -21.80
N PRO A 11 -20.70 6.34 -21.88
CA PRO A 11 -20.14 6.99 -23.08
C PRO A 11 -20.00 6.02 -24.26
N PRO A 12 -20.68 6.32 -25.38
CA PRO A 12 -20.61 5.52 -26.60
C PRO A 12 -19.30 5.74 -27.35
N GLY A 13 -18.57 6.78 -26.96
CA GLY A 13 -17.28 7.05 -27.56
C GLY A 13 -16.17 6.31 -26.86
N ARG A 14 -15.23 5.78 -27.63
CA ARG A 14 -14.13 5.01 -27.06
C ARG A 14 -12.86 5.83 -27.01
N ALA A 15 -12.04 5.54 -26.00
CA ALA A 15 -10.77 6.23 -25.81
C ALA A 15 -9.87 5.38 -24.92
N ASP A 16 -8.95 4.67 -25.55
CA ASP A 16 -8.08 3.75 -24.82
C ASP A 16 -6.61 4.04 -25.10
N LYS A 17 -5.83 4.14 -24.05
CA LYS A 17 -4.40 4.40 -24.17
C LYS A 17 -3.61 3.47 -23.28
N THR A 18 -2.97 2.46 -23.92
CA THR A 18 -2.05 1.51 -23.27
C THR A 18 -2.72 0.63 -22.21
N ALA A 19 -3.98 0.89 -21.88
CA ALA A 19 -4.68 0.10 -20.88
C ALA A 19 -5.47 -1.02 -21.52
N ALA A 20 -4.90 -1.56 -22.57
CA ALA A 20 -5.51 -2.69 -23.27
C ALA A 20 -4.63 -3.93 -23.14
N PRO A 21 -3.32 -3.87 -23.50
CA PRO A 21 -2.41 -5.00 -23.30
C PRO A 21 -2.06 -5.17 -21.82
N GLN A 22 -2.26 -4.12 -21.04
CA GLN A 22 -2.00 -4.17 -19.61
C GLN A 22 -3.25 -3.87 -18.81
N THR A 23 -4.37 -4.43 -19.25
CA THR A 23 -5.60 -4.36 -18.50
C THR A 23 -5.79 -5.68 -17.74
N ARG A 24 -4.66 -6.30 -17.40
CA ARG A 24 -4.66 -7.54 -16.64
C ARG A 24 -4.47 -7.24 -15.16
N LEU A 25 -3.25 -6.88 -14.81
CA LEU A 25 -2.92 -6.48 -13.45
C LEU A 25 -1.93 -5.31 -13.49
N THR A 26 -2.37 -4.17 -14.00
CA THR A 26 -1.50 -3.01 -14.09
C THR A 26 -1.15 -2.46 -12.70
N PRO A 27 0.16 -2.31 -12.42
CA PRO A 27 0.63 -1.77 -11.14
C PRO A 27 0.65 -0.25 -11.12
N TYR A 28 -0.03 0.33 -12.09
CA TYR A 28 -0.15 1.79 -12.19
C TYR A 28 -1.51 2.24 -11.73
N ALA A 29 -2.08 1.50 -10.79
CA ALA A 29 -3.40 1.83 -10.24
C ALA A 29 -3.26 2.78 -9.06
N GLN A 30 -2.13 3.47 -8.98
CA GLN A 30 -1.88 4.43 -7.93
C GLN A 30 -2.56 5.76 -8.25
N ALA A 31 -3.88 5.76 -8.13
CA ALA A 31 -4.66 6.96 -8.44
C ALA A 31 -4.77 7.87 -7.22
N GLY A 32 -4.24 7.42 -6.10
CA GLY A 32 -4.32 8.20 -4.89
C GLY A 32 -2.97 8.72 -4.46
N GLU A 33 -2.81 10.04 -4.45
CA GLU A 33 -1.57 10.65 -3.99
C GLU A 33 -1.65 10.97 -2.51
N ASP A 34 -2.80 10.68 -1.92
CA ASP A 34 -2.98 10.78 -0.48
C ASP A 34 -2.79 9.41 0.15
N ASN A 35 -1.81 9.29 1.04
CA ASN A 35 -1.47 8.00 1.61
C ASN A 35 -2.54 7.54 2.60
N TRP A 36 -3.16 6.41 2.31
CA TRP A 36 -4.28 5.92 3.11
C TRP A 36 -3.81 5.17 4.35
N ARG A 37 -2.61 5.48 4.83
CA ARG A 37 -2.01 4.68 5.89
C ARG A 37 -2.76 4.83 7.21
N SER A 38 -3.26 6.02 7.47
CA SER A 38 -4.04 6.27 8.66
C SER A 38 -5.31 5.43 8.64
N ARG A 39 -5.92 5.35 7.47
CA ARG A 39 -7.15 4.63 7.28
C ARG A 39 -6.89 3.12 7.30
N ILE A 40 -5.86 2.73 6.56
CA ILE A 40 -5.44 1.33 6.47
C ILE A 40 -5.10 0.79 7.86
N SER A 41 -4.39 1.60 8.67
CA SER A 41 -4.02 1.18 10.03
C SER A 41 -5.26 0.89 10.88
N GLY A 42 -6.26 1.76 10.80
CA GLY A 42 -7.50 1.54 11.52
C GLY A 42 -8.20 0.28 11.03
N ARG A 43 -8.08 0.02 9.73
CA ARG A 43 -8.65 -1.16 9.13
C ARG A 43 -7.92 -2.41 9.60
N LEU A 44 -6.61 -2.28 9.78
CA LEU A 44 -5.78 -3.39 10.22
C LEU A 44 -6.19 -3.81 11.62
N ASN A 45 -6.66 -2.84 12.39
CA ASN A 45 -7.15 -3.09 13.75
C ASN A 45 -8.47 -3.83 13.68
N ARG A 46 -9.22 -3.57 12.61
CA ARG A 46 -10.43 -4.31 12.29
C ARG A 46 -10.06 -5.73 11.85
N PHE A 47 -8.88 -5.86 11.26
CA PHE A 47 -8.38 -7.16 10.82
C PHE A 47 -7.39 -7.75 11.83
N LYS A 48 -7.53 -7.34 13.09
CA LYS A 48 -6.68 -7.80 14.18
C LYS A 48 -5.29 -7.16 14.09
N ARG A 49 -5.06 -6.18 14.96
CA ARG A 49 -3.82 -5.41 14.95
C ARG A 49 -3.34 -5.18 16.37
N TYR A 50 -2.28 -5.86 16.74
CA TYR A 50 -1.64 -5.66 18.03
C TYR A 50 -1.14 -4.21 18.11
N PRO A 51 -1.40 -3.53 19.26
CA PRO A 51 -0.98 -2.14 19.46
C PRO A 51 0.45 -1.90 18.99
N LYS A 52 0.62 -0.86 18.17
CA LYS A 52 1.82 -0.71 17.36
C LYS A 52 3.03 -0.34 18.21
N ASP A 53 2.80 0.29 19.37
CA ASP A 53 3.89 0.68 20.25
C ASP A 53 4.59 -0.55 20.83
N ALA A 54 3.82 -1.61 21.05
CA ALA A 54 4.37 -2.87 21.51
C ALA A 54 5.25 -3.50 20.44
N LEU A 55 4.91 -3.22 19.18
CA LEU A 55 5.68 -3.72 18.07
C LEU A 55 6.95 -2.90 17.87
N ARG A 56 6.84 -1.58 17.98
CA ARG A 56 7.98 -0.71 17.70
C ARG A 56 9.02 -0.73 18.81
N LEU A 57 8.66 -1.34 19.93
CA LEU A 57 9.59 -1.51 21.05
C LEU A 57 10.04 -2.97 21.11
N LYS A 58 9.84 -3.69 20.03
CA LYS A 58 10.12 -5.12 19.98
C LYS A 58 10.61 -5.52 18.59
N ARG A 59 9.81 -5.18 17.60
CA ARG A 59 10.12 -5.43 16.21
C ARG A 59 10.01 -4.13 15.43
N GLN A 60 11.07 -3.35 15.47
CA GLN A 60 11.09 -2.07 14.79
C GLN A 60 11.82 -2.18 13.47
N GLY A 61 11.27 -1.57 12.43
CA GLY A 61 11.90 -1.60 11.15
C GLY A 61 11.06 -1.03 10.04
N VAL A 62 11.72 -0.68 8.94
CA VAL A 62 11.04 -0.12 7.78
C VAL A 62 11.19 -1.04 6.58
N GLY A 63 10.07 -1.41 5.99
CA GLY A 63 10.09 -2.23 4.80
C GLY A 63 9.17 -1.67 3.73
N GLN A 64 9.40 -2.05 2.49
CA GLN A 64 8.55 -1.64 1.40
C GLN A 64 7.69 -2.84 1.02
N VAL A 65 6.38 -2.66 1.05
CA VAL A 65 5.48 -3.79 0.96
C VAL A 65 4.45 -3.59 -0.16
N ARG A 66 4.36 -4.56 -1.06
CA ARG A 66 3.47 -4.49 -2.19
C ARG A 66 2.41 -5.58 -2.09
N PHE A 67 1.21 -5.26 -2.53
CA PHE A 67 0.09 -6.18 -2.44
C PHE A 67 -0.99 -5.83 -3.44
N THR A 68 -1.77 -6.82 -3.82
CA THR A 68 -2.96 -6.62 -4.61
C THR A 68 -4.16 -6.65 -3.69
N LEU A 69 -5.00 -5.65 -3.78
CA LEU A 69 -6.09 -5.50 -2.85
C LEU A 69 -7.44 -5.67 -3.51
N ASP A 70 -8.31 -6.33 -2.78
CA ASP A 70 -9.66 -6.58 -3.23
C ASP A 70 -10.53 -5.34 -3.06
N ARG A 71 -11.68 -5.35 -3.71
CA ARG A 71 -12.67 -4.30 -3.63
C ARG A 71 -13.06 -4.01 -2.17
N GLN A 72 -13.10 -5.05 -1.36
CA GLN A 72 -13.44 -4.91 0.06
C GLN A 72 -12.21 -4.51 0.87
N GLY A 73 -11.12 -4.23 0.17
CA GLY A 73 -9.88 -3.91 0.83
C GLY A 73 -9.25 -5.13 1.47
N HIS A 74 -9.33 -6.24 0.76
CA HIS A 74 -8.84 -7.51 1.25
C HIS A 74 -7.58 -7.92 0.51
N VAL A 75 -6.61 -8.43 1.26
CA VAL A 75 -5.35 -8.90 0.69
C VAL A 75 -5.58 -10.00 -0.34
N LEU A 76 -4.95 -9.86 -1.50
CA LEU A 76 -5.03 -10.85 -2.55
C LEU A 76 -3.63 -11.37 -2.90
N ALA A 77 -2.67 -10.46 -2.94
CA ALA A 77 -1.30 -10.79 -3.26
C ALA A 77 -0.36 -10.21 -2.23
N VAL A 78 0.74 -10.90 -1.98
CA VAL A 78 1.70 -10.48 -0.97
C VAL A 78 3.10 -10.46 -1.56
N THR A 79 3.76 -9.33 -1.49
CA THR A 79 5.10 -9.20 -2.04
C THR A 79 5.97 -8.29 -1.19
N LEU A 80 7.06 -8.83 -0.67
CA LEU A 80 8.06 -8.01 -0.03
C LEU A 80 8.99 -7.49 -1.10
N VAL A 81 8.86 -6.22 -1.40
CA VAL A 81 9.54 -5.63 -2.54
C VAL A 81 10.94 -5.16 -2.18
N SER A 82 11.04 -4.47 -1.06
CA SER A 82 12.32 -3.96 -0.58
C SER A 82 12.38 -4.00 0.94
N SER A 83 13.23 -4.84 1.48
CA SER A 83 13.45 -4.89 2.91
C SER A 83 14.80 -4.27 3.24
N ALA A 84 14.83 -3.46 4.30
CA ALA A 84 16.06 -2.82 4.75
C ALA A 84 16.90 -3.80 5.56
N GLY A 85 16.33 -4.95 5.84
CA GLY A 85 16.97 -5.96 6.64
C GLY A 85 15.95 -6.80 7.36
N LEU A 86 15.54 -6.32 8.52
CA LEU A 86 14.44 -6.92 9.30
C LEU A 86 14.55 -8.45 9.37
N PRO A 87 15.63 -9.02 9.89
CA PRO A 87 15.80 -10.48 9.92
C PRO A 87 14.71 -11.15 10.76
N SER A 88 14.79 -10.98 12.06
CA SER A 88 13.75 -11.49 12.96
C SER A 88 12.53 -10.57 12.91
N LEU A 89 12.74 -9.35 12.42
CA LEU A 89 11.72 -8.30 12.44
C LEU A 89 10.64 -8.52 11.38
N ASP A 90 11.06 -8.92 10.18
CA ASP A 90 10.16 -9.01 9.03
C ASP A 90 8.94 -9.85 9.34
N ARG A 91 9.17 -11.01 9.93
CA ARG A 91 8.08 -11.94 10.23
C ARG A 91 6.97 -11.26 11.04
N GLU A 92 7.36 -10.38 11.96
CA GLU A 92 6.40 -9.76 12.85
C GLU A 92 5.63 -8.62 12.18
N ILE A 93 6.35 -7.65 11.63
CA ILE A 93 5.73 -6.45 11.07
C ILE A 93 4.91 -6.77 9.82
N GLN A 94 5.40 -7.71 9.03
CA GLN A 94 4.71 -8.10 7.81
C GLN A 94 3.57 -9.04 8.13
N ALA A 95 3.68 -9.79 9.21
CA ALA A 95 2.56 -10.61 9.63
C ALA A 95 1.33 -9.73 9.80
N LEU A 96 1.52 -8.61 10.48
CA LEU A 96 0.46 -7.69 10.73
C LEU A 96 -0.09 -7.07 9.44
N VAL A 97 0.79 -6.45 8.68
CA VAL A 97 0.40 -5.70 7.48
C VAL A 97 0.35 -6.57 6.22
N LYS A 98 1.40 -7.34 5.98
CA LYS A 98 1.51 -8.14 4.78
C LYS A 98 0.47 -9.26 4.75
N ARG A 99 0.02 -9.72 5.91
CA ARG A 99 -1.07 -10.69 5.94
C ARG A 99 -2.41 -9.97 5.89
N ALA A 100 -2.62 -9.04 6.81
CA ALA A 100 -3.89 -8.33 6.88
C ALA A 100 -3.82 -7.01 6.14
N SER A 101 -3.65 -7.06 4.83
CA SER A 101 -3.57 -5.87 4.00
C SER A 101 -4.95 -5.28 3.76
N PRO A 102 -5.26 -4.15 4.39
CA PRO A 102 -6.55 -3.48 4.31
C PRO A 102 -6.57 -2.27 3.36
N LEU A 103 -7.64 -2.15 2.61
CA LEU A 103 -7.89 -0.96 1.81
C LEU A 103 -9.26 -0.39 2.15
N PRO A 104 -9.29 0.74 2.88
CA PRO A 104 -10.55 1.36 3.32
C PRO A 104 -11.40 1.84 2.17
N THR A 105 -10.86 2.79 1.44
CA THR A 105 -11.57 3.39 0.32
C THR A 105 -11.47 2.50 -0.93
N PRO A 106 -12.63 2.10 -1.48
CA PRO A 106 -12.69 1.25 -2.68
C PRO A 106 -12.21 1.99 -3.92
N PRO A 107 -11.03 1.64 -4.43
CA PRO A 107 -10.46 2.25 -5.62
C PRO A 107 -10.97 1.61 -6.89
N ALA A 108 -12.29 1.65 -7.06
CA ALA A 108 -12.94 1.08 -8.22
C ALA A 108 -12.32 1.63 -9.49
N ASP A 109 -12.19 2.95 -9.54
CA ASP A 109 -11.70 3.63 -10.73
C ASP A 109 -10.19 3.46 -10.89
N ALA A 110 -9.60 2.63 -10.05
CA ALA A 110 -8.18 2.34 -10.14
C ALA A 110 -7.97 0.93 -10.68
N TYR A 111 -8.82 0.00 -10.27
CA TYR A 111 -8.64 -1.40 -10.66
C TYR A 111 -9.65 -1.85 -11.68
N VAL A 112 -10.27 -0.89 -12.33
CA VAL A 112 -11.13 -1.22 -13.46
C VAL A 112 -10.24 -1.70 -14.61
N ASN A 113 -10.01 -3.00 -14.58
CA ASN A 113 -9.09 -3.70 -15.45
C ASN A 113 -8.85 -5.08 -14.87
N GLY A 114 -8.76 -5.14 -13.54
CA GLY A 114 -8.51 -6.38 -12.84
C GLY A 114 -8.48 -6.19 -11.34
N THR A 115 -7.36 -5.61 -10.85
CA THR A 115 -7.16 -5.41 -9.42
C THR A 115 -6.08 -4.34 -9.21
N VAL A 116 -5.87 -3.93 -7.96
CA VAL A 116 -4.84 -2.94 -7.66
C VAL A 116 -3.62 -3.59 -7.04
N GLU A 117 -2.55 -3.63 -7.80
CA GLU A 117 -1.27 -4.01 -7.26
C GLU A 117 -0.45 -2.74 -7.09
N LEU A 118 -0.19 -2.36 -5.85
CA LEU A 118 0.50 -1.12 -5.59
C LEU A 118 1.45 -1.29 -4.41
N THR A 119 2.53 -0.54 -4.41
CA THR A 119 3.53 -0.64 -3.37
C THR A 119 3.36 0.47 -2.34
N LEU A 120 3.29 0.08 -1.08
CA LEU A 120 3.23 1.03 0.02
C LEU A 120 4.32 0.72 1.03
N PRO A 121 5.18 1.68 1.34
CA PRO A 121 6.22 1.48 2.33
C PRO A 121 5.66 1.47 3.74
N ILE A 122 5.93 0.39 4.45
CA ILE A 122 5.55 0.29 5.84
C ILE A 122 6.74 0.62 6.73
N ASP A 123 6.80 1.85 7.19
CA ASP A 123 7.94 2.32 7.96
C ASP A 123 7.64 2.41 9.44
N PHE A 124 8.45 1.73 10.22
CA PHE A 124 8.47 1.86 11.66
C PHE A 124 9.82 2.40 12.09
N SER A 125 9.87 3.11 13.20
CA SER A 125 11.12 3.67 13.69
C SER A 125 12.11 2.55 14.01
N LEU A 126 13.08 2.36 13.12
CA LEU A 126 14.04 1.26 13.25
C LEU A 126 15.18 1.66 14.19
N ARG A 127 14.90 1.62 15.48
CA ARG A 127 15.89 1.86 16.50
C ARG A 127 15.66 0.95 17.70
N GLY A 128 16.52 -0.05 17.82
CA GLY A 128 16.41 -1.02 18.89
C GLY A 128 16.91 -2.38 18.46
N ALA A 129 16.31 -2.90 17.41
CA ALA A 129 16.75 -4.15 16.81
C ALA A 129 17.12 -3.91 15.35
N GLY A 130 17.37 -4.98 14.60
CA GLY A 130 17.71 -4.83 13.20
C GLY A 130 19.20 -4.73 12.99
N PHE A 131 19.95 -4.97 14.05
CA PHE A 131 21.40 -4.98 13.98
C PHE A 131 21.89 -6.36 13.58
N LYS A 1 -35.91 36.84 -13.82
CA LYS A 1 -34.50 37.03 -14.22
C LYS A 1 -33.66 37.48 -13.03
N VAL A 2 -33.00 36.53 -12.38
CA VAL A 2 -32.15 36.83 -11.24
C VAL A 2 -30.74 36.27 -11.46
N GLN A 3 -30.53 35.68 -12.62
CA GLN A 3 -29.25 35.07 -12.96
C GLN A 3 -28.54 35.92 -14.00
N GLU A 4 -28.52 37.22 -13.76
CA GLU A 4 -27.92 38.18 -14.69
C GLU A 4 -26.41 38.10 -14.64
N GLN A 5 -25.80 37.74 -15.78
CA GLN A 5 -24.36 37.57 -15.90
C GLN A 5 -23.91 36.40 -15.01
N SER A 6 -24.28 35.21 -15.43
CA SER A 6 -24.02 34.01 -14.65
C SER A 6 -22.57 33.56 -14.80
N VAL A 7 -21.98 33.12 -13.70
CA VAL A 7 -20.65 32.54 -13.71
C VAL A 7 -20.74 31.01 -13.72
N GLY A 8 -19.60 30.34 -13.83
CA GLY A 8 -19.58 28.90 -13.84
C GLY A 8 -18.20 28.35 -14.10
N ALA A 9 -17.98 27.11 -13.70
CA ALA A 9 -16.69 26.47 -13.87
C ALA A 9 -16.74 25.45 -15.03
N PRO A 10 -15.91 25.67 -16.05
CA PRO A 10 -15.80 24.75 -17.19
C PRO A 10 -14.70 23.71 -16.99
N PRO A 11 -15.08 22.46 -16.69
CA PRO A 11 -14.15 21.35 -16.45
C PRO A 11 -13.10 21.15 -17.57
N PRO A 12 -13.47 21.17 -18.87
CA PRO A 12 -12.50 21.00 -19.97
C PRO A 12 -11.59 22.22 -20.16
N GLY A 13 -10.92 22.62 -19.09
CA GLY A 13 -9.96 23.70 -19.16
C GLY A 13 -8.67 23.23 -19.81
N ARG A 14 -8.23 22.05 -19.42
CA ARG A 14 -7.04 21.44 -19.99
C ARG A 14 -7.39 20.09 -20.64
N ALA A 15 -8.20 20.15 -21.67
CA ALA A 15 -8.67 18.94 -22.35
C ALA A 15 -7.67 18.50 -23.40
N ASP A 16 -6.51 18.05 -22.93
CA ASP A 16 -5.44 17.63 -23.82
C ASP A 16 -5.58 16.14 -24.16
N LYS A 17 -5.04 15.77 -25.31
CA LYS A 17 -5.12 14.39 -25.77
C LYS A 17 -3.74 13.74 -25.72
N THR A 18 -3.34 13.35 -24.51
CA THR A 18 -2.05 12.72 -24.31
C THR A 18 -2.12 11.25 -24.71
N ALA A 19 -1.67 10.95 -25.92
CA ALA A 19 -1.69 9.58 -26.43
C ALA A 19 -0.37 9.23 -27.08
N ALA A 20 0.38 8.37 -26.42
CA ALA A 20 1.70 7.98 -26.88
C ALA A 20 2.00 6.55 -26.39
N PRO A 21 3.12 5.94 -26.80
CA PRO A 21 3.51 4.60 -26.30
C PRO A 21 3.59 4.57 -24.77
N GLN A 22 3.77 5.73 -24.15
CA GLN A 22 3.88 5.82 -22.70
C GLN A 22 2.53 5.82 -22.01
N THR A 23 1.48 6.26 -22.70
CA THR A 23 0.17 6.41 -22.06
C THR A 23 -0.59 5.08 -22.03
N ARG A 24 0.15 3.99 -22.01
CA ARG A 24 -0.44 2.66 -21.86
C ARG A 24 0.24 1.95 -20.69
N LEU A 25 1.26 2.60 -20.12
CA LEU A 25 2.04 2.01 -19.03
C LEU A 25 2.44 3.09 -18.02
N THR A 26 1.53 4.04 -17.79
CA THR A 26 1.81 5.11 -16.85
C THR A 26 1.01 4.89 -15.56
N PRO A 27 1.64 5.13 -14.40
CA PRO A 27 1.02 4.89 -13.09
C PRO A 27 0.02 5.98 -12.69
N TYR A 28 -1.03 6.14 -13.49
CA TYR A 28 -2.09 7.07 -13.17
C TYR A 28 -3.46 6.41 -13.31
N ALA A 29 -4.10 6.18 -12.17
CA ALA A 29 -5.44 5.61 -12.15
C ALA A 29 -6.47 6.73 -11.98
N GLN A 30 -6.45 7.33 -10.79
CA GLN A 30 -7.33 8.45 -10.46
C GLN A 30 -6.95 8.96 -9.10
N ALA A 31 -6.80 8.03 -8.16
CA ALA A 31 -6.26 8.34 -6.85
C ALA A 31 -4.79 8.00 -6.81
N GLY A 32 -4.14 8.27 -5.69
CA GLY A 32 -2.72 8.00 -5.58
C GLY A 32 -1.92 9.25 -5.33
N GLU A 33 -2.65 10.33 -5.17
CA GLU A 33 -2.07 11.62 -4.83
C GLU A 33 -2.15 11.82 -3.34
N ASP A 34 -3.01 11.02 -2.74
CA ASP A 34 -3.29 11.09 -1.31
C ASP A 34 -2.71 9.87 -0.59
N ASN A 35 -2.59 9.96 0.72
CA ASN A 35 -2.02 8.88 1.52
C ASN A 35 -3.15 8.09 2.19
N TRP A 36 -3.27 6.82 1.84
CA TRP A 36 -4.36 5.99 2.35
C TRP A 36 -3.89 5.03 3.42
N ARG A 37 -2.61 5.08 3.78
CA ARG A 37 -2.04 4.05 4.65
C ARG A 37 -2.62 4.12 6.05
N SER A 38 -2.94 5.33 6.50
CA SER A 38 -3.55 5.51 7.80
C SER A 38 -4.98 5.00 7.77
N ARG A 39 -5.61 5.11 6.61
CA ARG A 39 -6.92 4.54 6.39
C ARG A 39 -6.81 3.02 6.40
N ILE A 40 -5.80 2.53 5.68
CA ILE A 40 -5.50 1.10 5.62
C ILE A 40 -5.26 0.55 7.02
N SER A 41 -4.47 1.28 7.81
CA SER A 41 -4.14 0.89 9.18
C SER A 41 -5.41 0.66 10.01
N GLY A 42 -6.44 1.47 9.79
CA GLY A 42 -7.69 1.26 10.48
C GLY A 42 -8.33 -0.06 10.11
N ARG A 43 -8.28 -0.38 8.83
CA ARG A 43 -8.78 -1.64 8.32
C ARG A 43 -7.88 -2.79 8.77
N LEU A 44 -6.59 -2.52 8.91
CA LEU A 44 -5.64 -3.50 9.39
C LEU A 44 -6.01 -3.94 10.80
N ASN A 45 -6.62 -3.01 11.54
CA ASN A 45 -7.08 -3.26 12.90
C ASN A 45 -8.30 -4.16 12.85
N ARG A 46 -9.10 -3.98 11.80
CA ARG A 46 -10.23 -4.84 11.53
C ARG A 46 -9.78 -6.30 11.46
N PHE A 47 -8.52 -6.53 11.14
CA PHE A 47 -8.00 -7.87 11.17
C PHE A 47 -7.22 -8.13 12.45
N LYS A 48 -6.14 -7.36 12.66
CA LYS A 48 -5.27 -7.50 13.83
C LYS A 48 -4.29 -6.33 13.86
N ARG A 49 -4.44 -5.43 14.81
CA ARG A 49 -3.50 -4.32 14.93
C ARG A 49 -2.90 -4.25 16.32
N TYR A 50 -1.61 -4.54 16.40
CA TYR A 50 -0.88 -4.49 17.65
C TYR A 50 -0.45 -3.05 17.92
N PRO A 51 -0.57 -2.59 19.18
CA PRO A 51 -0.18 -1.22 19.56
C PRO A 51 1.29 -0.96 19.26
N LYS A 52 1.56 0.18 18.60
CA LYS A 52 2.89 0.50 18.08
C LYS A 52 3.95 0.55 19.17
N ASP A 53 3.52 0.79 20.41
CA ASP A 53 4.44 0.86 21.55
C ASP A 53 5.32 -0.39 21.63
N ALA A 54 4.69 -1.56 21.50
CA ALA A 54 5.41 -2.83 21.59
C ALA A 54 6.33 -3.04 20.39
N LEU A 55 5.95 -2.47 19.24
CA LEU A 55 6.73 -2.62 18.03
C LEU A 55 7.97 -1.74 18.09
N ARG A 56 7.80 -0.51 18.57
CA ARG A 56 8.88 0.47 18.56
C ARG A 56 9.98 0.11 19.57
N LEU A 57 9.71 -0.83 20.44
CA LEU A 57 10.73 -1.28 21.39
C LEU A 57 11.19 -2.69 21.04
N LYS A 58 10.74 -3.21 19.90
CA LYS A 58 11.09 -4.57 19.51
C LYS A 58 10.96 -4.81 18.01
N ARG A 59 9.75 -4.82 17.49
CA ARG A 59 9.57 -5.08 16.07
C ARG A 59 9.60 -3.79 15.30
N GLN A 60 10.82 -3.38 15.04
CA GLN A 60 11.10 -2.16 14.32
C GLN A 60 11.54 -2.52 12.92
N GLY A 61 11.43 -1.59 11.99
CA GLY A 61 11.89 -1.87 10.65
C GLY A 61 11.15 -1.06 9.61
N VAL A 62 11.90 -0.45 8.72
CA VAL A 62 11.30 0.28 7.62
C VAL A 62 11.44 -0.55 6.35
N GLY A 63 10.33 -0.84 5.72
CA GLY A 63 10.34 -1.61 4.50
C GLY A 63 9.19 -1.27 3.59
N GLN A 64 9.27 -1.71 2.36
CA GLN A 64 8.20 -1.49 1.40
C GLN A 64 7.40 -2.77 1.25
N VAL A 65 6.09 -2.63 1.33
CA VAL A 65 5.20 -3.78 1.29
C VAL A 65 4.14 -3.58 0.21
N ARG A 66 4.15 -4.46 -0.79
CA ARG A 66 3.25 -4.36 -1.93
C ARG A 66 2.19 -5.45 -1.89
N PHE A 67 0.95 -5.12 -2.22
CA PHE A 67 -0.12 -6.12 -2.25
C PHE A 67 -1.30 -5.68 -3.11
N THR A 68 -2.03 -6.68 -3.61
CA THR A 68 -3.26 -6.47 -4.38
C THR A 68 -4.46 -6.60 -3.46
N LEU A 69 -5.45 -5.76 -3.66
CA LEU A 69 -6.55 -5.65 -2.73
C LEU A 69 -7.90 -5.87 -3.39
N ASP A 70 -8.73 -6.60 -2.68
CA ASP A 70 -10.13 -6.80 -3.06
C ASP A 70 -10.90 -5.52 -2.80
N ARG A 71 -12.02 -5.37 -3.49
CA ARG A 71 -12.88 -4.20 -3.40
C ARG A 71 -13.35 -3.95 -1.97
N GLN A 72 -13.44 -5.01 -1.17
CA GLN A 72 -13.85 -4.89 0.22
C GLN A 72 -12.64 -4.93 1.15
N GLY A 73 -11.46 -4.75 0.57
CA GLY A 73 -10.25 -4.70 1.35
C GLY A 73 -9.80 -6.05 1.83
N HIS A 74 -9.78 -7.01 0.93
CA HIS A 74 -9.30 -8.34 1.22
C HIS A 74 -7.99 -8.59 0.47
N VAL A 75 -6.94 -8.91 1.22
CA VAL A 75 -5.65 -9.24 0.62
C VAL A 75 -5.80 -10.31 -0.47
N LEU A 76 -5.46 -9.92 -1.70
CA LEU A 76 -5.50 -10.84 -2.82
C LEU A 76 -4.08 -11.32 -3.13
N ALA A 77 -3.16 -10.38 -3.13
CA ALA A 77 -1.76 -10.65 -3.38
C ALA A 77 -0.93 -9.95 -2.34
N VAL A 78 0.32 -10.36 -2.18
CA VAL A 78 1.24 -9.70 -1.28
C VAL A 78 2.67 -10.06 -1.66
N THR A 79 3.42 -9.06 -2.04
CA THR A 79 4.79 -9.25 -2.49
C THR A 79 5.72 -8.38 -1.67
N LEU A 80 6.57 -9.02 -0.87
CA LEU A 80 7.54 -8.28 -0.09
C LEU A 80 8.58 -7.68 -1.01
N VAL A 81 8.48 -6.38 -1.21
CA VAL A 81 9.43 -5.64 -2.01
C VAL A 81 10.61 -5.20 -1.15
N SER A 82 10.30 -4.52 -0.06
CA SER A 82 11.28 -4.20 0.99
C SER A 82 12.41 -3.31 0.46
N SER A 83 13.40 -3.06 1.31
CA SER A 83 14.49 -2.15 0.99
C SER A 83 15.75 -2.54 1.75
N ALA A 84 15.70 -2.48 3.08
CA ALA A 84 16.85 -2.80 3.90
C ALA A 84 16.89 -4.28 4.28
N GLY A 85 15.72 -4.84 4.54
CA GLY A 85 15.64 -6.24 4.90
C GLY A 85 15.46 -6.44 6.38
N LEU A 86 14.25 -6.77 6.79
CA LEU A 86 13.97 -7.05 8.19
C LEU A 86 13.86 -8.56 8.39
N PRO A 87 14.90 -9.19 8.96
CA PRO A 87 14.98 -10.65 9.08
C PRO A 87 14.08 -11.20 10.19
N SER A 88 14.55 -11.13 11.43
CA SER A 88 13.77 -11.63 12.56
C SER A 88 12.56 -10.75 12.81
N LEU A 89 12.62 -9.54 12.28
CA LEU A 89 11.56 -8.56 12.45
C LEU A 89 10.35 -8.89 11.58
N ASP A 90 10.62 -9.50 10.42
CA ASP A 90 9.59 -9.75 9.40
C ASP A 90 8.41 -10.51 9.98
N ARG A 91 8.71 -11.59 10.69
CA ARG A 91 7.67 -12.51 11.15
C ARG A 91 6.56 -11.80 11.91
N GLU A 92 6.90 -10.91 12.83
CA GLU A 92 5.89 -10.25 13.65
C GLU A 92 5.20 -9.11 12.89
N ILE A 93 5.97 -8.19 12.34
CA ILE A 93 5.42 -7.00 11.68
C ILE A 93 4.67 -7.37 10.40
N GLN A 94 5.16 -8.35 9.66
CA GLN A 94 4.52 -8.74 8.43
C GLN A 94 3.36 -9.68 8.71
N ALA A 95 3.40 -10.39 9.80
CA ALA A 95 2.21 -11.12 10.22
C ALA A 95 1.06 -10.14 10.32
N LEU A 96 1.38 -8.99 10.91
CA LEU A 96 0.46 -7.94 11.11
C LEU A 96 0.02 -7.29 9.78
N VAL A 97 0.98 -6.81 9.01
CA VAL A 97 0.68 -6.09 7.76
C VAL A 97 0.57 -7.02 6.55
N LYS A 98 1.55 -7.90 6.39
CA LYS A 98 1.63 -8.79 5.23
C LYS A 98 0.45 -9.78 5.22
N ARG A 99 -0.16 -10.03 6.39
CA ARG A 99 -1.36 -10.84 6.43
C ARG A 99 -2.59 -9.95 6.32
N ALA A 100 -2.69 -8.96 7.20
CA ALA A 100 -3.83 -8.05 7.17
C ALA A 100 -3.59 -6.92 6.17
N SER A 101 -3.69 -7.25 4.89
CA SER A 101 -3.62 -6.24 3.85
C SER A 101 -5.02 -5.88 3.38
N PRO A 102 -5.54 -4.77 3.91
CA PRO A 102 -6.88 -4.30 3.63
C PRO A 102 -6.93 -3.08 2.70
N LEU A 103 -8.13 -2.67 2.37
CA LEU A 103 -8.36 -1.53 1.49
C LEU A 103 -9.60 -0.77 1.96
N PRO A 104 -9.43 0.49 2.40
CA PRO A 104 -10.53 1.33 2.87
C PRO A 104 -11.45 1.78 1.75
N THR A 105 -10.94 2.70 0.94
CA THR A 105 -11.71 3.27 -0.16
C THR A 105 -11.60 2.43 -1.42
N PRO A 106 -12.73 1.87 -1.90
CA PRO A 106 -12.78 1.04 -3.11
C PRO A 106 -12.40 1.82 -4.36
N PRO A 107 -11.19 1.57 -4.90
CA PRO A 107 -10.66 2.26 -6.07
C PRO A 107 -11.07 1.58 -7.37
N ALA A 108 -12.36 1.61 -7.67
CA ALA A 108 -12.86 1.01 -8.90
C ALA A 108 -12.14 1.61 -10.10
N ASP A 109 -11.98 2.92 -10.06
CA ASP A 109 -11.37 3.65 -11.17
C ASP A 109 -9.87 3.40 -11.25
N ALA A 110 -9.36 2.63 -10.31
CA ALA A 110 -7.93 2.34 -10.28
C ALA A 110 -7.62 0.93 -10.76
N TYR A 111 -8.55 0.00 -10.56
CA TYR A 111 -8.29 -1.38 -10.97
C TYR A 111 -9.07 -1.77 -12.20
N VAL A 112 -9.57 -0.78 -12.89
CA VAL A 112 -10.12 -1.02 -14.22
C VAL A 112 -8.96 -1.31 -15.16
N ASN A 113 -8.64 -2.60 -15.22
CA ASN A 113 -7.43 -3.13 -15.86
C ASN A 113 -7.19 -4.54 -15.33
N GLY A 114 -7.71 -4.79 -14.12
CA GLY A 114 -7.55 -6.06 -13.47
C GLY A 114 -7.78 -5.96 -11.97
N THR A 115 -6.79 -5.41 -11.26
CA THR A 115 -6.84 -5.27 -9.82
C THR A 115 -5.84 -4.21 -9.36
N VAL A 116 -5.84 -3.87 -8.08
CA VAL A 116 -4.93 -2.85 -7.57
C VAL A 116 -3.80 -3.48 -6.78
N GLU A 117 -2.61 -3.45 -7.35
CA GLU A 117 -1.43 -3.84 -6.61
C GLU A 117 -0.59 -2.60 -6.35
N LEU A 118 -0.51 -2.22 -5.09
CA LEU A 118 0.17 -1.00 -4.70
C LEU A 118 1.29 -1.30 -3.72
N THR A 119 2.32 -0.48 -3.73
CA THR A 119 3.41 -0.63 -2.78
C THR A 119 3.27 0.42 -1.68
N LEU A 120 3.13 -0.06 -0.47
CA LEU A 120 2.89 0.79 0.68
C LEU A 120 4.06 0.63 1.63
N PRO A 121 4.75 1.72 1.97
CA PRO A 121 5.87 1.66 2.90
C PRO A 121 5.40 1.48 4.33
N ILE A 122 5.82 0.39 4.95
CA ILE A 122 5.51 0.16 6.35
C ILE A 122 6.77 0.45 7.17
N ASP A 123 6.71 1.47 8.01
CA ASP A 123 7.88 1.85 8.76
C ASP A 123 7.65 1.74 10.26
N PHE A 124 8.53 0.98 10.88
CA PHE A 124 8.65 0.95 12.32
C PHE A 124 10.01 1.51 12.68
N SER A 125 10.04 2.45 13.63
CA SER A 125 11.28 3.14 13.98
C SER A 125 12.35 2.16 14.47
N LEU A 126 13.32 1.85 13.60
CA LEU A 126 14.41 0.95 13.97
C LEU A 126 15.42 1.68 14.84
N ARG A 127 15.18 1.65 16.13
CA ARG A 127 16.02 2.28 17.11
C ARG A 127 17.22 1.39 17.42
N GLY A 128 16.98 0.10 17.56
CA GLY A 128 18.04 -0.83 17.86
C GLY A 128 17.60 -2.27 17.74
N ALA A 129 17.03 -2.61 16.60
CA ALA A 129 16.62 -3.98 16.33
C ALA A 129 17.26 -4.48 15.03
N GLY A 130 16.65 -5.47 14.41
CA GLY A 130 17.21 -6.06 13.21
C GLY A 130 17.84 -7.39 13.51
N PHE A 131 17.89 -7.71 14.80
CA PHE A 131 18.49 -8.92 15.28
C PHE A 131 17.42 -9.98 15.51
N LYS A 1 -6.69 14.16 -20.65
CA LYS A 1 -7.35 15.38 -20.18
C LYS A 1 -7.43 16.41 -21.30
N VAL A 2 -8.48 16.32 -22.12
CA VAL A 2 -8.67 17.26 -23.21
C VAL A 2 -9.42 18.51 -22.72
N GLN A 3 -9.90 18.45 -21.49
CA GLN A 3 -10.64 19.55 -20.90
C GLN A 3 -9.68 20.60 -20.34
N GLU A 4 -9.00 21.29 -21.24
CA GLU A 4 -8.12 22.39 -20.86
C GLU A 4 -8.45 23.61 -21.69
N GLN A 5 -9.33 24.44 -21.16
CA GLN A 5 -9.79 25.61 -21.88
C GLN A 5 -8.78 26.75 -21.73
N SER A 6 -7.76 26.73 -22.56
CA SER A 6 -6.75 27.77 -22.57
C SER A 6 -6.93 28.71 -23.76
N VAL A 7 -7.63 29.82 -23.52
CA VAL A 7 -7.87 30.79 -24.56
C VAL A 7 -6.72 31.78 -24.64
N GLY A 8 -5.74 31.46 -25.47
CA GLY A 8 -4.58 32.31 -25.61
C GLY A 8 -3.48 31.65 -26.40
N ALA A 9 -2.29 31.66 -25.83
CA ALA A 9 -1.11 31.14 -26.51
C ALA A 9 -1.01 29.61 -26.44
N PRO A 10 -0.99 29.01 -25.23
CA PRO A 10 -0.81 27.56 -25.08
C PRO A 10 -1.98 26.74 -25.63
N PRO A 11 -1.69 25.73 -26.46
CA PRO A 11 -2.68 24.77 -26.94
C PRO A 11 -3.23 23.92 -25.78
N PRO A 12 -4.52 23.59 -25.83
CA PRO A 12 -5.21 22.84 -24.77
C PRO A 12 -4.63 21.43 -24.55
N GLY A 13 -3.63 21.34 -23.69
CA GLY A 13 -3.10 20.05 -23.27
C GLY A 13 -2.04 19.53 -24.21
N ARG A 14 -0.81 19.45 -23.71
CA ARG A 14 0.29 18.89 -24.49
C ARG A 14 0.75 17.58 -23.86
N ALA A 15 1.09 16.62 -24.71
CA ALA A 15 1.57 15.33 -24.24
C ALA A 15 2.96 15.05 -24.82
N ASP A 16 3.98 15.50 -24.12
CA ASP A 16 5.36 15.35 -24.57
C ASP A 16 5.76 13.88 -24.56
N LYS A 17 5.12 13.09 -23.72
CA LYS A 17 5.38 11.66 -23.64
C LYS A 17 4.24 10.90 -24.31
N THR A 18 4.30 10.82 -25.63
CA THR A 18 3.26 10.15 -26.39
C THR A 18 3.52 8.65 -26.48
N ALA A 19 3.39 7.98 -25.33
CA ALA A 19 3.58 6.54 -25.27
C ALA A 19 2.26 5.81 -25.49
N ALA A 20 1.51 6.30 -26.48
CA ALA A 20 0.19 5.77 -26.78
C ALA A 20 0.25 4.32 -27.30
N PRO A 21 1.08 4.01 -28.32
CA PRO A 21 1.20 2.65 -28.84
C PRO A 21 2.12 1.77 -27.98
N GLN A 22 2.21 2.12 -26.70
CA GLN A 22 3.05 1.37 -25.76
C GLN A 22 2.28 1.07 -24.49
N THR A 23 1.91 2.15 -23.79
CA THR A 23 1.19 2.05 -22.52
C THR A 23 2.08 1.52 -21.40
N ARG A 24 2.97 0.56 -21.73
CA ARG A 24 3.89 -0.04 -20.76
C ARG A 24 3.12 -0.78 -19.69
N LEU A 25 1.83 -0.88 -19.96
CA LEU A 25 0.87 -1.51 -19.05
C LEU A 25 0.85 -0.77 -17.72
N THR A 26 0.97 0.56 -17.78
CA THR A 26 1.00 1.36 -16.58
C THR A 26 -0.20 2.30 -16.51
N PRO A 27 -1.23 1.92 -15.75
CA PRO A 27 -2.41 2.75 -15.53
C PRO A 27 -2.10 3.88 -14.56
N TYR A 28 -2.78 5.01 -14.72
CA TYR A 28 -2.57 6.18 -13.88
C TYR A 28 -3.24 6.01 -12.51
N ALA A 29 -2.93 4.89 -11.86
CA ALA A 29 -3.52 4.56 -10.58
C ALA A 29 -2.69 5.11 -9.42
N GLN A 30 -1.55 5.69 -9.73
CA GLN A 30 -0.65 6.24 -8.73
C GLN A 30 -1.11 7.64 -8.29
N ALA A 31 -2.35 7.71 -7.82
CA ALA A 31 -2.93 8.96 -7.37
C ALA A 31 -3.39 8.84 -5.92
N GLY A 32 -2.77 7.92 -5.18
CA GLY A 32 -3.12 7.73 -3.79
C GLY A 32 -2.39 8.72 -2.88
N GLU A 33 -2.82 9.96 -2.96
CA GLU A 33 -2.20 11.05 -2.19
C GLU A 33 -2.55 10.94 -0.70
N ASP A 34 -2.01 9.92 -0.05
CA ASP A 34 -2.27 9.63 1.37
C ASP A 34 -1.61 8.31 1.74
N ASN A 35 -1.45 7.45 0.71
CA ASN A 35 -1.01 6.06 0.88
C ASN A 35 -2.11 5.24 1.53
N TRP A 36 -3.24 5.90 1.77
CA TRP A 36 -4.39 5.31 2.46
C TRP A 36 -3.99 4.73 3.80
N ARG A 37 -2.89 5.21 4.37
CA ARG A 37 -2.31 4.60 5.56
C ARG A 37 -3.22 4.75 6.77
N SER A 38 -3.76 5.94 6.96
CA SER A 38 -4.67 6.18 8.07
C SER A 38 -5.94 5.36 7.88
N ARG A 39 -6.39 5.28 6.63
CA ARG A 39 -7.57 4.54 6.28
C ARG A 39 -7.32 3.05 6.47
N ILE A 40 -6.20 2.59 5.94
CA ILE A 40 -5.79 1.20 6.06
C ILE A 40 -5.59 0.82 7.51
N SER A 41 -5.04 1.74 8.30
CA SER A 41 -4.85 1.50 9.72
C SER A 41 -6.16 1.12 10.41
N GLY A 42 -7.25 1.73 9.98
CA GLY A 42 -8.55 1.37 10.52
C GLY A 42 -8.96 -0.03 10.14
N ARG A 43 -8.76 -0.37 8.87
CA ARG A 43 -9.10 -1.68 8.35
C ARG A 43 -8.16 -2.75 8.89
N LEU A 44 -6.92 -2.38 9.14
CA LEU A 44 -5.92 -3.27 9.72
C LEU A 44 -6.38 -3.68 11.13
N ASN A 45 -7.07 -2.75 11.77
CA ASN A 45 -7.62 -2.95 13.12
C ASN A 45 -8.79 -3.91 13.05
N ARG A 46 -9.47 -3.87 11.91
CA ARG A 46 -10.54 -4.80 11.60
C ARG A 46 -10.01 -6.24 11.63
N PHE A 47 -8.70 -6.42 11.53
CA PHE A 47 -8.12 -7.74 11.64
C PHE A 47 -7.22 -7.89 12.87
N LYS A 48 -6.18 -7.07 12.95
CA LYS A 48 -5.19 -7.14 14.03
C LYS A 48 -4.44 -5.82 14.11
N ARG A 49 -4.72 -5.01 15.11
CA ARG A 49 -3.98 -3.78 15.27
C ARG A 49 -3.00 -3.91 16.43
N TYR A 50 -1.74 -4.11 16.09
CA TYR A 50 -0.69 -4.23 17.08
C TYR A 50 -0.10 -2.86 17.36
N PRO A 51 -0.06 -2.44 18.64
CA PRO A 51 0.52 -1.15 19.01
C PRO A 51 2.02 -1.10 18.77
N LYS A 52 2.48 -0.03 18.13
CA LYS A 52 3.88 0.10 17.73
C LYS A 52 4.81 0.06 18.93
N ASP A 53 4.30 0.42 20.10
CA ASP A 53 5.08 0.41 21.33
C ASP A 53 5.66 -0.98 21.60
N ALA A 54 4.82 -2.00 21.38
CA ALA A 54 5.24 -3.39 21.56
C ALA A 54 6.30 -3.77 20.53
N LEU A 55 6.21 -3.15 19.35
CA LEU A 55 7.16 -3.40 18.28
C LEU A 55 8.48 -2.70 18.57
N ARG A 56 8.39 -1.47 19.07
CA ARG A 56 9.57 -0.70 19.43
C ARG A 56 10.41 -1.43 20.47
N LEU A 57 9.77 -2.24 21.29
CA LEU A 57 10.47 -3.00 22.32
C LEU A 57 10.69 -4.44 21.89
N LYS A 58 10.55 -4.70 20.58
CA LYS A 58 10.72 -6.04 20.06
C LYS A 58 11.34 -6.01 18.65
N ARG A 59 10.53 -5.69 17.65
CA ARG A 59 10.98 -5.71 16.25
C ARG A 59 10.69 -4.37 15.58
N GLN A 60 11.69 -3.50 15.52
CA GLN A 60 11.54 -2.26 14.79
C GLN A 60 12.03 -2.45 13.36
N GLY A 61 11.14 -2.32 12.40
CA GLY A 61 11.54 -2.48 11.01
C GLY A 61 10.64 -1.76 10.03
N VAL A 62 11.24 -0.92 9.21
CA VAL A 62 10.51 -0.22 8.16
C VAL A 62 10.81 -0.86 6.81
N GLY A 63 9.76 -1.11 6.04
CA GLY A 63 9.90 -1.79 4.78
C GLY A 63 8.75 -1.51 3.86
N GLN A 64 8.88 -1.89 2.60
CA GLN A 64 7.82 -1.66 1.64
C GLN A 64 7.03 -2.94 1.45
N VAL A 65 5.73 -2.79 1.33
CA VAL A 65 4.82 -3.91 1.27
C VAL A 65 3.90 -3.77 0.06
N ARG A 66 4.04 -4.69 -0.88
CA ARG A 66 3.29 -4.63 -2.13
C ARG A 66 2.19 -5.69 -2.11
N PHE A 67 0.97 -5.27 -2.41
CA PHE A 67 -0.17 -6.15 -2.30
C PHE A 67 -1.23 -5.83 -3.34
N THR A 68 -1.97 -6.86 -3.70
CA THR A 68 -3.17 -6.71 -4.50
C THR A 68 -4.36 -6.78 -3.58
N LEU A 69 -5.20 -5.77 -3.63
CA LEU A 69 -6.26 -5.63 -2.64
C LEU A 69 -7.63 -5.74 -3.27
N ASP A 70 -8.49 -6.50 -2.62
CA ASP A 70 -9.86 -6.67 -3.06
C ASP A 70 -10.66 -5.42 -2.75
N ARG A 71 -11.73 -5.17 -3.50
CA ARG A 71 -12.57 -3.99 -3.34
C ARG A 71 -12.98 -3.80 -1.87
N GLN A 72 -13.31 -4.89 -1.20
CA GLN A 72 -13.78 -4.83 0.19
C GLN A 72 -12.62 -4.91 1.16
N GLY A 73 -11.41 -4.73 0.66
CA GLY A 73 -10.25 -4.74 1.50
C GLY A 73 -9.81 -6.12 1.90
N HIS A 74 -9.76 -7.01 0.94
CA HIS A 74 -9.30 -8.37 1.20
C HIS A 74 -7.94 -8.59 0.55
N VAL A 75 -6.93 -8.84 1.40
CA VAL A 75 -5.60 -9.22 0.93
C VAL A 75 -5.67 -10.36 -0.11
N LEU A 76 -5.26 -10.04 -1.33
CA LEU A 76 -5.23 -11.01 -2.40
C LEU A 76 -3.81 -11.49 -2.65
N ALA A 77 -2.89 -10.56 -2.62
CA ALA A 77 -1.48 -10.86 -2.82
C ALA A 77 -0.63 -10.05 -1.86
N VAL A 78 0.48 -10.62 -1.41
CA VAL A 78 1.40 -9.92 -0.52
C VAL A 78 2.84 -10.27 -0.83
N THR A 79 3.59 -9.29 -1.23
CA THR A 79 4.99 -9.47 -1.55
C THR A 79 5.84 -8.42 -0.84
N LEU A 80 6.84 -8.88 -0.09
CA LEU A 80 7.73 -7.94 0.59
C LEU A 80 8.63 -7.25 -0.42
N VAL A 81 8.50 -5.94 -0.50
CA VAL A 81 9.31 -5.14 -1.40
C VAL A 81 10.50 -4.58 -0.65
N SER A 82 10.25 -4.20 0.60
CA SER A 82 11.28 -3.84 1.56
C SER A 82 12.01 -2.56 1.17
N SER A 83 12.99 -2.19 1.98
CA SER A 83 13.74 -0.95 1.79
C SER A 83 15.12 -1.07 2.41
N ALA A 84 15.16 -1.35 3.71
CA ALA A 84 16.41 -1.46 4.43
C ALA A 84 16.80 -2.92 4.65
N GLY A 85 16.02 -3.63 5.45
CA GLY A 85 16.33 -5.01 5.75
C GLY A 85 15.60 -5.49 6.98
N LEU A 86 14.57 -6.29 6.79
CA LEU A 86 13.77 -6.79 7.90
C LEU A 86 13.85 -8.32 7.97
N PRO A 87 14.95 -8.89 8.49
CA PRO A 87 15.11 -10.34 8.59
C PRO A 87 14.25 -10.92 9.69
N SER A 88 14.70 -10.80 10.94
CA SER A 88 13.94 -11.26 12.08
C SER A 88 12.68 -10.40 12.26
N LEU A 89 12.70 -9.23 11.63
CA LEU A 89 11.61 -8.28 11.75
C LEU A 89 10.39 -8.71 10.94
N ASP A 90 10.66 -9.38 9.81
CA ASP A 90 9.60 -9.75 8.85
C ASP A 90 8.48 -10.53 9.51
N ARG A 91 8.84 -11.56 10.26
CA ARG A 91 7.83 -12.45 10.85
C ARG A 91 6.80 -11.69 11.70
N GLU A 92 7.27 -10.82 12.59
CA GLU A 92 6.37 -10.13 13.51
C GLU A 92 5.60 -8.98 12.85
N ILE A 93 6.35 -8.05 12.24
CA ILE A 93 5.75 -6.83 11.72
C ILE A 93 4.86 -7.11 10.54
N GLN A 94 5.24 -8.10 9.76
CA GLN A 94 4.45 -8.49 8.62
C GLN A 94 3.35 -9.46 9.03
N ALA A 95 3.48 -10.07 10.19
CA ALA A 95 2.43 -10.95 10.67
C ALA A 95 1.11 -10.21 10.70
N LEU A 96 1.07 -9.08 11.40
CA LEU A 96 -0.16 -8.32 11.47
C LEU A 96 -0.42 -7.53 10.18
N VAL A 97 0.58 -6.80 9.69
CA VAL A 97 0.41 -6.00 8.46
C VAL A 97 0.28 -6.85 7.19
N LYS A 98 1.19 -7.81 6.98
CA LYS A 98 1.22 -8.57 5.73
C LYS A 98 0.06 -9.58 5.67
N ARG A 99 -0.57 -9.86 6.82
CA ARG A 99 -1.78 -10.67 6.80
C ARG A 99 -3.00 -9.78 6.62
N ALA A 100 -3.08 -8.71 7.39
CA ALA A 100 -4.22 -7.81 7.31
C ALA A 100 -3.96 -6.69 6.32
N SER A 101 -3.88 -7.03 5.05
CA SER A 101 -3.71 -6.05 4.00
C SER A 101 -5.06 -5.68 3.40
N PRO A 102 -5.62 -4.55 3.83
CA PRO A 102 -6.94 -4.09 3.46
C PRO A 102 -6.93 -2.98 2.41
N LEU A 103 -8.12 -2.58 1.97
CA LEU A 103 -8.29 -1.56 0.97
C LEU A 103 -9.52 -0.72 1.31
N PRO A 104 -9.35 0.32 2.16
CA PRO A 104 -10.46 1.19 2.55
C PRO A 104 -11.10 1.90 1.37
N THR A 105 -10.30 2.58 0.58
CA THR A 105 -10.79 3.25 -0.61
C THR A 105 -10.94 2.25 -1.76
N PRO A 106 -12.17 2.01 -2.25
CA PRO A 106 -12.41 1.13 -3.39
C PRO A 106 -12.04 1.82 -4.70
N PRO A 107 -10.86 1.52 -5.24
CA PRO A 107 -10.31 2.22 -6.39
C PRO A 107 -10.70 1.57 -7.70
N ALA A 108 -11.98 1.62 -8.03
CA ALA A 108 -12.45 1.06 -9.29
C ALA A 108 -11.74 1.73 -10.45
N ASP A 109 -11.65 3.06 -10.38
CA ASP A 109 -11.00 3.86 -11.41
C ASP A 109 -9.50 3.61 -11.46
N ALA A 110 -9.00 2.83 -10.53
CA ALA A 110 -7.58 2.54 -10.45
C ALA A 110 -7.25 1.15 -11.01
N TYR A 111 -8.15 0.20 -10.79
CA TYR A 111 -7.85 -1.19 -11.14
C TYR A 111 -8.70 -1.70 -12.27
N VAL A 112 -9.27 -0.80 -13.03
CA VAL A 112 -10.02 -1.20 -14.22
C VAL A 112 -9.04 -1.73 -15.25
N ASN A 113 -8.80 -3.03 -15.14
CA ASN A 113 -7.77 -3.76 -15.88
C ASN A 113 -7.57 -5.09 -15.19
N GLY A 114 -7.87 -5.11 -13.88
CA GLY A 114 -7.71 -6.30 -13.09
C GLY A 114 -7.92 -6.03 -11.61
N THR A 115 -6.89 -5.55 -10.95
CA THR A 115 -6.92 -5.28 -9.51
C THR A 115 -5.80 -4.29 -9.16
N VAL A 116 -5.72 -3.86 -7.90
CA VAL A 116 -4.68 -2.91 -7.51
C VAL A 116 -3.57 -3.61 -6.77
N GLU A 117 -2.43 -3.71 -7.43
CA GLU A 117 -1.22 -4.16 -6.79
C GLU A 117 -0.28 -2.98 -6.66
N LEU A 118 -0.06 -2.54 -5.43
CA LEU A 118 0.71 -1.34 -5.19
C LEU A 118 1.71 -1.54 -4.06
N THR A 119 2.77 -0.76 -4.10
CA THR A 119 3.79 -0.83 -3.09
C THR A 119 3.60 0.29 -2.05
N LEU A 120 3.28 -0.11 -0.83
CA LEU A 120 3.15 0.85 0.25
C LEU A 120 4.16 0.55 1.34
N PRO A 121 4.98 1.53 1.68
CA PRO A 121 5.96 1.39 2.74
C PRO A 121 5.28 1.40 4.11
N ILE A 122 5.43 0.31 4.84
CA ILE A 122 4.92 0.24 6.20
C ILE A 122 6.05 0.62 7.15
N ASP A 123 5.87 1.71 7.88
CA ASP A 123 6.97 2.23 8.67
C ASP A 123 6.87 1.85 10.14
N PHE A 124 7.90 1.17 10.57
CA PHE A 124 8.23 1.03 11.97
C PHE A 124 9.59 1.71 12.16
N SER A 125 9.72 2.58 13.14
CA SER A 125 10.97 3.30 13.34
C SER A 125 12.12 2.32 13.58
N LEU A 126 12.94 2.12 12.55
CA LEU A 126 14.05 1.19 12.59
C LEU A 126 15.23 1.77 13.35
N ARG A 127 15.05 1.97 14.66
CA ARG A 127 16.10 2.50 15.51
C ARG A 127 17.02 1.37 15.97
N GLY A 128 16.41 0.34 16.54
CA GLY A 128 17.16 -0.81 17.02
C GLY A 128 16.46 -2.12 16.68
N ALA A 129 17.04 -2.87 15.77
CA ALA A 129 16.39 -4.08 15.27
C ALA A 129 17.27 -5.30 15.43
N GLY A 130 16.68 -6.47 15.23
CA GLY A 130 17.43 -7.71 15.26
C GLY A 130 17.76 -8.17 13.85
N PHE A 131 18.76 -7.54 13.26
CA PHE A 131 19.16 -7.85 11.90
C PHE A 131 20.59 -8.37 11.89
N LYS A 1 4.51 24.58 -12.69
CA LYS A 1 4.41 23.29 -11.97
C LYS A 1 3.10 23.20 -11.19
N VAL A 2 1.98 23.31 -11.90
CA VAL A 2 0.67 23.22 -11.27
C VAL A 2 0.28 21.75 -11.08
N GLN A 3 0.26 21.01 -12.18
CA GLN A 3 -0.11 19.59 -12.16
C GLN A 3 -1.45 19.36 -11.46
N GLU A 4 -2.52 19.83 -12.10
CA GLU A 4 -3.87 19.66 -11.56
C GLU A 4 -4.91 19.88 -12.63
N GLN A 5 -4.83 21.03 -13.31
CA GLN A 5 -5.84 21.44 -14.27
C GLN A 5 -7.17 21.68 -13.56
N SER A 6 -7.30 22.86 -12.97
CA SER A 6 -8.48 23.23 -12.21
C SER A 6 -9.65 23.50 -13.15
N VAL A 7 -9.32 23.94 -14.36
CA VAL A 7 -10.32 24.23 -15.36
C VAL A 7 -10.74 22.97 -16.10
N GLY A 8 -11.87 23.05 -16.77
CA GLY A 8 -12.38 21.92 -17.51
C GLY A 8 -13.78 22.17 -18.01
N ALA A 9 -14.16 21.48 -19.07
CA ALA A 9 -15.47 21.66 -19.65
C ALA A 9 -16.30 20.39 -19.51
N PRO A 10 -17.11 20.29 -18.44
CA PRO A 10 -17.99 19.16 -18.20
C PRO A 10 -19.38 19.40 -18.79
N PRO A 11 -19.68 18.77 -19.93
CA PRO A 11 -20.97 18.96 -20.63
C PRO A 11 -22.14 18.49 -19.77
N PRO A 12 -23.00 19.42 -19.33
CA PRO A 12 -24.14 19.13 -18.47
C PRO A 12 -25.20 18.30 -19.18
N GLY A 13 -25.22 17.02 -18.90
CA GLY A 13 -26.15 16.11 -19.56
C GLY A 13 -25.49 14.81 -19.97
N ARG A 14 -24.35 14.51 -19.35
CA ARG A 14 -23.59 13.30 -19.65
C ARG A 14 -23.21 13.21 -21.12
N ALA A 15 -22.87 14.35 -21.71
CA ALA A 15 -22.44 14.40 -23.10
C ALA A 15 -20.94 14.10 -23.19
N ASP A 16 -20.54 12.98 -22.60
CA ASP A 16 -19.14 12.60 -22.56
C ASP A 16 -18.92 11.30 -23.33
N LYS A 17 -18.15 11.39 -24.40
CA LYS A 17 -17.82 10.22 -25.21
C LYS A 17 -16.32 10.17 -25.48
N THR A 18 -15.58 11.02 -24.77
CA THR A 18 -14.15 11.19 -25.00
C THR A 18 -13.40 9.88 -24.77
N ALA A 19 -13.35 9.43 -23.52
CA ALA A 19 -12.61 8.23 -23.19
C ALA A 19 -13.51 7.00 -23.22
N ALA A 20 -14.36 6.95 -24.24
CA ALA A 20 -15.29 5.84 -24.40
C ALA A 20 -14.55 4.50 -24.56
N PRO A 21 -13.65 4.37 -25.56
CA PRO A 21 -12.89 3.14 -25.75
C PRO A 21 -11.59 3.12 -24.94
N GLN A 22 -11.33 4.21 -24.24
CA GLN A 22 -10.08 4.37 -23.51
C GLN A 22 -10.21 3.81 -22.10
N THR A 23 -11.42 3.82 -21.55
CA THR A 23 -11.65 3.33 -20.19
C THR A 23 -11.74 1.80 -20.17
N ARG A 24 -10.82 1.18 -20.90
CA ARG A 24 -10.65 -0.27 -20.86
C ARG A 24 -9.47 -0.61 -19.97
N LEU A 25 -8.49 0.28 -19.95
CA LEU A 25 -7.29 0.09 -19.16
C LEU A 25 -6.49 1.38 -19.07
N THR A 26 -6.82 2.18 -18.06
CA THR A 26 -6.02 3.35 -17.73
C THR A 26 -4.58 2.94 -17.38
N PRO A 27 -3.58 3.44 -18.12
CA PRO A 27 -2.19 2.98 -18.00
C PRO A 27 -1.45 3.51 -16.77
N TYR A 28 -2.21 3.94 -15.79
CA TYR A 28 -1.65 4.44 -14.54
C TYR A 28 -2.74 4.70 -13.52
N ALA A 29 -2.81 3.84 -12.51
CA ALA A 29 -3.80 3.99 -11.46
C ALA A 29 -3.34 5.02 -10.44
N GLN A 30 -4.11 6.08 -10.28
CA GLN A 30 -3.76 7.14 -9.36
C GLN A 30 -4.33 6.84 -7.97
N ALA A 31 -3.52 6.25 -7.12
CA ALA A 31 -3.92 5.99 -5.74
C ALA A 31 -3.48 7.14 -4.85
N GLY A 32 -4.45 7.80 -4.23
CA GLY A 32 -4.16 8.97 -3.42
C GLY A 32 -3.69 8.61 -2.02
N GLU A 33 -2.51 8.01 -1.92
CA GLU A 33 -1.96 7.63 -0.63
C GLU A 33 -1.31 8.85 0.03
N ASP A 34 -2.14 9.68 0.64
CA ASP A 34 -1.65 10.79 1.45
C ASP A 34 -2.12 10.63 2.88
N ASN A 35 -3.36 10.20 3.01
CA ASN A 35 -3.93 9.88 4.32
C ASN A 35 -4.71 8.57 4.20
N TRP A 36 -4.21 7.71 3.32
CA TRP A 36 -4.87 6.44 3.05
C TRP A 36 -4.33 5.38 4.00
N ARG A 37 -3.11 5.59 4.46
CA ARG A 37 -2.44 4.64 5.33
C ARG A 37 -3.14 4.53 6.67
N SER A 38 -3.74 5.62 7.11
CA SER A 38 -4.49 5.62 8.36
C SER A 38 -5.78 4.84 8.18
N ARG A 39 -6.33 4.90 6.97
CA ARG A 39 -7.53 4.15 6.66
C ARG A 39 -7.19 2.66 6.59
N ILE A 40 -6.09 2.37 5.90
CA ILE A 40 -5.56 1.02 5.80
C ILE A 40 -5.28 0.46 7.20
N SER A 41 -4.64 1.28 8.04
CA SER A 41 -4.35 0.90 9.42
C SER A 41 -5.64 0.64 10.21
N GLY A 42 -6.70 1.39 9.91
CA GLY A 42 -7.99 1.13 10.54
C GLY A 42 -8.54 -0.21 10.11
N ARG A 43 -8.33 -0.53 8.85
CA ARG A 43 -8.73 -1.81 8.29
C ARG A 43 -7.88 -2.93 8.88
N LEU A 44 -6.62 -2.61 9.14
CA LEU A 44 -5.70 -3.53 9.76
C LEU A 44 -6.15 -3.86 11.18
N ASN A 45 -6.89 -2.92 11.75
CA ASN A 45 -7.47 -3.08 13.09
C ASN A 45 -8.58 -4.10 13.04
N ARG A 46 -9.27 -4.13 11.91
CA ARG A 46 -10.26 -5.15 11.61
C ARG A 46 -9.64 -6.54 11.75
N PHE A 47 -8.33 -6.63 11.50
CA PHE A 47 -7.64 -7.90 11.61
C PHE A 47 -6.92 -8.01 12.95
N LYS A 48 -6.00 -7.08 13.18
CA LYS A 48 -5.18 -6.99 14.39
C LYS A 48 -4.28 -5.78 14.29
N ARG A 49 -4.62 -4.71 15.00
CA ARG A 49 -3.81 -3.49 14.93
C ARG A 49 -3.08 -3.25 16.24
N TYR A 50 -1.79 -3.53 16.23
CA TYR A 50 -0.94 -3.26 17.37
C TYR A 50 -0.33 -1.88 17.20
N PRO A 51 -0.47 -0.99 18.20
CA PRO A 51 0.04 0.39 18.14
C PRO A 51 1.55 0.44 17.92
N LYS A 52 1.98 1.29 16.98
CA LYS A 52 3.36 1.30 16.49
C LYS A 52 4.36 1.60 17.61
N ASP A 53 3.92 2.32 18.63
CA ASP A 53 4.77 2.63 19.78
C ASP A 53 5.26 1.36 20.46
N ALA A 54 4.39 0.36 20.49
CA ALA A 54 4.75 -0.93 21.08
C ALA A 54 5.71 -1.70 20.17
N LEU A 55 5.60 -1.47 18.86
CA LEU A 55 6.44 -2.16 17.89
C LEU A 55 7.85 -1.58 17.88
N ARG A 56 7.95 -0.26 17.92
CA ARG A 56 9.27 0.38 17.91
C ARG A 56 10.03 0.07 19.19
N LEU A 57 9.34 -0.48 20.16
CA LEU A 57 9.95 -0.89 21.42
C LEU A 57 9.93 -2.43 21.55
N LYS A 58 9.58 -3.11 20.46
CA LYS A 58 9.47 -4.56 20.46
C LYS A 58 9.76 -5.15 19.08
N ARG A 59 8.79 -5.06 18.19
CA ARG A 59 8.94 -5.59 16.84
C ARG A 59 8.97 -4.44 15.83
N GLN A 60 10.14 -3.88 15.64
CA GLN A 60 10.31 -2.76 14.73
C GLN A 60 10.75 -3.25 13.37
N GLY A 61 10.76 -2.36 12.39
CA GLY A 61 11.21 -2.74 11.07
C GLY A 61 10.59 -1.91 9.98
N VAL A 62 11.43 -1.28 9.18
CA VAL A 62 10.95 -0.52 8.03
C VAL A 62 11.22 -1.29 6.75
N GLY A 63 10.17 -1.50 5.98
CA GLY A 63 10.30 -2.21 4.73
C GLY A 63 9.34 -1.71 3.68
N GLN A 64 9.57 -2.07 2.44
CA GLN A 64 8.69 -1.68 1.36
C GLN A 64 7.83 -2.85 0.95
N VAL A 65 6.52 -2.66 0.98
CA VAL A 65 5.56 -3.74 0.82
C VAL A 65 4.54 -3.41 -0.26
N ARG A 66 4.50 -4.22 -1.30
CA ARG A 66 3.55 -3.99 -2.38
C ARG A 66 2.54 -5.13 -2.40
N PHE A 67 1.31 -4.82 -2.75
CA PHE A 67 0.25 -5.81 -2.71
C PHE A 67 -0.90 -5.44 -3.63
N THR A 68 -1.66 -6.46 -4.01
CA THR A 68 -2.89 -6.28 -4.76
C THR A 68 -4.05 -6.56 -3.82
N LEU A 69 -4.97 -5.62 -3.75
CA LEU A 69 -5.97 -5.64 -2.69
C LEU A 69 -7.37 -5.80 -3.24
N ASP A 70 -8.11 -6.71 -2.64
CA ASP A 70 -9.48 -6.96 -3.03
C ASP A 70 -10.36 -5.79 -2.67
N ARG A 71 -11.42 -5.64 -3.43
CA ARG A 71 -12.36 -4.53 -3.33
C ARG A 71 -13.05 -4.49 -1.97
N GLN A 72 -13.01 -5.59 -1.22
CA GLN A 72 -13.56 -5.62 0.13
C GLN A 72 -12.43 -5.49 1.16
N GLY A 73 -11.21 -5.31 0.67
CA GLY A 73 -10.07 -5.12 1.53
C GLY A 73 -9.42 -6.42 1.95
N HIS A 74 -9.31 -7.35 1.02
CA HIS A 74 -8.66 -8.63 1.27
C HIS A 74 -7.38 -8.75 0.45
N VAL A 75 -6.27 -9.01 1.11
CA VAL A 75 -5.01 -9.24 0.42
C VAL A 75 -5.15 -10.32 -0.66
N LEU A 76 -4.82 -9.95 -1.89
CA LEU A 76 -4.85 -10.89 -3.00
C LEU A 76 -3.43 -11.28 -3.36
N ALA A 77 -2.56 -10.30 -3.34
CA ALA A 77 -1.16 -10.49 -3.61
C ALA A 77 -0.35 -9.67 -2.64
N VAL A 78 0.86 -10.12 -2.32
CA VAL A 78 1.74 -9.37 -1.44
C VAL A 78 3.19 -9.72 -1.74
N THR A 79 3.97 -8.71 -2.06
CA THR A 79 5.35 -8.90 -2.44
C THR A 79 6.26 -7.99 -1.64
N LEU A 80 7.28 -8.56 -1.01
CA LEU A 80 8.25 -7.76 -0.31
C LEU A 80 9.17 -7.12 -1.34
N VAL A 81 9.01 -5.82 -1.52
CA VAL A 81 9.67 -5.10 -2.60
C VAL A 81 11.10 -4.73 -2.19
N SER A 82 11.24 -4.30 -0.95
CA SER A 82 12.55 -3.96 -0.40
C SER A 82 12.53 -4.12 1.11
N SER A 83 13.56 -4.74 1.66
CA SER A 83 13.66 -4.89 3.11
C SER A 83 14.97 -4.28 3.60
N ALA A 84 14.89 -3.54 4.70
CA ALA A 84 16.06 -2.83 5.22
C ALA A 84 16.94 -3.76 6.06
N GLY A 85 16.38 -4.87 6.50
CA GLY A 85 17.12 -5.79 7.34
C GLY A 85 16.33 -6.23 8.55
N LEU A 86 15.20 -6.91 8.31
CA LEU A 86 14.33 -7.36 9.39
C LEU A 86 14.25 -8.88 9.37
N PRO A 87 15.17 -9.55 10.06
CA PRO A 87 15.20 -11.02 10.09
C PRO A 87 14.13 -11.60 10.98
N SER A 88 14.31 -11.47 12.29
CA SER A 88 13.34 -11.95 13.26
C SER A 88 12.12 -11.03 13.27
N LEU A 89 12.30 -9.83 12.75
CA LEU A 89 11.24 -8.83 12.76
C LEU A 89 10.17 -9.12 11.71
N ASP A 90 10.61 -9.60 10.54
CA ASP A 90 9.72 -9.81 9.40
C ASP A 90 8.53 -10.68 9.77
N ARG A 91 8.82 -11.80 10.43
CA ARG A 91 7.79 -12.77 10.78
C ARG A 91 6.64 -12.12 11.57
N GLU A 92 6.99 -11.25 12.51
CA GLU A 92 5.99 -10.63 13.38
C GLU A 92 5.24 -9.51 12.66
N ILE A 93 5.99 -8.54 12.13
CA ILE A 93 5.40 -7.34 11.57
C ILE A 93 4.70 -7.62 10.25
N GLN A 94 5.23 -8.55 9.48
CA GLN A 94 4.64 -8.90 8.21
C GLN A 94 3.49 -9.86 8.40
N ALA A 95 3.50 -10.64 9.46
CA ALA A 95 2.31 -11.42 9.78
C ALA A 95 1.13 -10.44 9.91
N LEU A 96 1.41 -9.34 10.57
CA LEU A 96 0.47 -8.29 10.80
C LEU A 96 0.07 -7.58 9.50
N VAL A 97 1.06 -7.04 8.78
CA VAL A 97 0.80 -6.27 7.55
C VAL A 97 0.74 -7.15 6.30
N LYS A 98 1.75 -8.00 6.13
CA LYS A 98 1.89 -8.83 4.93
C LYS A 98 0.75 -9.85 4.80
N ARG A 99 0.13 -10.23 5.93
CA ARG A 99 -1.03 -11.11 5.86
C ARG A 99 -2.34 -10.33 5.90
N ALA A 100 -2.39 -9.25 6.67
CA ALA A 100 -3.59 -8.42 6.72
C ALA A 100 -3.42 -7.16 5.88
N SER A 101 -3.20 -7.34 4.58
CA SER A 101 -3.08 -6.20 3.68
C SER A 101 -4.47 -5.71 3.26
N PRO A 102 -4.90 -4.59 3.83
CA PRO A 102 -6.25 -4.07 3.69
C PRO A 102 -6.39 -2.96 2.65
N LEU A 103 -7.59 -2.85 2.10
CA LEU A 103 -7.95 -1.80 1.16
C LEU A 103 -9.19 -1.08 1.69
N PRO A 104 -9.02 0.10 2.31
CA PRO A 104 -10.13 0.81 2.95
C PRO A 104 -11.14 1.35 1.96
N THR A 105 -10.84 2.51 1.39
CA THR A 105 -11.71 3.09 0.38
C THR A 105 -11.45 2.41 -0.95
N PRO A 106 -12.43 1.62 -1.43
CA PRO A 106 -12.28 0.82 -2.65
C PRO A 106 -12.05 1.70 -3.88
N PRO A 107 -10.82 1.70 -4.41
CA PRO A 107 -10.46 2.49 -5.59
C PRO A 107 -11.00 1.87 -6.87
N ALA A 108 -12.33 1.77 -6.96
CA ALA A 108 -13.00 1.23 -8.13
C ALA A 108 -12.60 2.01 -9.38
N ASP A 109 -12.43 3.30 -9.19
CA ASP A 109 -12.05 4.21 -10.27
C ASP A 109 -10.63 3.92 -10.74
N ALA A 110 -9.93 3.04 -10.03
CA ALA A 110 -8.53 2.75 -10.32
C ALA A 110 -8.31 1.32 -10.83
N TYR A 111 -9.24 0.42 -10.55
CA TYR A 111 -8.97 -1.01 -10.79
C TYR A 111 -10.08 -1.71 -11.53
N VAL A 112 -10.91 -0.97 -12.20
CA VAL A 112 -12.01 -1.57 -12.96
C VAL A 112 -11.45 -2.32 -14.17
N ASN A 113 -11.16 -3.59 -13.89
CA ASN A 113 -10.47 -4.51 -14.79
C ASN A 113 -9.92 -5.65 -13.95
N GLY A 114 -9.86 -5.40 -12.64
CA GLY A 114 -9.38 -6.40 -11.71
C GLY A 114 -9.23 -5.85 -10.30
N THR A 115 -8.03 -5.37 -9.99
CA THR A 115 -7.68 -4.92 -8.65
C THR A 115 -6.44 -4.04 -8.70
N VAL A 116 -6.07 -3.52 -7.54
CA VAL A 116 -5.00 -2.53 -7.43
C VAL A 116 -3.73 -3.15 -6.87
N GLU A 117 -2.67 -3.11 -7.64
CA GLU A 117 -1.36 -3.52 -7.17
C GLU A 117 -0.53 -2.28 -6.91
N LEU A 118 -0.23 -2.03 -5.65
CA LEU A 118 0.45 -0.81 -5.26
C LEU A 118 1.59 -1.12 -4.30
N THR A 119 2.58 -0.25 -4.29
CA THR A 119 3.71 -0.40 -3.41
C THR A 119 3.69 0.64 -2.30
N LEU A 120 3.70 0.17 -1.06
CA LEU A 120 3.67 1.05 0.09
C LEU A 120 4.77 0.69 1.08
N PRO A 121 5.59 1.65 1.49
CA PRO A 121 6.55 1.42 2.55
C PRO A 121 5.86 1.32 3.90
N ILE A 122 5.99 0.19 4.57
CA ILE A 122 5.42 0.01 5.88
C ILE A 122 6.49 0.31 6.91
N ASP A 123 6.21 1.21 7.83
CA ASP A 123 7.23 1.60 8.79
C ASP A 123 6.88 1.19 10.20
N PHE A 124 7.76 0.40 10.77
CA PHE A 124 7.86 0.24 12.20
C PHE A 124 9.19 0.83 12.60
N SER A 125 9.19 1.85 13.44
CA SER A 125 10.39 2.64 13.70
C SER A 125 11.56 1.76 14.16
N LEU A 126 12.48 1.50 13.23
CA LEU A 126 13.60 0.59 13.47
C LEU A 126 14.59 1.18 14.45
N ARG A 127 14.42 0.81 15.70
CA ARG A 127 15.27 1.27 16.77
C ARG A 127 15.71 0.10 17.65
N GLY A 128 15.85 -1.07 17.05
CA GLY A 128 16.11 -2.27 17.84
C GLY A 128 16.84 -3.36 17.08
N ALA A 129 16.13 -4.47 16.85
CA ALA A 129 16.75 -5.71 16.38
C ALA A 129 17.04 -5.72 14.88
N GLY A 130 17.62 -4.64 14.37
CA GLY A 130 18.08 -4.61 13.00
C GLY A 130 19.59 -4.52 12.95
N PHE A 131 20.23 -5.13 13.94
CA PHE A 131 21.67 -5.10 14.08
C PHE A 131 22.26 -6.48 13.85
N LYS A 1 3.90 -15.00 -25.50
CA LYS A 1 5.30 -14.61 -25.70
C LYS A 1 6.10 -14.78 -24.41
N VAL A 2 6.06 -15.98 -23.84
CA VAL A 2 6.81 -16.25 -22.61
C VAL A 2 8.15 -16.90 -22.91
N GLN A 3 8.24 -17.58 -24.04
CA GLN A 3 9.48 -18.23 -24.45
C GLN A 3 10.43 -17.22 -25.06
N GLU A 4 9.87 -16.21 -25.69
CA GLU A 4 10.64 -15.17 -26.35
C GLU A 4 11.20 -14.17 -25.34
N GLN A 5 11.06 -14.50 -24.05
CA GLN A 5 11.59 -13.67 -22.98
C GLN A 5 12.99 -14.14 -22.59
N SER A 6 13.50 -15.13 -23.31
CA SER A 6 14.82 -15.67 -23.04
C SER A 6 15.88 -14.93 -23.87
N VAL A 7 17.05 -15.55 -24.00
CA VAL A 7 18.19 -14.94 -24.69
C VAL A 7 18.59 -13.64 -23.99
N GLY A 8 18.99 -13.78 -22.73
CA GLY A 8 19.40 -12.63 -21.94
C GLY A 8 20.89 -12.67 -21.66
N ALA A 9 21.60 -13.52 -22.38
CA ALA A 9 23.05 -13.62 -22.25
C ALA A 9 23.74 -12.31 -22.67
N PRO A 10 23.48 -11.80 -23.90
CA PRO A 10 24.09 -10.54 -24.35
C PRO A 10 23.49 -9.32 -23.66
N PRO A 11 24.33 -8.44 -23.11
CA PRO A 11 23.89 -7.20 -22.48
C PRO A 11 23.20 -6.27 -23.47
N PRO A 12 22.12 -5.61 -23.06
CA PRO A 12 21.35 -4.71 -23.94
C PRO A 12 22.03 -3.37 -24.15
N GLY A 13 23.34 -3.39 -24.30
CA GLY A 13 24.11 -2.17 -24.47
C GLY A 13 24.13 -1.35 -23.20
N ARG A 14 23.47 -0.21 -23.23
CA ARG A 14 23.41 0.68 -22.09
C ARG A 14 22.03 1.33 -21.99
N ALA A 15 21.41 1.22 -20.82
CA ALA A 15 20.10 1.82 -20.59
C ALA A 15 20.05 2.50 -19.22
N ASP A 16 20.27 3.81 -19.23
CA ASP A 16 20.20 4.61 -18.00
C ASP A 16 18.75 4.91 -17.66
N LYS A 17 17.92 4.89 -18.70
CA LYS A 17 16.51 5.22 -18.57
C LYS A 17 15.70 3.99 -18.19
N THR A 18 14.68 4.20 -17.35
CA THR A 18 13.83 3.12 -16.90
C THR A 18 12.49 3.16 -17.65
N ALA A 19 12.15 4.34 -18.16
CA ALA A 19 10.93 4.51 -18.92
C ALA A 19 11.14 4.09 -20.37
N ALA A 20 11.01 2.79 -20.64
CA ALA A 20 11.29 2.25 -21.96
C ALA A 20 10.37 1.06 -22.31
N PRO A 21 10.31 0.00 -21.46
CA PRO A 21 9.54 -1.21 -21.79
C PRO A 21 8.03 -0.97 -21.79
N GLN A 22 7.40 -1.11 -20.63
CA GLN A 22 5.95 -0.95 -20.54
C GLN A 22 5.60 0.00 -19.41
N THR A 23 6.47 0.96 -19.19
CA THR A 23 6.25 1.99 -18.18
C THR A 23 5.10 2.90 -18.60
N ARG A 24 4.68 2.77 -19.86
CA ARG A 24 3.57 3.55 -20.38
C ARG A 24 2.25 3.01 -19.80
N LEU A 25 2.31 1.81 -19.24
CA LEU A 25 1.14 1.21 -18.61
C LEU A 25 1.37 1.04 -17.12
N THR A 26 1.89 2.08 -16.48
CA THR A 26 2.09 2.07 -15.04
C THR A 26 0.75 2.35 -14.33
N PRO A 27 0.42 1.56 -13.31
CA PRO A 27 -0.84 1.66 -12.58
C PRO A 27 -0.77 2.68 -11.44
N TYR A 28 -0.89 3.95 -11.78
CA TYR A 28 -0.94 5.00 -10.79
C TYR A 28 -2.35 5.56 -10.65
N ALA A 29 -3.00 5.23 -9.53
CA ALA A 29 -4.35 5.72 -9.27
C ALA A 29 -4.61 5.77 -7.77
N GLN A 30 -5.07 6.94 -7.30
CA GLN A 30 -5.39 7.17 -5.90
C GLN A 30 -4.21 6.81 -5.00
N ALA A 31 -3.12 7.55 -5.12
CA ALA A 31 -1.92 7.27 -4.36
C ALA A 31 -1.28 8.55 -3.85
N GLY A 32 -2.08 9.42 -3.25
CA GLY A 32 -1.56 10.63 -2.64
C GLY A 32 -2.17 10.90 -1.28
N GLU A 33 -2.38 9.82 -0.53
CA GLU A 33 -3.13 9.87 0.73
C GLU A 33 -4.45 10.62 0.53
N ASP A 34 -5.28 10.03 -0.31
CA ASP A 34 -6.63 10.52 -0.56
C ASP A 34 -7.55 9.98 0.54
N ASN A 35 -7.02 9.98 1.75
CA ASN A 35 -7.66 9.35 2.91
C ASN A 35 -7.95 7.88 2.64
N TRP A 36 -6.90 7.11 2.41
CA TRP A 36 -7.06 5.68 2.23
C TRP A 36 -6.16 4.88 3.16
N ARG A 37 -4.85 5.17 3.17
CA ARG A 37 -3.92 4.35 3.96
C ARG A 37 -4.14 4.53 5.45
N SER A 38 -4.47 5.74 5.88
CA SER A 38 -4.76 6.00 7.28
C SER A 38 -6.06 5.31 7.68
N ARG A 39 -6.97 5.24 6.73
CA ARG A 39 -8.21 4.54 6.91
C ARG A 39 -7.94 3.04 6.87
N ILE A 40 -6.95 2.64 6.07
CA ILE A 40 -6.48 1.27 6.02
C ILE A 40 -5.96 0.86 7.39
N SER A 41 -5.27 1.78 8.06
CA SER A 41 -4.79 1.54 9.42
C SER A 41 -5.95 1.15 10.35
N GLY A 42 -7.09 1.81 10.17
CA GLY A 42 -8.29 1.42 10.89
C GLY A 42 -8.77 0.03 10.48
N ARG A 43 -8.63 -0.28 9.21
CA ARG A 43 -9.01 -1.57 8.69
C ARG A 43 -8.08 -2.64 9.21
N LEU A 44 -6.81 -2.27 9.38
CA LEU A 44 -5.79 -3.17 9.88
C LEU A 44 -6.09 -3.49 11.34
N ASN A 45 -6.78 -2.58 11.99
CA ASN A 45 -7.16 -2.71 13.39
C ASN A 45 -8.23 -3.77 13.54
N ARG A 46 -9.07 -3.89 12.52
CA ARG A 46 -10.05 -4.93 12.45
C ARG A 46 -9.38 -6.32 12.44
N PHE A 47 -8.09 -6.35 12.12
CA PHE A 47 -7.33 -7.59 12.19
C PHE A 47 -6.34 -7.57 13.35
N LYS A 48 -5.44 -6.61 13.31
CA LYS A 48 -4.39 -6.45 14.30
C LYS A 48 -3.73 -5.09 14.15
N ARG A 49 -4.07 -4.13 14.99
CA ARG A 49 -3.33 -2.89 14.98
C ARG A 49 -2.53 -2.77 16.27
N TYR A 50 -1.26 -3.04 16.13
CA TYR A 50 -0.35 -3.13 17.25
C TYR A 50 0.39 -1.80 17.40
N PRO A 51 0.21 -1.08 18.52
CA PRO A 51 0.90 0.18 18.79
C PRO A 51 2.41 0.04 18.62
N LYS A 52 3.02 0.95 17.87
CA LYS A 52 4.44 0.85 17.52
C LYS A 52 5.33 0.89 18.75
N ASP A 53 4.85 1.49 19.83
CA ASP A 53 5.57 1.52 21.08
C ASP A 53 5.91 0.10 21.55
N ALA A 54 4.94 -0.79 21.44
CA ALA A 54 5.13 -2.18 21.83
C ALA A 54 6.08 -2.87 20.86
N LEU A 55 6.05 -2.42 19.61
CA LEU A 55 6.94 -2.96 18.59
C LEU A 55 8.36 -2.44 18.79
N ARG A 56 8.48 -1.21 19.30
CA ARG A 56 9.79 -0.61 19.55
C ARG A 56 10.59 -1.40 20.58
N LEU A 57 9.88 -2.20 21.37
CA LEU A 57 10.52 -3.06 22.35
C LEU A 57 10.48 -4.52 21.91
N LYS A 58 10.16 -4.74 20.63
CA LYS A 58 10.10 -6.09 20.09
C LYS A 58 10.44 -6.11 18.60
N ARG A 59 9.47 -5.85 17.75
CA ARG A 59 9.68 -5.98 16.31
C ARG A 59 9.39 -4.67 15.60
N GLN A 60 10.39 -3.81 15.53
CA GLN A 60 10.29 -2.60 14.73
C GLN A 60 11.21 -2.68 13.54
N GLY A 61 10.60 -2.69 12.36
CA GLY A 61 11.35 -2.66 11.12
C GLY A 61 10.61 -1.90 10.05
N VAL A 62 11.33 -1.11 9.26
CA VAL A 62 10.73 -0.35 8.19
C VAL A 62 11.02 -1.01 6.85
N GLY A 63 10.02 -1.06 6.00
CA GLY A 63 10.17 -1.75 4.73
C GLY A 63 9.03 -1.45 3.80
N GLN A 64 9.16 -1.83 2.55
CA GLN A 64 8.09 -1.62 1.59
C GLN A 64 7.30 -2.90 1.43
N VAL A 65 6.00 -2.77 1.31
CA VAL A 65 5.12 -3.91 1.28
C VAL A 65 4.16 -3.80 0.10
N ARG A 66 4.28 -4.70 -0.87
CA ARG A 66 3.49 -4.61 -2.08
C ARG A 66 2.48 -5.74 -2.12
N PHE A 67 1.28 -5.44 -2.60
CA PHE A 67 0.21 -6.42 -2.63
C PHE A 67 -0.86 -6.05 -3.63
N THR A 68 -1.58 -7.06 -4.10
CA THR A 68 -2.77 -6.85 -4.91
C THR A 68 -3.98 -6.99 -4.01
N LEU A 69 -4.81 -5.96 -3.99
CA LEU A 69 -5.88 -5.88 -3.01
C LEU A 69 -7.26 -5.98 -3.66
N ASP A 70 -8.18 -6.55 -2.91
CA ASP A 70 -9.57 -6.64 -3.34
C ASP A 70 -10.35 -5.45 -2.82
N ARG A 71 -11.56 -5.22 -3.34
CA ARG A 71 -12.34 -4.05 -2.99
C ARG A 71 -12.52 -3.89 -1.46
N GLN A 72 -12.75 -5.02 -0.78
CA GLN A 72 -12.99 -4.99 0.66
C GLN A 72 -11.69 -5.11 1.45
N GLY A 73 -10.58 -5.02 0.74
CA GLY A 73 -9.29 -5.20 1.36
C GLY A 73 -8.99 -6.66 1.62
N HIS A 74 -9.21 -7.46 0.61
CA HIS A 74 -8.85 -8.86 0.67
C HIS A 74 -7.54 -9.06 -0.07
N VAL A 75 -6.44 -9.15 0.67
CA VAL A 75 -5.13 -9.42 0.09
C VAL A 75 -5.19 -10.58 -0.91
N LEU A 76 -4.93 -10.25 -2.17
CA LEU A 76 -4.97 -11.22 -3.25
C LEU A 76 -3.57 -11.70 -3.57
N ALA A 77 -2.61 -10.81 -3.45
CA ALA A 77 -1.22 -11.11 -3.73
C ALA A 77 -0.33 -10.52 -2.67
N VAL A 78 0.73 -11.23 -2.32
CA VAL A 78 1.69 -10.75 -1.35
C VAL A 78 3.07 -10.62 -1.99
N THR A 79 3.69 -9.47 -1.82
CA THR A 79 5.00 -9.24 -2.37
C THR A 79 5.93 -8.66 -1.32
N LEU A 80 7.03 -9.36 -1.08
CA LEU A 80 8.06 -8.89 -0.18
C LEU A 80 8.92 -7.86 -0.88
N VAL A 81 8.86 -6.65 -0.35
CA VAL A 81 9.58 -5.53 -0.93
C VAL A 81 10.52 -4.95 0.12
N SER A 82 10.13 -5.19 1.37
CA SER A 82 10.89 -4.78 2.55
C SER A 82 12.35 -5.19 2.42
N SER A 83 13.23 -4.19 2.46
CA SER A 83 14.63 -4.40 2.13
C SER A 83 15.54 -3.52 3.00
N ALA A 84 15.24 -3.44 4.28
CA ALA A 84 16.06 -2.67 5.20
C ALA A 84 16.74 -3.59 6.20
N GLY A 85 16.72 -4.89 5.90
CA GLY A 85 17.32 -5.86 6.78
C GLY A 85 16.40 -6.21 7.92
N LEU A 86 15.23 -6.75 7.61
CA LEU A 86 14.28 -7.11 8.64
C LEU A 86 14.14 -8.64 8.75
N PRO A 87 15.04 -9.30 9.50
CA PRO A 87 15.05 -10.75 9.62
C PRO A 87 13.97 -11.26 10.59
N SER A 88 14.20 -11.09 11.89
CA SER A 88 13.24 -11.47 12.91
C SER A 88 12.01 -10.55 12.86
N LEU A 89 12.20 -9.39 12.23
CA LEU A 89 11.16 -8.39 12.19
C LEU A 89 10.05 -8.76 11.22
N ASP A 90 10.43 -9.34 10.08
CA ASP A 90 9.49 -9.65 8.99
C ASP A 90 8.30 -10.47 9.49
N ARG A 91 8.59 -11.55 10.20
CA ARG A 91 7.54 -12.49 10.62
C ARG A 91 6.42 -11.80 11.39
N GLU A 92 6.77 -10.95 12.34
CA GLU A 92 5.77 -10.26 13.14
C GLU A 92 5.11 -9.12 12.35
N ILE A 93 5.93 -8.22 11.79
CA ILE A 93 5.41 -7.01 11.17
C ILE A 93 4.67 -7.30 9.87
N GLN A 94 5.10 -8.33 9.13
CA GLN A 94 4.43 -8.68 7.90
C GLN A 94 3.21 -9.53 8.19
N ALA A 95 3.25 -10.30 9.26
CA ALA A 95 2.04 -10.98 9.68
C ALA A 95 0.95 -9.94 9.92
N LEU A 96 1.36 -8.87 10.58
CA LEU A 96 0.51 -7.77 10.91
C LEU A 96 -0.07 -7.09 9.66
N VAL A 97 0.81 -6.58 8.81
CA VAL A 97 0.40 -5.86 7.60
C VAL A 97 0.22 -6.78 6.38
N LYS A 98 1.21 -7.62 6.11
CA LYS A 98 1.24 -8.42 4.88
C LYS A 98 0.10 -9.46 4.87
N ARG A 99 -0.36 -9.89 6.04
CA ARG A 99 -1.49 -10.81 6.10
C ARG A 99 -2.80 -10.04 6.20
N ALA A 100 -2.75 -8.88 6.83
CA ALA A 100 -3.94 -8.03 6.98
C ALA A 100 -3.84 -6.81 6.09
N SER A 101 -3.89 -7.02 4.78
CA SER A 101 -3.84 -5.91 3.83
C SER A 101 -5.25 -5.51 3.41
N PRO A 102 -5.79 -4.45 4.04
CA PRO A 102 -7.15 -4.01 3.87
C PRO A 102 -7.31 -2.74 3.02
N LEU A 103 -8.55 -2.46 2.65
CA LEU A 103 -8.91 -1.25 1.92
C LEU A 103 -10.28 -0.78 2.38
N PRO A 104 -10.38 0.45 2.86
CA PRO A 104 -11.65 1.06 3.23
C PRO A 104 -12.38 1.64 2.03
N THR A 105 -11.63 2.38 1.24
CA THR A 105 -12.16 2.96 0.02
C THR A 105 -11.95 2.00 -1.14
N PRO A 106 -13.03 1.45 -1.70
CA PRO A 106 -12.96 0.53 -2.83
C PRO A 106 -12.36 1.19 -4.06
N PRO A 107 -11.12 0.82 -4.42
CA PRO A 107 -10.39 1.47 -5.48
C PRO A 107 -10.76 0.96 -6.87
N ALA A 108 -12.05 0.93 -7.16
CA ALA A 108 -12.53 0.54 -8.49
C ALA A 108 -11.97 1.50 -9.53
N ASP A 109 -11.90 2.77 -9.14
CA ASP A 109 -11.37 3.82 -10.00
C ASP A 109 -9.86 3.74 -10.08
N ALA A 110 -9.28 2.73 -9.45
CA ALA A 110 -7.84 2.57 -9.44
C ALA A 110 -7.42 1.30 -10.19
N TYR A 111 -8.32 0.33 -10.33
CA TYR A 111 -7.94 -0.96 -10.87
C TYR A 111 -8.80 -1.43 -12.02
N VAL A 112 -9.52 -0.50 -12.63
CA VAL A 112 -10.30 -0.85 -13.82
C VAL A 112 -9.35 -1.12 -14.97
N ASN A 113 -8.96 -2.39 -15.05
CA ASN A 113 -7.89 -2.88 -15.92
C ASN A 113 -7.37 -4.20 -15.36
N GLY A 114 -7.76 -4.49 -14.12
CA GLY A 114 -7.36 -5.72 -13.47
C GLY A 114 -7.55 -5.68 -11.97
N THR A 115 -6.54 -5.18 -11.26
CA THR A 115 -6.53 -5.15 -9.81
C THR A 115 -5.53 -4.11 -9.33
N VAL A 116 -5.44 -3.88 -8.03
CA VAL A 116 -4.49 -2.89 -7.52
C VAL A 116 -3.28 -3.59 -6.92
N GLU A 117 -2.17 -3.49 -7.62
CA GLU A 117 -0.90 -3.93 -7.09
C GLU A 117 -0.07 -2.69 -6.84
N LEU A 118 0.15 -2.37 -5.57
CA LEU A 118 0.83 -1.14 -5.23
C LEU A 118 1.72 -1.36 -4.02
N THR A 119 2.84 -0.66 -3.99
CA THR A 119 3.80 -0.81 -2.93
C THR A 119 3.57 0.22 -1.83
N LEU A 120 3.25 -0.24 -0.65
CA LEU A 120 3.07 0.64 0.49
C LEU A 120 4.17 0.43 1.50
N PRO A 121 4.91 1.49 1.83
CA PRO A 121 5.94 1.42 2.84
C PRO A 121 5.33 1.34 4.23
N ILE A 122 5.61 0.27 4.93
CA ILE A 122 5.15 0.13 6.29
C ILE A 122 6.30 0.52 7.22
N ASP A 123 6.10 1.55 8.02
CA ASP A 123 7.19 2.08 8.81
C ASP A 123 7.05 1.76 10.27
N PHE A 124 8.06 1.10 10.80
CA PHE A 124 8.28 1.00 12.21
C PHE A 124 9.60 1.69 12.49
N SER A 125 9.71 2.40 13.60
CA SER A 125 10.95 3.07 13.93
C SER A 125 12.04 2.05 14.26
N LEU A 126 12.94 1.87 13.30
CA LEU A 126 14.03 0.91 13.44
C LEU A 126 15.14 1.50 14.30
N ARG A 127 14.96 1.42 15.61
CA ARG A 127 15.92 1.95 16.55
C ARG A 127 16.89 0.86 16.98
N GLY A 128 16.34 -0.26 17.43
CA GLY A 128 17.16 -1.34 17.94
C GLY A 128 16.80 -2.66 17.32
N ALA A 129 17.11 -2.81 16.04
CA ALA A 129 16.85 -4.04 15.31
C ALA A 129 17.57 -4.01 13.97
N GLY A 130 17.25 -4.97 13.11
CA GLY A 130 17.87 -5.03 11.81
C GLY A 130 19.07 -5.95 11.82
N PHE A 131 19.08 -6.86 12.78
CA PHE A 131 20.19 -7.79 12.95
C PHE A 131 19.66 -9.09 13.55
N LYS A 1 29.84 3.12 8.20
CA LYS A 1 28.72 3.79 7.48
C LYS A 1 29.26 4.64 6.34
N VAL A 2 29.93 4.02 5.38
CA VAL A 2 30.43 4.73 4.22
C VAL A 2 29.38 4.68 3.12
N GLN A 3 29.04 3.47 2.71
CA GLN A 3 27.94 3.25 1.79
C GLN A 3 26.72 2.82 2.59
N GLU A 4 26.98 2.38 3.82
CA GLU A 4 25.94 2.02 4.77
C GLU A 4 25.33 3.29 5.36
N GLN A 5 24.96 4.20 4.48
CA GLN A 5 24.42 5.49 4.85
C GLN A 5 23.85 6.14 3.59
N SER A 6 22.60 5.79 3.29
CA SER A 6 21.95 6.21 2.06
C SER A 6 21.86 7.74 1.97
N VAL A 7 22.42 8.29 0.91
CA VAL A 7 22.34 9.72 0.66
C VAL A 7 21.26 10.01 -0.38
N GLY A 8 21.00 11.28 -0.63
CA GLY A 8 19.98 11.66 -1.58
C GLY A 8 20.55 12.29 -2.83
N ALA A 9 21.05 11.46 -3.74
CA ALA A 9 21.58 11.93 -5.01
C ALA A 9 20.82 11.31 -6.17
N PRO A 10 19.70 11.92 -6.56
CA PRO A 10 18.85 11.43 -7.66
C PRO A 10 19.36 11.90 -9.02
N PRO A 11 19.23 11.06 -10.05
CA PRO A 11 19.60 11.40 -11.42
C PRO A 11 18.72 12.52 -11.97
N PRO A 12 19.31 13.69 -12.26
CA PRO A 12 18.57 14.87 -12.72
C PRO A 12 18.03 14.71 -14.14
N GLY A 13 16.83 14.15 -14.24
CA GLY A 13 16.16 14.03 -15.53
C GLY A 13 16.72 12.91 -16.38
N ARG A 14 16.67 11.69 -15.87
CA ARG A 14 17.12 10.53 -16.63
C ARG A 14 15.92 9.88 -17.31
N ALA A 15 15.70 10.22 -18.56
CA ALA A 15 14.60 9.66 -19.33
C ALA A 15 14.84 9.81 -20.83
N ASP A 16 14.18 8.97 -21.59
CA ASP A 16 14.19 9.05 -23.05
C ASP A 16 12.93 8.45 -23.60
N LYS A 17 12.72 7.18 -23.27
CA LYS A 17 11.48 6.48 -23.59
C LYS A 17 10.73 6.22 -22.29
N THR A 18 9.69 7.00 -22.06
CA THR A 18 8.95 6.96 -20.81
C THR A 18 8.23 5.62 -20.63
N ALA A 19 7.24 5.36 -21.47
CA ALA A 19 6.42 4.18 -21.32
C ALA A 19 6.81 3.10 -22.32
N ALA A 20 8.07 2.67 -22.26
CA ALA A 20 8.52 1.57 -23.10
C ALA A 20 9.42 0.62 -22.30
N PRO A 21 10.60 1.07 -21.80
CA PRO A 21 11.45 0.23 -20.95
C PRO A 21 11.06 0.33 -19.48
N GLN A 22 10.49 1.47 -19.10
CA GLN A 22 10.06 1.70 -17.73
C GLN A 22 8.67 1.10 -17.50
N THR A 23 7.82 1.84 -16.78
CA THR A 23 6.46 1.40 -16.48
C THR A 23 6.45 0.29 -15.42
N ARG A 24 7.51 -0.53 -15.42
CA ARG A 24 7.67 -1.61 -14.45
C ARG A 24 7.64 -1.08 -13.01
N LEU A 25 8.14 0.13 -12.82
CA LEU A 25 8.12 0.77 -11.51
C LEU A 25 7.28 2.05 -11.57
N THR A 26 6.36 2.09 -12.51
CA THR A 26 5.52 3.26 -12.69
C THR A 26 4.04 2.83 -12.74
N PRO A 27 3.45 2.58 -11.56
CA PRO A 27 2.04 2.18 -11.46
C PRO A 27 1.11 3.37 -11.66
N TYR A 28 0.55 3.48 -12.85
CA TYR A 28 -0.36 4.57 -13.17
C TYR A 28 -1.75 4.28 -12.61
N ALA A 29 -1.94 4.60 -11.34
CA ALA A 29 -3.22 4.42 -10.68
C ALA A 29 -3.56 5.62 -9.80
N GLN A 30 -2.52 6.17 -9.15
CA GLN A 30 -2.66 7.34 -8.28
C GLN A 30 -3.60 7.05 -7.12
N ALA A 31 -4.89 7.37 -7.28
CA ALA A 31 -5.92 7.11 -6.26
C ALA A 31 -5.64 7.83 -4.94
N GLY A 32 -4.71 8.78 -4.96
CA GLY A 32 -4.39 9.54 -3.76
C GLY A 32 -3.32 8.88 -2.92
N GLU A 33 -2.14 9.48 -2.88
CA GLU A 33 -1.02 8.95 -2.12
C GLU A 33 -1.10 9.40 -0.66
N ASP A 34 -2.06 10.26 -0.38
CA ASP A 34 -2.13 10.96 0.90
C ASP A 34 -2.88 10.17 1.99
N ASN A 35 -4.11 10.55 2.26
CA ASN A 35 -4.82 10.08 3.44
C ASN A 35 -5.58 8.79 3.17
N TRP A 36 -4.84 7.70 3.03
CA TRP A 36 -5.45 6.38 2.88
C TRP A 36 -4.78 5.35 3.79
N ARG A 37 -3.51 5.60 4.13
CA ARG A 37 -2.75 4.66 4.96
C ARG A 37 -3.31 4.66 6.38
N SER A 38 -3.85 5.80 6.78
CA SER A 38 -4.48 5.95 8.07
C SER A 38 -5.68 5.03 8.17
N ARG A 39 -6.43 4.94 7.07
CA ARG A 39 -7.62 4.14 7.02
C ARG A 39 -7.25 2.67 6.98
N ILE A 40 -6.20 2.36 6.22
CA ILE A 40 -5.68 1.01 6.13
C ILE A 40 -5.23 0.52 7.51
N SER A 41 -4.42 1.35 8.18
CA SER A 41 -3.93 1.02 9.52
C SER A 41 -5.10 0.80 10.49
N GLY A 42 -6.09 1.66 10.41
CA GLY A 42 -7.28 1.52 11.24
C GLY A 42 -8.04 0.26 10.91
N ARG A 43 -8.07 -0.10 9.62
CA ARG A 43 -8.73 -1.29 9.17
C ARG A 43 -7.99 -2.53 9.64
N LEU A 44 -6.67 -2.41 9.76
CA LEU A 44 -5.85 -3.50 10.23
C LEU A 44 -6.22 -3.85 11.67
N ASN A 45 -6.66 -2.84 12.41
CA ASN A 45 -7.17 -3.04 13.76
C ASN A 45 -8.54 -3.71 13.69
N ARG A 46 -9.29 -3.35 12.67
CA ARG A 46 -10.58 -3.97 12.38
C ARG A 46 -10.37 -5.43 11.96
N PHE A 47 -9.19 -5.72 11.42
CA PHE A 47 -8.78 -7.09 11.12
C PHE A 47 -8.01 -7.68 12.30
N LYS A 48 -8.00 -6.93 13.39
CA LYS A 48 -7.25 -7.27 14.61
C LYS A 48 -5.74 -7.19 14.36
N ARG A 49 -5.14 -6.10 14.83
CA ARG A 49 -3.69 -5.95 14.80
C ARG A 49 -3.17 -5.85 16.22
N TYR A 50 -2.16 -6.64 16.53
CA TYR A 50 -1.57 -6.65 17.85
C TYR A 50 -1.02 -5.27 18.18
N PRO A 51 -1.33 -4.73 19.37
CA PRO A 51 -0.90 -3.40 19.80
C PRO A 51 0.58 -3.16 19.52
N LYS A 52 0.88 -2.03 18.89
CA LYS A 52 2.22 -1.73 18.41
C LYS A 52 3.22 -1.59 19.55
N ASP A 53 2.71 -1.33 20.75
CA ASP A 53 3.56 -1.16 21.92
C ASP A 53 4.50 -2.36 22.10
N ALA A 54 3.99 -3.56 21.86
CA ALA A 54 4.80 -4.76 21.94
C ALA A 54 5.70 -4.91 20.71
N LEU A 55 5.18 -4.51 19.56
CA LEU A 55 5.89 -4.68 18.29
C LEU A 55 7.04 -3.68 18.16
N ARG A 56 6.78 -2.44 18.53
CA ARG A 56 7.74 -1.36 18.36
C ARG A 56 8.86 -1.43 19.40
N LEU A 57 8.62 -2.21 20.44
CA LEU A 57 9.63 -2.47 21.45
C LEU A 57 10.51 -3.64 21.01
N LYS A 58 10.06 -4.30 19.94
CA LYS A 58 10.68 -5.52 19.48
C LYS A 58 11.31 -5.34 18.10
N ARG A 59 10.49 -4.95 17.13
CA ARG A 59 10.92 -4.82 15.74
C ARG A 59 10.58 -3.44 15.19
N GLN A 60 11.61 -2.73 14.72
CA GLN A 60 11.41 -1.47 14.01
C GLN A 60 12.12 -1.55 12.68
N GLY A 61 11.36 -1.51 11.59
CA GLY A 61 11.94 -1.57 10.28
C GLY A 61 11.13 -0.83 9.23
N VAL A 62 11.83 -0.19 8.30
CA VAL A 62 11.18 0.50 7.21
C VAL A 62 11.32 -0.31 5.92
N GLY A 63 10.20 -0.55 5.27
CA GLY A 63 10.20 -1.38 4.08
C GLY A 63 9.04 -1.08 3.17
N GLN A 64 9.11 -1.61 1.96
CA GLN A 64 8.06 -1.43 0.97
C GLN A 64 7.24 -2.71 0.92
N VAL A 65 5.93 -2.57 0.97
CA VAL A 65 5.04 -3.71 1.01
C VAL A 65 4.00 -3.60 -0.10
N ARG A 66 4.07 -4.51 -1.06
CA ARG A 66 3.12 -4.51 -2.17
C ARG A 66 2.07 -5.58 -1.93
N PHE A 67 0.83 -5.27 -2.29
CA PHE A 67 -0.26 -6.20 -2.08
C PHE A 67 -1.42 -5.90 -3.02
N THR A 68 -2.17 -6.95 -3.33
CA THR A 68 -3.40 -6.81 -4.09
C THR A 68 -4.57 -6.89 -3.13
N LEU A 69 -5.43 -5.91 -3.22
CA LEU A 69 -6.51 -5.77 -2.26
C LEU A 69 -7.87 -5.84 -2.96
N ASP A 70 -8.77 -6.59 -2.37
CA ASP A 70 -10.11 -6.73 -2.90
C ASP A 70 -10.92 -5.48 -2.59
N ARG A 71 -11.92 -5.20 -3.43
CA ARG A 71 -12.81 -4.06 -3.24
C ARG A 71 -13.48 -4.09 -1.85
N GLN A 72 -13.63 -5.28 -1.29
CA GLN A 72 -14.22 -5.42 0.04
C GLN A 72 -13.16 -5.21 1.12
N GLY A 73 -11.93 -5.00 0.69
CA GLY A 73 -10.83 -4.75 1.60
C GLY A 73 -10.14 -6.03 2.05
N HIS A 74 -10.26 -7.07 1.24
CA HIS A 74 -9.70 -8.37 1.58
C HIS A 74 -8.33 -8.53 0.93
N VAL A 75 -7.30 -8.69 1.77
CA VAL A 75 -5.96 -9.02 1.31
C VAL A 75 -5.98 -10.21 0.36
N LEU A 76 -5.49 -10.00 -0.85
CA LEU A 76 -5.49 -11.03 -1.87
C LEU A 76 -4.08 -11.52 -2.15
N ALA A 77 -3.19 -10.58 -2.40
CA ALA A 77 -1.81 -10.90 -2.75
C ALA A 77 -0.85 -10.06 -1.93
N VAL A 78 0.35 -10.56 -1.74
CA VAL A 78 1.41 -9.80 -1.08
C VAL A 78 2.72 -10.05 -1.80
N THR A 79 3.35 -8.99 -2.26
CA THR A 79 4.61 -9.07 -2.95
C THR A 79 5.66 -8.28 -2.17
N LEU A 80 6.55 -8.98 -1.50
CA LEU A 80 7.58 -8.32 -0.70
C LEU A 80 8.57 -7.58 -1.59
N VAL A 81 8.50 -6.27 -1.52
CA VAL A 81 9.35 -5.41 -2.31
C VAL A 81 10.53 -4.92 -1.46
N SER A 82 10.21 -4.36 -0.30
CA SER A 82 11.19 -3.99 0.72
C SER A 82 12.13 -2.87 0.24
N SER A 83 13.03 -2.45 1.12
CA SER A 83 13.93 -1.35 0.85
C SER A 83 15.33 -1.64 1.36
N ALA A 84 15.49 -1.66 2.68
CA ALA A 84 16.81 -1.80 3.29
C ALA A 84 17.09 -3.24 3.70
N GLY A 85 16.50 -3.66 4.81
CA GLY A 85 16.78 -4.98 5.34
C GLY A 85 15.95 -5.30 6.55
N LEU A 86 14.85 -6.03 6.35
CA LEU A 86 13.99 -6.43 7.46
C LEU A 86 13.90 -7.96 7.53
N PRO A 87 15.00 -8.65 7.90
CA PRO A 87 15.01 -10.11 7.97
C PRO A 87 14.33 -10.63 9.24
N SER A 88 14.94 -10.35 10.38
CA SER A 88 14.37 -10.75 11.66
C SER A 88 13.15 -9.88 11.99
N LEU A 89 13.07 -8.75 11.32
CA LEU A 89 11.98 -7.79 11.52
C LEU A 89 10.69 -8.27 10.85
N ASP A 90 10.84 -9.00 9.75
CA ASP A 90 9.71 -9.39 8.90
C ASP A 90 8.61 -10.07 9.70
N ARG A 91 9.00 -11.01 10.55
CA ARG A 91 8.03 -11.84 11.25
C ARG A 91 6.96 -11.03 11.98
N GLU A 92 7.37 -10.05 12.79
CA GLU A 92 6.44 -9.30 13.62
C GLU A 92 5.64 -8.25 12.84
N ILE A 93 6.34 -7.36 12.16
CA ILE A 93 5.69 -6.21 11.52
C ILE A 93 4.83 -6.66 10.34
N GLN A 94 5.27 -7.70 9.66
CA GLN A 94 4.51 -8.24 8.57
C GLN A 94 3.44 -9.18 9.08
N ALA A 95 3.59 -9.65 10.30
CA ALA A 95 2.59 -10.53 10.89
C ALA A 95 1.23 -9.85 10.83
N LEU A 96 1.12 -8.65 11.38
CA LEU A 96 -0.15 -7.96 11.31
C LEU A 96 -0.40 -7.37 9.91
N VAL A 97 0.54 -6.60 9.37
CA VAL A 97 0.36 -5.93 8.07
C VAL A 97 0.26 -6.92 6.89
N LYS A 98 1.19 -7.87 6.81
CA LYS A 98 1.28 -8.75 5.65
C LYS A 98 0.16 -9.79 5.68
N ARG A 99 -0.30 -10.17 6.87
CA ARG A 99 -1.41 -11.11 6.99
C ARG A 99 -2.75 -10.41 6.73
N ALA A 100 -2.91 -9.20 7.27
CA ALA A 100 -4.16 -8.48 7.16
C ALA A 100 -4.00 -7.18 6.39
N SER A 101 -3.85 -7.30 5.07
CA SER A 101 -3.78 -6.13 4.22
C SER A 101 -5.18 -5.63 3.89
N PRO A 102 -5.56 -4.48 4.47
CA PRO A 102 -6.88 -3.89 4.33
C PRO A 102 -6.98 -2.80 3.27
N LEU A 103 -8.08 -2.82 2.52
CA LEU A 103 -8.37 -1.78 1.54
C LEU A 103 -9.65 -1.04 1.95
N PRO A 104 -9.51 0.06 2.72
CA PRO A 104 -10.66 0.77 3.27
C PRO A 104 -11.35 1.70 2.26
N THR A 105 -10.56 2.36 1.45
CA THR A 105 -11.10 3.26 0.44
C THR A 105 -11.05 2.60 -0.93
N PRO A 106 -12.22 2.26 -1.49
CA PRO A 106 -12.33 1.53 -2.76
C PRO A 106 -11.72 2.30 -3.93
N PRO A 107 -10.56 1.84 -4.43
CA PRO A 107 -9.88 2.44 -5.56
C PRO A 107 -10.34 1.82 -6.88
N ALA A 108 -11.60 2.05 -7.22
CA ALA A 108 -12.15 1.54 -8.46
C ALA A 108 -11.34 2.03 -9.65
N ASP A 109 -10.95 3.29 -9.58
CA ASP A 109 -10.20 3.93 -10.66
C ASP A 109 -8.77 3.44 -10.69
N ALA A 110 -8.44 2.52 -9.78
CA ALA A 110 -7.11 1.98 -9.69
C ALA A 110 -7.06 0.51 -10.12
N TYR A 111 -8.17 -0.22 -9.97
CA TYR A 111 -8.15 -1.62 -10.37
C TYR A 111 -8.89 -1.89 -11.65
N VAL A 112 -9.14 -0.84 -12.39
CA VAL A 112 -9.62 -1.02 -13.74
C VAL A 112 -8.45 -1.52 -14.60
N ASN A 113 -8.31 -2.84 -14.62
CA ASN A 113 -7.17 -3.56 -15.19
C ASN A 113 -7.09 -4.94 -14.54
N GLY A 114 -7.89 -5.12 -13.49
CA GLY A 114 -7.92 -6.38 -12.75
C GLY A 114 -8.25 -6.18 -11.29
N THR A 115 -7.25 -5.80 -10.51
CA THR A 115 -7.37 -5.56 -9.09
C THR A 115 -6.25 -4.60 -8.69
N VAL A 116 -6.17 -4.15 -7.45
CA VAL A 116 -5.13 -3.20 -7.11
C VAL A 116 -3.97 -3.90 -6.44
N GLU A 117 -2.91 -4.04 -7.19
CA GLU A 117 -1.65 -4.45 -6.66
C GLU A 117 -0.77 -3.23 -6.60
N LEU A 118 -0.51 -2.75 -5.41
CA LEU A 118 0.17 -1.49 -5.26
C LEU A 118 1.18 -1.57 -4.13
N THR A 119 2.27 -0.85 -4.28
CA THR A 119 3.34 -0.88 -3.32
C THR A 119 3.19 0.25 -2.30
N LEU A 120 2.93 -0.12 -1.06
CA LEU A 120 2.85 0.84 0.01
C LEU A 120 3.97 0.60 1.00
N PRO A 121 4.75 1.64 1.31
CA PRO A 121 5.81 1.53 2.28
C PRO A 121 5.25 1.49 3.68
N ILE A 122 5.50 0.40 4.38
CA ILE A 122 5.14 0.33 5.78
C ILE A 122 6.37 0.76 6.57
N ASP A 123 6.40 2.01 6.96
CA ASP A 123 7.60 2.54 7.55
C ASP A 123 7.51 2.57 9.06
N PHE A 124 8.46 1.89 9.66
CA PHE A 124 8.76 2.02 11.06
C PHE A 124 10.16 2.61 11.18
N SER A 125 10.39 3.48 12.14
CA SER A 125 11.71 4.06 12.31
C SER A 125 12.71 2.97 12.71
N LEU A 126 13.52 2.56 11.74
CA LEU A 126 14.49 1.49 11.90
C LEU A 126 15.70 1.97 12.71
N ARG A 127 15.46 2.37 13.95
CA ARG A 127 16.50 2.85 14.82
C ARG A 127 17.27 1.67 15.43
N GLY A 128 16.53 0.65 15.85
CA GLY A 128 17.16 -0.52 16.42
C GLY A 128 16.15 -1.58 16.84
N ALA A 129 16.35 -2.78 16.34
CA ALA A 129 15.53 -3.93 16.72
C ALA A 129 16.39 -5.18 16.72
N GLY A 130 17.27 -5.26 17.70
CA GLY A 130 18.33 -6.25 17.66
C GLY A 130 19.56 -5.65 17.02
N PHE A 131 19.45 -4.36 16.73
CA PHE A 131 20.50 -3.59 16.12
C PHE A 131 21.07 -2.62 17.14
N LYS A 1 -16.02 -6.38 -36.95
CA LYS A 1 -16.58 -5.00 -37.00
C LYS A 1 -16.02 -4.15 -35.86
N VAL A 2 -14.75 -4.36 -35.54
CA VAL A 2 -14.09 -3.60 -34.50
C VAL A 2 -12.69 -3.18 -34.97
N GLN A 3 -12.53 -3.09 -36.29
CA GLN A 3 -11.23 -2.90 -36.90
C GLN A 3 -10.29 -4.02 -36.51
N GLU A 4 -10.59 -5.22 -37.02
CA GLU A 4 -9.84 -6.43 -36.69
C GLU A 4 -8.33 -6.22 -36.92
N GLN A 5 -7.99 -5.68 -38.08
CA GLN A 5 -6.60 -5.36 -38.37
C GLN A 5 -6.46 -3.89 -38.79
N SER A 6 -5.90 -3.10 -37.89
CA SER A 6 -5.75 -1.69 -38.13
C SER A 6 -4.27 -1.30 -38.08
N VAL A 7 -3.61 -1.38 -39.23
CA VAL A 7 -2.19 -1.06 -39.31
C VAL A 7 -1.99 0.42 -39.56
N GLY A 8 -3.01 1.06 -40.11
CA GLY A 8 -2.96 2.49 -40.35
C GLY A 8 -3.79 3.27 -39.36
N ALA A 9 -3.90 2.75 -38.15
CA ALA A 9 -4.68 3.38 -37.10
C ALA A 9 -3.76 3.91 -36.00
N PRO A 10 -3.74 5.23 -35.82
CA PRO A 10 -2.94 5.88 -34.79
C PRO A 10 -3.61 5.79 -33.42
N PRO A 11 -2.91 5.25 -32.41
CA PRO A 11 -3.40 5.16 -31.04
C PRO A 11 -3.52 6.53 -30.38
N PRO A 12 -4.75 6.97 -30.12
CA PRO A 12 -5.02 8.30 -29.55
C PRO A 12 -4.36 8.50 -28.20
N GLY A 13 -3.65 9.61 -28.06
CA GLY A 13 -2.98 9.94 -26.81
C GLY A 13 -1.75 9.10 -26.58
N ARG A 14 -1.94 7.93 -25.99
CA ARG A 14 -0.83 7.04 -25.69
C ARG A 14 -0.53 6.15 -26.88
N ALA A 15 0.14 6.71 -27.88
CA ALA A 15 0.67 5.92 -28.98
C ALA A 15 1.87 5.13 -28.51
N ASP A 16 2.46 5.61 -27.42
CA ASP A 16 3.61 4.96 -26.80
C ASP A 16 3.12 3.92 -25.79
N LYS A 17 3.02 2.69 -26.23
CA LYS A 17 2.56 1.61 -25.37
C LYS A 17 3.38 0.35 -25.66
N THR A 18 4.69 0.46 -25.50
CA THR A 18 5.56 -0.67 -25.74
C THR A 18 5.56 -1.63 -24.56
N ALA A 19 5.09 -2.84 -24.81
CA ALA A 19 5.02 -3.86 -23.79
C ALA A 19 6.07 -4.94 -24.04
N ALA A 20 7.23 -4.49 -24.46
CA ALA A 20 8.35 -5.38 -24.71
C ALA A 20 9.06 -5.77 -23.40
N PRO A 21 9.47 -4.78 -22.57
CA PRO A 21 10.09 -5.06 -21.27
C PRO A 21 9.08 -5.54 -20.22
N GLN A 22 9.34 -5.28 -18.95
CA GLN A 22 8.42 -5.69 -17.89
C GLN A 22 7.13 -4.86 -17.92
N THR A 23 7.13 -3.81 -18.73
CA THR A 23 5.97 -2.92 -18.86
C THR A 23 4.75 -3.68 -19.38
N ARG A 24 4.98 -4.88 -19.92
CA ARG A 24 3.90 -5.73 -20.41
C ARG A 24 2.98 -6.16 -19.27
N LEU A 25 3.50 -6.19 -18.05
CA LEU A 25 2.72 -6.63 -16.90
C LEU A 25 2.75 -5.56 -15.81
N THR A 26 2.40 -4.34 -16.17
CA THR A 26 2.36 -3.25 -15.23
C THR A 26 0.92 -2.87 -14.87
N PRO A 27 0.58 -2.90 -13.58
CA PRO A 27 -0.74 -2.48 -13.10
C PRO A 27 -0.93 -0.98 -13.25
N TYR A 28 -1.91 -0.60 -14.04
CA TYR A 28 -2.20 0.81 -14.27
C TYR A 28 -3.32 1.28 -13.34
N ALA A 29 -3.00 2.24 -12.50
CA ALA A 29 -3.96 2.76 -11.53
C ALA A 29 -3.63 4.19 -11.17
N GLN A 30 -2.39 4.43 -10.78
CA GLN A 30 -1.93 5.78 -10.42
C GLN A 30 -2.79 6.36 -9.30
N ALA A 31 -2.92 5.61 -8.22
CA ALA A 31 -3.69 6.05 -7.07
C ALA A 31 -2.77 6.70 -6.04
N GLY A 32 -2.06 7.73 -6.48
CA GLY A 32 -1.12 8.41 -5.60
C GLY A 32 -1.82 9.39 -4.67
N GLU A 33 -2.66 8.86 -3.80
CA GLU A 33 -3.40 9.67 -2.85
C GLU A 33 -2.56 9.95 -1.60
N ASP A 34 -3.10 10.73 -0.70
CA ASP A 34 -2.44 11.02 0.55
C ASP A 34 -3.42 10.80 1.70
N ASN A 35 -2.89 10.46 2.88
CA ASN A 35 -3.72 10.22 4.08
C ASN A 35 -4.40 8.84 3.99
N TRP A 36 -4.43 8.27 2.80
CA TRP A 36 -5.02 6.96 2.58
C TRP A 36 -4.35 5.90 3.45
N ARG A 37 -3.08 6.13 3.78
CA ARG A 37 -2.33 5.20 4.61
C ARG A 37 -2.86 5.20 6.04
N SER A 38 -3.33 6.36 6.49
CA SER A 38 -3.92 6.46 7.81
C SER A 38 -5.23 5.68 7.85
N ARG A 39 -5.94 5.70 6.72
CA ARG A 39 -7.16 4.96 6.58
C ARG A 39 -6.86 3.46 6.51
N ILE A 40 -5.82 3.12 5.77
CA ILE A 40 -5.36 1.75 5.66
C ILE A 40 -4.98 1.20 7.03
N SER A 41 -4.26 2.01 7.81
CA SER A 41 -3.86 1.64 9.16
C SER A 41 -5.09 1.27 10.00
N GLY A 42 -6.19 1.99 9.80
CA GLY A 42 -7.42 1.68 10.51
C GLY A 42 -8.03 0.37 10.05
N ARG A 43 -7.95 0.10 8.76
CA ARG A 43 -8.45 -1.13 8.19
C ARG A 43 -7.60 -2.32 8.64
N LEU A 44 -6.31 -2.07 8.79
CA LEU A 44 -5.38 -3.09 9.25
C LEU A 44 -5.67 -3.42 10.71
N ASN A 45 -6.23 -2.44 11.40
CA ASN A 45 -6.62 -2.58 12.80
C ASN A 45 -7.81 -3.51 12.90
N ARG A 46 -8.67 -3.44 11.89
CA ARG A 46 -9.79 -4.34 11.74
C ARG A 46 -9.30 -5.78 11.73
N PHE A 47 -8.08 -6.00 11.25
CA PHE A 47 -7.52 -7.34 11.23
C PHE A 47 -6.63 -7.60 12.44
N LYS A 48 -5.59 -6.79 12.59
CA LYS A 48 -4.62 -6.94 13.67
C LYS A 48 -3.89 -5.63 13.90
N ARG A 49 -4.01 -5.08 15.09
CA ARG A 49 -3.25 -3.89 15.43
C ARG A 49 -2.65 -4.02 16.82
N TYR A 50 -1.37 -4.32 16.85
CA TYR A 50 -0.63 -4.46 18.09
C TYR A 50 -0.11 -3.08 18.51
N PRO A 51 -0.30 -2.70 19.79
CA PRO A 51 0.11 -1.37 20.30
C PRO A 51 1.61 -1.12 20.11
N LYS A 52 1.92 0.05 19.54
CA LYS A 52 3.30 0.36 19.09
C LYS A 52 4.29 0.35 20.25
N ASP A 53 3.82 0.67 21.45
CA ASP A 53 4.70 0.71 22.62
C ASP A 53 5.37 -0.64 22.84
N ALA A 54 4.63 -1.70 22.51
CA ALA A 54 5.14 -3.06 22.64
C ALA A 54 6.14 -3.39 21.54
N LEU A 55 5.86 -2.91 20.33
CA LEU A 55 6.71 -3.19 19.17
C LEU A 55 8.07 -2.55 19.36
N ARG A 56 8.08 -1.34 19.88
CA ARG A 56 9.33 -0.60 20.14
C ARG A 56 10.25 -1.38 21.08
N LEU A 57 9.68 -2.26 21.88
CA LEU A 57 10.46 -3.05 22.82
C LEU A 57 10.67 -4.48 22.29
N LYS A 58 9.99 -4.81 21.20
CA LYS A 58 10.04 -6.15 20.64
C LYS A 58 10.75 -6.15 19.28
N ARG A 59 10.11 -5.54 18.28
CA ARG A 59 10.68 -5.48 16.95
C ARG A 59 10.10 -4.29 16.18
N GLN A 60 10.96 -3.66 15.38
CA GLN A 60 10.57 -2.52 14.57
C GLN A 60 11.22 -2.67 13.20
N GLY A 61 10.95 -1.74 12.29
CA GLY A 61 11.58 -1.83 10.98
C GLY A 61 10.77 -1.20 9.87
N VAL A 62 11.47 -0.63 8.91
CA VAL A 62 10.83 -0.05 7.75
C VAL A 62 11.02 -0.93 6.52
N GLY A 63 9.92 -1.33 5.90
CA GLY A 63 9.99 -2.09 4.69
C GLY A 63 8.95 -1.66 3.69
N GLN A 64 9.13 -2.05 2.44
CA GLN A 64 8.16 -1.74 1.41
C GLN A 64 7.40 -2.99 1.04
N VAL A 65 6.08 -2.90 1.11
CA VAL A 65 5.24 -4.06 0.99
C VAL A 65 4.21 -3.87 -0.14
N ARG A 66 4.20 -4.82 -1.08
CA ARG A 66 3.36 -4.73 -2.26
C ARG A 66 2.29 -5.83 -2.22
N PHE A 67 1.06 -5.46 -2.53
CA PHE A 67 -0.05 -6.40 -2.43
C PHE A 67 -1.20 -5.99 -3.33
N THR A 68 -2.05 -6.96 -3.65
CA THR A 68 -3.27 -6.71 -4.39
C THR A 68 -4.44 -6.66 -3.43
N LEU A 69 -5.28 -5.66 -3.60
CA LEU A 69 -6.39 -5.42 -2.69
C LEU A 69 -7.71 -5.58 -3.40
N ASP A 70 -8.69 -6.12 -2.69
CA ASP A 70 -10.03 -6.23 -3.22
C ASP A 70 -10.89 -5.09 -2.71
N ARG A 71 -12.07 -4.94 -3.26
CA ARG A 71 -12.95 -3.80 -3.02
C ARG A 71 -13.16 -3.51 -1.53
N GLN A 72 -13.36 -4.56 -0.74
CA GLN A 72 -13.62 -4.41 0.69
C GLN A 72 -12.32 -4.54 1.50
N GLY A 73 -11.21 -4.27 0.85
CA GLY A 73 -9.93 -4.37 1.52
C GLY A 73 -9.57 -5.79 1.86
N HIS A 74 -9.72 -6.67 0.88
CA HIS A 74 -9.38 -8.07 1.07
C HIS A 74 -8.02 -8.36 0.45
N VAL A 75 -7.07 -8.75 1.29
CA VAL A 75 -5.76 -9.20 0.85
C VAL A 75 -5.89 -10.23 -0.28
N LEU A 76 -5.28 -9.93 -1.41
CA LEU A 76 -5.33 -10.83 -2.56
C LEU A 76 -3.95 -11.36 -2.90
N ALA A 77 -2.99 -10.45 -2.93
CA ALA A 77 -1.60 -10.83 -3.24
C ALA A 77 -0.68 -10.26 -2.18
N VAL A 78 0.50 -10.84 -2.05
CA VAL A 78 1.47 -10.43 -1.04
C VAL A 78 2.89 -10.58 -1.57
N THR A 79 3.60 -9.47 -1.67
CA THR A 79 4.94 -9.48 -2.24
C THR A 79 5.86 -8.53 -1.48
N LEU A 80 7.04 -9.01 -1.12
CA LEU A 80 8.06 -8.16 -0.53
C LEU A 80 8.83 -7.45 -1.64
N VAL A 81 8.78 -6.14 -1.61
CA VAL A 81 9.39 -5.34 -2.67
C VAL A 81 10.79 -4.90 -2.26
N SER A 82 10.87 -4.19 -1.15
CA SER A 82 12.15 -3.68 -0.67
C SER A 82 12.22 -3.75 0.85
N SER A 83 13.11 -4.60 1.34
CA SER A 83 13.34 -4.71 2.77
C SER A 83 14.68 -4.06 3.12
N ALA A 84 14.63 -3.02 3.93
CA ALA A 84 15.82 -2.25 4.28
C ALA A 84 16.76 -3.05 5.17
N GLY A 85 16.22 -3.69 6.19
CA GLY A 85 17.05 -4.46 7.10
C GLY A 85 16.22 -5.17 8.15
N LEU A 86 15.32 -6.02 7.69
CA LEU A 86 14.42 -6.73 8.59
C LEU A 86 14.66 -8.23 8.48
N PRO A 87 15.57 -8.80 9.27
CA PRO A 87 15.79 -10.24 9.30
C PRO A 87 14.70 -10.96 10.09
N SER A 88 14.87 -11.01 11.40
CA SER A 88 13.86 -11.58 12.29
C SER A 88 12.60 -10.71 12.29
N LEU A 89 12.77 -9.48 11.83
CA LEU A 89 11.70 -8.49 11.84
C LEU A 89 10.69 -8.77 10.74
N ASP A 90 11.17 -9.29 9.62
CA ASP A 90 10.36 -9.50 8.42
C ASP A 90 9.13 -10.33 8.73
N ARG A 91 9.34 -11.45 9.39
CA ARG A 91 8.27 -12.40 9.66
C ARG A 91 7.07 -11.73 10.35
N GLU A 92 7.31 -11.00 11.42
CA GLU A 92 6.23 -10.44 12.22
C GLU A 92 5.60 -9.21 11.57
N ILE A 93 6.43 -8.31 11.01
CA ILE A 93 5.91 -7.08 10.42
C ILE A 93 4.96 -7.39 9.27
N GLN A 94 5.32 -8.38 8.46
CA GLN A 94 4.52 -8.75 7.32
C GLN A 94 3.38 -9.67 7.73
N ALA A 95 3.57 -10.45 8.76
CA ALA A 95 2.46 -11.25 9.29
C ALA A 95 1.31 -10.31 9.64
N LEU A 96 1.65 -9.29 10.43
CA LEU A 96 0.71 -8.32 10.90
C LEU A 96 0.08 -7.54 9.75
N VAL A 97 0.92 -6.90 8.93
CA VAL A 97 0.44 -6.04 7.85
C VAL A 97 0.20 -6.79 6.54
N LYS A 98 1.18 -7.58 6.11
CA LYS A 98 1.13 -8.22 4.79
C LYS A 98 -0.04 -9.20 4.69
N ARG A 99 -0.31 -9.95 5.76
CA ARG A 99 -1.39 -10.93 5.71
C ARG A 99 -2.75 -10.23 5.89
N ALA A 100 -2.72 -9.01 6.39
CA ALA A 100 -3.92 -8.23 6.57
C ALA A 100 -3.93 -7.03 5.65
N SER A 101 -3.71 -7.27 4.36
CA SER A 101 -3.67 -6.21 3.36
C SER A 101 -5.03 -5.53 3.23
N PRO A 102 -5.15 -4.30 3.73
CA PRO A 102 -6.39 -3.57 3.80
C PRO A 102 -6.54 -2.49 2.70
N LEU A 103 -7.78 -2.18 2.39
CA LEU A 103 -8.11 -1.14 1.42
C LEU A 103 -9.34 -0.38 1.89
N PRO A 104 -9.18 0.87 2.35
CA PRO A 104 -10.31 1.69 2.80
C PRO A 104 -11.12 2.23 1.63
N THR A 105 -10.44 2.95 0.75
CA THR A 105 -11.09 3.55 -0.40
C THR A 105 -11.08 2.59 -1.59
N PRO A 106 -12.26 2.07 -1.97
CA PRO A 106 -12.39 1.16 -3.10
C PRO A 106 -12.14 1.86 -4.44
N PRO A 107 -10.99 1.59 -5.07
CA PRO A 107 -10.62 2.21 -6.34
C PRO A 107 -11.15 1.41 -7.53
N ALA A 108 -12.46 1.48 -7.71
CA ALA A 108 -13.10 0.79 -8.82
C ALA A 108 -12.48 1.22 -10.15
N ASP A 109 -12.33 2.53 -10.28
CA ASP A 109 -11.79 3.13 -11.49
C ASP A 109 -10.27 2.96 -11.59
N ALA A 110 -9.70 2.18 -10.68
CA ALA A 110 -8.27 1.96 -10.65
C ALA A 110 -7.93 0.51 -10.98
N TYR A 111 -8.88 -0.41 -10.76
CA TYR A 111 -8.60 -1.81 -11.00
C TYR A 111 -9.55 -2.43 -12.00
N VAL A 112 -10.23 -1.59 -12.75
CA VAL A 112 -11.04 -2.08 -13.84
C VAL A 112 -10.12 -2.55 -14.97
N ASN A 113 -9.77 -3.82 -14.88
CA ASN A 113 -8.74 -4.46 -15.68
C ASN A 113 -8.33 -5.74 -14.97
N GLY A 114 -8.49 -5.70 -13.65
CA GLY A 114 -8.15 -6.82 -12.81
C GLY A 114 -8.33 -6.47 -11.34
N THR A 115 -7.27 -5.94 -10.72
CA THR A 115 -7.27 -5.57 -9.32
C THR A 115 -6.12 -4.60 -9.05
N VAL A 116 -6.02 -4.09 -7.82
CA VAL A 116 -4.99 -3.09 -7.50
C VAL A 116 -3.86 -3.73 -6.72
N GLU A 117 -2.71 -3.86 -7.38
CA GLU A 117 -1.51 -4.25 -6.69
C GLU A 117 -0.55 -3.08 -6.68
N LEU A 118 -0.32 -2.53 -5.51
CA LEU A 118 0.50 -1.35 -5.39
C LEU A 118 1.43 -1.48 -4.21
N THR A 119 2.54 -0.77 -4.26
CA THR A 119 3.57 -0.85 -3.24
C THR A 119 3.39 0.24 -2.20
N LEU A 120 3.30 -0.18 -0.95
CA LEU A 120 3.18 0.74 0.16
C LEU A 120 4.26 0.47 1.18
N PRO A 121 4.95 1.51 1.64
CA PRO A 121 5.95 1.39 2.68
C PRO A 121 5.31 1.19 4.05
N ILE A 122 5.64 0.09 4.70
CA ILE A 122 5.22 -0.13 6.06
C ILE A 122 6.35 0.29 6.99
N ASP A 123 6.25 1.50 7.53
CA ASP A 123 7.31 2.05 8.35
C ASP A 123 7.05 1.77 9.82
N PHE A 124 7.99 1.07 10.45
CA PHE A 124 8.08 1.03 11.89
C PHE A 124 9.41 1.64 12.30
N SER A 125 9.38 2.58 13.23
CA SER A 125 10.60 3.30 13.61
C SER A 125 11.61 2.34 14.23
N LEU A 126 12.63 1.97 13.46
CA LEU A 126 13.68 1.06 13.92
C LEU A 126 14.47 1.67 15.07
N ARG A 127 14.19 1.20 16.28
CA ARG A 127 14.88 1.64 17.47
C ARG A 127 15.91 0.61 17.92
N GLY A 128 15.78 -0.60 17.39
CA GLY A 128 16.65 -1.68 17.78
C GLY A 128 16.26 -2.96 17.08
N ALA A 129 16.54 -4.10 17.71
CA ALA A 129 16.24 -5.43 17.15
C ALA A 129 17.14 -5.75 15.96
N GLY A 130 17.00 -4.97 14.89
CA GLY A 130 17.87 -5.14 13.74
C GLY A 130 19.11 -4.28 13.85
N PHE A 131 19.85 -4.48 14.93
CA PHE A 131 21.05 -3.70 15.19
C PHE A 131 22.29 -4.45 14.73
N LYS A 1 -39.76 24.69 3.49
CA LYS A 1 -39.78 24.17 2.10
C LYS A 1 -38.37 23.84 1.64
N VAL A 2 -38.17 22.62 1.16
CA VAL A 2 -36.85 22.15 0.75
C VAL A 2 -36.77 21.96 -0.75
N GLN A 3 -37.93 21.87 -1.40
CA GLN A 3 -37.99 21.67 -2.85
C GLN A 3 -37.85 23.00 -3.59
N GLU A 4 -37.01 23.86 -3.08
CA GLU A 4 -36.79 25.17 -3.68
C GLU A 4 -35.63 25.11 -4.65
N GLN A 5 -35.89 25.50 -5.89
CA GLN A 5 -34.86 25.54 -6.90
C GLN A 5 -33.93 26.71 -6.65
N SER A 6 -32.94 26.50 -5.79
CA SER A 6 -32.03 27.55 -5.39
C SER A 6 -30.97 27.77 -6.46
N VAL A 7 -30.39 28.96 -6.47
CA VAL A 7 -29.36 29.29 -7.43
C VAL A 7 -28.01 29.42 -6.71
N GLY A 8 -27.21 28.37 -6.79
CA GLY A 8 -25.90 28.39 -6.17
C GLY A 8 -24.80 28.58 -7.18
N ALA A 9 -23.71 29.22 -6.77
CA ALA A 9 -22.57 29.45 -7.63
C ALA A 9 -21.39 28.61 -7.16
N PRO A 10 -21.13 27.49 -7.83
CA PRO A 10 -20.03 26.60 -7.49
C PRO A 10 -18.70 27.07 -8.06
N PRO A 11 -17.70 27.33 -7.18
CA PRO A 11 -16.36 27.73 -7.58
C PRO A 11 -15.72 26.83 -8.66
N PRO A 12 -15.81 25.47 -8.55
CA PRO A 12 -15.28 24.57 -9.58
C PRO A 12 -16.24 24.41 -10.76
N GLY A 13 -17.34 25.16 -10.73
CA GLY A 13 -18.35 25.03 -11.76
C GLY A 13 -19.05 23.69 -11.69
N ARG A 14 -19.35 23.12 -12.85
CA ARG A 14 -19.96 21.80 -12.92
C ARG A 14 -19.01 20.84 -13.61
N ALA A 15 -17.74 20.92 -13.24
CA ALA A 15 -16.73 20.05 -13.79
C ALA A 15 -16.02 19.30 -12.68
N ASP A 16 -16.12 17.97 -12.72
CA ASP A 16 -15.46 17.13 -11.74
C ASP A 16 -14.16 16.58 -12.32
N LYS A 17 -14.26 16.02 -13.51
CA LYS A 17 -13.10 15.49 -14.22
C LYS A 17 -13.23 15.76 -15.71
N THR A 18 -12.36 16.59 -16.25
CA THR A 18 -12.45 17.00 -17.64
C THR A 18 -11.50 16.20 -18.53
N ALA A 19 -11.83 14.93 -18.75
CA ALA A 19 -11.01 14.06 -19.57
C ALA A 19 -11.37 14.21 -21.05
N ALA A 20 -10.99 15.33 -21.62
CA ALA A 20 -11.22 15.57 -23.05
C ALA A 20 -10.40 14.59 -23.90
N PRO A 21 -9.09 14.46 -23.65
CA PRO A 21 -8.28 13.39 -24.23
C PRO A 21 -8.22 12.19 -23.29
N GLN A 22 -7.31 11.25 -23.54
CA GLN A 22 -7.19 10.07 -22.68
C GLN A 22 -6.27 10.37 -21.51
N THR A 23 -6.46 11.55 -20.91
CA THR A 23 -5.65 11.98 -19.79
C THR A 23 -6.06 11.26 -18.51
N ARG A 24 -7.15 10.50 -18.59
CA ARG A 24 -7.61 9.70 -17.47
C ARG A 24 -6.65 8.53 -17.22
N LEU A 25 -5.80 8.25 -18.21
CA LEU A 25 -4.79 7.21 -18.08
C LEU A 25 -3.41 7.85 -17.93
N THR A 26 -3.37 8.95 -17.20
CA THR A 26 -2.12 9.65 -16.95
C THR A 26 -1.76 9.62 -15.46
N PRO A 27 -2.65 10.06 -14.53
CA PRO A 27 -2.37 10.02 -13.09
C PRO A 27 -2.33 8.60 -12.54
N TYR A 28 -1.86 8.47 -11.31
CA TYR A 28 -1.75 7.17 -10.64
C TYR A 28 -3.09 6.73 -10.08
N ALA A 29 -4.07 6.56 -10.97
CA ALA A 29 -5.42 6.14 -10.60
C ALA A 29 -6.07 7.11 -9.63
N GLN A 30 -5.87 6.86 -8.33
CA GLN A 30 -6.38 7.75 -7.29
C GLN A 30 -5.51 7.66 -6.04
N ALA A 31 -4.23 7.36 -6.25
CA ALA A 31 -3.28 7.32 -5.16
C ALA A 31 -2.76 8.72 -4.87
N GLY A 32 -3.65 9.56 -4.35
CA GLY A 32 -3.31 10.95 -4.11
C GLY A 32 -3.04 11.23 -2.64
N GLU A 33 -3.39 12.45 -2.24
CA GLU A 33 -3.06 12.94 -0.90
C GLU A 33 -4.16 12.65 0.11
N ASP A 34 -5.04 11.71 -0.21
CA ASP A 34 -6.06 11.30 0.74
C ASP A 34 -5.47 10.35 1.78
N ASN A 35 -6.09 10.29 2.93
CA ASN A 35 -5.59 9.44 4.01
C ASN A 35 -6.19 8.05 3.90
N TRP A 36 -6.01 7.43 2.74
CA TRP A 36 -6.57 6.11 2.49
C TRP A 36 -5.83 5.03 3.28
N ARG A 37 -4.52 5.19 3.41
CA ARG A 37 -3.71 4.21 4.16
C ARG A 37 -4.05 4.28 5.65
N SER A 38 -4.52 5.45 6.07
CA SER A 38 -4.91 5.65 7.44
C SER A 38 -6.21 4.89 7.70
N ARG A 39 -7.06 4.84 6.69
CA ARG A 39 -8.27 4.08 6.74
C ARG A 39 -7.95 2.59 6.63
N ILE A 40 -6.94 2.29 5.81
CA ILE A 40 -6.40 0.94 5.71
C ILE A 40 -5.94 0.47 7.08
N SER A 41 -5.20 1.34 7.76
CA SER A 41 -4.68 1.06 9.10
C SER A 41 -5.81 0.70 10.07
N GLY A 42 -6.97 1.33 9.92
CA GLY A 42 -8.09 1.02 10.80
C GLY A 42 -8.56 -0.42 10.67
N ARG A 43 -8.84 -0.83 9.44
CA ARG A 43 -9.20 -2.22 9.18
C ARG A 43 -8.00 -3.16 9.35
N LEU A 44 -6.79 -2.66 9.16
CA LEU A 44 -5.59 -3.43 9.49
C LEU A 44 -5.68 -3.89 10.95
N ASN A 45 -6.21 -3.02 11.80
CA ASN A 45 -6.35 -3.26 13.23
C ASN A 45 -7.45 -4.30 13.45
N ARG A 46 -8.43 -4.28 12.55
CA ARG A 46 -9.47 -5.27 12.51
C ARG A 46 -8.87 -6.68 12.45
N PHE A 47 -7.67 -6.77 11.92
CA PHE A 47 -6.94 -8.03 11.92
C PHE A 47 -5.87 -8.07 13.01
N LYS A 48 -4.96 -7.10 12.97
CA LYS A 48 -3.85 -7.04 13.91
C LYS A 48 -3.09 -5.74 13.72
N ARG A 49 -3.30 -4.77 14.60
CA ARG A 49 -2.50 -3.55 14.57
C ARG A 49 -2.25 -3.06 15.99
N TYR A 50 -1.04 -3.26 16.45
CA TYR A 50 -0.65 -2.90 17.81
C TYR A 50 0.04 -1.53 17.82
N PRO A 51 -0.18 -0.73 18.88
CA PRO A 51 0.48 0.57 19.05
C PRO A 51 2.01 0.46 18.94
N LYS A 52 2.61 1.36 18.17
CA LYS A 52 4.03 1.30 17.83
C LYS A 52 4.94 1.39 19.05
N ASP A 53 4.41 1.93 20.15
CA ASP A 53 5.16 2.05 21.39
C ASP A 53 5.74 0.70 21.82
N ALA A 54 4.97 -0.35 21.58
CA ALA A 54 5.43 -1.71 21.86
C ALA A 54 6.41 -2.21 20.80
N LEU A 55 6.13 -1.86 19.55
CA LEU A 55 6.89 -2.39 18.41
C LEU A 55 8.31 -1.84 18.37
N ARG A 56 8.48 -0.55 18.63
CA ARG A 56 9.81 0.06 18.60
C ARG A 56 10.69 -0.49 19.73
N LEU A 57 10.06 -1.25 20.61
CA LEU A 57 10.75 -1.85 21.75
C LEU A 57 10.65 -3.39 21.66
N LYS A 58 10.22 -3.89 20.51
CA LYS A 58 10.00 -5.33 20.34
C LYS A 58 10.13 -5.75 18.88
N ARG A 59 9.19 -5.31 18.04
CA ARG A 59 9.19 -5.68 16.64
C ARG A 59 9.29 -4.43 15.76
N GLN A 60 10.51 -3.98 15.53
CA GLN A 60 10.73 -2.86 14.64
C GLN A 60 10.84 -3.37 13.21
N GLY A 61 11.01 -2.48 12.25
CA GLY A 61 11.19 -2.93 10.89
C GLY A 61 10.72 -1.96 9.85
N VAL A 62 11.63 -1.56 8.97
CA VAL A 62 11.28 -0.72 7.84
C VAL A 62 11.42 -1.53 6.56
N GLY A 63 10.34 -1.58 5.78
CA GLY A 63 10.37 -2.33 4.55
C GLY A 63 9.34 -1.84 3.55
N GLN A 64 9.48 -2.29 2.32
CA GLN A 64 8.55 -1.94 1.25
C GLN A 64 7.63 -3.13 1.03
N VAL A 65 6.34 -2.87 1.12
CA VAL A 65 5.35 -3.92 1.04
C VAL A 65 4.40 -3.69 -0.14
N ARG A 66 4.46 -4.59 -1.11
CA ARG A 66 3.72 -4.44 -2.35
C ARG A 66 2.68 -5.54 -2.46
N PHE A 67 1.43 -5.16 -2.64
CA PHE A 67 0.35 -6.12 -2.64
C PHE A 67 -0.79 -5.71 -3.56
N THR A 68 -1.65 -6.68 -3.87
CA THR A 68 -2.85 -6.44 -4.65
C THR A 68 -4.05 -6.46 -3.73
N LEU A 69 -4.91 -5.46 -3.85
CA LEU A 69 -6.01 -5.30 -2.92
C LEU A 69 -7.37 -5.39 -3.60
N ASP A 70 -8.32 -6.02 -2.91
CA ASP A 70 -9.69 -6.07 -3.37
C ASP A 70 -10.45 -4.86 -2.83
N ARG A 71 -11.57 -4.53 -3.45
CA ARG A 71 -12.35 -3.37 -3.05
C ARG A 71 -12.79 -3.46 -1.59
N GLN A 72 -13.03 -4.68 -1.11
CA GLN A 72 -13.52 -4.89 0.24
C GLN A 72 -12.37 -5.14 1.22
N GLY A 73 -11.17 -4.84 0.76
CA GLY A 73 -10.01 -4.97 1.61
C GLY A 73 -9.54 -6.40 1.76
N HIS A 74 -9.69 -7.16 0.69
CA HIS A 74 -9.23 -8.54 0.68
C HIS A 74 -7.87 -8.62 0.01
N VAL A 75 -6.82 -8.72 0.82
CA VAL A 75 -5.47 -8.94 0.32
C VAL A 75 -5.44 -10.09 -0.71
N LEU A 76 -4.98 -9.76 -1.90
CA LEU A 76 -4.98 -10.71 -3.01
C LEU A 76 -3.57 -11.20 -3.32
N ALA A 77 -2.61 -10.29 -3.29
CA ALA A 77 -1.23 -10.62 -3.57
C ALA A 77 -0.33 -10.07 -2.49
N VAL A 78 0.86 -10.63 -2.35
CA VAL A 78 1.78 -10.25 -1.28
C VAL A 78 3.21 -10.40 -1.76
N THR A 79 3.93 -9.30 -1.80
CA THR A 79 5.31 -9.31 -2.22
C THR A 79 6.15 -8.37 -1.37
N LEU A 80 7.16 -8.91 -0.73
CA LEU A 80 8.14 -8.09 -0.05
C LEU A 80 9.13 -7.59 -1.08
N VAL A 81 9.02 -6.32 -1.40
CA VAL A 81 9.78 -5.75 -2.51
C VAL A 81 11.18 -5.39 -2.09
N SER A 82 11.28 -4.76 -0.93
CA SER A 82 12.54 -4.31 -0.39
C SER A 82 12.45 -4.21 1.12
N SER A 83 13.57 -4.30 1.80
CA SER A 83 13.57 -4.22 3.26
C SER A 83 14.97 -3.94 3.79
N ALA A 84 15.04 -3.21 4.90
CA ALA A 84 16.31 -2.76 5.46
C ALA A 84 17.05 -3.85 6.20
N GLY A 85 16.40 -4.97 6.41
CA GLY A 85 17.01 -6.07 7.14
C GLY A 85 16.25 -6.45 8.39
N LEU A 86 15.11 -7.08 8.21
CA LEU A 86 14.26 -7.45 9.33
C LEU A 86 14.20 -8.97 9.47
N PRO A 87 15.02 -9.55 10.35
CA PRO A 87 15.06 -11.00 10.55
C PRO A 87 13.92 -11.48 11.44
N SER A 88 14.13 -11.37 12.75
CA SER A 88 13.12 -11.76 13.74
C SER A 88 11.91 -10.83 13.64
N LEU A 89 12.14 -9.69 13.02
CA LEU A 89 11.11 -8.67 12.89
C LEU A 89 10.08 -9.05 11.83
N ASP A 90 10.56 -9.64 10.74
CA ASP A 90 9.75 -9.87 9.54
C ASP A 90 8.47 -10.65 9.80
N ARG A 91 8.56 -11.79 10.48
CA ARG A 91 7.40 -12.68 10.61
C ARG A 91 6.24 -12.00 11.34
N GLU A 92 6.54 -11.17 12.33
CA GLU A 92 5.51 -10.49 13.09
C GLU A 92 4.93 -9.32 12.29
N ILE A 93 5.79 -8.44 11.81
CA ILE A 93 5.35 -7.22 11.12
C ILE A 93 4.61 -7.54 9.82
N GLN A 94 5.03 -8.58 9.11
CA GLN A 94 4.37 -8.95 7.88
C GLN A 94 3.12 -9.78 8.18
N ALA A 95 3.12 -10.51 9.27
CA ALA A 95 1.90 -11.12 9.73
C ALA A 95 0.85 -10.03 9.93
N LEU A 96 1.28 -8.99 10.63
CA LEU A 96 0.46 -7.87 10.95
C LEU A 96 -0.04 -7.12 9.70
N VAL A 97 0.89 -6.66 8.88
CA VAL A 97 0.54 -5.91 7.67
C VAL A 97 0.33 -6.79 6.44
N LYS A 98 1.27 -7.68 6.18
CA LYS A 98 1.28 -8.44 4.93
C LYS A 98 0.16 -9.48 4.88
N ARG A 99 -0.32 -9.93 6.04
CA ARG A 99 -1.46 -10.83 6.06
C ARG A 99 -2.76 -10.02 6.16
N ALA A 100 -2.66 -8.82 6.71
CA ALA A 100 -3.83 -7.97 6.89
C ALA A 100 -3.74 -6.72 6.03
N SER A 101 -3.93 -6.88 4.73
CA SER A 101 -3.94 -5.73 3.84
C SER A 101 -5.35 -5.46 3.34
N PRO A 102 -6.05 -4.55 4.03
CA PRO A 102 -7.41 -4.14 3.72
C PRO A 102 -7.54 -2.68 3.23
N LEU A 103 -7.86 -2.52 1.96
CA LEU A 103 -8.20 -1.21 1.41
C LEU A 103 -9.69 -0.95 1.63
N PRO A 104 -10.04 0.16 2.31
CA PRO A 104 -11.42 0.49 2.63
C PRO A 104 -12.16 1.13 1.45
N THR A 105 -11.61 2.23 0.97
CA THR A 105 -12.18 2.95 -0.15
C THR A 105 -12.16 2.07 -1.41
N PRO A 106 -13.34 1.73 -1.95
CA PRO A 106 -13.46 0.87 -3.13
C PRO A 106 -12.82 1.49 -4.37
N PRO A 107 -11.65 0.99 -4.77
CA PRO A 107 -10.90 1.53 -5.89
C PRO A 107 -11.20 0.83 -7.21
N ALA A 108 -12.47 0.61 -7.49
CA ALA A 108 -12.86 -0.01 -8.76
C ALA A 108 -12.33 0.81 -9.91
N ASP A 109 -12.43 2.13 -9.78
CA ASP A 109 -12.02 3.06 -10.81
C ASP A 109 -10.50 3.07 -10.95
N ALA A 110 -9.83 2.57 -9.92
CA ALA A 110 -8.38 2.56 -9.87
C ALA A 110 -7.80 1.31 -10.54
N TYR A 111 -8.54 0.22 -10.51
CA TYR A 111 -7.99 -1.06 -10.95
C TYR A 111 -8.76 -1.69 -12.09
N VAL A 112 -9.54 -0.89 -12.78
CA VAL A 112 -10.25 -1.38 -13.95
C VAL A 112 -9.24 -1.67 -15.06
N ASN A 113 -8.77 -2.90 -15.02
CA ASN A 113 -7.64 -3.38 -15.82
C ASN A 113 -7.16 -4.68 -15.16
N GLY A 114 -7.55 -4.84 -13.91
CA GLY A 114 -7.25 -6.01 -13.14
C GLY A 114 -7.53 -5.79 -11.67
N THR A 115 -6.52 -5.28 -10.96
CA THR A 115 -6.59 -5.02 -9.54
C THR A 115 -5.48 -4.05 -9.17
N VAL A 116 -5.42 -3.61 -7.90
CA VAL A 116 -4.43 -2.60 -7.53
C VAL A 116 -3.25 -3.24 -6.81
N GLU A 117 -2.13 -3.26 -7.50
CA GLU A 117 -0.89 -3.70 -6.90
C GLU A 117 0.00 -2.49 -6.69
N LEU A 118 0.20 -2.14 -5.44
CA LEU A 118 0.93 -0.93 -5.11
C LEU A 118 1.83 -1.17 -3.91
N THR A 119 2.89 -0.38 -3.80
CA THR A 119 3.84 -0.53 -2.71
C THR A 119 3.57 0.47 -1.60
N LEU A 120 3.34 -0.05 -0.40
CA LEU A 120 3.18 0.79 0.76
C LEU A 120 4.27 0.49 1.77
N PRO A 121 5.02 1.52 2.17
CA PRO A 121 6.10 1.36 3.13
C PRO A 121 5.57 1.14 4.53
N ILE A 122 5.90 0.01 5.12
CA ILE A 122 5.50 -0.28 6.48
C ILE A 122 6.68 0.03 7.39
N ASP A 123 6.64 1.17 8.06
CA ASP A 123 7.78 1.54 8.88
C ASP A 123 7.50 1.34 10.36
N PHE A 124 8.36 0.55 10.95
CA PHE A 124 8.50 0.45 12.38
C PHE A 124 9.88 0.98 12.73
N SER A 125 9.95 1.88 13.69
CA SER A 125 11.17 2.62 13.95
C SER A 125 12.36 1.69 14.27
N LEU A 126 13.22 1.51 13.28
CA LEU A 126 14.40 0.67 13.42
C LEU A 126 15.50 1.40 14.15
N ARG A 127 15.41 1.41 15.46
CA ARG A 127 16.43 2.03 16.30
C ARG A 127 17.04 1.00 17.23
N GLY A 128 17.11 -0.24 16.76
CA GLY A 128 17.68 -1.32 17.56
C GLY A 128 18.13 -2.48 16.69
N ALA A 129 17.33 -3.54 16.68
CA ALA A 129 17.60 -4.70 15.84
C ALA A 129 17.39 -4.35 14.37
N GLY A 130 18.47 -3.97 13.70
CA GLY A 130 18.39 -3.49 12.33
C GLY A 130 18.86 -2.06 12.24
N PHE A 131 20.10 -1.83 12.62
CA PHE A 131 20.66 -0.50 12.70
C PHE A 131 21.36 -0.12 11.40
N LYS A 1 -21.47 44.06 -14.28
CA LYS A 1 -20.44 43.03 -14.58
C LYS A 1 -19.12 43.66 -15.00
N VAL A 2 -18.41 44.22 -14.04
CA VAL A 2 -17.13 44.86 -14.28
C VAL A 2 -16.13 44.49 -13.18
N GLN A 3 -16.55 43.61 -12.28
CA GLN A 3 -15.71 43.22 -11.15
C GLN A 3 -15.38 41.73 -11.20
N GLU A 4 -16.15 40.99 -11.97
CA GLU A 4 -15.94 39.57 -12.13
C GLU A 4 -15.28 39.27 -13.46
N GLN A 5 -14.31 38.37 -13.44
CA GLN A 5 -13.63 37.94 -14.64
C GLN A 5 -13.97 36.49 -14.96
N SER A 6 -14.28 36.23 -16.20
CA SER A 6 -14.54 34.88 -16.67
C SER A 6 -13.56 34.52 -17.76
N VAL A 7 -13.22 35.50 -18.60
CA VAL A 7 -12.29 35.30 -19.72
C VAL A 7 -12.72 34.09 -20.55
N GLY A 8 -13.68 34.32 -21.43
CA GLY A 8 -14.24 33.24 -22.20
C GLY A 8 -15.72 33.08 -21.90
N ALA A 9 -16.38 34.20 -21.61
CA ALA A 9 -17.80 34.21 -21.34
C ALA A 9 -18.61 33.80 -22.58
N PRO A 10 -18.33 34.38 -23.77
CA PRO A 10 -18.90 33.89 -25.02
C PRO A 10 -18.31 32.52 -25.37
N PRO A 11 -19.15 31.49 -25.48
CA PRO A 11 -18.71 30.12 -25.73
C PRO A 11 -17.92 30.00 -27.02
N PRO A 12 -16.71 29.42 -26.96
CA PRO A 12 -15.89 29.17 -28.14
C PRO A 12 -16.48 28.05 -29.00
N GLY A 13 -17.58 28.36 -29.66
CA GLY A 13 -18.25 27.38 -30.49
C GLY A 13 -19.77 27.54 -30.43
N ARG A 14 -20.46 26.42 -30.41
CA ARG A 14 -21.91 26.41 -30.46
C ARG A 14 -22.48 25.84 -29.16
N ALA A 15 -21.88 26.25 -28.04
CA ALA A 15 -22.18 25.69 -26.72
C ALA A 15 -21.64 24.27 -26.61
N ASP A 16 -22.18 23.40 -27.47
CA ASP A 16 -21.67 22.05 -27.67
C ASP A 16 -21.62 21.26 -26.36
N LYS A 17 -22.80 20.89 -25.87
CA LYS A 17 -22.91 20.06 -24.68
C LYS A 17 -22.75 18.59 -25.04
N THR A 18 -21.66 18.27 -25.72
CA THR A 18 -21.37 16.91 -26.13
C THR A 18 -20.89 16.07 -24.94
N ALA A 19 -20.57 16.75 -23.84
CA ALA A 19 -20.15 16.06 -22.62
C ALA A 19 -21.36 15.51 -21.87
N ALA A 20 -22.24 14.87 -22.60
CA ALA A 20 -23.48 14.33 -22.06
C ALA A 20 -23.22 13.28 -20.98
N PRO A 21 -22.34 12.28 -21.23
CA PRO A 21 -21.99 11.26 -20.23
C PRO A 21 -20.99 11.78 -19.19
N GLN A 22 -21.09 13.09 -18.90
CA GLN A 22 -20.23 13.74 -17.92
C GLN A 22 -18.75 13.64 -18.32
N THR A 23 -18.50 13.66 -19.62
CA THR A 23 -17.15 13.57 -20.14
C THR A 23 -16.43 14.93 -20.07
N ARG A 24 -16.72 15.68 -19.03
CA ARG A 24 -16.04 16.94 -18.78
C ARG A 24 -14.59 16.67 -18.39
N LEU A 25 -14.41 15.59 -17.65
CA LEU A 25 -13.11 15.11 -17.22
C LEU A 25 -13.28 13.75 -16.56
N THR A 26 -13.03 12.69 -17.33
CA THR A 26 -13.23 11.34 -16.87
C THR A 26 -12.49 11.07 -15.55
N PRO A 27 -13.22 10.61 -14.52
CA PRO A 27 -12.67 10.35 -13.20
C PRO A 27 -11.67 9.19 -13.20
N TYR A 28 -10.70 9.27 -12.32
CA TYR A 28 -9.72 8.21 -12.13
C TYR A 28 -9.29 8.17 -10.68
N ALA A 29 -9.22 6.98 -10.11
CA ALA A 29 -8.79 6.81 -8.73
C ALA A 29 -7.26 6.89 -8.65
N GLN A 30 -6.74 8.09 -8.75
CA GLN A 30 -5.31 8.33 -8.78
C GLN A 30 -4.76 8.43 -7.36
N ALA A 31 -3.63 7.78 -7.14
CA ALA A 31 -3.00 7.77 -5.82
C ALA A 31 -2.13 9.00 -5.63
N GLY A 32 -2.63 9.94 -4.84
CA GLY A 32 -1.88 11.15 -4.56
C GLY A 32 -1.28 11.13 -3.18
N GLU A 33 -1.55 12.18 -2.42
CA GLU A 33 -1.07 12.29 -1.05
C GLU A 33 -1.90 11.41 -0.13
N ASP A 34 -1.61 11.44 1.16
CA ASP A 34 -2.26 10.56 2.10
C ASP A 34 -3.65 11.05 2.48
N ASN A 35 -4.62 10.22 2.16
CA ASN A 35 -5.98 10.35 2.65
C ASN A 35 -6.52 8.95 2.82
N TRP A 36 -5.60 7.99 2.96
CA TRP A 36 -5.96 6.58 2.89
C TRP A 36 -5.28 5.71 3.95
N ARG A 37 -4.12 6.12 4.47
CA ARG A 37 -3.42 5.26 5.42
C ARG A 37 -4.22 5.17 6.72
N SER A 38 -4.89 6.24 7.05
CA SER A 38 -5.76 6.27 8.21
C SER A 38 -6.93 5.33 8.02
N ARG A 39 -7.41 5.26 6.79
CA ARG A 39 -8.50 4.38 6.45
C ARG A 39 -8.03 2.93 6.51
N ILE A 40 -6.85 2.69 5.95
CA ILE A 40 -6.25 1.36 5.92
C ILE A 40 -5.95 0.88 7.34
N SER A 41 -5.40 1.76 8.16
CA SER A 41 -5.11 1.43 9.56
C SER A 41 -6.36 0.98 10.29
N GLY A 42 -7.51 1.56 9.91
CA GLY A 42 -8.77 1.13 10.50
C GLY A 42 -9.16 -0.25 10.05
N ARG A 43 -8.83 -0.57 8.80
CA ARG A 43 -9.10 -1.87 8.23
C ARG A 43 -8.20 -2.91 8.87
N LEU A 44 -6.94 -2.53 9.07
CA LEU A 44 -5.95 -3.41 9.67
C LEU A 44 -6.29 -3.66 11.13
N ASN A 45 -7.00 -2.70 11.70
CA ASN A 45 -7.48 -2.78 13.08
C ASN A 45 -8.55 -3.84 13.17
N ARG A 46 -9.31 -3.95 12.08
CA ARG A 46 -10.31 -4.99 11.91
C ARG A 46 -9.66 -6.37 11.92
N PHE A 47 -8.36 -6.44 11.67
CA PHE A 47 -7.66 -7.71 11.67
C PHE A 47 -6.78 -7.87 12.91
N LYS A 48 -5.82 -6.96 13.06
CA LYS A 48 -4.86 -6.97 14.17
C LYS A 48 -4.16 -5.63 14.24
N ARG A 49 -4.55 -4.79 15.17
CA ARG A 49 -3.88 -3.50 15.30
C ARG A 49 -3.12 -3.42 16.61
N TYR A 50 -1.81 -3.57 16.52
CA TYR A 50 -0.95 -3.45 17.69
C TYR A 50 -0.21 -2.12 17.62
N PRO A 51 -0.19 -1.37 18.73
CA PRO A 51 0.48 -0.07 18.79
C PRO A 51 1.96 -0.18 18.48
N LYS A 52 2.44 0.70 17.61
CA LYS A 52 3.81 0.64 17.09
C LYS A 52 4.84 0.78 18.21
N ASP A 53 4.44 1.39 19.32
CA ASP A 53 5.33 1.55 20.46
C ASP A 53 5.81 0.21 20.97
N ALA A 54 4.91 -0.76 21.00
CA ALA A 54 5.26 -2.11 21.42
C ALA A 54 6.21 -2.76 20.40
N LEU A 55 6.01 -2.42 19.14
CA LEU A 55 6.85 -2.94 18.07
C LEU A 55 8.24 -2.30 18.12
N ARG A 56 8.29 -1.00 18.37
CA ARG A 56 9.57 -0.30 18.51
C ARG A 56 10.40 -0.92 19.62
N LEU A 57 9.71 -1.44 20.63
CA LEU A 57 10.34 -2.03 21.79
C LEU A 57 10.52 -3.54 21.62
N LYS A 58 10.08 -4.07 20.49
CA LYS A 58 10.11 -5.51 20.26
C LYS A 58 10.46 -5.86 18.82
N ARG A 59 9.51 -5.68 17.91
CA ARG A 59 9.72 -6.02 16.51
C ARG A 59 9.55 -4.78 15.64
N GLN A 60 10.64 -4.07 15.42
CA GLN A 60 10.62 -2.90 14.57
C GLN A 60 10.98 -3.30 13.14
N GLY A 61 11.00 -2.35 12.23
CA GLY A 61 11.34 -2.67 10.85
C GLY A 61 10.71 -1.74 9.85
N VAL A 62 11.53 -1.13 9.03
CA VAL A 62 11.05 -0.28 7.96
C VAL A 62 11.31 -0.96 6.61
N GLY A 63 10.27 -1.07 5.82
CA GLY A 63 10.38 -1.71 4.53
C GLY A 63 9.24 -1.35 3.62
N GLN A 64 9.38 -1.66 2.34
CA GLN A 64 8.32 -1.39 1.39
C GLN A 64 7.57 -2.66 1.08
N VAL A 65 6.27 -2.61 1.27
CA VAL A 65 5.40 -3.76 1.10
C VAL A 65 4.34 -3.46 0.05
N ARG A 66 4.40 -4.16 -1.08
CA ARG A 66 3.43 -3.95 -2.13
C ARG A 66 2.46 -5.12 -2.15
N PHE A 67 1.21 -4.82 -2.45
CA PHE A 67 0.17 -5.83 -2.38
C PHE A 67 -0.98 -5.53 -3.33
N THR A 68 -1.64 -6.59 -3.77
CA THR A 68 -2.87 -6.49 -4.54
C THR A 68 -4.04 -6.64 -3.59
N LEU A 69 -4.95 -5.68 -3.63
CA LEU A 69 -5.98 -5.59 -2.63
C LEU A 69 -7.37 -5.75 -3.23
N ASP A 70 -8.19 -6.55 -2.55
CA ASP A 70 -9.57 -6.77 -2.93
C ASP A 70 -10.41 -5.57 -2.51
N ARG A 71 -11.49 -5.35 -3.25
CA ARG A 71 -12.37 -4.20 -3.05
C ARG A 71 -12.99 -4.19 -1.66
N GLN A 72 -13.11 -5.35 -1.03
CA GLN A 72 -13.63 -5.43 0.33
C GLN A 72 -12.49 -5.32 1.34
N GLY A 73 -11.26 -5.21 0.84
CA GLY A 73 -10.11 -5.07 1.71
C GLY A 73 -9.49 -6.40 2.08
N HIS A 74 -9.48 -7.31 1.14
CA HIS A 74 -8.88 -8.62 1.34
C HIS A 74 -7.53 -8.70 0.62
N VAL A 75 -6.48 -8.97 1.38
CA VAL A 75 -5.15 -9.20 0.82
C VAL A 75 -5.19 -10.29 -0.24
N LEU A 76 -4.86 -9.91 -1.47
CA LEU A 76 -4.85 -10.86 -2.58
C LEU A 76 -3.42 -11.29 -2.91
N ALA A 77 -2.51 -10.35 -2.80
CA ALA A 77 -1.11 -10.59 -3.10
C ALA A 77 -0.24 -9.75 -2.19
N VAL A 78 0.98 -10.21 -1.93
CA VAL A 78 1.94 -9.48 -1.12
C VAL A 78 3.35 -9.76 -1.62
N THR A 79 4.13 -8.70 -1.79
CA THR A 79 5.49 -8.83 -2.26
C THR A 79 6.37 -7.79 -1.58
N LEU A 80 7.52 -8.23 -1.08
CA LEU A 80 8.48 -7.32 -0.48
C LEU A 80 9.20 -6.56 -1.59
N VAL A 81 9.09 -5.25 -1.54
CA VAL A 81 9.61 -4.41 -2.60
C VAL A 81 10.98 -3.88 -2.21
N SER A 82 11.09 -3.39 -1.00
CA SER A 82 12.36 -2.90 -0.47
C SER A 82 12.45 -3.27 1.00
N SER A 83 13.65 -3.58 1.47
CA SER A 83 13.84 -3.99 2.84
C SER A 83 15.07 -3.35 3.46
N ALA A 84 15.01 -3.11 4.77
CA ALA A 84 16.15 -2.59 5.50
C ALA A 84 16.77 -3.68 6.36
N GLY A 85 16.41 -4.92 6.07
CA GLY A 85 16.93 -6.04 6.80
C GLY A 85 16.06 -6.40 7.99
N LEU A 86 14.92 -7.06 7.73
CA LEU A 86 14.02 -7.47 8.80
C LEU A 86 13.92 -9.00 8.85
N PRO A 87 14.98 -9.70 9.29
CA PRO A 87 14.98 -11.17 9.28
C PRO A 87 14.11 -11.75 10.38
N SER A 88 14.52 -11.57 11.62
CA SER A 88 13.74 -12.02 12.76
C SER A 88 12.50 -11.13 12.94
N LEU A 89 12.56 -9.95 12.33
CA LEU A 89 11.48 -8.98 12.47
C LEU A 89 10.27 -9.33 11.60
N ASP A 90 10.54 -9.96 10.44
CA ASP A 90 9.49 -10.23 9.43
C ASP A 90 8.31 -10.96 10.02
N ARG A 91 8.58 -11.89 10.93
CA ARG A 91 7.55 -12.72 11.52
C ARG A 91 6.40 -11.89 12.11
N GLU A 92 6.71 -10.96 13.00
CA GLU A 92 5.70 -10.18 13.69
C GLU A 92 5.14 -9.06 12.83
N ILE A 93 6.03 -8.21 12.32
CA ILE A 93 5.63 -7.00 11.61
C ILE A 93 4.78 -7.32 10.38
N GLN A 94 5.14 -8.38 9.68
CA GLN A 94 4.41 -8.78 8.52
C GLN A 94 3.22 -9.64 8.88
N ALA A 95 3.24 -10.24 10.04
CA ALA A 95 2.09 -11.05 10.46
C ALA A 95 0.81 -10.23 10.40
N LEU A 96 0.81 -9.09 11.07
CA LEU A 96 -0.36 -8.22 11.03
C LEU A 96 -0.48 -7.45 9.72
N VAL A 97 0.60 -6.81 9.27
CA VAL A 97 0.56 -6.03 8.01
C VAL A 97 0.44 -6.90 6.76
N LYS A 98 1.30 -7.90 6.63
CA LYS A 98 1.40 -8.68 5.39
C LYS A 98 0.23 -9.65 5.24
N ARG A 99 -0.29 -10.17 6.35
CA ARG A 99 -1.40 -11.11 6.26
C ARG A 99 -2.74 -10.38 6.28
N ALA A 100 -2.73 -9.14 6.75
CA ALA A 100 -3.95 -8.34 6.78
C ALA A 100 -3.80 -7.08 5.96
N SER A 101 -3.46 -7.24 4.69
CA SER A 101 -3.33 -6.10 3.78
C SER A 101 -4.71 -5.67 3.28
N PRO A 102 -5.20 -4.53 3.78
CA PRO A 102 -6.54 -4.06 3.56
C PRO A 102 -6.66 -2.94 2.51
N LEU A 103 -7.90 -2.71 2.06
CA LEU A 103 -8.19 -1.69 1.06
C LEU A 103 -9.52 -1.03 1.41
N PRO A 104 -9.48 0.11 2.13
CA PRO A 104 -10.68 0.79 2.61
C PRO A 104 -11.40 1.59 1.52
N THR A 105 -10.66 2.41 0.80
CA THR A 105 -11.23 3.23 -0.25
C THR A 105 -11.22 2.45 -1.57
N PRO A 106 -12.40 2.04 -2.06
CA PRO A 106 -12.53 1.23 -3.27
C PRO A 106 -12.08 1.98 -4.52
N PRO A 107 -10.93 1.60 -5.07
CA PRO A 107 -10.36 2.22 -6.25
C PRO A 107 -10.85 1.55 -7.53
N ALA A 108 -12.16 1.56 -7.72
CA ALA A 108 -12.76 0.99 -8.92
C ALA A 108 -12.15 1.61 -10.17
N ASP A 109 -12.04 2.93 -10.16
CA ASP A 109 -11.51 3.68 -11.30
C ASP A 109 -9.99 3.58 -11.38
N ALA A 110 -9.41 2.69 -10.58
CA ALA A 110 -7.97 2.50 -10.57
C ALA A 110 -7.57 1.14 -11.12
N TYR A 111 -8.44 0.15 -10.93
CA TYR A 111 -8.08 -1.22 -11.23
C TYR A 111 -8.98 -1.87 -12.25
N VAL A 112 -9.70 -1.07 -13.00
CA VAL A 112 -10.48 -1.60 -14.11
C VAL A 112 -9.52 -2.05 -15.21
N ASN A 113 -9.12 -3.31 -15.06
CA ASN A 113 -8.03 -3.93 -15.81
C ASN A 113 -7.53 -5.14 -15.02
N GLY A 114 -7.93 -5.19 -13.74
CA GLY A 114 -7.57 -6.29 -12.86
C GLY A 114 -7.79 -5.96 -11.40
N THR A 115 -6.77 -5.41 -10.76
CA THR A 115 -6.79 -5.13 -9.33
C THR A 115 -5.71 -4.10 -9.00
N VAL A 116 -5.63 -3.68 -7.76
CA VAL A 116 -4.63 -2.68 -7.38
C VAL A 116 -3.46 -3.32 -6.67
N GLU A 117 -2.32 -3.35 -7.35
CA GLU A 117 -1.09 -3.75 -6.74
C GLU A 117 -0.22 -2.52 -6.60
N LEU A 118 -0.03 -2.08 -5.37
CA LEU A 118 0.67 -0.82 -5.13
C LEU A 118 1.68 -0.98 -4.01
N THR A 119 2.71 -0.17 -4.05
CA THR A 119 3.82 -0.28 -3.12
C THR A 119 3.66 0.70 -1.97
N LEU A 120 3.45 0.16 -0.77
CA LEU A 120 3.35 1.00 0.41
C LEU A 120 4.43 0.64 1.41
N PRO A 121 5.25 1.62 1.80
CA PRO A 121 6.24 1.43 2.84
C PRO A 121 5.57 1.28 4.20
N ILE A 122 5.77 0.14 4.82
CA ILE A 122 5.24 -0.08 6.14
C ILE A 122 6.31 0.28 7.16
N ASP A 123 6.04 1.26 8.00
CA ASP A 123 7.09 1.72 8.88
C ASP A 123 6.88 1.29 10.31
N PHE A 124 7.86 0.57 10.79
CA PHE A 124 8.10 0.39 12.20
C PHE A 124 9.45 1.03 12.48
N SER A 125 9.52 1.93 13.44
CA SER A 125 10.75 2.70 13.66
C SER A 125 11.94 1.78 13.90
N LEU A 126 12.79 1.64 12.87
CA LEU A 126 13.86 0.68 12.86
C LEU A 126 15.20 1.34 13.19
N ARG A 127 15.67 1.11 14.39
CA ARG A 127 16.99 1.57 14.78
C ARG A 127 18.03 0.53 14.38
N GLY A 128 17.76 -0.73 14.69
CA GLY A 128 18.67 -1.79 14.32
C GLY A 128 18.41 -3.09 15.08
N ALA A 129 17.17 -3.57 15.02
CA ALA A 129 16.80 -4.79 15.72
C ALA A 129 17.20 -6.04 14.94
N GLY A 130 17.71 -5.84 13.74
CA GLY A 130 18.14 -6.97 12.93
C GLY A 130 19.59 -7.30 13.16
N PHE A 131 20.04 -7.22 14.41
CA PHE A 131 21.43 -7.45 14.75
C PHE A 131 21.66 -8.91 15.09
N LYS A 1 -30.41 42.50 -26.01
CA LYS A 1 -30.08 43.52 -25.01
C LYS A 1 -31.33 44.30 -24.62
N VAL A 2 -31.85 44.01 -23.43
CA VAL A 2 -33.04 44.70 -22.95
C VAL A 2 -32.76 45.35 -21.60
N GLN A 3 -32.10 44.60 -20.72
CA GLN A 3 -31.76 45.05 -19.37
C GLN A 3 -31.18 43.87 -18.60
N GLU A 4 -29.92 43.59 -18.85
CA GLU A 4 -29.26 42.44 -18.23
C GLU A 4 -28.44 42.89 -17.03
N GLN A 5 -28.45 42.06 -15.99
CA GLN A 5 -27.65 42.31 -14.81
C GLN A 5 -26.46 41.35 -14.79
N SER A 6 -25.28 41.88 -15.04
CA SER A 6 -24.07 41.07 -15.03
C SER A 6 -23.52 40.95 -13.62
N VAL A 7 -23.26 39.73 -13.20
CA VAL A 7 -22.72 39.44 -11.89
C VAL A 7 -21.81 38.20 -11.98
N GLY A 8 -21.18 38.05 -13.13
CA GLY A 8 -20.35 36.89 -13.37
C GLY A 8 -18.89 37.17 -13.07
N ALA A 9 -18.58 37.37 -11.81
CA ALA A 9 -17.21 37.65 -11.38
C ALA A 9 -16.30 36.46 -11.68
N PRO A 10 -15.33 36.67 -12.58
CA PRO A 10 -14.38 35.63 -12.98
C PRO A 10 -13.22 35.48 -11.98
N PRO A 11 -13.02 34.28 -11.45
CA PRO A 11 -11.94 34.00 -10.51
C PRO A 11 -10.57 33.98 -11.20
N PRO A 12 -9.53 34.39 -10.48
CA PRO A 12 -8.16 34.41 -11.01
C PRO A 12 -7.51 33.03 -10.99
N GLY A 13 -8.17 32.07 -11.63
CA GLY A 13 -7.66 30.72 -11.68
C GLY A 13 -8.34 29.89 -12.74
N ARG A 14 -8.09 28.59 -12.74
CA ARG A 14 -8.69 27.69 -13.71
C ARG A 14 -9.64 26.72 -13.02
N ALA A 15 -10.93 26.97 -13.15
CA ALA A 15 -11.94 26.14 -12.51
C ALA A 15 -12.45 25.08 -13.47
N ASP A 16 -12.25 25.32 -14.76
CA ASP A 16 -12.70 24.41 -15.82
C ASP A 16 -11.78 23.19 -15.94
N LYS A 17 -11.60 22.50 -14.84
CA LYS A 17 -10.76 21.31 -14.82
C LYS A 17 -11.57 20.06 -15.17
N THR A 18 -12.19 20.10 -16.35
CA THR A 18 -13.02 19.01 -16.85
C THR A 18 -14.06 18.55 -15.82
N ALA A 19 -15.02 19.41 -15.53
CA ALA A 19 -16.03 19.10 -14.53
C ALA A 19 -17.41 18.98 -15.16
N ALA A 20 -17.44 18.39 -16.35
CA ALA A 20 -18.68 18.16 -17.06
C ALA A 20 -19.26 16.79 -16.73
N PRO A 21 -18.47 15.69 -16.87
CA PRO A 21 -18.91 14.35 -16.49
C PRO A 21 -18.77 14.13 -14.98
N GLN A 22 -18.73 12.88 -14.56
CA GLN A 22 -18.57 12.58 -13.13
C GLN A 22 -17.09 12.53 -12.76
N THR A 23 -16.28 13.21 -13.56
CA THR A 23 -14.85 13.31 -13.32
C THR A 23 -14.55 14.15 -12.08
N ARG A 24 -15.61 14.73 -11.51
CA ARG A 24 -15.52 15.55 -10.31
C ARG A 24 -15.26 14.69 -9.07
N LEU A 25 -15.44 13.38 -9.19
CA LEU A 25 -15.29 12.48 -8.05
C LEU A 25 -14.84 11.10 -8.49
N THR A 26 -13.97 11.06 -9.49
CA THR A 26 -13.41 9.79 -9.97
C THR A 26 -12.26 9.35 -9.07
N PRO A 27 -12.18 8.06 -8.73
CA PRO A 27 -11.08 7.50 -7.93
C PRO A 27 -9.79 7.38 -8.74
N TYR A 28 -9.10 8.50 -8.94
CA TYR A 28 -7.85 8.52 -9.68
C TYR A 28 -6.72 7.97 -8.83
N ALA A 29 -6.00 6.98 -9.35
CA ALA A 29 -4.85 6.44 -8.66
C ALA A 29 -3.56 6.90 -9.35
N GLN A 30 -3.62 7.07 -10.66
CA GLN A 30 -2.46 7.52 -11.43
C GLN A 30 -2.42 9.04 -11.50
N ALA A 31 -2.69 9.68 -10.36
CA ALA A 31 -2.65 11.13 -10.27
C ALA A 31 -1.91 11.56 -9.01
N GLY A 32 -1.06 10.66 -8.52
CA GLY A 32 -0.29 10.93 -7.32
C GLY A 32 -0.35 9.78 -6.33
N GLU A 33 0.63 9.71 -5.45
CA GLU A 33 0.69 8.65 -4.45
C GLU A 33 0.10 9.14 -3.13
N ASP A 34 -1.22 9.31 -3.11
CA ASP A 34 -1.92 9.81 -1.93
C ASP A 34 -1.79 8.82 -0.78
N ASN A 35 -1.61 9.35 0.41
CA ASN A 35 -1.37 8.52 1.59
C ASN A 35 -2.68 8.11 2.23
N TRP A 36 -3.07 6.86 2.01
CA TRP A 36 -4.28 6.32 2.61
C TRP A 36 -3.92 5.49 3.84
N ARG A 37 -2.71 5.68 4.34
CA ARG A 37 -2.15 4.78 5.34
C ARG A 37 -2.88 4.88 6.67
N SER A 38 -3.40 6.06 6.99
CA SER A 38 -4.18 6.23 8.21
C SER A 38 -5.50 5.49 8.09
N ARG A 39 -6.02 5.42 6.87
CA ARG A 39 -7.25 4.71 6.61
C ARG A 39 -6.97 3.21 6.59
N ILE A 40 -5.88 2.83 5.94
CA ILE A 40 -5.45 1.45 5.88
C ILE A 40 -5.20 0.92 7.29
N SER A 41 -4.54 1.75 8.10
CA SER A 41 -4.24 1.41 9.48
C SER A 41 -5.52 1.08 10.26
N GLY A 42 -6.58 1.83 9.99
CA GLY A 42 -7.85 1.56 10.63
C GLY A 42 -8.42 0.22 10.22
N ARG A 43 -8.32 -0.09 8.93
CA ARG A 43 -8.77 -1.36 8.40
C ARG A 43 -7.89 -2.50 8.89
N LEU A 44 -6.61 -2.22 9.06
CA LEU A 44 -5.65 -3.21 9.56
C LEU A 44 -6.05 -3.66 10.96
N ASN A 45 -6.63 -2.72 11.71
CA ASN A 45 -7.07 -2.95 13.08
C ASN A 45 -8.29 -3.86 13.07
N ARG A 46 -9.11 -3.70 12.04
CA ARG A 46 -10.24 -4.56 11.80
C ARG A 46 -9.79 -6.02 11.73
N PHE A 47 -8.57 -6.24 11.28
CA PHE A 47 -8.06 -7.60 11.21
C PHE A 47 -7.27 -7.96 12.46
N LYS A 48 -6.22 -7.18 12.72
CA LYS A 48 -5.31 -7.39 13.83
C LYS A 48 -4.30 -6.25 13.90
N ARG A 49 -4.49 -5.34 14.83
CA ARG A 49 -3.53 -4.26 14.99
C ARG A 49 -3.07 -4.16 16.43
N TYR A 50 -1.86 -4.63 16.67
CA TYR A 50 -1.26 -4.56 17.99
C TYR A 50 -0.66 -3.17 18.20
N PRO A 51 -0.84 -2.58 19.39
CA PRO A 51 -0.31 -1.26 19.72
C PRO A 51 1.18 -1.13 19.38
N LYS A 52 1.53 -0.04 18.69
CA LYS A 52 2.86 0.12 18.11
C LYS A 52 3.95 0.17 19.16
N ASP A 53 3.60 0.55 20.39
CA ASP A 53 4.59 0.65 21.46
C ASP A 53 5.29 -0.69 21.70
N ALA A 54 4.52 -1.77 21.61
CA ALA A 54 5.07 -3.10 21.79
C ALA A 54 6.03 -3.45 20.66
N LEU A 55 5.76 -2.90 19.48
CA LEU A 55 6.59 -3.13 18.31
C LEU A 55 7.86 -2.28 18.41
N ARG A 56 7.71 -1.03 18.86
CA ARG A 56 8.86 -0.13 19.03
C ARG A 56 9.83 -0.68 20.07
N LEU A 57 9.31 -1.53 20.94
CA LEU A 57 10.09 -2.12 22.00
C LEU A 57 10.47 -3.57 21.66
N LYS A 58 10.11 -4.00 20.46
CA LYS A 58 10.36 -5.38 20.06
C LYS A 58 10.59 -5.51 18.55
N ARG A 59 9.52 -5.42 17.77
CA ARG A 59 9.62 -5.64 16.34
C ARG A 59 9.67 -4.31 15.61
N GLN A 60 10.87 -3.77 15.53
CA GLN A 60 11.13 -2.53 14.83
C GLN A 60 11.80 -2.80 13.50
N GLY A 61 11.24 -2.25 12.43
CA GLY A 61 11.73 -2.57 11.11
C GLY A 61 10.98 -1.85 10.01
N VAL A 62 11.73 -1.20 9.12
CA VAL A 62 11.14 -0.52 7.98
C VAL A 62 11.37 -1.33 6.71
N GLY A 63 10.30 -1.59 5.99
CA GLY A 63 10.39 -2.33 4.77
C GLY A 63 9.29 -1.96 3.81
N GLN A 64 9.43 -2.36 2.57
CA GLN A 64 8.41 -2.07 1.58
C GLN A 64 7.54 -3.30 1.37
N VAL A 65 6.25 -3.09 1.30
CA VAL A 65 5.29 -4.16 1.20
C VAL A 65 4.33 -3.88 0.03
N ARG A 66 4.39 -4.71 -1.01
CA ARG A 66 3.55 -4.49 -2.17
C ARG A 66 2.57 -5.65 -2.31
N PHE A 67 1.34 -5.32 -2.66
CA PHE A 67 0.26 -6.30 -2.66
C PHE A 67 -0.83 -5.92 -3.63
N THR A 68 -1.67 -6.90 -3.95
CA THR A 68 -2.86 -6.68 -4.75
C THR A 68 -4.07 -6.74 -3.85
N LEU A 69 -4.82 -5.67 -3.82
CA LEU A 69 -5.93 -5.54 -2.89
C LEU A 69 -7.27 -5.66 -3.59
N ASP A 70 -8.18 -6.38 -2.95
CA ASP A 70 -9.53 -6.53 -3.44
C ASP A 70 -10.30 -5.23 -3.20
N ARG A 71 -11.32 -4.98 -4.01
CA ARG A 71 -12.12 -3.77 -3.89
C ARG A 71 -12.83 -3.70 -2.54
N GLN A 72 -13.04 -4.86 -1.91
CA GLN A 72 -13.63 -4.91 -0.58
C GLN A 72 -12.58 -4.62 0.49
N GLY A 73 -11.33 -4.55 0.06
CA GLY A 73 -10.23 -4.31 0.96
C GLY A 73 -9.67 -5.59 1.54
N HIS A 74 -9.67 -6.64 0.73
CA HIS A 74 -9.18 -7.93 1.17
C HIS A 74 -7.85 -8.26 0.51
N VAL A 75 -6.86 -8.55 1.34
CA VAL A 75 -5.55 -9.01 0.88
C VAL A 75 -5.67 -10.20 -0.08
N LEU A 76 -5.08 -10.04 -1.26
CA LEU A 76 -5.12 -11.09 -2.26
C LEU A 76 -3.72 -11.63 -2.53
N ALA A 77 -2.80 -10.72 -2.80
CA ALA A 77 -1.42 -11.07 -3.09
C ALA A 77 -0.50 -10.23 -2.23
N VAL A 78 0.68 -10.75 -1.92
CA VAL A 78 1.65 -10.04 -1.11
C VAL A 78 3.07 -10.37 -1.57
N THR A 79 3.86 -9.35 -1.82
CA THR A 79 5.23 -9.52 -2.21
C THR A 79 6.13 -8.56 -1.42
N LEU A 80 7.11 -9.12 -0.74
CA LEU A 80 7.99 -8.30 0.07
C LEU A 80 8.99 -7.56 -0.81
N VAL A 81 8.79 -6.27 -0.90
CA VAL A 81 9.65 -5.41 -1.70
C VAL A 81 10.87 -5.03 -0.86
N SER A 82 10.61 -4.71 0.41
CA SER A 82 11.64 -4.54 1.43
C SER A 82 12.53 -3.31 1.16
N SER A 83 13.45 -3.06 2.10
CA SER A 83 14.32 -1.88 2.04
C SER A 83 15.58 -2.10 2.88
N ALA A 84 15.42 -2.18 4.19
CA ALA A 84 16.56 -2.26 5.09
C ALA A 84 16.96 -3.71 5.37
N GLY A 85 16.20 -4.40 6.21
CA GLY A 85 16.54 -5.76 6.56
C GLY A 85 15.76 -6.25 7.76
N LEU A 86 14.70 -7.00 7.51
CA LEU A 86 13.83 -7.49 8.57
C LEU A 86 13.82 -9.02 8.58
N PRO A 87 14.82 -9.66 9.19
CA PRO A 87 14.89 -11.12 9.26
C PRO A 87 13.93 -11.69 10.30
N SER A 88 14.30 -11.56 11.56
CA SER A 88 13.46 -11.98 12.67
C SER A 88 12.24 -11.06 12.80
N LEU A 89 12.36 -9.89 12.22
CA LEU A 89 11.33 -8.87 12.30
C LEU A 89 10.14 -9.21 11.41
N ASP A 90 10.45 -9.83 10.26
CA ASP A 90 9.45 -10.14 9.24
C ASP A 90 8.28 -10.94 9.79
N ARG A 91 8.57 -11.93 10.61
CA ARG A 91 7.53 -12.85 11.07
C ARG A 91 6.36 -12.12 11.70
N GLU A 92 6.62 -11.25 12.66
CA GLU A 92 5.57 -10.59 13.41
C GLU A 92 4.93 -9.42 12.64
N ILE A 93 5.76 -8.48 12.18
CA ILE A 93 5.26 -7.28 11.52
C ILE A 93 4.52 -7.59 10.23
N GLN A 94 4.99 -8.58 9.48
CA GLN A 94 4.35 -8.95 8.24
C GLN A 94 3.16 -9.86 8.50
N ALA A 95 3.19 -10.61 9.59
CA ALA A 95 1.99 -11.31 9.99
C ALA A 95 0.88 -10.29 10.17
N LEU A 96 1.22 -9.20 10.82
CA LEU A 96 0.30 -8.15 11.11
C LEU A 96 -0.14 -7.42 9.83
N VAL A 97 0.82 -6.92 9.06
CA VAL A 97 0.52 -6.13 7.87
C VAL A 97 0.35 -6.98 6.61
N LYS A 98 1.29 -7.89 6.38
CA LYS A 98 1.30 -8.71 5.17
C LYS A 98 0.15 -9.74 5.19
N ARG A 99 -0.46 -9.97 6.34
CA ARG A 99 -1.68 -10.77 6.37
C ARG A 99 -2.92 -9.88 6.41
N ALA A 100 -2.83 -8.75 7.11
CA ALA A 100 -3.95 -7.81 7.15
C ALA A 100 -3.72 -6.64 6.20
N SER A 101 -3.67 -6.94 4.91
CA SER A 101 -3.52 -5.91 3.89
C SER A 101 -4.89 -5.47 3.37
N PRO A 102 -5.39 -4.33 3.85
CA PRO A 102 -6.69 -3.81 3.51
C PRO A 102 -6.65 -2.68 2.48
N LEU A 103 -7.83 -2.26 2.05
CA LEU A 103 -7.97 -1.20 1.05
C LEU A 103 -9.20 -0.34 1.39
N PRO A 104 -9.00 0.81 2.07
CA PRO A 104 -10.11 1.69 2.41
C PRO A 104 -10.67 2.42 1.20
N THR A 105 -9.83 3.24 0.59
CA THR A 105 -10.20 3.97 -0.61
C THR A 105 -10.16 3.07 -1.83
N PRO A 106 -11.35 2.77 -2.41
CA PRO A 106 -11.47 1.87 -3.56
C PRO A 106 -11.06 2.54 -4.86
N PRO A 107 -9.86 2.21 -5.38
CA PRO A 107 -9.36 2.74 -6.63
C PRO A 107 -9.90 1.95 -7.81
N ALA A 108 -11.20 2.10 -8.03
CA ALA A 108 -11.89 1.39 -9.10
C ALA A 108 -11.23 1.65 -10.44
N ASP A 109 -10.85 2.90 -10.68
CA ASP A 109 -10.25 3.28 -11.95
C ASP A 109 -8.79 2.85 -12.03
N ALA A 110 -8.36 2.07 -11.05
CA ALA A 110 -7.02 1.53 -11.03
C ALA A 110 -7.05 0.01 -11.19
N TYR A 111 -8.21 -0.61 -10.96
CA TYR A 111 -8.30 -2.05 -11.03
C TYR A 111 -9.49 -2.55 -11.84
N VAL A 112 -10.05 -1.69 -12.63
CA VAL A 112 -11.05 -2.15 -13.59
C VAL A 112 -10.32 -2.92 -14.69
N ASN A 113 -10.15 -4.21 -14.41
CA ASN A 113 -9.27 -5.11 -15.16
C ASN A 113 -8.93 -6.29 -14.26
N GLY A 114 -8.99 -6.05 -12.95
CA GLY A 114 -8.66 -7.07 -11.97
C GLY A 114 -8.64 -6.50 -10.56
N THR A 115 -7.46 -6.07 -10.11
CA THR A 115 -7.26 -5.59 -8.75
C THR A 115 -6.01 -4.71 -8.68
N VAL A 116 -5.74 -4.09 -7.52
CA VAL A 116 -4.67 -3.10 -7.44
C VAL A 116 -3.44 -3.66 -6.77
N GLU A 117 -2.40 -3.84 -7.56
CA GLU A 117 -1.11 -4.22 -7.03
C GLU A 117 -0.26 -2.96 -6.89
N LEU A 118 0.02 -2.57 -5.67
CA LEU A 118 0.75 -1.34 -5.43
C LEU A 118 1.71 -1.53 -4.26
N THR A 119 2.76 -0.73 -4.25
CA THR A 119 3.80 -0.86 -3.25
C THR A 119 3.65 0.20 -2.15
N LEU A 120 3.61 -0.27 -0.91
CA LEU A 120 3.53 0.62 0.24
C LEU A 120 4.60 0.26 1.26
N PRO A 121 5.45 1.22 1.63
CA PRO A 121 6.44 1.01 2.67
C PRO A 121 5.80 1.05 4.04
N ILE A 122 5.95 -0.05 4.78
CA ILE A 122 5.41 -0.12 6.12
C ILE A 122 6.51 0.22 7.11
N ASP A 123 6.37 1.34 7.78
CA ASP A 123 7.42 1.76 8.70
C ASP A 123 7.14 1.34 10.12
N PHE A 124 8.06 0.57 10.65
CA PHE A 124 8.21 0.42 12.09
C PHE A 124 9.56 0.99 12.46
N SER A 125 9.61 1.87 13.45
CA SER A 125 10.82 2.66 13.72
C SER A 125 12.04 1.77 13.99
N LEU A 126 12.91 1.68 12.98
CA LEU A 126 14.10 0.84 13.05
C LEU A 126 15.26 1.62 13.66
N ARG A 127 15.49 1.41 14.94
CA ARG A 127 16.58 2.11 15.63
C ARG A 127 17.39 1.16 16.51
N GLY A 128 17.10 -0.13 16.43
CA GLY A 128 17.82 -1.10 17.23
C GLY A 128 17.56 -2.52 16.80
N ALA A 129 17.47 -2.76 15.50
CA ALA A 129 17.26 -4.10 14.96
C ALA A 129 17.79 -4.19 13.54
N GLY A 130 18.92 -3.55 13.31
CA GLY A 130 19.48 -3.45 11.98
C GLY A 130 20.89 -2.92 11.98
N PHE A 131 21.16 -1.96 12.86
CA PHE A 131 22.48 -1.37 12.97
C PHE A 131 22.90 -1.28 14.43
N LYS A 1 -8.88 -37.47 -10.80
CA LYS A 1 -8.12 -36.47 -10.02
C LYS A 1 -7.40 -35.51 -10.95
N VAL A 2 -6.92 -34.41 -10.38
CA VAL A 2 -6.23 -33.37 -11.15
C VAL A 2 -7.15 -32.78 -12.21
N GLN A 3 -7.91 -31.78 -11.82
CA GLN A 3 -8.86 -31.15 -12.72
C GLN A 3 -8.39 -29.75 -13.09
N GLU A 4 -7.43 -29.68 -14.00
CA GLU A 4 -6.88 -28.41 -14.45
C GLU A 4 -7.70 -27.86 -15.61
N GLN A 5 -8.61 -28.68 -16.11
CA GLN A 5 -9.47 -28.32 -17.25
C GLN A 5 -10.20 -27.01 -16.99
N SER A 6 -10.49 -26.73 -15.72
CA SER A 6 -11.24 -25.55 -15.34
C SER A 6 -10.45 -24.26 -15.57
N VAL A 7 -9.13 -24.35 -15.68
CA VAL A 7 -8.31 -23.16 -15.87
C VAL A 7 -8.43 -22.68 -17.33
N GLY A 8 -9.06 -23.50 -18.15
CA GLY A 8 -9.29 -23.13 -19.53
C GLY A 8 -10.77 -23.06 -19.85
N ALA A 9 -11.59 -22.96 -18.81
CA ALA A 9 -13.04 -22.87 -18.97
C ALA A 9 -13.49 -21.42 -19.11
N PRO A 10 -13.12 -20.52 -18.17
CA PRO A 10 -13.36 -19.09 -18.29
C PRO A 10 -12.17 -18.38 -18.93
N PRO A 11 -12.37 -17.82 -20.13
CA PRO A 11 -11.29 -17.14 -20.88
C PRO A 11 -10.74 -15.92 -20.13
N PRO A 12 -9.48 -16.01 -19.68
CA PRO A 12 -8.83 -14.92 -18.94
C PRO A 12 -8.44 -13.76 -19.86
N GLY A 13 -8.36 -14.04 -21.14
CA GLY A 13 -8.00 -13.02 -22.10
C GLY A 13 -6.60 -13.24 -22.65
N ARG A 14 -5.99 -12.16 -23.13
CA ARG A 14 -4.66 -12.24 -23.71
C ARG A 14 -3.60 -12.01 -22.65
N ALA A 15 -2.43 -12.61 -22.84
CA ALA A 15 -1.32 -12.43 -21.92
C ALA A 15 -0.09 -11.91 -22.65
N ASP A 16 -0.32 -11.41 -23.87
CA ASP A 16 0.74 -10.91 -24.70
C ASP A 16 0.27 -9.67 -25.45
N LYS A 17 1.20 -8.74 -25.71
CA LYS A 17 0.88 -7.47 -26.35
C LYS A 17 -0.22 -6.75 -25.59
N THR A 18 0.09 -6.37 -24.36
CA THR A 18 -0.89 -5.76 -23.48
C THR A 18 -1.04 -4.27 -23.77
N ALA A 19 -1.61 -3.97 -24.92
CA ALA A 19 -1.87 -2.60 -25.33
C ALA A 19 -3.37 -2.36 -25.43
N ALA A 20 -4.07 -2.66 -24.35
CA ALA A 20 -5.50 -2.46 -24.28
C ALA A 20 -5.81 -0.98 -24.07
N PRO A 21 -7.06 -0.54 -24.27
CA PRO A 21 -7.46 0.86 -24.15
C PRO A 21 -6.86 1.60 -22.94
N GLN A 22 -6.74 0.90 -21.81
CA GLN A 22 -6.32 1.53 -20.57
C GLN A 22 -4.81 1.44 -20.34
N THR A 23 -4.13 0.53 -21.00
CA THR A 23 -2.70 0.38 -20.77
C THR A 23 -1.90 1.28 -21.72
N ARG A 24 -2.35 2.53 -21.83
CA ARG A 24 -1.66 3.52 -22.65
C ARG A 24 -0.55 4.18 -21.84
N LEU A 25 -0.94 5.09 -20.96
CA LEU A 25 0.03 5.78 -20.11
C LEU A 25 -0.46 5.79 -18.67
N THR A 26 -1.40 4.91 -18.38
CA THR A 26 -1.96 4.80 -17.05
C THR A 26 -1.91 3.35 -16.54
N PRO A 27 -0.71 2.77 -16.40
CA PRO A 27 -0.54 1.41 -15.90
C PRO A 27 -0.21 1.38 -14.41
N TYR A 28 -0.65 2.40 -13.70
CA TYR A 28 -0.35 2.54 -12.28
C TYR A 28 -1.64 2.77 -11.49
N ALA A 29 -2.12 1.71 -10.85
CA ALA A 29 -3.38 1.76 -10.12
C ALA A 29 -3.22 2.36 -8.73
N GLN A 30 -2.69 3.57 -8.67
CA GLN A 30 -2.54 4.28 -7.41
C GLN A 30 -2.32 5.77 -7.67
N ALA A 31 -3.33 6.57 -7.37
CA ALA A 31 -3.25 8.01 -7.59
C ALA A 31 -4.07 8.75 -6.56
N GLY A 32 -3.66 9.97 -6.24
CA GLY A 32 -4.41 10.77 -5.30
C GLY A 32 -3.54 11.38 -4.23
N GLU A 33 -4.09 11.47 -3.03
CA GLU A 33 -3.41 12.09 -1.91
C GLU A 33 -3.09 11.05 -0.85
N ASP A 34 -2.01 11.26 -0.10
CA ASP A 34 -1.59 10.28 0.91
C ASP A 34 -2.39 10.46 2.20
N ASN A 35 -3.67 10.13 2.12
CA ASN A 35 -4.55 10.14 3.28
C ASN A 35 -5.10 8.73 3.50
N TRP A 36 -4.94 7.90 2.48
CA TRP A 36 -5.54 6.58 2.48
C TRP A 36 -4.82 5.60 3.42
N ARG A 37 -3.57 5.89 3.79
CA ARG A 37 -2.81 4.97 4.64
C ARG A 37 -3.40 4.91 6.04
N SER A 38 -3.85 6.05 6.56
CA SER A 38 -4.44 6.09 7.87
C SER A 38 -5.77 5.36 7.87
N ARG A 39 -6.45 5.41 6.72
CA ARG A 39 -7.69 4.71 6.54
C ARG A 39 -7.43 3.21 6.52
N ILE A 40 -6.33 2.83 5.88
CA ILE A 40 -5.89 1.44 5.83
C ILE A 40 -5.53 0.96 7.24
N SER A 41 -4.70 1.73 7.93
CA SER A 41 -4.29 1.41 9.30
C SER A 41 -5.49 1.25 10.23
N GLY A 42 -6.55 2.00 9.97
CA GLY A 42 -7.77 1.86 10.75
C GLY A 42 -8.38 0.48 10.58
N ARG A 43 -8.48 0.03 9.34
CA ARG A 43 -9.01 -1.28 9.02
C ARG A 43 -8.06 -2.37 9.49
N LEU A 44 -6.77 -2.10 9.40
CA LEU A 44 -5.75 -3.04 9.84
C LEU A 44 -5.90 -3.30 11.34
N ASN A 45 -6.37 -2.29 12.03
CA ASN A 45 -6.59 -2.34 13.46
C ASN A 45 -7.78 -3.24 13.76
N ARG A 46 -8.74 -3.20 12.86
CA ARG A 46 -9.87 -4.10 12.88
C ARG A 46 -9.40 -5.56 12.83
N PHE A 47 -8.33 -5.81 12.10
CA PHE A 47 -7.87 -7.17 11.91
C PHE A 47 -6.86 -7.57 12.97
N LYS A 48 -5.75 -6.83 13.02
CA LYS A 48 -4.64 -7.12 13.92
C LYS A 48 -3.75 -5.89 14.04
N ARG A 49 -3.88 -5.16 15.13
CA ARG A 49 -3.05 -4.00 15.34
C ARG A 49 -2.43 -4.03 16.72
N TYR A 50 -1.16 -4.37 16.76
CA TYR A 50 -0.40 -4.39 18.00
C TYR A 50 0.19 -3.01 18.23
N PRO A 51 0.04 -2.46 19.44
CA PRO A 51 0.55 -1.12 19.78
C PRO A 51 2.03 -0.97 19.45
N LYS A 52 2.37 0.13 18.76
CA LYS A 52 3.72 0.34 18.24
C LYS A 52 4.74 0.38 19.38
N ASP A 53 4.27 0.70 20.58
CA ASP A 53 5.13 0.75 21.76
C ASP A 53 5.83 -0.59 21.96
N ALA A 54 5.06 -1.66 21.78
CA ALA A 54 5.59 -3.01 21.91
C ALA A 54 6.56 -3.32 20.80
N LEU A 55 6.23 -2.90 19.59
CA LEU A 55 7.07 -3.14 18.43
C LEU A 55 8.43 -2.47 18.59
N ARG A 56 8.42 -1.25 19.11
CA ARG A 56 9.66 -0.50 19.34
C ARG A 56 10.63 -1.23 20.28
N LEU A 57 10.13 -2.23 21.01
CA LEU A 57 10.97 -3.02 21.90
C LEU A 57 11.09 -4.47 21.42
N LYS A 58 10.09 -4.91 20.66
CA LYS A 58 10.04 -6.29 20.19
C LYS A 58 10.47 -6.39 18.73
N ARG A 59 9.63 -5.92 17.83
CA ARG A 59 9.89 -6.04 16.41
C ARG A 59 9.84 -4.67 15.76
N GLN A 60 10.95 -3.98 15.83
CA GLN A 60 11.09 -2.65 15.28
C GLN A 60 11.76 -2.71 13.92
N GLY A 61 11.03 -2.33 12.88
CA GLY A 61 11.59 -2.39 11.55
C GLY A 61 10.79 -1.60 10.54
N VAL A 62 11.47 -0.98 9.59
CA VAL A 62 10.81 -0.28 8.50
C VAL A 62 10.91 -1.12 7.24
N GLY A 63 9.78 -1.45 6.65
CA GLY A 63 9.79 -2.24 5.45
C GLY A 63 8.75 -1.79 4.45
N GLN A 64 8.90 -2.24 3.24
CA GLN A 64 7.92 -1.99 2.20
C GLN A 64 7.12 -3.24 1.97
N VAL A 65 5.85 -3.09 1.70
CA VAL A 65 4.97 -4.21 1.53
C VAL A 65 4.12 -4.00 0.27
N ARG A 66 4.32 -4.86 -0.72
CA ARG A 66 3.62 -4.71 -1.99
C ARG A 66 2.55 -5.80 -2.11
N PHE A 67 1.38 -5.44 -2.60
CA PHE A 67 0.26 -6.35 -2.61
C PHE A 67 -0.80 -5.94 -3.63
N THR A 68 -1.77 -6.82 -3.82
CA THR A 68 -2.93 -6.55 -4.64
C THR A 68 -4.17 -6.65 -3.78
N LEU A 69 -5.01 -5.62 -3.85
CA LEU A 69 -6.16 -5.52 -2.97
C LEU A 69 -7.46 -5.71 -3.71
N ASP A 70 -8.39 -6.41 -3.07
CA ASP A 70 -9.71 -6.62 -3.63
C ASP A 70 -10.58 -5.41 -3.34
N ARG A 71 -11.67 -5.26 -4.08
CA ARG A 71 -12.58 -4.13 -3.90
C ARG A 71 -13.05 -4.04 -2.45
N GLN A 72 -13.26 -5.21 -1.85
CA GLN A 72 -13.78 -5.30 -0.49
C GLN A 72 -12.67 -5.08 0.54
N GLY A 73 -11.46 -4.87 0.05
CA GLY A 73 -10.32 -4.68 0.93
C GLY A 73 -9.78 -6.00 1.43
N HIS A 74 -9.64 -6.94 0.50
CA HIS A 74 -9.11 -8.26 0.83
C HIS A 74 -7.72 -8.44 0.22
N VAL A 75 -6.75 -8.77 1.07
CA VAL A 75 -5.40 -9.08 0.61
C VAL A 75 -5.43 -10.25 -0.39
N LEU A 76 -5.14 -9.96 -1.65
CA LEU A 76 -5.17 -10.97 -2.69
C LEU A 76 -3.76 -11.45 -3.01
N ALA A 77 -2.83 -10.52 -3.06
CA ALA A 77 -1.45 -10.82 -3.42
C ALA A 77 -0.50 -10.23 -2.39
N VAL A 78 0.70 -10.78 -2.33
CA VAL A 78 1.72 -10.27 -1.43
C VAL A 78 3.10 -10.41 -2.08
N THR A 79 3.78 -9.30 -2.22
CA THR A 79 5.11 -9.26 -2.77
C THR A 79 6.03 -8.53 -1.80
N LEU A 80 6.99 -9.25 -1.25
CA LEU A 80 7.86 -8.68 -0.25
C LEU A 80 8.93 -7.82 -0.91
N VAL A 81 8.92 -6.55 -0.58
CA VAL A 81 9.86 -5.60 -1.12
C VAL A 81 10.89 -5.20 -0.06
N SER A 82 10.40 -4.65 1.06
CA SER A 82 11.27 -4.29 2.19
C SER A 82 12.30 -3.23 1.79
N SER A 83 13.13 -2.82 2.74
CA SER A 83 14.12 -1.77 2.51
C SER A 83 15.32 -1.89 3.44
N ALA A 84 15.11 -1.52 4.71
CA ALA A 84 16.22 -1.37 5.65
C ALA A 84 16.96 -2.68 5.91
N GLY A 85 16.30 -3.61 6.58
CA GLY A 85 16.95 -4.85 6.94
C GLY A 85 16.21 -5.56 8.05
N LEU A 86 15.19 -6.32 7.69
CA LEU A 86 14.38 -6.99 8.69
C LEU A 86 14.43 -8.49 8.48
N PRO A 87 15.34 -9.20 9.16
CA PRO A 87 15.45 -10.66 9.06
C PRO A 87 14.34 -11.34 9.86
N SER A 88 14.53 -11.43 11.17
CA SER A 88 13.54 -11.99 12.05
C SER A 88 12.39 -11.01 12.27
N LEU A 89 12.64 -9.75 11.95
CA LEU A 89 11.62 -8.71 12.10
C LEU A 89 10.53 -8.86 11.05
N ASP A 90 10.94 -9.24 9.84
CA ASP A 90 10.04 -9.27 8.68
C ASP A 90 8.81 -10.11 8.94
N ARG A 91 9.05 -11.33 9.41
CA ARG A 91 7.98 -12.28 9.66
C ARG A 91 6.90 -11.68 10.57
N GLU A 92 7.33 -10.95 11.58
CA GLU A 92 6.45 -10.40 12.57
C GLU A 92 5.69 -9.16 12.07
N ILE A 93 6.46 -8.14 11.69
CA ILE A 93 5.89 -6.87 11.28
C ILE A 93 5.09 -6.99 9.99
N GLN A 94 5.62 -7.72 9.01
CA GLN A 94 4.92 -7.85 7.77
C GLN A 94 3.66 -8.66 7.99
N ALA A 95 3.76 -9.84 8.61
CA ALA A 95 2.60 -10.74 8.71
C ALA A 95 1.40 -10.04 9.34
N LEU A 96 1.69 -9.11 10.24
CA LEU A 96 0.71 -8.26 10.83
C LEU A 96 -0.11 -7.54 9.76
N VAL A 97 0.59 -6.85 8.88
CA VAL A 97 -0.05 -6.12 7.77
C VAL A 97 -0.29 -7.01 6.54
N LYS A 98 0.61 -7.96 6.33
CA LYS A 98 0.70 -8.76 5.12
C LYS A 98 -0.52 -9.67 4.97
N ARG A 99 -1.15 -9.99 6.09
CA ARG A 99 -2.34 -10.83 6.05
C ARG A 99 -3.60 -9.99 6.29
N ALA A 100 -3.43 -8.80 6.85
CA ALA A 100 -4.57 -7.92 7.09
C ALA A 100 -4.48 -6.69 6.21
N SER A 101 -4.18 -6.88 4.93
CA SER A 101 -4.09 -5.77 3.99
C SER A 101 -5.48 -5.39 3.51
N PRO A 102 -5.98 -4.24 3.97
CA PRO A 102 -7.30 -3.75 3.62
C PRO A 102 -7.27 -2.68 2.53
N LEU A 103 -8.45 -2.27 2.11
CA LEU A 103 -8.62 -1.25 1.08
C LEU A 103 -9.84 -0.39 1.43
N PRO A 104 -9.64 0.70 2.19
CA PRO A 104 -10.74 1.55 2.63
C PRO A 104 -11.40 2.29 1.47
N THR A 105 -10.62 3.13 0.80
CA THR A 105 -11.11 3.77 -0.41
C THR A 105 -11.02 2.80 -1.57
N PRO A 106 -12.17 2.46 -2.17
CA PRO A 106 -12.24 1.54 -3.29
C PRO A 106 -11.90 2.23 -4.60
N PRO A 107 -10.68 2.01 -5.12
CA PRO A 107 -10.21 2.65 -6.34
C PRO A 107 -10.72 1.93 -7.59
N ALA A 108 -12.02 2.02 -7.82
CA ALA A 108 -12.62 1.42 -8.99
C ALA A 108 -11.98 1.97 -10.25
N ASP A 109 -11.79 3.28 -10.25
CA ASP A 109 -11.18 3.99 -11.36
C ASP A 109 -9.70 3.62 -11.53
N ALA A 110 -9.21 2.72 -10.70
CA ALA A 110 -7.83 2.27 -10.77
C ALA A 110 -7.73 0.82 -11.21
N TYR A 111 -8.69 0.00 -10.78
CA TYR A 111 -8.56 -1.44 -10.99
C TYR A 111 -9.67 -2.03 -11.84
N VAL A 112 -10.37 -1.18 -12.55
CA VAL A 112 -11.33 -1.68 -13.53
C VAL A 112 -10.56 -2.29 -14.70
N ASN A 113 -10.28 -3.58 -14.54
CA ASN A 113 -9.38 -4.34 -15.40
C ASN A 113 -8.95 -5.59 -14.63
N GLY A 114 -8.99 -5.47 -13.31
CA GLY A 114 -8.61 -6.57 -12.45
C GLY A 114 -8.61 -6.16 -10.98
N THR A 115 -7.47 -5.65 -10.51
CA THR A 115 -7.27 -5.33 -9.10
C THR A 115 -6.11 -4.34 -8.95
N VAL A 116 -5.85 -3.87 -7.73
CA VAL A 116 -4.82 -2.86 -7.52
C VAL A 116 -3.56 -3.48 -6.94
N GLU A 117 -2.54 -3.54 -7.77
CA GLU A 117 -1.25 -4.05 -7.35
C GLU A 117 -0.32 -2.86 -7.14
N LEU A 118 0.06 -2.60 -5.89
CA LEU A 118 0.77 -1.38 -5.58
C LEU A 118 1.69 -1.56 -4.36
N THR A 119 2.71 -0.72 -4.29
CA THR A 119 3.68 -0.76 -3.21
C THR A 119 3.32 0.23 -2.11
N LEU A 120 3.23 -0.26 -0.88
CA LEU A 120 3.03 0.60 0.27
C LEU A 120 4.07 0.29 1.34
N PRO A 121 4.63 1.31 1.97
CA PRO A 121 5.61 1.13 3.03
C PRO A 121 4.94 0.98 4.40
N ILE A 122 5.18 -0.16 5.03
CA ILE A 122 4.73 -0.34 6.40
C ILE A 122 5.88 -0.06 7.34
N ASP A 123 5.89 1.15 7.87
CA ASP A 123 7.00 1.62 8.68
C ASP A 123 6.71 1.46 10.17
N PHE A 124 7.63 0.78 10.84
CA PHE A 124 7.68 0.72 12.29
C PHE A 124 8.94 1.42 12.75
N SER A 125 8.94 1.99 13.95
CA SER A 125 10.10 2.73 14.43
C SER A 125 11.30 1.82 14.62
N LEU A 126 12.24 1.88 13.67
CA LEU A 126 13.45 1.06 13.72
C LEU A 126 14.57 1.82 14.42
N ARG A 127 14.73 1.59 15.72
CA ARG A 127 15.80 2.22 16.47
C ARG A 127 17.10 1.44 16.27
N GLY A 128 17.04 0.14 16.51
CA GLY A 128 18.22 -0.68 16.37
C GLY A 128 17.90 -2.15 16.35
N ALA A 129 17.45 -2.64 15.20
CA ALA A 129 17.14 -4.05 15.02
C ALA A 129 17.50 -4.48 13.62
N GLY A 130 17.51 -5.77 13.38
CA GLY A 130 17.88 -6.29 12.08
C GLY A 130 19.35 -6.60 12.00
N PHE A 131 20.16 -5.65 12.42
CA PHE A 131 21.60 -5.84 12.49
C PHE A 131 22.00 -6.22 13.92
N LYS A 1 18.48 23.35 -15.86
CA LYS A 1 17.47 22.68 -15.03
C LYS A 1 16.65 23.69 -14.25
N VAL A 2 15.33 23.53 -14.31
CA VAL A 2 14.41 24.36 -13.53
C VAL A 2 13.67 23.47 -12.55
N GLN A 3 13.10 22.41 -13.10
CA GLN A 3 12.42 21.38 -12.35
C GLN A 3 11.92 20.35 -13.34
N GLU A 4 12.82 19.45 -13.71
CA GLU A 4 12.56 18.51 -14.79
C GLU A 4 11.69 17.36 -14.30
N GLN A 5 10.51 17.71 -13.80
CA GLN A 5 9.60 16.73 -13.21
C GLN A 5 8.61 16.20 -14.25
N SER A 6 7.83 17.09 -14.82
CA SER A 6 6.81 16.71 -15.79
C SER A 6 7.19 17.24 -17.17
N VAL A 7 8.47 17.13 -17.51
CA VAL A 7 8.96 17.63 -18.78
C VAL A 7 9.50 16.49 -19.65
N GLY A 8 9.41 15.27 -19.15
CA GLY A 8 9.93 14.12 -19.88
C GLY A 8 8.84 13.40 -20.65
N ALA A 9 7.65 13.95 -20.60
CA ALA A 9 6.50 13.38 -21.27
C ALA A 9 5.50 14.47 -21.61
N PRO A 10 4.87 14.40 -22.80
CA PRO A 10 3.78 15.31 -23.16
C PRO A 10 2.57 15.10 -22.25
N PRO A 11 2.24 16.12 -21.44
CA PRO A 11 1.16 16.02 -20.46
C PRO A 11 -0.18 15.74 -21.12
N PRO A 12 -0.87 14.66 -20.69
CA PRO A 12 -2.18 14.29 -21.22
C PRO A 12 -3.30 15.16 -20.66
N GLY A 13 -2.90 16.21 -19.93
CA GLY A 13 -3.85 17.12 -19.33
C GLY A 13 -4.40 16.58 -18.03
N ARG A 14 -5.60 17.02 -17.68
CA ARG A 14 -6.27 16.53 -16.48
C ARG A 14 -7.65 16.01 -16.85
N ALA A 15 -8.59 16.93 -17.03
CA ALA A 15 -9.94 16.59 -17.47
C ALA A 15 -9.98 16.51 -18.99
N ASP A 16 -8.79 16.51 -19.59
CA ASP A 16 -8.65 16.51 -21.04
C ASP A 16 -8.79 15.10 -21.60
N LYS A 17 -9.08 14.15 -20.72
CA LYS A 17 -9.35 12.78 -21.15
C LYS A 17 -10.86 12.53 -21.13
N THR A 18 -11.50 13.00 -20.06
CA THR A 18 -12.96 13.07 -19.98
C THR A 18 -13.63 11.70 -20.10
N ALA A 19 -12.84 10.64 -19.92
CA ALA A 19 -13.31 9.26 -20.08
C ALA A 19 -14.06 9.07 -21.39
N ALA A 20 -13.52 9.64 -22.45
CA ALA A 20 -14.19 9.60 -23.75
C ALA A 20 -13.41 8.75 -24.77
N PRO A 21 -12.17 9.12 -25.13
CA PRO A 21 -11.40 8.39 -26.16
C PRO A 21 -10.99 7.00 -25.70
N GLN A 22 -9.92 6.92 -24.91
CA GLN A 22 -9.41 5.64 -24.44
C GLN A 22 -8.89 5.77 -23.01
N THR A 23 -9.76 5.53 -22.06
CA THR A 23 -9.39 5.57 -20.65
C THR A 23 -9.68 4.23 -19.98
N ARG A 24 -9.64 3.16 -20.76
CA ARG A 24 -9.97 1.83 -20.26
C ARG A 24 -8.73 1.06 -19.85
N LEU A 25 -7.57 1.72 -19.92
CA LEU A 25 -6.31 1.11 -19.53
C LEU A 25 -5.23 2.19 -19.47
N THR A 26 -5.63 3.36 -19.02
CA THR A 26 -4.78 4.54 -19.09
C THR A 26 -4.62 5.25 -17.74
N PRO A 27 -5.73 5.61 -17.05
CA PRO A 27 -5.67 6.38 -15.80
C PRO A 27 -4.88 5.69 -14.69
N TYR A 28 -3.73 6.26 -14.36
CA TYR A 28 -2.93 5.78 -13.24
C TYR A 28 -3.49 6.34 -11.94
N ALA A 29 -3.77 5.47 -10.99
CA ALA A 29 -4.38 5.87 -9.73
C ALA A 29 -3.37 6.50 -8.78
N GLN A 30 -2.86 7.67 -9.14
CA GLN A 30 -1.93 8.39 -8.29
C GLN A 30 -2.66 9.33 -7.34
N ALA A 31 -3.62 8.78 -6.61
CA ALA A 31 -4.42 9.55 -5.67
C ALA A 31 -3.60 9.92 -4.45
N GLY A 32 -3.60 11.19 -4.09
CA GLY A 32 -2.87 11.64 -2.93
C GLY A 32 -3.61 12.73 -2.18
N GLU A 33 -4.84 12.96 -2.60
CA GLU A 33 -5.69 13.95 -1.95
C GLU A 33 -6.75 13.27 -1.11
N ASP A 34 -6.35 12.20 -0.44
CA ASP A 34 -7.26 11.43 0.40
C ASP A 34 -6.46 10.75 1.50
N ASN A 35 -7.07 10.60 2.68
CA ASN A 35 -6.36 10.00 3.82
C ASN A 35 -6.55 8.48 3.83
N TRP A 36 -6.40 7.88 2.65
CA TRP A 36 -6.62 6.45 2.47
C TRP A 36 -5.75 5.61 3.41
N ARG A 37 -4.51 6.04 3.63
CA ARG A 37 -3.57 5.30 4.47
C ARG A 37 -4.04 5.28 5.92
N SER A 38 -4.57 6.41 6.37
CA SER A 38 -5.03 6.54 7.73
C SER A 38 -6.23 5.63 7.96
N ARG A 39 -7.03 5.47 6.92
CA ARG A 39 -8.17 4.60 6.95
C ARG A 39 -7.72 3.13 6.84
N ILE A 40 -6.68 2.90 6.04
CA ILE A 40 -6.07 1.58 5.93
C ILE A 40 -5.58 1.11 7.30
N SER A 41 -4.92 2.02 8.02
CA SER A 41 -4.41 1.72 9.35
C SER A 41 -5.54 1.26 10.28
N GLY A 42 -6.69 1.93 10.19
CA GLY A 42 -7.85 1.53 10.98
C GLY A 42 -8.35 0.16 10.56
N ARG A 43 -8.30 -0.10 9.26
CA ARG A 43 -8.73 -1.38 8.71
C ARG A 43 -7.78 -2.48 9.15
N LEU A 44 -6.51 -2.13 9.26
CA LEU A 44 -5.47 -3.07 9.68
C LEU A 44 -5.72 -3.49 11.12
N ASN A 45 -6.32 -2.59 11.88
CA ASN A 45 -6.63 -2.81 13.28
C ASN A 45 -7.75 -3.82 13.41
N ARG A 46 -8.69 -3.73 12.48
CA ARG A 46 -9.77 -4.68 12.37
C ARG A 46 -9.24 -6.10 12.20
N PHE A 47 -8.08 -6.23 11.57
CA PHE A 47 -7.49 -7.53 11.38
C PHE A 47 -6.49 -7.86 12.48
N LYS A 48 -5.50 -6.99 12.64
CA LYS A 48 -4.47 -7.16 13.64
C LYS A 48 -3.56 -5.95 13.64
N ARG A 49 -3.72 -5.07 14.62
CA ARG A 49 -2.83 -3.94 14.71
C ARG A 49 -2.31 -3.80 16.13
N TYR A 50 -1.07 -4.20 16.31
CA TYR A 50 -0.42 -4.10 17.60
C TYR A 50 0.17 -2.70 17.75
N PRO A 51 -0.04 -2.06 18.91
CA PRO A 51 0.45 -0.69 19.16
C PRO A 51 1.97 -0.60 18.97
N LYS A 52 2.40 0.41 18.23
CA LYS A 52 3.80 0.54 17.82
C LYS A 52 4.74 0.65 19.02
N ASP A 53 4.21 1.09 20.15
CA ASP A 53 4.99 1.13 21.38
C ASP A 53 5.46 -0.27 21.78
N ALA A 54 4.64 -1.26 21.50
CA ALA A 54 5.00 -2.64 21.76
C ALA A 54 6.00 -3.14 20.73
N LEU A 55 5.89 -2.63 19.51
CA LEU A 55 6.79 -3.03 18.43
C LEU A 55 8.18 -2.45 18.65
N ARG A 56 8.25 -1.25 19.22
CA ARG A 56 9.54 -0.60 19.49
C ARG A 56 10.30 -1.32 20.61
N LEU A 57 9.62 -2.24 21.28
CA LEU A 57 10.27 -3.06 22.29
C LEU A 57 10.18 -4.53 21.92
N LYS A 58 9.91 -4.80 20.65
CA LYS A 58 9.71 -6.19 20.20
C LYS A 58 10.12 -6.35 18.74
N ARG A 59 9.26 -5.89 17.82
CA ARG A 59 9.48 -6.08 16.40
C ARG A 59 9.36 -4.75 15.66
N GLN A 60 10.49 -4.07 15.52
CA GLN A 60 10.50 -2.77 14.87
C GLN A 60 11.38 -2.79 13.63
N GLY A 61 10.78 -2.60 12.47
CA GLY A 61 11.53 -2.56 11.23
C GLY A 61 10.76 -1.88 10.10
N VAL A 62 11.49 -1.25 9.19
CA VAL A 62 10.88 -0.60 8.04
C VAL A 62 11.10 -1.43 6.78
N GLY A 63 10.00 -1.75 6.11
CA GLY A 63 10.10 -2.54 4.88
C GLY A 63 9.16 -2.03 3.82
N GLN A 64 9.44 -2.39 2.57
CA GLN A 64 8.60 -1.95 1.46
C GLN A 64 7.71 -3.11 1.01
N VAL A 65 6.41 -2.88 0.99
CA VAL A 65 5.44 -3.94 0.79
C VAL A 65 4.44 -3.59 -0.31
N ARG A 66 4.44 -4.38 -1.39
CA ARG A 66 3.49 -4.18 -2.48
C ARG A 66 2.47 -5.32 -2.47
N PHE A 67 1.24 -5.02 -2.83
CA PHE A 67 0.16 -5.97 -2.69
C PHE A 67 -1.02 -5.67 -3.60
N THR A 68 -1.72 -6.73 -3.98
CA THR A 68 -2.98 -6.63 -4.71
C THR A 68 -4.11 -6.67 -3.70
N LEU A 69 -5.00 -5.69 -3.77
CA LEU A 69 -6.01 -5.51 -2.75
C LEU A 69 -7.41 -5.55 -3.32
N ASP A 70 -8.31 -6.21 -2.59
CA ASP A 70 -9.72 -6.22 -2.90
C ASP A 70 -10.34 -4.93 -2.42
N ARG A 71 -11.46 -4.55 -3.03
CA ARG A 71 -12.16 -3.32 -2.69
C ARG A 71 -12.69 -3.32 -1.25
N GLN A 72 -12.84 -4.52 -0.67
CA GLN A 72 -13.27 -4.64 0.72
C GLN A 72 -12.06 -4.61 1.64
N GLY A 73 -10.88 -4.57 1.05
CA GLY A 73 -9.65 -4.61 1.81
C GLY A 73 -9.21 -6.01 2.11
N HIS A 74 -9.37 -6.88 1.13
CA HIS A 74 -8.95 -8.27 1.26
C HIS A 74 -7.62 -8.47 0.55
N VAL A 75 -6.60 -8.77 1.33
CA VAL A 75 -5.29 -9.14 0.81
C VAL A 75 -5.43 -10.24 -0.26
N LEU A 76 -5.05 -9.90 -1.49
CA LEU A 76 -5.10 -10.84 -2.60
C LEU A 76 -3.69 -11.33 -2.92
N ALA A 77 -2.75 -10.41 -2.88
CA ALA A 77 -1.36 -10.71 -3.15
C ALA A 77 -0.47 -9.81 -2.33
N VAL A 78 0.68 -10.31 -1.90
CA VAL A 78 1.65 -9.49 -1.20
C VAL A 78 3.04 -9.92 -1.62
N THR A 79 3.87 -8.96 -1.99
CA THR A 79 5.22 -9.24 -2.42
C THR A 79 6.17 -8.25 -1.79
N LEU A 80 7.13 -8.75 -1.03
CA LEU A 80 8.16 -7.90 -0.44
C LEU A 80 8.93 -7.23 -1.55
N VAL A 81 8.92 -5.90 -1.54
CA VAL A 81 9.54 -5.12 -2.60
C VAL A 81 10.97 -4.81 -2.23
N SER A 82 11.16 -4.36 -0.99
CA SER A 82 12.49 -4.05 -0.49
C SER A 82 12.55 -4.31 1.02
N SER A 83 13.68 -4.80 1.49
CA SER A 83 13.87 -5.05 2.92
C SER A 83 15.23 -4.52 3.36
N ALA A 84 15.20 -3.43 4.12
CA ALA A 84 16.42 -2.74 4.55
C ALA A 84 17.29 -3.62 5.46
N GLY A 85 16.64 -4.39 6.32
CA GLY A 85 17.37 -5.23 7.24
C GLY A 85 16.47 -5.79 8.33
N LEU A 86 15.42 -6.49 7.91
CA LEU A 86 14.46 -7.03 8.87
C LEU A 86 14.39 -8.55 8.75
N PRO A 87 15.40 -9.27 9.25
CA PRO A 87 15.42 -10.73 9.19
C PRO A 87 14.49 -11.35 10.23
N SER A 88 14.81 -11.15 11.50
CA SER A 88 13.99 -11.68 12.58
C SER A 88 12.70 -10.86 12.72
N LEU A 89 12.75 -9.62 12.26
CA LEU A 89 11.63 -8.71 12.38
C LEU A 89 10.51 -9.08 11.42
N ASP A 90 10.90 -9.64 10.27
CA ASP A 90 9.96 -9.90 9.17
C ASP A 90 8.77 -10.73 9.61
N ARG A 91 9.04 -11.79 10.37
CA ARG A 91 8.00 -12.75 10.74
C ARG A 91 6.78 -12.09 11.40
N GLU A 92 7.01 -11.24 12.39
CA GLU A 92 5.91 -10.64 13.14
C GLU A 92 5.26 -9.49 12.37
N ILE A 93 6.06 -8.52 11.94
CA ILE A 93 5.54 -7.32 11.30
C ILE A 93 4.81 -7.63 9.99
N GLN A 94 5.28 -8.64 9.27
CA GLN A 94 4.62 -9.02 8.04
C GLN A 94 3.43 -9.91 8.33
N ALA A 95 3.47 -10.67 9.40
CA ALA A 95 2.28 -11.39 9.81
C ALA A 95 1.16 -10.38 9.99
N LEU A 96 1.52 -9.25 10.59
CA LEU A 96 0.61 -8.19 10.86
C LEU A 96 0.12 -7.50 9.57
N VAL A 97 1.04 -7.00 8.77
CA VAL A 97 0.71 -6.27 7.55
C VAL A 97 0.55 -7.18 6.33
N LYS A 98 1.51 -8.06 6.13
CA LYS A 98 1.53 -8.94 4.96
C LYS A 98 0.34 -9.93 4.99
N ARG A 99 -0.24 -10.17 6.17
CA ARG A 99 -1.45 -10.96 6.22
C ARG A 99 -2.70 -10.08 6.24
N ALA A 100 -2.61 -8.92 6.89
CA ALA A 100 -3.73 -8.00 6.96
C ALA A 100 -3.48 -6.79 6.06
N SER A 101 -3.60 -6.99 4.76
CA SER A 101 -3.45 -5.90 3.80
C SER A 101 -4.82 -5.32 3.47
N PRO A 102 -5.17 -4.19 4.10
CA PRO A 102 -6.48 -3.58 3.99
C PRO A 102 -6.56 -2.39 3.03
N LEU A 103 -7.74 -2.19 2.47
CA LEU A 103 -8.04 -1.04 1.64
C LEU A 103 -9.48 -0.63 1.90
N PRO A 104 -9.68 0.57 2.47
CA PRO A 104 -11.02 1.05 2.84
C PRO A 104 -11.84 1.47 1.64
N THR A 105 -11.32 2.43 0.90
CA THR A 105 -11.99 2.92 -0.29
C THR A 105 -11.90 1.90 -1.42
N PRO A 106 -13.05 1.50 -1.98
CA PRO A 106 -13.10 0.57 -3.11
C PRO A 106 -12.60 1.25 -4.38
N PRO A 107 -11.38 0.89 -4.82
CA PRO A 107 -10.72 1.56 -5.92
C PRO A 107 -11.07 0.95 -7.28
N ALA A 108 -12.36 0.94 -7.59
CA ALA A 108 -12.81 0.43 -8.89
C ALA A 108 -12.19 1.24 -10.01
N ASP A 109 -12.16 2.55 -9.81
CA ASP A 109 -11.60 3.49 -10.79
C ASP A 109 -10.07 3.45 -10.79
N ALA A 110 -9.52 2.51 -10.02
CA ALA A 110 -8.09 2.35 -9.91
C ALA A 110 -7.63 1.03 -10.52
N TYR A 111 -8.53 0.06 -10.55
CA TYR A 111 -8.14 -1.28 -11.00
C TYR A 111 -8.98 -1.79 -12.15
N VAL A 112 -9.61 -0.88 -12.85
CA VAL A 112 -10.30 -1.25 -14.07
C VAL A 112 -9.26 -1.61 -15.12
N ASN A 113 -8.93 -2.90 -15.10
CA ASN A 113 -7.80 -3.48 -15.83
C ASN A 113 -7.51 -4.84 -15.21
N GLY A 114 -7.90 -4.97 -13.95
CA GLY A 114 -7.69 -6.19 -13.20
C GLY A 114 -7.89 -5.96 -11.72
N THR A 115 -6.84 -5.48 -11.06
CA THR A 115 -6.86 -5.25 -9.62
C THR A 115 -5.73 -4.28 -9.29
N VAL A 116 -5.63 -3.82 -8.04
CA VAL A 116 -4.59 -2.87 -7.68
C VAL A 116 -3.46 -3.55 -6.94
N GLU A 117 -2.33 -3.65 -7.60
CA GLU A 117 -1.11 -4.02 -6.91
C GLU A 117 -0.23 -2.79 -6.85
N LEU A 118 -0.03 -2.27 -5.66
CA LEU A 118 0.70 -1.03 -5.50
C LEU A 118 1.68 -1.17 -4.35
N THR A 119 2.74 -0.38 -4.41
CA THR A 119 3.80 -0.47 -3.43
C THR A 119 3.62 0.52 -2.30
N LEU A 120 3.49 0.01 -1.08
CA LEU A 120 3.41 0.86 0.10
C LEU A 120 4.48 0.46 1.11
N PRO A 121 5.35 1.40 1.49
CA PRO A 121 6.35 1.15 2.51
C PRO A 121 5.70 1.06 3.89
N ILE A 122 5.83 -0.08 4.54
CA ILE A 122 5.27 -0.26 5.88
C ILE A 122 6.33 0.13 6.90
N ASP A 123 6.17 1.30 7.49
CA ASP A 123 7.19 1.78 8.41
C ASP A 123 6.81 1.49 9.85
N PHE A 124 7.71 0.80 10.51
CA PHE A 124 7.73 0.72 11.96
C PHE A 124 8.98 1.44 12.42
N SER A 125 8.87 2.26 13.45
CA SER A 125 10.03 3.01 13.92
C SER A 125 11.16 2.06 14.33
N LEU A 126 12.16 1.94 13.46
CA LEU A 126 13.24 0.99 13.64
C LEU A 126 14.34 1.61 14.51
N ARG A 127 14.13 1.59 15.81
CA ARG A 127 15.09 2.15 16.74
C ARG A 127 16.37 1.32 16.80
N GLY A 128 16.24 0.03 17.04
CA GLY A 128 17.41 -0.82 17.12
C GLY A 128 17.07 -2.30 17.22
N ALA A 129 16.61 -2.87 16.12
CA ALA A 129 16.30 -4.29 16.06
C ALA A 129 16.59 -4.87 14.69
N GLY A 130 17.32 -4.12 13.88
CA GLY A 130 17.57 -4.51 12.51
C GLY A 130 18.89 -5.22 12.34
N PHE A 131 19.33 -5.88 13.41
CA PHE A 131 20.58 -6.62 13.39
C PHE A 131 20.29 -8.11 13.33
#